data_7JPU
#
_entry.id   7JPU
#
_cell.length_a   1.00
_cell.length_b   1.00
_cell.length_c   1.00
_cell.angle_alpha   90.00
_cell.angle_beta   90.00
_cell.angle_gamma   90.00
#
_symmetry.space_group_name_H-M   'P 1'
#
_entity_poly.entity_id   1
_entity_poly.type   'polypeptide(L)'
_entity_poly.pdbx_seq_one_letter_code
;MRTGWATPRRPAGLLMLLFWFFDLAEPSGRAANDPFTIVHGNTGKCIKPVYGWIVADDCDETEDKLWKWVSQHRLFHLHS
QKCLGLDITKSVNELRMFSCDSSAMLWWKCEHHSLYGAARYRLALKDGHGTAISNASDVWKKGGSEESLCDQPYHEIYTR
DGNSYGRPCEFPFLIDGTWHHDCILDEDHSGPWCATTLNYEYDRKWGICLKPENGCEDNWEKNEQFGSCYQFNTQTALSW
KEAYVSCQNQGADLLSINSAAELTYLKEKEGIAKIFWIGLNQLYSARGWEWSDHKPLNFLNWDPDRPSAPTIGGSSCARM
DAESGLWQSFSCEAQLPYVCRKPLNNTVELTDVWTYSDTRCDAGWLPNNGFCYLLVNESNSWDKAHAKCKAFSSDLISIH
SLADVEVVVTKLHNEDIKEEVWIGLKNINIPTLFQWSDGTEVTLTYWDENEPNVPYNKTPNCVSYLGELGQWKVQSCEEK
LKYVCKRKGEKLNDASSDKMCPPDEGWKRHGETCYKIYEDEVPFGTNCNLTITSRFEQEYLNDLMKKYDKSLRKYFWTGL
RDVDSCGEYNWATVGGRRRAVTFSNWNFLEPASPGGCVAMSTGKSVGKWEVKDCRSFKALSICKKMSGPLGPEEASPKPD
DPCPEGWQSFPASLSCYKVFHAERIVRKRNWEEAERFCQALGAHLSSFSHVDEIKEFLHFLTDQFSGQHWLWIGLNKRSP
DLQGSWQWSDRTPVSTIIMPNEFQQDYDIRDCAAVKVFHRPWRRGWHFYDDREFIYLRPFACDTKLEWVCQIPKGRTPKT
PDWYNPDRAGIHGPPLIIEGSEYWFVADLHLNYEEAVLYCASNHSFLATITSFVGLKAIKNKIANISGDGQKWWIRISEW
PIDDHFTYSRYPWHRFPVTFGEECLYMSAKTWLIDLGKPTDCSTKLPFICEKYNVSSLEKYSPDSAAKVQCSEQWIPFQN
KCFLKIKPVSLTFSQASDTCHSYGGTLPSVLSQIEQDFITSLLPDMEATLWIGLRWTAYEKINKWTDNRELTYSNFHPLL
VSGRLRIPENFFEEESRYHCALILNLQKSPFTGTWNFTSCSERHFVSLCQKYSEVKSRQTLQNASETVKYLNNLYKIIPK
TLTWHSAKRECLKSNMQLVSITDPYQQAFLSVQALLHNSSLWIGLFSQDDELNFGWSDGKRLHFSRWAETNGQLEDCVVL
DTDGFWKTVDCNDNQPGAICYYSGNETEKEVKPVDSVKCPSPVLNTPWIPFQNCCYNFIITKNRHMATTQDEVHTKCQKL
NPKSHILSIRDEKENNFVLEQLLYFNYMASWVMLGITYRNKSLMWFDKTPLSYTHWRAGRPTIKNEKFLAGLSTDGFWDI
QTFKVIEEAVYFHQHSILACKIEMVDYKEEYNTTLPQFMPYEDGIYSVIQKKVTWYEALNMCSQSGGHLASVHNQNGQLF
LEDIVKRDGFPLWVGLSSHDGSESSFEWSDGSTFDYIPWKGQTSPGNCVLLDPKGTWKHEKCNSVKDGAICYKPTKSKKL
SRLTYSSRCPAAKENGSRWIQYKGHCYKSDQALHSFSEAKKLCSKHDHSATIVSIKDEDENKFVSRLMRENNNITMRVWL
GLSQHSVDQSWSWLDGSEVTFVKWENKSKSGVGRCSMLIASNETWKKVECEHGFGRVVCKVPLGPDYTAIAIIVATLSIL
VLMGGLIWFLFQRHRLHLAGFSSVRYAQGVNEDEIMLPSFHD
;
_entity_poly.pdbx_strand_id   A,B,C,D
#
# COMPACT_ATOMS: atom_id res chain seq x y z
N ARG A 30 -8.05 52.12 -51.99
CA ARG A 30 -8.90 52.80 -51.02
C ARG A 30 -9.07 51.96 -49.75
N ALA A 31 -9.74 52.55 -48.76
CA ALA A 31 -9.99 51.85 -47.49
C ALA A 31 -11.32 52.36 -46.94
N ALA A 32 -12.38 51.58 -47.16
CA ALA A 32 -13.71 51.95 -46.69
C ALA A 32 -14.41 50.71 -46.14
N ASN A 33 -15.43 50.95 -45.32
CA ASN A 33 -16.18 49.87 -44.71
C ASN A 33 -17.10 49.23 -45.74
N ASP A 34 -16.81 47.99 -46.12
CA ASP A 34 -17.60 47.25 -47.08
C ASP A 34 -18.48 46.23 -46.38
N PRO A 35 -19.68 45.97 -46.91
CA PRO A 35 -20.55 44.96 -46.29
C PRO A 35 -19.94 43.58 -46.35
N PHE A 36 -20.07 42.84 -45.24
CA PHE A 36 -19.49 41.52 -45.13
C PHE A 36 -20.37 40.67 -44.22
N THR A 37 -19.92 39.44 -43.97
CA THR A 37 -20.65 38.49 -43.12
C THR A 37 -19.66 37.80 -42.20
N ILE A 38 -20.07 37.61 -40.95
CA ILE A 38 -19.25 36.95 -39.94
C ILE A 38 -19.63 35.48 -39.91
N VAL A 39 -18.64 34.61 -40.08
CA VAL A 39 -18.86 33.17 -40.12
C VAL A 39 -18.05 32.50 -39.01
N HIS A 40 -18.44 31.27 -38.69
CA HIS A 40 -17.79 30.49 -37.66
C HIS A 40 -16.77 29.55 -38.30
N GLY A 41 -15.69 29.28 -37.56
CA GLY A 41 -14.58 28.51 -38.09
C GLY A 41 -14.76 27.02 -38.07
N ASN A 42 -15.24 26.47 -36.95
CA ASN A 42 -15.35 25.02 -36.82
C ASN A 42 -16.40 24.46 -37.77
N THR A 43 -17.65 24.90 -37.61
CA THR A 43 -18.74 24.48 -38.47
C THR A 43 -19.21 25.64 -39.34
N GLY A 44 -19.89 25.29 -40.44
CA GLY A 44 -20.33 26.28 -41.40
C GLY A 44 -21.57 27.05 -40.99
N LYS A 45 -21.46 27.84 -39.92
CA LYS A 45 -22.56 28.65 -39.44
C LYS A 45 -22.20 30.14 -39.54
N CYS A 46 -23.15 30.93 -39.99
CA CYS A 46 -22.99 32.39 -40.03
C CYS A 46 -24.21 33.02 -39.38
N ILE A 47 -24.06 34.28 -38.97
CA ILE A 47 -25.07 34.95 -38.16
C ILE A 47 -26.29 35.25 -39.01
N LYS A 48 -27.47 34.89 -38.50
CA LYS A 48 -28.74 35.16 -39.16
C LYS A 48 -29.70 35.85 -38.19
N PRO A 49 -29.97 37.14 -38.38
CA PRO A 49 -30.81 37.86 -37.42
C PRO A 49 -32.30 37.62 -37.66
N VAL A 50 -33.04 37.56 -36.56
CA VAL A 50 -34.48 37.40 -36.57
C VAL A 50 -35.06 38.43 -35.60
N TYR A 51 -36.40 38.53 -35.59
CA TYR A 51 -37.14 39.63 -34.98
C TYR A 51 -36.52 40.15 -33.69
N GLY A 52 -36.00 39.25 -32.85
CA GLY A 52 -35.31 39.68 -31.66
C GLY A 52 -34.12 38.84 -31.28
N TRP A 53 -33.67 37.94 -32.16
CA TRP A 53 -32.65 36.97 -31.75
C TRP A 53 -31.81 36.59 -32.95
N ILE A 54 -31.07 35.49 -32.82
CA ILE A 54 -30.23 34.95 -33.89
C ILE A 54 -30.58 33.48 -34.08
N VAL A 55 -30.66 33.05 -35.34
CA VAL A 55 -31.08 31.70 -35.68
C VAL A 55 -29.93 31.04 -36.43
N ALA A 56 -30.13 29.79 -36.86
CA ALA A 56 -29.10 29.01 -37.55
C ALA A 56 -28.68 29.67 -38.85
N ASP A 57 -27.69 29.10 -39.53
CA ASP A 57 -27.03 29.74 -40.66
C ASP A 57 -28.01 30.11 -41.78
N ASP A 58 -28.58 29.11 -42.45
CA ASP A 58 -29.29 29.33 -43.73
C ASP A 58 -28.45 30.22 -44.64
N CYS A 59 -27.16 29.95 -44.69
CA CYS A 59 -26.16 30.91 -45.11
C CYS A 59 -25.90 30.77 -46.61
N ASP A 60 -24.81 31.39 -47.08
CA ASP A 60 -24.40 31.39 -48.48
C ASP A 60 -25.37 32.14 -49.38
N GLU A 61 -26.16 33.05 -48.82
CA GLU A 61 -27.08 33.87 -49.60
C GLU A 61 -27.01 35.28 -49.03
N THR A 62 -26.41 36.20 -49.78
CA THR A 62 -26.16 37.56 -49.31
C THR A 62 -27.30 38.52 -49.65
N GLU A 63 -28.52 38.00 -49.80
CA GLU A 63 -29.66 38.88 -50.07
C GLU A 63 -30.18 39.56 -48.81
N ASP A 64 -29.99 38.95 -47.65
CA ASP A 64 -30.45 39.51 -46.38
C ASP A 64 -29.34 39.61 -45.34
N LYS A 65 -28.41 38.66 -45.31
CA LYS A 65 -27.36 38.62 -44.29
C LYS A 65 -26.28 39.62 -44.68
N LEU A 66 -26.37 40.84 -44.15
CA LEU A 66 -25.37 41.87 -44.36
C LEU A 66 -25.06 42.54 -43.03
N TRP A 67 -23.77 42.74 -42.75
CA TRP A 67 -23.33 43.36 -41.52
C TRP A 67 -22.23 44.36 -41.81
N LYS A 68 -22.12 45.37 -40.96
CA LYS A 68 -21.12 46.42 -41.14
C LYS A 68 -20.70 46.97 -39.78
N TRP A 69 -19.56 47.64 -39.78
CA TRP A 69 -19.04 48.30 -38.58
C TRP A 69 -19.46 49.77 -38.57
N VAL A 70 -19.88 50.24 -37.40
CA VAL A 70 -20.26 51.63 -37.20
C VAL A 70 -19.62 52.12 -35.91
N SER A 71 -19.77 53.43 -35.66
CA SER A 71 -19.08 54.11 -34.58
C SER A 71 -19.39 53.49 -33.23
N GLN A 72 -18.56 53.84 -32.25
CA GLN A 72 -18.57 53.23 -30.92
C GLN A 72 -18.30 51.73 -30.99
N HIS A 73 -17.63 51.30 -32.07
CA HIS A 73 -17.27 49.90 -32.29
C HIS A 73 -18.50 49.01 -32.22
N ARG A 74 -19.47 49.29 -33.09
CA ARG A 74 -20.75 48.58 -33.07
C ARG A 74 -20.98 47.84 -34.37
N LEU A 75 -21.76 46.76 -34.29
CA LEU A 75 -22.10 45.93 -35.44
C LEU A 75 -23.54 46.20 -35.83
N PHE A 76 -23.76 46.54 -37.10
CA PHE A 76 -25.08 46.93 -37.60
C PHE A 76 -25.47 46.06 -38.78
N HIS A 77 -26.70 45.53 -38.72
CA HIS A 77 -27.27 44.79 -39.82
C HIS A 77 -28.08 45.73 -40.72
N LEU A 78 -27.74 45.73 -42.01
CA LEU A 78 -28.28 46.76 -42.90
C LEU A 78 -29.75 46.52 -43.22
N HIS A 79 -30.12 45.27 -43.54
CA HIS A 79 -31.50 44.99 -43.95
C HIS A 79 -32.45 45.08 -42.77
N SER A 80 -32.21 44.27 -41.73
CA SER A 80 -33.12 44.25 -40.59
C SER A 80 -33.12 45.56 -39.81
N GLN A 81 -32.06 46.35 -39.92
CA GLN A 81 -31.94 47.64 -39.22
C GLN A 81 -32.11 47.48 -37.71
N LYS A 82 -31.67 46.34 -37.17
CA LYS A 82 -31.77 46.04 -35.74
C LYS A 82 -30.42 45.54 -35.27
N CYS A 83 -29.73 46.35 -34.47
CA CYS A 83 -28.41 46.01 -33.98
C CYS A 83 -28.51 45.07 -32.78
N LEU A 84 -27.37 44.47 -32.43
CA LEU A 84 -27.27 43.53 -31.32
C LEU A 84 -26.54 44.17 -30.15
N GLY A 85 -26.88 43.75 -28.94
CA GLY A 85 -26.26 44.30 -27.75
C GLY A 85 -26.40 43.34 -26.58
N LEU A 86 -25.91 43.79 -25.43
CA LEU A 86 -25.92 43.01 -24.20
C LEU A 86 -26.69 43.79 -23.14
N ASP A 87 -27.70 43.14 -22.56
CA ASP A 87 -28.51 43.73 -21.50
C ASP A 87 -28.29 42.90 -20.23
N ILE A 88 -27.33 43.33 -19.42
CA ILE A 88 -27.01 42.64 -18.17
C ILE A 88 -27.88 43.26 -17.09
N THR A 89 -29.03 42.61 -16.84
CA THR A 89 -29.96 43.03 -15.79
C THR A 89 -30.34 41.91 -14.86
N LYS A 90 -30.29 40.66 -15.29
CA LYS A 90 -30.60 39.49 -14.48
C LYS A 90 -29.36 38.61 -14.37
N SER A 91 -29.54 37.42 -13.80
CA SER A 91 -28.42 36.50 -13.65
C SER A 91 -27.89 36.04 -15.00
N VAL A 92 -28.78 35.71 -15.93
CA VAL A 92 -28.42 35.26 -17.27
C VAL A 92 -28.86 36.36 -18.23
N ASN A 93 -27.91 37.12 -18.75
CA ASN A 93 -28.23 38.22 -19.66
C ASN A 93 -28.56 37.68 -21.05
N GLU A 94 -29.78 37.92 -21.50
CA GLU A 94 -30.19 37.47 -22.83
C GLU A 94 -29.55 38.34 -23.90
N LEU A 95 -29.04 37.71 -24.94
CA LEU A 95 -28.42 38.40 -26.07
C LEU A 95 -29.47 38.52 -27.16
N ARG A 96 -30.21 39.64 -27.14
CA ARG A 96 -31.31 39.89 -28.06
C ARG A 96 -31.03 41.16 -28.86
N MET A 97 -32.02 41.55 -29.66
CA MET A 97 -31.94 42.78 -30.43
C MET A 97 -32.42 43.95 -29.59
N PHE A 98 -31.84 45.13 -29.86
CA PHE A 98 -32.18 46.34 -29.13
C PHE A 98 -32.18 47.52 -30.10
N SER A 99 -32.83 48.59 -29.68
CA SER A 99 -32.84 49.82 -30.48
C SER A 99 -31.47 50.47 -30.42
N CYS A 100 -30.93 50.83 -31.59
CA CYS A 100 -29.60 51.42 -31.67
C CYS A 100 -29.53 52.84 -31.13
N ASP A 101 -30.65 53.40 -30.66
CA ASP A 101 -30.69 54.70 -30.00
C ASP A 101 -31.31 54.48 -28.63
N SER A 102 -30.47 54.08 -27.66
CA SER A 102 -30.92 53.79 -26.31
C SER A 102 -29.68 53.56 -25.44
N SER A 103 -29.93 53.36 -24.15
CA SER A 103 -28.85 53.10 -23.18
C SER A 103 -28.67 51.59 -23.03
N ALA A 104 -28.00 51.01 -24.03
CA ALA A 104 -27.76 49.57 -24.07
C ALA A 104 -26.29 49.21 -23.88
N MET A 105 -25.41 50.20 -23.74
CA MET A 105 -23.96 50.03 -23.61
C MET A 105 -23.45 48.90 -24.52
N LEU A 106 -23.79 49.01 -25.80
CA LEU A 106 -23.48 47.98 -26.78
C LEU A 106 -22.21 48.35 -27.54
N TRP A 107 -21.28 47.40 -27.61
CA TRP A 107 -20.02 47.53 -28.33
C TRP A 107 -19.31 46.19 -28.30
N TRP A 108 -18.45 45.97 -29.30
CA TRP A 108 -17.72 44.72 -29.41
C TRP A 108 -16.29 45.00 -29.86
N LYS A 109 -15.36 44.20 -29.35
CA LYS A 109 -13.95 44.30 -29.72
C LYS A 109 -13.43 42.91 -30.06
N CYS A 110 -12.27 42.86 -30.70
CA CYS A 110 -11.69 41.63 -31.20
C CYS A 110 -10.48 41.24 -30.36
N GLU A 111 -10.41 39.97 -29.99
CA GLU A 111 -9.22 39.36 -29.41
C GLU A 111 -8.55 38.49 -30.46
N HIS A 112 -7.36 37.99 -30.11
CA HIS A 112 -6.43 37.39 -31.07
C HIS A 112 -7.12 36.52 -32.11
N HIS A 113 -8.03 35.64 -31.67
CA HIS A 113 -8.78 34.80 -32.58
C HIS A 113 -10.26 34.74 -32.20
N SER A 114 -10.79 35.79 -31.56
CA SER A 114 -12.16 35.75 -31.08
C SER A 114 -12.71 37.16 -30.97
N LEU A 115 -13.91 37.27 -30.39
CA LEU A 115 -14.58 38.54 -30.18
C LEU A 115 -15.13 38.58 -28.76
N TYR A 116 -14.90 39.70 -28.06
CA TYR A 116 -15.44 39.91 -26.72
C TYR A 116 -16.28 41.18 -26.71
N GLY A 117 -17.40 41.13 -26.01
CA GLY A 117 -18.35 42.23 -26.02
C GLY A 117 -18.29 43.14 -24.80
N ALA A 118 -19.28 43.02 -23.92
CA ALA A 118 -19.40 43.91 -22.77
C ALA A 118 -18.21 43.79 -21.83
N ALA A 119 -18.05 42.63 -21.20
CA ALA A 119 -16.93 42.39 -20.28
C ALA A 119 -16.43 40.97 -20.52
N ARG A 120 -15.47 40.84 -21.43
CA ARG A 120 -14.89 39.53 -21.78
C ARG A 120 -15.96 38.53 -22.18
N TYR A 121 -17.08 39.02 -22.71
CA TYR A 121 -18.20 38.17 -23.09
C TYR A 121 -18.01 37.74 -24.54
N ARG A 122 -17.64 36.48 -24.75
CA ARG A 122 -17.45 35.94 -26.08
C ARG A 122 -18.77 35.48 -26.66
N LEU A 123 -18.94 35.69 -27.97
CA LEU A 123 -20.16 35.29 -28.67
C LEU A 123 -20.12 33.78 -28.87
N ALA A 124 -20.41 33.05 -27.79
CA ALA A 124 -20.37 31.60 -27.83
C ALA A 124 -21.56 31.06 -28.62
N LEU A 125 -21.32 29.99 -29.36
CA LEU A 125 -22.33 29.37 -30.21
C LEU A 125 -22.74 28.02 -29.63
N LYS A 126 -24.05 27.78 -29.59
CA LYS A 126 -24.58 26.51 -29.10
C LYS A 126 -25.46 25.87 -30.16
N ASP A 127 -25.00 25.87 -31.41
CA ASP A 127 -25.69 25.24 -32.53
C ASP A 127 -27.09 25.84 -32.72
N GLY A 128 -27.11 27.13 -33.04
CA GLY A 128 -28.36 27.79 -33.37
C GLY A 128 -28.56 29.17 -32.78
N HIS A 129 -28.01 29.40 -31.58
CA HIS A 129 -28.18 30.67 -30.88
C HIS A 129 -26.86 31.11 -30.25
N GLY A 130 -26.62 32.41 -30.27
CA GLY A 130 -25.40 32.97 -29.72
C GLY A 130 -25.64 33.54 -28.34
N THR A 131 -24.87 33.06 -27.37
CA THR A 131 -24.94 33.49 -25.98
C THR A 131 -23.61 34.08 -25.56
N ALA A 132 -23.51 34.48 -24.29
CA ALA A 132 -22.30 35.05 -23.72
C ALA A 132 -22.01 34.35 -22.40
N ILE A 133 -21.22 33.27 -22.48
CA ILE A 133 -20.83 32.50 -21.30
C ILE A 133 -19.35 32.65 -20.98
N SER A 134 -18.65 33.56 -21.66
CA SER A 134 -17.22 33.80 -21.45
C SER A 134 -16.41 32.52 -21.58
N ASN A 135 -16.45 31.93 -22.77
CA ASN A 135 -15.68 30.72 -23.08
C ASN A 135 -14.51 31.06 -23.99
N ALA A 136 -13.38 30.40 -23.74
CA ALA A 136 -12.15 30.64 -24.48
C ALA A 136 -11.97 29.71 -25.67
N SER A 137 -13.03 29.04 -26.11
CA SER A 137 -12.99 28.14 -27.25
C SER A 137 -14.05 28.58 -28.25
N ASP A 138 -13.69 29.53 -29.11
CA ASP A 138 -14.57 30.04 -30.14
C ASP A 138 -13.75 30.89 -31.10
N VAL A 139 -14.10 30.81 -32.39
CA VAL A 139 -13.40 31.55 -33.43
C VAL A 139 -14.42 32.13 -34.40
N TRP A 140 -14.14 33.34 -34.89
CA TRP A 140 -14.97 33.98 -35.89
C TRP A 140 -14.09 34.57 -36.98
N LYS A 141 -14.54 34.46 -38.23
CA LYS A 141 -13.79 34.98 -39.36
C LYS A 141 -14.78 35.61 -40.35
N LYS A 142 -14.26 36.03 -41.50
CA LYS A 142 -15.09 36.59 -42.55
C LYS A 142 -15.42 35.53 -43.59
N GLY A 143 -16.33 35.88 -44.50
CA GLY A 143 -16.82 34.94 -45.48
C GLY A 143 -15.78 34.49 -46.50
N GLY A 144 -15.35 33.24 -46.39
CA GLY A 144 -14.45 32.65 -47.38
C GLY A 144 -13.07 33.29 -47.44
N SER A 145 -12.54 33.69 -46.29
CA SER A 145 -11.21 34.28 -46.25
C SER A 145 -10.68 34.23 -44.83
N GLU A 146 -9.39 33.94 -44.69
CA GLU A 146 -8.73 33.92 -43.39
C GLU A 146 -8.52 35.36 -42.93
N GLU A 147 -9.32 35.80 -41.97
CA GLU A 147 -9.27 37.18 -41.50
C GLU A 147 -9.91 37.26 -40.13
N SER A 148 -9.36 38.13 -39.28
CA SER A 148 -9.87 38.34 -37.93
C SER A 148 -11.01 39.35 -37.88
N LEU A 149 -11.54 39.75 -39.04
CA LEU A 149 -12.70 40.64 -39.18
C LEU A 149 -12.54 41.95 -38.39
N CYS A 150 -11.33 42.26 -37.95
CA CYS A 150 -11.09 43.50 -37.22
C CYS A 150 -9.79 44.19 -37.62
N ASP A 151 -9.12 43.72 -38.67
CA ASP A 151 -7.88 44.37 -39.11
C ASP A 151 -8.15 45.70 -39.78
N GLN A 152 -9.34 45.88 -40.35
CA GLN A 152 -9.71 47.14 -40.98
C GLN A 152 -10.41 48.02 -39.95
N PRO A 153 -9.82 49.16 -39.57
CA PRO A 153 -10.47 50.02 -38.56
C PRO A 153 -11.75 50.67 -39.08
N TYR A 154 -12.41 51.44 -38.22
CA TYR A 154 -13.63 52.11 -38.63
C TYR A 154 -13.33 53.22 -39.63
N HIS A 155 -14.14 53.32 -40.66
CA HIS A 155 -13.97 54.31 -41.71
C HIS A 155 -15.25 55.12 -41.87
N GLU A 156 -15.09 56.39 -42.22
CA GLU A 156 -16.23 57.28 -42.41
C GLU A 156 -16.13 58.00 -43.76
N SER A 164 -22.06 70.81 -43.22
CA SER A 164 -21.72 71.54 -42.00
C SER A 164 -20.22 71.61 -41.81
N TYR A 165 -19.56 72.51 -42.54
CA TYR A 165 -18.11 72.70 -42.48
C TYR A 165 -17.37 71.40 -42.81
N GLY A 166 -18.01 70.50 -43.53
CA GLY A 166 -17.39 69.24 -43.89
C GLY A 166 -17.12 68.32 -42.71
N ARG A 167 -17.98 68.33 -41.70
CA ARG A 167 -17.80 67.45 -40.57
C ARG A 167 -18.00 65.99 -40.99
N PRO A 168 -17.30 65.05 -40.35
CA PRO A 168 -17.47 63.64 -40.71
C PRO A 168 -18.87 63.14 -40.39
N CYS A 169 -19.36 62.26 -41.24
CA CYS A 169 -20.70 61.71 -41.06
C CYS A 169 -20.75 60.77 -39.86
N GLU A 170 -21.95 60.60 -39.32
CA GLU A 170 -22.19 59.71 -38.19
C GLU A 170 -23.12 58.60 -38.64
N PHE A 171 -22.59 57.38 -38.74
CA PHE A 171 -23.36 56.22 -39.16
C PHE A 171 -23.58 55.31 -37.97
N PRO A 172 -24.81 54.81 -37.75
CA PRO A 172 -25.98 55.07 -38.59
C PRO A 172 -26.73 56.33 -38.18
N PHE A 173 -27.91 56.55 -38.75
CA PHE A 173 -28.75 57.67 -38.37
C PHE A 173 -30.20 57.33 -38.64
N LEU A 174 -31.09 57.81 -37.77
CA LEU A 174 -32.52 57.53 -37.85
C LEU A 174 -33.20 58.71 -38.54
N ILE A 175 -33.69 58.48 -39.76
CA ILE A 175 -34.41 59.49 -40.52
C ILE A 175 -35.69 58.85 -41.06
N ASP A 176 -36.76 59.65 -41.11
CA ASP A 176 -38.07 59.19 -41.57
C ASP A 176 -38.56 57.97 -40.78
N GLY A 177 -38.12 57.84 -39.54
CA GLY A 177 -38.50 56.71 -38.71
C GLY A 177 -37.79 55.42 -39.01
N THR A 178 -36.75 55.44 -39.84
CA THR A 178 -36.01 54.24 -40.18
C THR A 178 -34.52 54.52 -40.13
N TRP A 179 -33.73 53.47 -39.91
CA TRP A 179 -32.29 53.59 -39.79
C TRP A 179 -31.62 53.55 -41.16
N HIS A 180 -30.53 54.28 -41.29
CA HIS A 180 -29.74 54.32 -42.51
C HIS A 180 -28.25 54.31 -42.16
N HIS A 181 -27.47 53.55 -42.92
CA HIS A 181 -26.04 53.43 -42.71
C HIS A 181 -25.20 54.18 -43.72
N ASP A 182 -25.71 54.42 -44.92
CA ASP A 182 -24.98 55.13 -45.96
C ASP A 182 -25.85 56.26 -46.51
N CYS A 183 -25.20 57.34 -46.91
CA CYS A 183 -25.90 58.51 -47.43
C CYS A 183 -26.49 58.17 -48.80
N ILE A 184 -27.79 57.87 -48.81
CA ILE A 184 -28.50 57.47 -50.02
C ILE A 184 -28.93 58.74 -50.77
N LEU A 185 -29.03 58.64 -52.09
CA LEU A 185 -29.43 59.75 -52.94
C LEU A 185 -30.94 59.91 -52.93
N ASP A 186 -31.40 61.15 -53.14
CA ASP A 186 -32.82 61.47 -53.18
C ASP A 186 -33.03 62.62 -54.14
N GLU A 187 -34.20 63.23 -54.08
CA GLU A 187 -34.56 64.34 -54.95
C GLU A 187 -34.37 65.71 -54.28
N ASP A 188 -33.95 65.74 -53.03
CA ASP A 188 -33.74 67.00 -52.33
C ASP A 188 -32.37 67.58 -52.65
N HIS A 189 -31.31 66.82 -52.38
CA HIS A 189 -29.95 67.26 -52.64
C HIS A 189 -29.49 66.80 -54.02
N SER A 190 -28.29 67.25 -54.40
CA SER A 190 -27.73 66.89 -55.70
C SER A 190 -27.30 65.43 -55.71
N GLY A 191 -26.46 65.03 -54.76
CA GLY A 191 -25.99 63.66 -54.68
C GLY A 191 -26.13 63.10 -53.27
N PRO A 192 -25.04 62.55 -52.75
CA PRO A 192 -25.08 61.97 -51.40
C PRO A 192 -25.14 63.05 -50.33
N TRP A 193 -25.94 62.80 -49.30
CA TRP A 193 -26.06 63.72 -48.17
C TRP A 193 -26.22 62.91 -46.89
N CYS A 194 -25.44 63.27 -45.88
CA CYS A 194 -25.41 62.55 -44.61
C CYS A 194 -25.72 63.52 -43.47
N ALA A 195 -25.86 62.95 -42.27
CA ALA A 195 -26.06 63.71 -41.05
C ALA A 195 -24.74 63.96 -40.36
N THR A 196 -24.62 65.12 -39.72
CA THR A 196 -23.40 65.52 -39.04
C THR A 196 -23.52 65.50 -37.52
N THR A 197 -24.62 64.99 -36.98
CA THR A 197 -24.84 64.92 -35.55
C THR A 197 -25.35 63.53 -35.17
N LEU A 198 -25.49 63.30 -33.87
CA LEU A 198 -25.98 62.01 -33.39
C LEU A 198 -27.49 61.91 -33.50
N ASN A 199 -28.19 63.04 -33.40
CA ASN A 199 -29.65 63.09 -33.49
C ASN A 199 -30.02 64.19 -34.49
N TYR A 200 -30.27 63.79 -35.74
CA TYR A 200 -30.58 64.77 -36.78
C TYR A 200 -31.97 65.38 -36.59
N GLU A 201 -32.88 64.69 -35.90
CA GLU A 201 -34.22 65.22 -35.71
C GLU A 201 -34.26 66.41 -34.77
N TYR A 202 -33.24 66.58 -33.93
CA TYR A 202 -33.22 67.67 -32.96
C TYR A 202 -32.25 68.79 -33.33
N ASP A 203 -31.23 68.49 -34.13
CA ASP A 203 -30.22 69.48 -34.48
C ASP A 203 -30.46 70.14 -35.83
N ARG A 204 -30.88 69.37 -36.84
CA ARG A 204 -31.14 69.87 -38.19
C ARG A 204 -29.89 70.53 -38.76
N LYS A 205 -28.86 69.70 -38.98
CA LYS A 205 -27.59 70.14 -39.54
C LYS A 205 -26.97 68.97 -40.29
N TRP A 206 -27.03 69.01 -41.61
CA TRP A 206 -26.55 67.93 -42.47
C TRP A 206 -25.26 68.32 -43.16
N GLY A 207 -24.74 67.41 -43.97
CA GLY A 207 -23.53 67.64 -44.73
C GLY A 207 -23.49 66.76 -45.95
N ILE A 208 -22.44 66.95 -46.75
CA ILE A 208 -22.27 66.21 -47.99
C ILE A 208 -21.21 65.12 -47.78
N CYS A 209 -21.45 63.94 -48.33
CA CYS A 209 -20.50 62.84 -48.25
C CYS A 209 -19.31 63.11 -49.18
N LEU A 210 -18.23 63.65 -48.63
CA LEU A 210 -17.05 63.97 -49.42
C LEU A 210 -16.29 62.71 -49.81
N LYS A 211 -16.54 62.21 -51.02
CA LYS A 211 -15.87 61.02 -51.51
C LYS A 211 -14.53 61.35 -52.14
N GLN A 231 -9.69 69.97 -55.63
CA GLN A 231 -10.86 70.05 -54.77
C GLN A 231 -10.61 70.97 -53.58
N PHE A 232 -11.02 72.24 -53.72
CA PHE A 232 -10.83 73.24 -52.68
C PHE A 232 -12.15 73.37 -51.92
N ASN A 233 -12.24 72.69 -50.78
CA ASN A 233 -13.44 72.72 -49.93
C ASN A 233 -13.38 73.96 -49.04
N THR A 234 -13.90 75.07 -49.58
CA THR A 234 -13.93 76.31 -48.82
C THR A 234 -14.94 76.20 -47.68
N GLN A 235 -14.64 76.91 -46.58
CA GLN A 235 -15.43 76.89 -45.36
C GLN A 235 -15.52 75.50 -44.76
N THR A 236 -14.53 74.65 -45.01
CA THR A 236 -14.45 73.30 -44.47
C THR A 236 -13.23 73.26 -43.56
N ALA A 237 -13.42 73.63 -42.29
CA ALA A 237 -12.32 73.74 -41.33
C ALA A 237 -12.20 72.43 -40.57
N LEU A 238 -11.21 71.62 -40.94
CA LEU A 238 -10.90 70.38 -40.23
C LEU A 238 -9.42 70.38 -39.86
N SER A 239 -9.08 69.51 -38.91
CA SER A 239 -7.69 69.34 -38.54
C SER A 239 -6.92 68.68 -39.67
N TRP A 240 -5.63 69.06 -39.80
CA TRP A 240 -4.82 68.51 -40.88
C TRP A 240 -4.67 67.01 -40.78
N LYS A 241 -4.58 66.48 -39.55
CA LYS A 241 -4.55 65.03 -39.38
C LYS A 241 -5.89 64.41 -39.78
N GLU A 242 -6.98 65.02 -39.34
CA GLU A 242 -8.31 64.55 -39.73
C GLU A 242 -8.52 64.71 -41.23
N ALA A 243 -8.04 65.81 -41.80
CA ALA A 243 -8.13 66.00 -43.25
C ALA A 243 -7.33 64.93 -43.99
N TYR A 244 -6.15 64.60 -43.48
CA TYR A 244 -5.31 63.60 -44.14
C TYR A 244 -5.95 62.22 -44.08
N VAL A 245 -6.49 61.83 -42.91
CA VAL A 245 -7.12 60.53 -42.82
C VAL A 245 -8.40 60.49 -43.63
N SER A 246 -9.09 61.63 -43.78
CA SER A 246 -10.31 61.66 -44.58
C SER A 246 -10.00 61.54 -46.06
N CYS A 247 -8.93 62.20 -46.54
CA CYS A 247 -8.55 62.09 -47.94
C CYS A 247 -7.78 60.81 -48.25
N GLN A 248 -7.30 60.10 -47.23
CA GLN A 248 -6.76 58.77 -47.44
C GLN A 248 -7.88 57.73 -47.45
N ASN A 249 -8.95 57.98 -46.69
CA ASN A 249 -10.16 57.18 -46.82
C ASN A 249 -10.74 57.28 -48.23
N GLN A 250 -10.59 58.44 -48.87
CA GLN A 250 -11.04 58.62 -50.24
C GLN A 250 -10.07 58.06 -51.27
N GLY A 251 -8.91 57.58 -50.84
CA GLY A 251 -7.92 57.02 -51.73
C GLY A 251 -6.95 58.03 -52.32
N ALA A 252 -7.07 59.30 -51.97
CA ALA A 252 -6.22 60.35 -52.52
C ALA A 252 -5.10 60.69 -51.53
N ASP A 253 -4.29 61.69 -51.87
CA ASP A 253 -3.20 62.14 -51.02
C ASP A 253 -3.16 63.66 -51.01
N LEU A 254 -2.33 64.21 -50.14
CA LEU A 254 -2.25 65.65 -49.99
C LEU A 254 -1.55 66.28 -51.19
N LEU A 255 -1.66 67.60 -51.29
CA LEU A 255 -1.10 68.33 -52.42
C LEU A 255 0.42 68.33 -52.36
N SER A 256 1.05 68.01 -53.49
CA SER A 256 2.51 68.00 -53.61
C SER A 256 2.91 69.02 -54.66
N ILE A 257 3.53 70.11 -54.22
CA ILE A 257 3.98 71.17 -55.11
C ILE A 257 5.33 70.75 -55.69
N ASN A 258 5.36 70.48 -56.99
CA ASN A 258 6.58 70.05 -57.67
C ASN A 258 7.19 71.15 -58.54
N SER A 259 6.36 71.96 -59.18
CA SER A 259 6.83 73.04 -60.05
C SER A 259 6.14 74.34 -59.67
N ALA A 260 6.66 75.44 -60.21
CA ALA A 260 6.08 76.76 -59.93
C ALA A 260 4.80 77.01 -60.71
N ALA A 261 4.50 76.18 -61.71
CA ALA A 261 3.27 76.37 -62.48
C ALA A 261 2.05 76.13 -61.61
N GLU A 262 2.08 75.08 -60.77
CA GLU A 262 0.97 74.82 -59.87
C GLU A 262 0.77 75.98 -58.90
N LEU A 263 1.87 76.57 -58.41
CA LEU A 263 1.74 77.69 -57.48
C LEU A 263 1.20 78.94 -58.16
N THR A 264 1.69 79.25 -59.36
CA THR A 264 1.20 80.44 -60.06
C THR A 264 -0.24 80.24 -60.54
N TYR A 265 -0.68 78.98 -60.63
CA TYR A 265 -2.08 78.73 -60.95
C TYR A 265 -2.96 78.84 -59.69
N LEU A 266 -2.46 78.36 -58.55
CA LEU A 266 -3.24 78.38 -57.33
C LEU A 266 -3.29 79.75 -56.66
N LYS A 267 -2.30 80.62 -56.89
CA LYS A 267 -2.30 81.93 -56.25
C LYS A 267 -3.42 82.81 -56.79
N GLU A 268 -3.73 82.67 -58.07
CA GLU A 268 -4.78 83.45 -58.72
C GLU A 268 -6.16 82.83 -58.58
N LYS A 269 -6.26 81.66 -57.93
CA LYS A 269 -7.54 80.99 -57.79
C LYS A 269 -8.48 81.81 -56.92
N GLU A 270 -9.70 82.03 -57.41
CA GLU A 270 -10.68 82.81 -56.66
C GLU A 270 -11.36 81.94 -55.59
N GLY A 271 -11.88 80.78 -55.99
CA GLY A 271 -12.57 79.90 -55.07
C GLY A 271 -11.62 79.09 -54.21
N ILE A 272 -10.89 79.76 -53.32
CA ILE A 272 -9.97 79.08 -52.41
C ILE A 272 -9.77 79.99 -51.21
N ALA A 273 -9.52 79.38 -50.05
CA ALA A 273 -9.28 80.13 -48.84
C ALA A 273 -7.90 80.77 -48.85
N LYS A 274 -7.75 81.85 -48.09
CA LYS A 274 -6.47 82.53 -48.01
C LYS A 274 -5.43 81.69 -47.27
N ILE A 275 -5.87 80.78 -46.41
CA ILE A 275 -5.00 79.92 -45.63
C ILE A 275 -5.51 78.49 -45.73
N PHE A 276 -4.60 77.55 -45.99
CA PHE A 276 -4.97 76.15 -46.14
C PHE A 276 -3.72 75.29 -45.91
N TRP A 277 -3.93 73.98 -45.84
CA TRP A 277 -2.84 73.03 -45.65
C TRP A 277 -2.46 72.39 -46.99
N ILE A 278 -1.21 71.95 -47.07
CA ILE A 278 -0.69 71.30 -48.27
C ILE A 278 -0.21 69.89 -47.94
N GLY A 279 0.19 69.68 -46.69
CA GLY A 279 0.69 68.38 -46.25
C GLY A 279 2.16 68.34 -45.90
N LEU A 280 2.85 69.48 -45.93
CA LEU A 280 4.28 69.50 -45.59
C LEU A 280 4.45 69.29 -44.09
N ASN A 281 4.89 68.08 -43.71
CA ASN A 281 5.07 67.73 -42.32
C ASN A 281 6.06 66.57 -42.23
N GLN A 282 6.57 66.34 -41.03
CA GLN A 282 7.54 65.29 -40.77
C GLN A 282 6.85 64.18 -39.98
N LEU A 283 6.27 63.23 -40.71
CA LEU A 283 5.71 62.04 -40.07
C LEU A 283 6.80 61.14 -39.52
N TYR A 284 7.98 61.16 -40.16
CA TYR A 284 9.15 60.43 -39.66
C TYR A 284 9.99 61.39 -38.83
N SER A 285 10.18 61.05 -37.55
CA SER A 285 10.81 61.98 -36.62
C SER A 285 12.32 62.14 -36.84
N ALA A 286 12.93 61.36 -37.73
CA ALA A 286 14.36 61.45 -37.99
C ALA A 286 14.68 62.11 -39.31
N ARG A 287 13.71 62.73 -39.97
CA ARG A 287 13.95 63.48 -41.19
C ARG A 287 13.20 64.80 -41.12
N GLY A 288 13.67 65.76 -41.91
CA GLY A 288 13.22 67.14 -41.78
C GLY A 288 11.79 67.42 -42.21
N TRP A 289 11.51 67.34 -43.51
CA TRP A 289 10.19 67.67 -44.03
C TRP A 289 9.91 66.82 -45.26
N GLU A 290 8.70 66.26 -45.32
CA GLU A 290 8.27 65.45 -46.45
C GLU A 290 6.84 65.82 -46.81
N TRP A 291 6.33 65.19 -47.86
CA TRP A 291 4.96 65.35 -48.29
C TRP A 291 4.15 64.12 -47.86
N SER A 292 2.89 64.07 -48.28
CA SER A 292 2.07 62.89 -48.02
C SER A 292 2.63 61.68 -48.76
N ASP A 293 2.79 61.79 -50.07
CA ASP A 293 3.41 60.74 -50.86
C ASP A 293 4.92 60.94 -50.87
N HIS A 294 5.63 60.20 -51.71
CA HIS A 294 7.08 60.28 -51.80
C HIS A 294 7.45 61.17 -52.99
N LYS A 295 7.36 62.47 -52.75
CA LYS A 295 7.71 63.47 -53.73
C LYS A 295 9.00 64.18 -53.33
N PRO A 296 9.84 64.55 -54.30
CA PRO A 296 11.12 65.19 -53.95
C PRO A 296 10.93 66.57 -53.37
N LEU A 297 11.91 66.99 -52.57
CA LEU A 297 11.92 68.30 -51.93
C LEU A 297 12.93 69.17 -52.66
N ASN A 298 12.44 69.94 -53.64
CA ASN A 298 13.31 70.83 -54.41
C ASN A 298 12.77 72.25 -54.40
N PHE A 299 11.46 72.40 -54.28
CA PHE A 299 10.80 73.71 -54.29
C PHE A 299 10.26 73.99 -52.88
N LEU A 300 10.79 75.02 -52.24
CA LEU A 300 10.35 75.44 -50.93
C LEU A 300 9.91 76.90 -50.96
N ASN A 301 9.01 77.26 -50.05
CA ASN A 301 8.39 78.58 -50.02
C ASN A 301 8.35 79.09 -48.58
N TRP A 302 9.49 78.99 -47.90
CA TRP A 302 9.56 79.32 -46.48
C TRP A 302 9.33 80.82 -46.24
N ASP A 303 9.23 81.18 -44.95
CA ASP A 303 8.87 82.52 -44.52
C ASP A 303 10.05 83.24 -43.87
N PRO A 304 10.20 84.54 -44.13
CA PRO A 304 11.30 85.30 -43.50
C PRO A 304 10.93 85.88 -42.14
N ASP A 305 9.62 86.05 -41.89
CA ASP A 305 9.20 86.73 -40.68
C ASP A 305 9.43 85.87 -39.44
N ARG A 306 8.97 84.63 -39.46
CA ARG A 306 9.15 83.76 -38.30
C ARG A 306 10.56 83.14 -38.33
N PRO A 307 11.18 82.96 -37.16
CA PRO A 307 12.53 82.39 -37.14
C PRO A 307 12.58 80.91 -37.50
N SER A 308 11.44 80.24 -37.65
CA SER A 308 11.37 78.83 -38.03
C SER A 308 12.13 77.95 -37.03
N ALA A 309 11.62 77.94 -35.80
CA ALA A 309 12.21 77.10 -34.77
C ALA A 309 12.10 75.63 -35.14
N PRO A 310 13.16 74.85 -34.97
CA PRO A 310 13.14 73.45 -35.43
C PRO A 310 12.11 72.58 -34.73
N THR A 311 12.19 72.49 -33.40
CA THR A 311 11.31 71.60 -32.65
C THR A 311 10.59 72.28 -31.50
N ILE A 312 11.24 73.21 -30.80
CA ILE A 312 10.66 73.89 -29.65
C ILE A 312 10.70 75.40 -29.91
N GLY A 313 9.66 76.08 -29.46
CA GLY A 313 9.51 77.50 -29.76
C GLY A 313 8.50 77.73 -30.87
N GLY A 314 8.53 76.87 -31.87
CA GLY A 314 7.55 76.90 -32.94
C GLY A 314 6.64 75.69 -32.91
N SER A 315 6.63 74.92 -34.01
CA SER A 315 5.86 73.69 -34.08
C SER A 315 6.45 72.83 -35.18
N SER A 316 5.71 71.80 -35.60
CA SER A 316 6.18 70.83 -36.58
C SER A 316 5.22 70.67 -37.75
N CYS A 317 4.47 71.73 -38.07
CA CYS A 317 3.58 71.69 -39.22
C CYS A 317 3.75 72.96 -40.04
N ALA A 318 3.30 72.91 -41.30
CA ALA A 318 3.41 74.03 -42.21
C ALA A 318 2.04 74.66 -42.41
N ARG A 319 2.01 75.98 -42.56
CA ARG A 319 0.79 76.73 -42.79
C ARG A 319 1.01 77.69 -43.95
N MET A 320 0.17 77.58 -44.98
CA MET A 320 0.36 78.36 -46.19
C MET A 320 -0.49 79.63 -46.17
N ASP A 321 0.13 80.74 -46.56
CA ASP A 321 -0.57 81.99 -46.85
C ASP A 321 -0.54 82.19 -48.36
N ALA A 322 -1.72 82.19 -48.98
CA ALA A 322 -1.84 82.26 -50.43
C ALA A 322 -1.86 83.68 -50.96
N GLU A 323 -2.15 84.68 -50.11
CA GLU A 323 -2.12 86.06 -50.57
C GLU A 323 -0.72 86.50 -50.94
N SER A 324 0.29 86.03 -50.22
CA SER A 324 1.68 86.32 -50.55
C SER A 324 2.50 85.07 -50.84
N GLY A 325 1.95 83.87 -50.68
CA GLY A 325 2.70 82.66 -50.93
C GLY A 325 3.80 82.45 -49.92
N LEU A 326 3.45 82.19 -48.67
CA LEU A 326 4.42 82.04 -47.60
C LEU A 326 4.11 80.79 -46.78
N TRP A 327 5.15 80.21 -46.17
CA TRP A 327 5.02 78.99 -45.37
C TRP A 327 5.47 79.29 -43.95
N GLN A 328 4.51 79.44 -43.03
CA GLN A 328 4.82 79.64 -41.63
C GLN A 328 4.90 78.31 -40.89
N SER A 329 5.69 78.29 -39.83
CA SER A 329 5.74 77.13 -38.94
C SER A 329 4.63 77.25 -37.91
N PHE A 330 3.81 76.21 -37.80
CA PHE A 330 2.62 76.27 -36.97
C PHE A 330 2.16 74.85 -36.66
N SER A 331 1.26 74.75 -35.68
CA SER A 331 0.64 73.49 -35.29
C SER A 331 -0.73 73.39 -35.95
N CYS A 332 -0.90 72.38 -36.80
CA CYS A 332 -2.09 72.20 -37.62
C CYS A 332 -3.04 71.16 -37.03
N GLU A 333 -3.13 71.11 -35.70
CA GLU A 333 -4.10 70.25 -35.04
C GLU A 333 -5.47 70.91 -34.87
N ALA A 334 -5.59 72.21 -35.20
CA ALA A 334 -6.86 72.91 -35.12
C ALA A 334 -7.60 72.81 -36.44
N GLN A 335 -8.82 73.34 -36.46
CA GLN A 335 -9.68 73.26 -37.64
C GLN A 335 -9.34 74.40 -38.61
N LEU A 336 -9.11 74.05 -39.87
CA LEU A 336 -8.73 75.01 -40.89
C LEU A 336 -8.83 74.37 -42.26
N PRO A 337 -9.24 75.11 -43.30
CA PRO A 337 -9.41 74.50 -44.62
C PRO A 337 -8.11 73.92 -45.16
N TYR A 338 -8.25 73.15 -46.25
CA TYR A 338 -7.13 72.42 -46.83
C TYR A 338 -7.49 72.04 -48.27
N VAL A 339 -6.67 71.20 -48.87
CA VAL A 339 -6.93 70.65 -50.20
C VAL A 339 -6.12 69.38 -50.37
N CYS A 340 -6.75 68.34 -50.93
CA CYS A 340 -6.07 67.08 -51.20
C CYS A 340 -6.33 66.69 -52.65
N ARG A 341 -5.26 66.44 -53.40
CA ARG A 341 -5.38 66.09 -54.81
C ARG A 341 -5.60 64.60 -55.01
N ASP A 358 31.61 46.37 -63.51
CA ASP A 358 32.99 46.14 -63.12
C ASP A 358 33.87 47.35 -63.46
N THR A 359 33.23 48.51 -63.64
CA THR A 359 33.95 49.73 -63.97
C THR A 359 34.90 50.08 -62.83
N ARG A 360 36.20 50.10 -63.12
CA ARG A 360 37.24 50.39 -62.14
C ARG A 360 37.83 51.76 -62.43
N CYS A 361 37.99 52.56 -61.39
CA CYS A 361 38.53 53.91 -61.50
C CYS A 361 39.95 53.96 -60.95
N ASP A 362 40.52 55.16 -60.95
CA ASP A 362 41.97 55.34 -60.75
C ASP A 362 42.26 55.75 -59.30
N ALA A 363 42.68 54.78 -58.49
CA ALA A 363 43.39 55.02 -57.23
C ALA A 363 42.58 55.90 -56.27
N GLY A 364 41.46 55.35 -55.82
CA GLY A 364 40.71 55.98 -54.75
C GLY A 364 39.23 56.15 -55.03
N TRP A 365 38.89 56.43 -56.28
CA TRP A 365 37.49 56.61 -56.68
C TRP A 365 36.76 55.28 -56.52
N LEU A 366 35.92 55.17 -55.50
CA LEU A 366 35.14 53.94 -55.32
C LEU A 366 33.94 53.96 -56.27
N PRO A 367 33.73 52.90 -57.04
CA PRO A 367 32.65 52.90 -58.03
C PRO A 367 31.36 52.30 -57.51
N ASN A 368 30.25 52.76 -58.12
CA ASN A 368 28.94 52.20 -57.85
C ASN A 368 28.04 52.47 -59.06
N ASN A 369 27.80 51.42 -59.86
CA ASN A 369 26.93 51.49 -61.02
C ASN A 369 27.42 52.52 -62.03
N GLY A 370 28.61 52.28 -62.56
CA GLY A 370 29.20 53.09 -63.60
C GLY A 370 30.10 54.23 -63.15
N PHE A 371 29.59 55.12 -62.30
CA PHE A 371 30.35 56.26 -61.81
C PHE A 371 31.18 55.85 -60.59
N CYS A 372 32.03 56.76 -60.15
CA CYS A 372 32.83 56.54 -58.94
C CYS A 372 33.03 57.86 -58.23
N TYR A 373 33.17 57.79 -56.91
CA TYR A 373 33.34 58.96 -56.06
C TYR A 373 34.76 59.04 -55.52
N LEU A 374 35.16 60.23 -55.10
CA LEU A 374 36.40 60.39 -54.36
C LEU A 374 36.31 61.65 -53.51
N LEU A 375 36.63 61.53 -52.23
CA LEU A 375 36.69 62.65 -51.32
C LEU A 375 38.06 63.32 -51.42
N VAL A 376 38.07 64.64 -51.55
CA VAL A 376 39.33 65.38 -51.59
C VAL A 376 39.68 65.83 -50.17
N ASN A 377 40.98 65.81 -49.86
CA ASN A 377 41.47 66.18 -48.54
C ASN A 377 41.74 67.68 -48.43
N GLU A 378 41.08 68.49 -49.25
CA GLU A 378 41.25 69.94 -49.24
C GLU A 378 40.11 70.60 -48.50
N SER A 379 40.44 71.64 -47.72
CA SER A 379 39.47 72.41 -46.95
C SER A 379 39.40 73.79 -47.58
N ASN A 380 38.35 74.03 -48.37
CA ASN A 380 38.17 75.26 -49.11
C ASN A 380 36.71 75.68 -49.09
N SER A 381 36.43 76.86 -49.61
CA SER A 381 35.10 77.43 -49.59
C SER A 381 34.20 76.77 -50.64
N TRP A 382 32.98 77.29 -50.77
CA TRP A 382 32.02 76.71 -51.70
C TRP A 382 32.37 77.06 -53.14
N ASP A 383 32.80 78.31 -53.38
CA ASP A 383 33.12 78.72 -54.75
C ASP A 383 34.37 78.02 -55.26
N LYS A 384 35.38 77.85 -54.41
CA LYS A 384 36.59 77.15 -54.84
C LYS A 384 36.30 75.68 -55.09
N ALA A 385 35.41 75.08 -54.30
CA ALA A 385 35.01 73.70 -54.53
C ALA A 385 34.22 73.57 -55.84
N HIS A 386 33.36 74.55 -56.12
CA HIS A 386 32.62 74.55 -57.38
C HIS A 386 33.55 74.78 -58.56
N ALA A 387 34.69 75.41 -58.33
CA ALA A 387 35.67 75.63 -59.39
C ALA A 387 36.68 74.50 -59.54
N LYS A 388 36.81 73.63 -58.54
CA LYS A 388 37.85 72.60 -58.60
C LYS A 388 37.37 71.33 -59.28
N CYS A 389 36.21 70.80 -58.87
CA CYS A 389 35.68 69.55 -59.41
C CYS A 389 34.45 69.80 -60.27
N LYS A 390 34.49 70.86 -61.07
CA LYS A 390 33.51 71.11 -62.13
C LYS A 390 34.19 71.63 -63.39
N PHE A 392 40.19 69.77 -60.82
CA PHE A 392 40.23 68.47 -61.49
C PHE A 392 39.08 68.35 -62.50
N SER A 393 39.30 67.58 -63.55
CA SER A 393 38.25 67.28 -64.53
C SER A 393 37.28 66.27 -63.91
N SER A 394 36.35 66.79 -63.12
CA SER A 394 35.44 65.96 -62.37
C SER A 394 34.10 66.68 -62.24
N ASP A 395 33.11 66.00 -61.65
CA ASP A 395 31.82 66.59 -61.33
C ASP A 395 31.52 66.36 -59.85
N LEU A 396 30.78 67.29 -59.26
CA LEU A 396 30.41 67.17 -57.86
C LEU A 396 29.43 66.03 -57.65
N ILE A 397 29.23 65.68 -56.38
CA ILE A 397 28.40 64.53 -56.01
C ILE A 397 26.93 64.90 -56.09
N SER A 398 26.11 63.93 -56.47
CA SER A 398 24.66 64.07 -56.53
C SER A 398 24.04 62.77 -56.05
N ILE A 399 23.07 62.88 -55.14
CA ILE A 399 22.45 61.71 -54.53
C ILE A 399 21.24 61.31 -55.37
N HIS A 400 21.18 60.03 -55.75
CA HIS A 400 20.12 59.54 -56.62
C HIS A 400 19.52 58.21 -56.18
N SER A 401 20.12 57.51 -55.23
CA SER A 401 19.65 56.18 -54.84
C SER A 401 19.91 55.98 -53.36
N LEU A 402 19.86 54.72 -52.91
CA LEU A 402 20.05 54.40 -51.51
C LEU A 402 21.43 53.82 -51.21
N ALA A 403 22.05 53.13 -52.17
CA ALA A 403 23.34 52.51 -51.92
C ALA A 403 24.45 53.54 -51.81
N ASP A 404 24.36 54.63 -52.59
CA ASP A 404 25.38 55.67 -52.51
C ASP A 404 25.42 56.32 -51.14
N VAL A 405 24.29 56.33 -50.43
CA VAL A 405 24.29 56.82 -49.04
C VAL A 405 25.16 55.93 -48.18
N GLU A 406 25.06 54.61 -48.37
CA GLU A 406 25.94 53.68 -47.67
C GLU A 406 27.39 53.91 -48.05
N VAL A 407 27.66 54.16 -49.33
CA VAL A 407 29.03 54.40 -49.78
C VAL A 407 29.59 55.64 -49.11
N VAL A 408 28.77 56.68 -48.95
CA VAL A 408 29.22 57.90 -48.29
C VAL A 408 29.42 57.69 -46.79
N VAL A 409 28.54 56.91 -46.15
CA VAL A 409 28.63 56.73 -44.71
C VAL A 409 29.81 55.84 -44.32
N THR A 410 30.06 54.76 -45.07
CA THR A 410 31.12 53.84 -44.70
C THR A 410 32.51 54.43 -44.95
N LYS A 411 32.62 55.41 -45.84
CA LYS A 411 33.87 56.05 -46.16
C LYS A 411 34.05 57.28 -45.28
N LEU A 412 34.97 58.18 -45.65
CA LEU A 412 35.21 59.47 -45.01
C LEU A 412 35.90 59.34 -43.66
N HIS A 413 36.65 58.25 -43.45
CA HIS A 413 37.49 58.07 -42.27
C HIS A 413 36.68 58.18 -40.98
N ASN A 414 35.76 57.22 -40.80
CA ASN A 414 34.81 57.22 -39.70
C ASN A 414 33.89 58.44 -39.75
N GLU A 415 33.73 58.98 -40.96
CA GLU A 415 32.80 60.07 -41.27
C GLU A 415 33.25 61.41 -40.67
N ASP A 416 34.30 61.40 -39.85
CA ASP A 416 34.78 62.61 -39.18
C ASP A 416 33.61 63.33 -38.49
N ILE A 417 33.09 62.65 -37.48
CA ILE A 417 31.82 62.99 -36.82
C ILE A 417 31.65 64.49 -36.61
N LYS A 418 32.69 65.14 -36.11
CA LYS A 418 32.65 66.58 -35.84
C LYS A 418 33.24 67.33 -37.03
N GLU A 419 32.55 67.22 -38.17
CA GLU A 419 32.95 67.90 -39.41
C GLU A 419 31.72 67.99 -40.31
N GLU A 420 31.92 68.60 -41.47
CA GLU A 420 30.87 68.76 -42.47
C GLU A 420 31.43 68.44 -43.85
N VAL A 421 30.55 67.99 -44.75
CA VAL A 421 30.95 67.70 -46.12
C VAL A 421 30.11 68.55 -47.07
N TRP A 422 30.70 68.98 -48.18
CA TRP A 422 29.96 69.81 -49.12
C TRP A 422 29.19 68.94 -50.12
N ILE A 423 28.19 69.55 -50.75
CA ILE A 423 27.55 68.95 -51.92
C ILE A 423 26.91 70.07 -52.72
N GLY A 424 27.01 69.97 -54.05
CA GLY A 424 26.62 71.05 -54.94
C GLY A 424 25.14 71.16 -55.23
N LEU A 425 24.51 72.19 -54.68
CA LEU A 425 23.11 72.52 -54.97
C LEU A 425 23.01 74.03 -55.16
N LYS A 426 22.33 74.44 -56.22
CA LYS A 426 22.27 75.85 -56.60
C LYS A 426 20.82 76.31 -56.69
N ASN A 427 20.65 77.62 -56.50
CA ASN A 427 19.33 78.26 -56.60
C ASN A 427 19.56 79.76 -56.83
N ILE A 428 19.11 80.26 -57.97
CA ILE A 428 19.31 81.65 -58.35
C ILE A 428 17.99 82.42 -58.36
N ASN A 429 16.94 81.83 -58.91
CA ASN A 429 15.65 82.49 -59.00
C ASN A 429 14.90 82.37 -57.67
N ILE A 430 14.02 83.34 -57.44
CA ILE A 430 13.18 83.35 -56.24
C ILE A 430 11.77 82.94 -56.63
N PRO A 431 11.02 82.23 -55.79
CA PRO A 431 11.43 81.74 -54.46
C PRO A 431 12.39 80.54 -54.51
N THR A 432 12.54 79.86 -53.39
CA THR A 432 13.51 78.76 -53.31
C THR A 432 13.11 77.63 -54.25
N LEU A 433 14.07 77.18 -55.06
CA LEU A 433 13.84 76.11 -56.02
C LEU A 433 15.18 75.43 -56.28
N PHE A 434 15.40 74.28 -55.65
CA PHE A 434 16.67 73.58 -55.77
C PHE A 434 16.75 72.78 -57.05
N GLN A 435 17.89 72.91 -57.74
CA GLN A 435 18.19 72.14 -58.94
C GLN A 435 19.67 71.79 -58.94
N TRP A 436 19.99 70.59 -59.39
CA TRP A 436 21.36 70.12 -59.40
C TRP A 436 22.20 70.93 -60.39
N SER A 437 23.50 70.98 -60.12
CA SER A 437 24.42 71.68 -61.02
C SER A 437 24.55 70.97 -62.35
N ASP A 438 24.45 69.64 -62.36
CA ASP A 438 24.53 68.84 -63.58
C ASP A 438 23.49 67.73 -63.48
N GLY A 439 22.31 67.99 -64.02
CA GLY A 439 21.21 67.05 -64.00
C GLY A 439 19.98 67.64 -63.34
N THR A 440 18.86 66.92 -63.51
CA THR A 440 17.59 67.34 -62.94
C THR A 440 16.82 66.15 -62.35
N GLU A 441 17.53 65.13 -61.87
CA GLU A 441 16.91 63.93 -61.34
C GLU A 441 16.75 64.10 -59.82
N VAL A 442 15.77 64.90 -59.43
CA VAL A 442 15.46 65.15 -58.03
C VAL A 442 14.55 64.03 -57.55
N THR A 443 15.11 63.07 -56.82
CA THR A 443 14.34 61.91 -56.36
C THR A 443 14.45 61.67 -54.86
N LEU A 444 15.59 61.99 -54.25
CA LEU A 444 15.83 61.67 -52.84
C LEU A 444 16.31 62.92 -52.12
N THR A 445 15.68 63.22 -50.99
CA THR A 445 16.07 64.33 -50.12
C THR A 445 16.16 63.82 -48.68
N TYR A 446 17.36 63.87 -48.11
CA TYR A 446 17.63 63.37 -46.76
C TYR A 446 18.15 64.54 -45.92
N TRP A 447 17.24 65.24 -45.25
CA TRP A 447 17.58 66.39 -44.43
C TRP A 447 17.53 66.03 -42.95
N ASP A 448 18.23 66.83 -42.14
CA ASP A 448 18.22 66.64 -40.70
C ASP A 448 16.86 67.01 -40.12
N GLU A 449 16.55 66.43 -38.97
CA GLU A 449 15.25 66.59 -38.32
C GLU A 449 15.40 67.48 -37.09
N ASN A 450 14.95 68.72 -37.19
CA ASN A 450 14.45 69.28 -38.45
C ASN A 450 14.93 70.72 -38.61
N GLU A 451 16.09 70.87 -39.26
CA GLU A 451 16.71 72.17 -39.47
C GLU A 451 16.84 72.42 -40.96
N PRO A 452 15.80 72.97 -41.60
CA PRO A 452 15.91 73.30 -43.03
C PRO A 452 16.93 74.38 -43.32
N ASN A 453 17.08 75.36 -42.41
CA ASN A 453 18.09 76.42 -42.54
C ASN A 453 17.95 77.18 -43.85
N VAL A 454 16.70 77.43 -44.26
CA VAL A 454 16.42 78.18 -45.48
C VAL A 454 16.37 79.66 -45.12
N PRO A 455 17.32 80.48 -45.59
CA PRO A 455 17.30 81.91 -45.22
C PRO A 455 16.19 82.67 -45.91
N TYR A 456 16.13 83.98 -45.67
CA TYR A 456 15.09 84.81 -46.28
C TYR A 456 15.33 84.94 -47.79
N ASN A 457 16.49 85.44 -48.17
CA ASN A 457 16.82 85.60 -49.59
C ASN A 457 18.34 85.62 -49.73
N LYS A 458 18.85 84.81 -50.65
CA LYS A 458 20.29 84.72 -50.88
C LYS A 458 20.53 84.12 -52.26
N THR A 459 21.39 84.79 -53.05
CA THR A 459 21.68 84.27 -54.39
C THR A 459 22.56 83.02 -54.35
N PRO A 460 23.67 82.97 -53.61
CA PRO A 460 24.45 81.72 -53.57
C PRO A 460 23.85 80.74 -52.57
N ASN A 461 23.52 79.54 -53.04
CA ASN A 461 22.96 78.49 -52.20
C ASN A 461 23.97 77.36 -52.04
N CYS A 462 23.86 76.63 -50.95
CA CYS A 462 24.80 75.56 -50.64
C CYS A 462 24.13 74.55 -49.71
N VAL A 463 24.71 73.37 -49.64
CA VAL A 463 24.16 72.29 -48.81
C VAL A 463 25.29 71.34 -48.44
N SER A 464 25.15 70.71 -47.27
CA SER A 464 26.25 69.98 -46.67
C SER A 464 25.74 68.75 -45.94
N TYR A 465 26.49 67.66 -46.06
CA TYR A 465 26.30 66.51 -45.19
C TYR A 465 26.76 66.84 -43.78
N LEU A 466 25.84 66.62 -42.83
CA LEU A 466 26.08 66.71 -41.40
C LEU A 466 25.75 65.37 -40.76
N GLY A 467 26.40 65.10 -39.62
CA GLY A 467 26.10 63.92 -38.83
C GLY A 467 26.56 62.61 -39.44
N GLU A 468 26.63 61.56 -38.62
CA GLU A 468 27.07 60.26 -39.10
C GLU A 468 26.05 59.63 -40.06
N LEU A 469 24.77 59.94 -39.89
CA LEU A 469 23.75 59.39 -40.78
C LEU A 469 23.80 60.02 -42.16
N GLY A 470 24.39 61.20 -42.30
CA GLY A 470 24.49 61.84 -43.59
C GLY A 470 23.31 62.73 -43.94
N GLN A 471 22.84 63.52 -42.99
CA GLN A 471 21.71 64.40 -43.26
C GLN A 471 22.17 65.65 -44.01
N TRP A 472 21.20 66.38 -44.57
CA TRP A 472 21.48 67.58 -45.35
C TRP A 472 21.15 68.82 -44.51
N LYS A 473 22.08 69.77 -44.48
CA LYS A 473 21.86 71.06 -43.84
C LYS A 473 22.31 72.17 -44.77
N VAL A 474 21.89 73.38 -44.46
CA VAL A 474 22.23 74.57 -45.25
C VAL A 474 23.07 75.48 -44.37
N GLN A 475 24.39 75.40 -44.52
CA GLN A 475 25.29 76.28 -43.81
C GLN A 475 25.43 77.60 -44.55
N SER A 476 26.23 78.51 -43.98
CA SER A 476 26.51 79.77 -44.64
C SER A 476 27.55 79.65 -45.74
N CYS A 477 28.24 78.50 -45.83
CA CYS A 477 29.29 78.23 -46.80
C CYS A 477 30.19 79.45 -47.03
N GLU A 478 30.67 80.01 -45.92
CA GLU A 478 31.67 81.06 -45.93
C GLU A 478 33.00 80.60 -45.35
N GLU A 479 33.08 79.36 -44.89
CA GLU A 479 34.29 78.79 -44.32
C GLU A 479 34.85 77.73 -45.28
N LYS A 480 35.90 77.05 -44.82
CA LYS A 480 36.60 76.06 -45.62
C LYS A 480 36.33 74.66 -45.07
N LEU A 481 35.90 73.75 -45.95
CA LEU A 481 35.56 72.39 -45.54
C LEU A 481 35.86 71.44 -46.70
N LYS A 482 35.77 70.14 -46.41
CA LYS A 482 36.06 69.11 -47.38
C LYS A 482 34.85 68.87 -48.29
N TYR A 483 35.07 68.09 -49.34
CA TYR A 483 34.00 67.72 -50.26
C TYR A 483 34.40 66.46 -51.04
N VAL A 484 33.44 65.96 -51.82
CA VAL A 484 33.60 64.75 -52.63
C VAL A 484 33.15 65.07 -54.05
N CYS A 485 33.86 64.54 -55.04
CA CYS A 485 33.48 64.72 -56.43
C CYS A 485 33.68 63.42 -57.21
N LYS A 486 33.03 63.33 -58.38
CA LYS A 486 32.88 62.07 -59.10
C LYS A 486 33.80 62.00 -60.32
N ARG A 487 33.84 60.80 -60.89
CA ARG A 487 34.44 60.52 -62.19
C ARG A 487 33.62 59.42 -62.86
N LYS A 488 33.41 59.58 -64.17
CA LYS A 488 32.69 58.60 -64.98
C LYS A 488 33.26 57.19 -64.83
N LYS A 508 11.21 44.39 -54.14
CA LYS A 508 12.16 45.48 -54.29
C LYS A 508 13.60 44.97 -54.20
N ARG A 509 14.56 45.85 -54.48
CA ARG A 509 15.97 45.50 -54.43
C ARG A 509 16.75 46.64 -53.80
N HIS A 510 17.99 46.32 -53.39
CA HIS A 510 18.88 47.31 -52.78
C HIS A 510 20.21 47.44 -53.51
N GLY A 511 20.74 46.36 -54.09
CA GLY A 511 22.02 46.41 -54.76
C GLY A 511 22.87 45.19 -54.46
N GLU A 512 22.67 44.60 -53.28
CA GLU A 512 23.40 43.39 -52.89
C GLU A 512 22.42 42.31 -52.47
N THR A 513 21.23 42.70 -52.04
CA THR A 513 20.20 41.77 -51.63
C THR A 513 18.83 42.38 -51.85
N CYS A 514 17.83 41.52 -52.01
CA CYS A 514 16.46 41.97 -52.25
C CYS A 514 15.66 41.96 -50.94
N TYR A 515 14.47 42.55 -51.00
CA TYR A 515 13.57 42.62 -49.84
C TYR A 515 12.15 42.42 -50.34
N LYS A 516 11.54 41.29 -49.98
CA LYS A 516 10.20 40.94 -50.43
C LYS A 516 9.21 41.03 -49.28
N ILE A 517 7.96 41.30 -49.62
CA ILE A 517 6.89 41.39 -48.64
C ILE A 517 5.69 40.60 -49.16
N TYR A 518 4.95 40.00 -48.24
CA TYR A 518 3.81 39.15 -48.57
C TYR A 518 2.50 39.94 -48.43
N GLU A 519 1.39 39.24 -48.61
CA GLU A 519 0.07 39.86 -48.54
C GLU A 519 -0.47 39.91 -47.12
N ASP A 520 -0.49 38.75 -46.45
CA ASP A 520 -0.96 38.66 -45.07
C ASP A 520 -0.13 37.62 -44.33
N GLU A 521 0.13 37.88 -43.05
CA GLU A 521 0.93 36.99 -42.20
C GLU A 521 0.27 36.93 -40.82
N VAL A 522 -0.58 35.93 -40.61
CA VAL A 522 -1.25 35.73 -39.33
C VAL A 522 -0.32 35.06 -38.33
N PRO A 523 0.40 33.95 -38.68
CA PRO A 523 1.31 33.36 -37.69
C PRO A 523 2.57 34.19 -37.47
N PHE A 524 3.48 33.70 -36.65
CA PHE A 524 4.70 34.40 -36.28
C PHE A 524 5.89 33.71 -36.93
N GLY A 525 6.39 34.29 -38.02
CA GLY A 525 7.62 33.84 -38.65
C GLY A 525 7.67 32.36 -39.01
N THR A 526 6.84 31.94 -39.97
CA THR A 526 6.83 30.56 -40.43
C THR A 526 7.65 30.36 -41.70
N ASN A 527 7.90 31.41 -42.48
CA ASN A 527 8.66 31.31 -43.72
C ASN A 527 9.98 32.05 -43.69
N CYS A 528 10.06 33.18 -42.97
CA CYS A 528 11.28 33.98 -42.92
C CYS A 528 11.48 34.52 -41.52
N ASN A 529 12.72 34.83 -41.20
CA ASN A 529 13.10 35.46 -39.93
C ASN A 529 14.05 36.61 -40.23
N LEU A 530 13.54 37.84 -40.20
CA LEU A 530 14.34 39.01 -40.54
C LEU A 530 15.33 39.31 -39.43
N THR A 531 16.59 39.53 -39.81
CA THR A 531 17.66 39.85 -38.86
C THR A 531 18.34 41.14 -39.29
N ILE A 532 18.56 42.03 -38.33
CA ILE A 532 19.17 43.33 -38.60
C ILE A 532 20.49 43.42 -37.84
N THR A 533 21.44 44.14 -38.42
CA THR A 533 22.76 44.31 -37.84
C THR A 533 23.10 45.77 -37.54
N SER A 534 22.90 46.67 -38.50
CA SER A 534 23.31 48.06 -38.37
C SER A 534 22.12 49.00 -38.44
N ARG A 535 22.41 50.29 -38.27
CA ARG A 535 21.38 51.32 -38.29
C ARG A 535 20.98 51.73 -39.71
N PHE A 536 21.94 51.71 -40.65
CA PHE A 536 21.60 52.07 -42.02
C PHE A 536 20.65 51.06 -42.65
N GLU A 537 20.76 49.78 -42.28
CA GLU A 537 19.80 48.80 -42.75
C GLU A 537 18.41 49.09 -42.19
N GLN A 538 18.35 49.57 -40.95
CA GLN A 538 17.07 49.99 -40.39
C GLN A 538 16.51 51.18 -41.16
N GLU A 539 17.35 52.15 -41.50
CA GLU A 539 16.89 53.28 -42.30
C GLU A 539 16.39 52.82 -43.66
N TYR A 540 17.09 51.86 -44.29
CA TYR A 540 16.70 51.38 -45.60
C TYR A 540 15.35 50.66 -45.55
N LEU A 541 15.19 49.75 -44.59
CA LEU A 541 13.89 49.09 -44.43
C LEU A 541 12.81 50.09 -44.06
N ASN A 542 13.16 51.16 -43.35
CA ASN A 542 12.17 52.17 -43.00
C ASN A 542 11.67 52.90 -44.23
N ASP A 543 12.58 53.34 -45.10
CA ASP A 543 12.13 54.05 -46.30
C ASP A 543 11.43 53.10 -47.26
N LEU A 544 11.85 51.83 -47.30
CA LEU A 544 11.13 50.83 -48.09
C LEU A 544 9.68 50.68 -47.60
N MET A 545 9.50 50.48 -46.28
CA MET A 545 8.15 50.29 -45.75
C MET A 545 7.32 51.56 -45.83
N LYS A 546 7.95 52.73 -45.81
CA LYS A 546 7.20 53.97 -45.99
C LYS A 546 6.79 54.15 -47.44
N LYS A 547 7.62 53.68 -48.38
CA LYS A 547 7.19 53.64 -49.77
C LYS A 547 6.11 52.60 -49.99
N TYR A 548 6.07 51.57 -49.15
CA TYR A 548 5.00 50.57 -49.24
C TYR A 548 3.77 51.01 -48.46
N ASP A 549 3.95 51.42 -47.21
CA ASP A 549 2.83 51.78 -46.34
C ASP A 549 2.34 53.19 -46.62
N LYS A 550 1.02 53.36 -46.57
CA LYS A 550 0.38 54.65 -46.72
C LYS A 550 -0.58 54.99 -45.59
N SER A 551 -0.85 54.06 -44.67
CA SER A 551 -1.80 54.27 -43.59
C SER A 551 -1.17 53.79 -42.27
N LEU A 552 -1.89 54.02 -41.18
CA LEU A 552 -1.45 53.61 -39.86
C LEU A 552 -2.06 52.24 -39.51
N ARG A 553 -1.93 51.84 -38.25
CA ARG A 553 -2.50 50.59 -37.73
C ARG A 553 -1.94 49.38 -38.45
N LYS A 554 -0.62 49.34 -38.61
CA LYS A 554 0.07 48.23 -39.24
C LYS A 554 1.33 47.92 -38.45
N TYR A 555 1.65 46.62 -38.38
CA TYR A 555 2.77 46.14 -37.59
C TYR A 555 3.69 45.29 -38.45
N PHE A 556 4.93 45.14 -38.00
CA PHE A 556 5.95 44.36 -38.68
C PHE A 556 6.61 43.43 -37.68
N TRP A 557 7.54 42.60 -38.16
CA TRP A 557 8.26 41.64 -37.35
C TRP A 557 9.75 41.85 -37.49
N THR A 558 10.47 41.76 -36.37
CA THR A 558 11.92 41.81 -36.36
C THR A 558 12.46 40.62 -35.57
N GLY A 559 13.74 40.31 -35.79
CA GLY A 559 14.37 39.20 -35.11
C GLY A 559 14.80 39.51 -33.69
N LEU A 560 13.84 39.63 -32.79
CA LEU A 560 14.13 39.94 -31.38
C LEU A 560 13.08 39.25 -30.52
N ARG A 561 13.45 38.14 -29.90
CA ARG A 561 12.56 37.41 -29.01
C ARG A 561 13.40 36.50 -28.13
N ASP A 562 12.74 35.82 -27.19
CA ASP A 562 13.41 34.90 -26.29
C ASP A 562 12.42 33.85 -25.84
N VAL A 563 12.85 32.57 -25.86
CA VAL A 563 11.98 31.47 -25.48
C VAL A 563 12.22 30.97 -24.06
N ASP A 564 13.29 31.43 -23.41
CA ASP A 564 13.60 30.99 -22.05
C ASP A 564 12.74 31.69 -21.00
N SER A 565 12.02 32.74 -21.36
CA SER A 565 11.16 33.48 -20.43
C SER A 565 11.95 33.99 -19.24
N CYS A 566 13.19 34.39 -19.48
CA CYS A 566 14.07 34.90 -18.43
C CYS A 566 14.16 36.41 -18.43
N GLY A 567 14.11 37.05 -19.59
CA GLY A 567 14.21 38.50 -19.71
C GLY A 567 15.31 38.97 -20.65
N GLU A 568 16.32 38.13 -20.90
CA GLU A 568 17.40 38.51 -21.81
C GLU A 568 16.87 38.61 -23.24
N TYR A 569 17.16 39.72 -23.89
CA TYR A 569 16.72 39.96 -25.26
C TYR A 569 17.92 40.01 -26.19
N ASN A 570 17.89 39.18 -27.22
CA ASN A 570 18.98 39.09 -28.18
C ASN A 570 18.40 38.92 -29.58
N TRP A 571 19.28 39.00 -30.58
CA TRP A 571 18.85 38.88 -31.97
C TRP A 571 18.32 37.48 -32.22
N ALA A 572 17.00 37.38 -32.42
CA ALA A 572 16.35 36.08 -32.58
C ALA A 572 16.69 35.47 -33.93
N THR A 573 16.52 34.15 -34.00
CA THR A 573 16.77 33.39 -35.22
C THR A 573 15.99 32.09 -35.13
N VAL A 574 16.30 31.14 -36.02
CA VAL A 574 15.64 29.84 -36.02
C VAL A 574 16.51 28.84 -35.26
N GLY A 575 17.47 29.35 -34.49
CA GLY A 575 18.33 28.50 -33.70
C GLY A 575 19.80 28.64 -34.07
N GLY A 576 20.61 29.06 -33.10
CA GLY A 576 22.03 29.22 -33.33
C GLY A 576 22.48 30.66 -33.44
N ARG A 577 21.84 31.54 -32.67
CA ARG A 577 22.16 32.97 -32.66
C ARG A 577 22.78 33.31 -31.31
N ARG A 578 24.04 33.76 -31.34
CA ARG A 578 24.74 34.12 -30.10
C ARG A 578 25.51 35.43 -30.24
N ARG A 579 25.22 36.23 -31.25
CA ARG A 579 25.89 37.51 -31.41
C ARG A 579 25.39 38.51 -30.37
N ALA A 580 26.24 39.49 -30.06
CA ALA A 580 25.92 40.51 -29.08
C ALA A 580 25.19 41.67 -29.75
N VAL A 581 24.23 42.23 -29.03
CA VAL A 581 23.46 43.36 -29.56
C VAL A 581 24.34 44.60 -29.57
N THR A 582 24.36 45.31 -30.69
CA THR A 582 25.18 46.51 -30.84
C THR A 582 24.38 47.79 -30.79
N PHE A 583 23.20 47.82 -31.40
CA PHE A 583 22.40 49.05 -31.51
C PHE A 583 20.94 48.71 -31.23
N SER A 584 20.21 49.69 -30.70
CA SER A 584 18.82 49.44 -30.30
C SER A 584 18.04 50.75 -30.32
N ASN A 585 16.85 50.72 -30.92
CA ASN A 585 15.93 51.85 -30.95
C ASN A 585 14.61 51.46 -30.31
N TRP A 586 14.48 51.72 -29.01
CA TRP A 586 13.22 51.56 -28.30
C TRP A 586 12.57 52.92 -28.13
N ASN A 587 11.30 52.90 -27.73
CA ASN A 587 10.55 54.13 -27.49
C ASN A 587 10.82 54.61 -26.07
N PHE A 588 10.00 55.55 -25.59
CA PHE A 588 10.12 56.04 -24.23
C PHE A 588 9.96 54.90 -23.24
N LEU A 589 8.78 54.28 -23.22
CA LEU A 589 8.54 53.06 -22.42
C LEU A 589 7.82 52.01 -23.29
N GLU A 590 8.60 51.31 -24.11
CA GLU A 590 8.07 50.15 -24.83
C GLU A 590 8.04 48.89 -23.97
N PRO A 591 9.18 48.45 -23.38
CA PRO A 591 9.19 47.12 -22.77
C PRO A 591 8.45 47.06 -21.44
N ALA A 592 7.33 46.34 -21.42
CA ALA A 592 6.58 46.10 -20.20
C ALA A 592 6.28 44.63 -19.96
N SER A 593 6.78 43.74 -20.80
CA SER A 593 6.56 42.30 -20.67
C SER A 593 7.89 41.58 -20.65
N PRO A 594 8.10 40.66 -19.69
CA PRO A 594 9.35 39.90 -19.60
C PRO A 594 9.43 38.73 -20.60
N GLY A 595 9.21 39.03 -21.86
CA GLY A 595 9.24 38.02 -22.90
C GLY A 595 8.45 38.49 -24.10
N GLY A 596 8.08 37.52 -24.94
CA GLY A 596 7.34 37.81 -26.15
C GLY A 596 8.23 38.15 -27.32
N CYS A 597 7.59 38.51 -28.42
CA CYS A 597 8.27 38.88 -29.65
C CYS A 597 7.85 40.29 -30.06
N VAL A 598 8.82 41.18 -30.20
CA VAL A 598 8.56 42.59 -30.44
C VAL A 598 8.01 42.80 -31.83
N ALA A 599 7.44 43.98 -32.07
CA ALA A 599 6.87 44.32 -33.38
C ALA A 599 7.46 45.63 -33.88
N MET A 600 6.90 46.16 -34.97
CA MET A 600 7.40 47.40 -35.57
C MET A 600 6.23 48.10 -36.24
N SER A 601 5.89 49.28 -35.74
CA SER A 601 4.80 50.09 -36.28
C SER A 601 5.36 51.29 -37.03
N THR A 602 4.49 51.95 -37.80
CA THR A 602 4.91 53.08 -38.61
C THR A 602 3.88 54.20 -38.66
N GLY A 603 2.95 54.24 -37.70
CA GLY A 603 1.97 55.31 -37.66
C GLY A 603 2.58 56.65 -37.27
N LYS A 604 3.02 56.76 -36.02
CA LYS A 604 3.70 57.95 -35.52
C LYS A 604 5.12 57.65 -35.08
N SER A 605 5.31 56.66 -34.22
CA SER A 605 6.64 56.26 -33.78
C SER A 605 7.27 55.34 -34.83
N VAL A 606 7.68 55.98 -35.93
CA VAL A 606 8.14 55.23 -37.10
C VAL A 606 9.59 54.82 -36.91
N GLY A 607 9.89 53.57 -37.24
CA GLY A 607 11.26 53.08 -37.19
C GLY A 607 11.72 52.54 -35.86
N LYS A 608 10.83 52.43 -34.87
CA LYS A 608 11.20 51.95 -33.55
C LYS A 608 10.50 50.63 -33.24
N TRP A 609 11.04 49.91 -32.26
CA TRP A 609 10.61 48.54 -31.95
C TRP A 609 9.46 48.60 -30.96
N GLU A 610 8.29 48.17 -31.43
CA GLU A 610 7.13 48.05 -30.56
C GLU A 610 7.11 46.69 -29.87
N VAL A 611 6.64 46.66 -28.63
CA VAL A 611 6.62 45.44 -27.82
C VAL A 611 5.19 45.00 -27.60
N LYS A 612 4.93 43.72 -27.85
CA LYS A 612 3.61 43.13 -27.67
C LYS A 612 3.77 41.62 -27.72
N ASP A 613 2.82 40.90 -27.13
CA ASP A 613 2.90 39.45 -27.05
C ASP A 613 2.81 38.82 -28.43
N CYS A 614 3.51 37.70 -28.61
CA CYS A 614 3.56 37.01 -29.89
C CYS A 614 2.94 35.61 -29.82
N ARG A 615 1.96 35.41 -28.93
CA ARG A 615 1.25 34.14 -28.90
C ARG A 615 0.41 33.96 -30.16
N SER A 616 -0.47 34.93 -30.44
CA SER A 616 -1.26 34.94 -31.67
C SER A 616 -1.51 36.41 -32.02
N PHE A 617 -0.68 36.95 -32.91
CA PHE A 617 -0.72 38.37 -33.27
C PHE A 617 -0.51 38.49 -34.77
N LYS A 618 -1.57 38.85 -35.48
CA LYS A 618 -1.50 39.02 -36.93
C LYS A 618 -0.65 40.24 -37.27
N ALA A 619 0.49 40.01 -37.91
CA ALA A 619 1.39 41.08 -38.30
C ALA A 619 2.26 40.59 -39.45
N LEU A 620 2.44 41.45 -40.45
CA LEU A 620 3.23 41.11 -41.62
C LEU A 620 4.73 41.22 -41.29
N SER A 621 5.55 40.79 -42.26
CA SER A 621 6.99 40.80 -42.08
C SER A 621 7.67 40.84 -43.44
N ILE A 622 8.76 41.59 -43.53
CA ILE A 622 9.55 41.70 -44.75
C ILE A 622 10.74 40.75 -44.64
N CYS A 623 11.04 40.03 -45.74
CA CYS A 623 12.10 39.04 -45.76
C CYS A 623 13.19 39.50 -46.70
N LYS A 624 14.44 39.47 -46.22
CA LYS A 624 15.59 39.83 -47.04
C LYS A 624 15.84 38.73 -48.06
N LYS A 625 15.81 39.08 -49.34
CA LYS A 625 16.02 38.11 -50.41
C LYS A 625 17.26 38.45 -51.22
N CYS A 643 48.58 -1.30 -38.86
CA CYS A 643 47.88 -1.89 -40.00
C CYS A 643 47.83 -3.41 -39.91
N PRO A 644 46.82 -3.93 -39.21
CA PRO A 644 46.69 -5.39 -39.09
C PRO A 644 46.40 -6.06 -40.43
N GLU A 645 45.38 -5.57 -41.13
CA GLU A 645 45.02 -6.11 -42.44
C GLU A 645 44.15 -5.09 -43.16
N GLY A 646 44.59 -4.63 -44.32
CA GLY A 646 43.82 -3.68 -45.11
C GLY A 646 43.66 -2.34 -44.44
N TRP A 647 44.76 -1.68 -44.11
CA TRP A 647 44.73 -0.38 -43.46
C TRP A 647 45.78 0.53 -44.09
N GLN A 648 45.41 1.80 -44.26
CA GLN A 648 46.29 2.80 -44.83
C GLN A 648 46.13 4.09 -44.03
N SER A 649 47.26 4.69 -43.65
CA SER A 649 47.23 5.89 -42.82
C SER A 649 48.59 6.56 -42.86
N PHE A 650 48.66 7.74 -42.23
CA PHE A 650 49.89 8.50 -42.10
C PHE A 650 49.87 9.23 -40.76
N PRO A 651 50.97 9.23 -40.03
CA PRO A 651 51.02 9.90 -38.73
C PRO A 651 51.44 11.37 -38.77
N ALA A 652 51.51 11.99 -39.96
CA ALA A 652 51.90 13.39 -40.06
C ALA A 652 50.84 14.32 -39.49
N SER A 653 49.63 13.83 -39.22
CA SER A 653 48.58 14.61 -38.59
C SER A 653 48.17 14.04 -37.25
N LEU A 654 48.92 13.05 -36.74
CA LEU A 654 48.65 12.43 -35.44
C LEU A 654 47.25 11.83 -35.38
N SER A 655 46.82 11.22 -36.49
CA SER A 655 45.49 10.62 -36.57
C SER A 655 45.45 9.61 -37.70
N CYS A 656 44.76 8.51 -37.46
CA CYS A 656 44.59 7.46 -38.47
C CYS A 656 43.34 7.76 -39.28
N TYR A 657 43.53 8.02 -40.57
CA TYR A 657 42.46 8.43 -41.46
C TYR A 657 41.82 7.22 -42.14
N LYS A 658 40.65 7.44 -42.74
CA LYS A 658 40.02 6.45 -43.60
C LYS A 658 39.09 7.20 -44.55
N VAL A 659 39.56 7.38 -45.79
CA VAL A 659 38.84 8.11 -46.82
C VAL A 659 38.62 7.16 -48.01
N PHE A 660 37.68 7.53 -48.87
CA PHE A 660 37.35 6.73 -50.05
C PHE A 660 37.32 7.62 -51.27
N HIS A 661 37.45 6.98 -52.43
CA HIS A 661 37.45 7.69 -53.71
C HIS A 661 36.01 8.00 -54.12
N ALA A 662 35.82 8.44 -55.35
CA ALA A 662 34.50 8.78 -55.87
C ALA A 662 34.02 7.85 -56.97
N GLU A 663 34.81 6.84 -57.33
CA GLU A 663 34.45 5.91 -58.39
C GLU A 663 34.34 4.47 -57.93
N ARG A 664 35.28 4.01 -57.09
CA ARG A 664 35.25 2.63 -56.61
C ARG A 664 34.16 2.39 -55.57
N ILE A 665 33.54 3.45 -55.04
CA ILE A 665 32.54 3.28 -54.00
C ILE A 665 31.19 2.95 -54.63
N VAL A 666 30.26 2.50 -53.79
CA VAL A 666 28.91 2.22 -54.25
C VAL A 666 28.13 3.53 -54.42
N ARG A 667 28.02 4.31 -53.35
CA ARG A 667 27.36 5.60 -53.37
C ARG A 667 28.29 6.65 -52.79
N LYS A 668 28.13 7.89 -53.27
CA LYS A 668 29.00 8.98 -52.84
C LYS A 668 28.95 9.14 -51.32
N ARG A 669 30.11 9.02 -50.68
CA ARG A 669 30.21 9.06 -49.23
C ARG A 669 30.98 10.29 -48.78
N ASN A 670 30.49 10.91 -47.72
CA ASN A 670 31.06 12.13 -47.17
C ASN A 670 31.29 11.92 -45.68
N TRP A 671 31.62 12.99 -44.96
CA TRP A 671 31.87 12.93 -43.53
C TRP A 671 30.62 13.09 -42.70
N GLU A 672 29.45 13.31 -43.31
CA GLU A 672 28.24 13.65 -42.58
C GLU A 672 27.77 12.54 -41.65
N GLU A 673 27.37 11.40 -42.21
CA GLU A 673 26.80 10.32 -41.43
C GLU A 673 27.86 9.34 -40.90
N ALA A 674 29.14 9.72 -40.96
CA ALA A 674 30.19 8.85 -40.44
C ALA A 674 30.02 8.58 -38.96
N GLU A 675 29.38 9.48 -38.23
CA GLU A 675 29.10 9.25 -36.82
C GLU A 675 28.22 8.04 -36.59
N ARG A 676 27.48 7.60 -37.62
CA ARG A 676 26.68 6.38 -37.49
C ARG A 676 27.54 5.13 -37.58
N PHE A 677 28.73 5.23 -38.17
CA PHE A 677 29.57 4.06 -38.42
C PHE A 677 30.91 4.09 -37.71
N CYS A 678 31.60 5.23 -37.69
CA CYS A 678 32.94 5.32 -37.11
C CYS A 678 32.94 5.63 -35.63
N GLN A 679 31.88 6.27 -35.10
CA GLN A 679 31.80 6.58 -33.69
C GLN A 679 31.87 5.33 -32.80
N ALA A 680 31.61 4.15 -33.35
CA ALA A 680 31.74 2.92 -32.58
C ALA A 680 33.18 2.63 -32.18
N LEU A 681 34.16 3.33 -32.77
CA LEU A 681 35.56 3.17 -32.41
C LEU A 681 36.15 4.42 -31.80
N GLY A 682 35.34 5.40 -31.42
CA GLY A 682 35.85 6.63 -30.85
C GLY A 682 36.42 7.56 -31.90
N ALA A 683 35.73 7.67 -33.02
CA ALA A 683 36.19 8.46 -34.15
C ALA A 683 35.31 9.68 -34.35
N HIS A 684 35.87 10.70 -34.99
CA HIS A 684 35.21 12.00 -35.12
C HIS A 684 35.64 12.62 -36.45
N LEU A 685 35.44 13.93 -36.58
CA LEU A 685 35.77 14.64 -37.81
C LEU A 685 37.29 14.68 -38.02
N SER A 686 37.70 15.35 -39.09
CA SER A 686 39.12 15.48 -39.44
C SER A 686 39.82 16.28 -38.36
N SER A 687 40.66 15.60 -37.57
CA SER A 687 41.32 16.22 -36.41
C SER A 687 42.75 16.60 -36.80
N PHE A 688 42.88 17.84 -37.27
CA PHE A 688 44.19 18.40 -37.58
C PHE A 688 44.52 19.53 -36.62
N SER A 689 45.78 19.60 -36.20
CA SER A 689 46.19 20.55 -35.16
C SER A 689 46.57 21.91 -35.74
N HIS A 690 47.58 21.94 -36.59
CA HIS A 690 48.10 23.18 -37.16
C HIS A 690 47.80 23.25 -38.65
N VAL A 691 48.28 24.32 -39.28
CA VAL A 691 48.11 24.46 -40.73
C VAL A 691 48.93 23.43 -41.49
N ASP A 692 50.00 22.90 -40.89
CA ASP A 692 50.78 21.87 -41.57
C ASP A 692 49.97 20.61 -41.75
N GLU A 693 49.17 20.23 -40.75
CA GLU A 693 48.36 19.02 -40.85
C GLU A 693 47.26 19.17 -41.90
N ILE A 694 46.58 20.32 -41.91
CA ILE A 694 45.52 20.51 -42.91
C ILE A 694 46.13 20.67 -44.29
N LYS A 695 47.34 21.21 -44.40
CA LYS A 695 48.01 21.28 -45.68
C LYS A 695 48.38 19.89 -46.20
N GLU A 696 48.86 19.02 -45.32
CA GLU A 696 49.14 17.65 -45.71
C GLU A 696 47.85 16.92 -46.09
N PHE A 697 46.75 17.19 -45.37
CA PHE A 697 45.47 16.58 -45.72
C PHE A 697 45.01 17.05 -47.09
N LEU A 698 45.16 18.34 -47.40
CA LEU A 698 44.77 18.83 -48.71
C LEU A 698 45.66 18.25 -49.81
N HIS A 699 46.96 18.09 -49.52
CA HIS A 699 47.86 17.45 -50.47
C HIS A 699 47.44 16.02 -50.74
N PHE A 700 47.07 15.28 -49.69
CA PHE A 700 46.62 13.90 -49.86
C PHE A 700 45.30 13.82 -50.61
N LEU A 701 44.40 14.78 -50.39
CA LEU A 701 43.11 14.80 -51.06
C LEU A 701 43.17 15.34 -52.49
N THR A 702 44.24 16.05 -52.85
CA THR A 702 44.40 16.57 -54.20
C THR A 702 45.37 15.77 -55.06
N ASP A 703 46.21 14.93 -54.45
CA ASP A 703 47.16 14.14 -55.21
C ASP A 703 46.57 12.80 -55.64
N GLN A 704 45.91 12.11 -54.72
CA GLN A 704 45.29 10.81 -55.01
C GLN A 704 43.92 10.94 -55.66
N PHE A 705 43.41 12.16 -55.83
CA PHE A 705 42.09 12.39 -56.39
C PHE A 705 42.19 13.44 -57.51
N SER A 706 41.37 13.26 -58.54
CA SER A 706 41.37 14.15 -59.70
C SER A 706 40.16 15.07 -59.73
N GLY A 707 38.97 14.53 -59.46
CA GLY A 707 37.77 15.33 -59.54
C GLY A 707 37.68 16.35 -58.42
N GLN A 708 36.81 17.34 -58.63
CA GLN A 708 36.58 18.43 -57.69
C GLN A 708 35.15 18.35 -57.17
N HIS A 709 35.01 18.17 -55.86
CA HIS A 709 33.70 18.07 -55.24
C HIS A 709 33.85 18.25 -53.73
N TRP A 710 32.81 18.82 -53.12
CA TRP A 710 32.82 19.13 -51.68
C TRP A 710 32.34 17.91 -50.90
N LEU A 711 33.29 17.04 -50.56
CA LEU A 711 32.94 15.92 -49.69
C LEU A 711 32.49 16.43 -48.33
N TRP A 712 33.44 16.98 -47.56
CA TRP A 712 33.23 17.69 -46.31
C TRP A 712 34.61 18.09 -45.78
N ILE A 713 34.62 19.05 -44.86
CA ILE A 713 35.83 19.42 -44.13
C ILE A 713 35.48 19.45 -42.65
N GLY A 714 36.43 19.03 -41.82
CA GLY A 714 36.19 18.96 -40.39
C GLY A 714 36.17 20.32 -39.71
N LEU A 715 35.31 21.21 -40.19
CA LEU A 715 35.09 22.51 -39.59
C LEU A 715 33.62 22.63 -39.20
N ASN A 716 33.37 22.87 -37.92
CA ASN A 716 32.00 22.86 -37.41
C ASN A 716 31.80 24.01 -36.44
N LYS A 717 30.68 24.72 -36.61
CA LYS A 717 30.25 25.78 -35.70
C LYS A 717 28.76 25.63 -35.41
N ARG A 718 28.32 24.39 -35.19
CA ARG A 718 26.90 24.11 -35.06
C ARG A 718 26.35 24.59 -33.72
N SER A 719 27.03 24.25 -32.64
CA SER A 719 26.51 24.56 -31.31
C SER A 719 26.45 26.07 -31.11
N PRO A 720 25.35 26.59 -30.56
CA PRO A 720 25.27 28.05 -30.33
C PRO A 720 26.18 28.54 -29.22
N ASP A 721 26.75 27.64 -28.42
CA ASP A 721 27.63 28.02 -27.33
C ASP A 721 29.05 28.36 -27.80
N LEU A 722 29.25 28.56 -29.11
CA LEU A 722 30.58 28.90 -29.61
C LEU A 722 30.99 30.30 -29.19
N GLN A 723 30.03 31.22 -29.09
CA GLN A 723 30.27 32.60 -28.67
C GLN A 723 31.34 33.26 -29.54
N GLY A 724 31.25 33.06 -30.86
CA GLY A 724 32.19 33.64 -31.79
C GLY A 724 33.46 32.86 -31.99
N SER A 725 33.84 32.01 -31.04
CA SER A 725 35.07 31.22 -31.16
C SER A 725 34.79 30.00 -32.04
N TRP A 726 35.75 29.07 -32.09
CA TRP A 726 35.63 27.87 -32.90
C TRP A 726 35.77 26.65 -32.02
N GLN A 727 35.03 25.59 -32.35
CA GLN A 727 35.01 24.37 -31.58
C GLN A 727 35.48 23.19 -32.44
N TRP A 728 35.87 22.12 -31.77
CA TRP A 728 36.35 20.91 -32.41
C TRP A 728 35.72 19.72 -31.67
N SER A 729 36.30 18.54 -31.83
CA SER A 729 35.71 17.35 -31.20
C SER A 729 36.67 16.50 -30.38
N ASP A 730 37.96 16.42 -30.73
CA ASP A 730 38.84 15.47 -30.04
C ASP A 730 40.28 16.00 -30.07
N ARG A 731 40.70 16.56 -28.92
CA ARG A 731 42.12 16.85 -28.66
C ARG A 731 42.77 17.65 -29.78
N THR A 732 42.09 18.71 -30.22
CA THR A 732 42.57 19.57 -31.29
C THR A 732 42.27 21.02 -30.97
N PRO A 733 43.16 21.70 -30.26
CA PRO A 733 42.94 23.13 -29.98
C PRO A 733 43.21 23.96 -31.23
N VAL A 734 42.27 24.87 -31.54
CA VAL A 734 42.42 25.73 -32.70
C VAL A 734 43.47 26.79 -32.41
N SER A 735 44.40 26.98 -33.35
CA SER A 735 45.45 27.97 -33.21
C SER A 735 45.68 28.82 -34.45
N THR A 736 45.15 28.44 -35.60
CA THR A 736 45.35 29.17 -36.84
C THR A 736 44.01 29.58 -37.44
N ILE A 737 44.06 30.49 -38.41
CA ILE A 737 42.88 30.99 -39.08
C ILE A 737 42.58 30.08 -40.28
N ILE A 738 41.42 29.42 -40.25
CA ILE A 738 41.01 28.54 -41.34
C ILE A 738 39.57 28.85 -41.71
N MET A 739 38.89 29.65 -40.90
CA MET A 739 37.47 29.94 -41.10
C MET A 739 37.24 31.43 -41.27
N PRO A 740 36.88 31.90 -42.48
CA PRO A 740 36.53 33.32 -42.65
C PRO A 740 35.09 33.61 -42.27
N ASN A 741 34.64 34.84 -42.50
CA ASN A 741 33.28 35.24 -42.17
C ASN A 741 32.60 35.76 -43.43
N GLU A 742 31.30 35.47 -43.56
CA GLU A 742 30.51 35.90 -44.71
C GLU A 742 29.10 36.25 -44.24
N PHE A 743 28.57 37.36 -44.75
CA PHE A 743 27.22 37.78 -44.38
C PHE A 743 26.19 36.97 -45.17
N GLN A 744 25.28 36.32 -44.45
CA GLN A 744 24.23 35.51 -45.07
C GLN A 744 22.93 35.72 -44.29
N GLN A 745 21.81 35.69 -45.03
CA GLN A 745 20.51 35.84 -44.39
C GLN A 745 20.29 34.77 -43.33
N ASP A 746 20.70 33.53 -43.60
CA ASP A 746 20.59 32.43 -42.67
C ASP A 746 21.96 31.91 -42.26
N TYR A 747 22.90 32.83 -41.99
CA TYR A 747 24.24 32.43 -41.58
C TYR A 747 24.23 31.68 -40.25
N ASP A 748 23.26 31.96 -39.39
CA ASP A 748 23.13 31.30 -38.11
C ASP A 748 22.43 29.95 -38.19
N ILE A 749 22.09 29.50 -39.40
CA ILE A 749 21.43 28.21 -39.60
C ILE A 749 22.39 27.20 -40.23
N ARG A 750 22.88 27.49 -41.43
CA ARG A 750 23.90 26.66 -42.07
C ARG A 750 25.21 26.85 -41.33
N ASP A 751 25.60 25.87 -40.52
CA ASP A 751 26.76 26.02 -39.64
C ASP A 751 27.75 24.87 -39.80
N CYS A 752 27.97 24.41 -41.04
CA CYS A 752 28.99 23.40 -41.33
C CYS A 752 29.85 23.95 -42.46
N ALA A 753 31.10 24.29 -42.14
CA ALA A 753 32.00 24.90 -43.11
C ALA A 753 32.74 23.85 -43.91
N ALA A 754 33.09 24.20 -45.14
CA ALA A 754 33.81 23.29 -46.02
C ALA A 754 34.53 24.10 -47.08
N VAL A 755 35.64 23.54 -47.58
CA VAL A 755 36.42 24.17 -48.63
C VAL A 755 36.38 23.28 -49.88
N LYS A 756 36.94 23.79 -50.97
CA LYS A 756 36.93 23.09 -52.24
C LYS A 756 38.34 22.59 -52.59
N VAL A 757 38.41 21.34 -53.00
CA VAL A 757 39.64 20.79 -53.57
C VAL A 757 39.55 20.87 -55.08
N PHE A 758 40.66 21.21 -55.73
CA PHE A 758 40.69 21.43 -57.16
C PHE A 758 41.48 20.32 -57.85
N HIS A 759 41.40 20.32 -59.18
CA HIS A 759 42.13 19.35 -60.00
C HIS A 759 43.55 19.79 -60.30
N ARG A 760 44.06 20.82 -59.62
CA ARG A 760 45.41 21.31 -59.82
C ARG A 760 46.33 20.80 -58.72
N PRO A 761 47.58 20.51 -59.04
CA PRO A 761 48.51 20.02 -58.01
C PRO A 761 49.05 21.10 -57.09
N TRP A 762 48.68 22.36 -57.29
CA TRP A 762 49.15 23.48 -56.48
C TRP A 762 47.95 24.18 -55.88
N ARG A 763 47.67 23.91 -54.61
CA ARG A 763 46.56 24.53 -53.87
C ARG A 763 47.15 25.10 -52.58
N ARG A 764 47.59 26.35 -52.64
CA ARG A 764 48.23 27.00 -51.50
C ARG A 764 47.19 27.80 -50.70
N GLY A 765 46.26 27.04 -50.12
CA GLY A 765 45.24 27.61 -49.26
C GLY A 765 44.09 28.30 -49.98
N TRP A 766 44.28 28.71 -51.23
CA TRP A 766 43.25 29.43 -51.98
C TRP A 766 42.18 28.44 -52.40
N HIS A 767 41.23 28.20 -51.50
CA HIS A 767 40.12 27.28 -51.75
C HIS A 767 38.80 28.03 -51.61
N PHE A 768 37.77 27.49 -52.24
CA PHE A 768 36.43 28.08 -52.18
C PHE A 768 35.74 27.67 -50.89
N TYR A 769 35.48 28.64 -50.03
CA TYR A 769 34.82 28.39 -48.75
C TYR A 769 33.31 28.42 -48.91
N ASP A 770 32.62 27.57 -48.15
CA ASP A 770 31.17 27.49 -48.21
C ASP A 770 30.65 26.95 -46.88
N ASP A 771 29.36 27.18 -46.64
CA ASP A 771 28.69 26.75 -45.42
C ASP A 771 27.39 26.06 -45.77
N ARG A 772 27.12 24.93 -45.12
CA ARG A 772 25.92 24.14 -45.39
C ARG A 772 25.33 23.70 -44.04
N GLU A 773 24.29 22.87 -44.11
CA GLU A 773 23.55 22.43 -42.95
C GLU A 773 24.15 21.12 -42.40
N PHE A 774 23.42 20.47 -41.50
CA PHE A 774 23.91 19.27 -40.82
C PHE A 774 22.92 18.10 -40.93
N ILE A 775 21.96 18.15 -41.84
CA ILE A 775 20.91 17.13 -41.92
C ILE A 775 21.10 16.27 -43.18
N TYR A 776 22.34 16.09 -43.64
CA TYR A 776 22.61 15.26 -44.80
C TYR A 776 22.77 13.80 -44.37
N LEU A 777 22.90 12.91 -45.36
CA LEU A 777 23.05 11.48 -45.10
C LEU A 777 24.00 10.91 -46.17
N ARG A 778 25.26 10.73 -45.79
CA ARG A 778 26.28 10.21 -46.71
C ARG A 778 27.08 9.12 -46.00
N PRO A 779 27.43 8.04 -46.70
CA PRO A 779 28.12 6.92 -46.05
C PRO A 779 29.46 7.32 -45.45
N PHE A 780 30.05 6.36 -44.73
CA PHE A 780 31.14 6.65 -43.80
C PHE A 780 32.44 6.99 -44.51
N ALA A 781 33.13 8.03 -44.00
CA ALA A 781 34.52 8.32 -44.36
C ALA A 781 35.08 9.14 -43.19
N CYS A 782 35.85 8.49 -42.33
CA CYS A 782 36.08 9.01 -40.98
C CYS A 782 37.51 8.73 -40.55
N ASP A 783 37.90 9.29 -39.40
CA ASP A 783 39.25 9.10 -38.88
C ASP A 783 39.20 9.02 -37.35
N THR A 784 40.18 8.31 -36.80
CA THR A 784 40.27 8.07 -35.36
C THR A 784 41.65 8.47 -34.86
N LYS A 785 41.70 9.09 -33.68
CA LYS A 785 42.98 9.44 -33.07
C LYS A 785 43.74 8.18 -32.69
N LEU A 786 45.02 8.12 -33.06
CA LEU A 786 45.86 6.96 -32.81
C LEU A 786 46.48 6.96 -31.41
N GLU A 787 46.14 7.92 -30.56
CA GLU A 787 46.71 7.99 -29.22
C GLU A 787 46.15 6.88 -28.33
N LEU A 816 75.31 -0.92 -41.33
CA LEU A 816 74.08 -0.17 -41.17
C LEU A 816 73.68 0.52 -42.47
N ILE A 817 72.43 0.33 -42.87
CA ILE A 817 71.93 0.96 -44.08
C ILE A 817 71.71 2.46 -43.83
N ILE A 818 71.95 3.27 -44.85
CA ILE A 818 71.85 4.71 -44.70
C ILE A 818 70.39 5.13 -44.71
N GLU A 819 70.08 6.20 -43.95
CA GLU A 819 68.73 6.75 -43.84
C GLU A 819 67.73 5.68 -43.37
N GLY A 820 67.99 5.17 -42.18
CA GLY A 820 67.13 4.15 -41.60
C GLY A 820 67.92 3.23 -40.70
N SER A 821 67.18 2.41 -39.96
CA SER A 821 67.76 1.45 -39.04
C SER A 821 68.09 0.16 -39.80
N GLU A 822 68.57 -0.85 -39.09
CA GLU A 822 68.93 -2.11 -39.70
C GLU A 822 67.68 -2.88 -40.15
N TYR A 823 67.83 -3.66 -41.21
CA TYR A 823 66.75 -4.42 -41.80
C TYR A 823 67.13 -5.90 -41.83
N TRP A 824 66.30 -6.73 -41.22
CA TRP A 824 66.55 -8.17 -41.15
C TRP A 824 65.86 -8.85 -42.33
N PHE A 825 66.67 -9.37 -43.25
CA PHE A 825 66.16 -10.14 -44.39
C PHE A 825 66.04 -11.60 -43.96
N VAL A 826 64.91 -12.23 -44.23
CA VAL A 826 64.74 -13.65 -43.95
C VAL A 826 64.97 -14.43 -45.24
N ALA A 827 65.77 -15.48 -45.16
CA ALA A 827 66.08 -16.34 -46.29
C ALA A 827 65.89 -17.79 -45.90
N ASP A 828 65.68 -18.63 -46.92
CA ASP A 828 65.43 -20.07 -46.75
C ASP A 828 64.24 -20.35 -45.84
N LEU A 829 63.35 -19.37 -45.67
CA LEU A 829 62.16 -19.52 -44.84
C LEU A 829 61.04 -18.74 -45.53
N HIS A 830 60.22 -19.45 -46.30
CA HIS A 830 59.16 -18.83 -47.09
C HIS A 830 57.86 -18.89 -46.30
N LEU A 831 57.37 -17.72 -45.89
CA LEU A 831 56.13 -17.60 -45.15
C LEU A 831 55.23 -16.55 -45.81
N ASN A 832 53.95 -16.58 -45.45
CA ASN A 832 52.99 -15.64 -46.00
C ASN A 832 53.03 -14.35 -45.20
N TYR A 833 52.05 -13.46 -45.45
CA TYR A 833 52.03 -12.16 -44.77
C TYR A 833 51.68 -12.31 -43.29
N GLU A 834 50.67 -13.12 -42.99
CA GLU A 834 50.24 -13.29 -41.60
C GLU A 834 51.33 -13.96 -40.77
N GLU A 835 51.91 -15.04 -41.30
CA GLU A 835 53.00 -15.71 -40.57
C GLU A 835 54.19 -14.78 -40.37
N ALA A 836 54.50 -13.96 -41.37
CA ALA A 836 55.60 -13.02 -41.24
C ALA A 836 55.32 -12.00 -40.13
N VAL A 837 54.14 -11.37 -40.18
CA VAL A 837 53.84 -10.32 -39.21
C VAL A 837 53.66 -10.91 -37.81
N LEU A 838 53.39 -12.22 -37.72
CA LEU A 838 53.26 -12.85 -36.41
C LEU A 838 54.58 -13.36 -35.86
N TYR A 839 55.53 -13.74 -36.72
CA TYR A 839 56.79 -14.33 -36.27
C TYR A 839 57.90 -13.28 -36.16
N CYS A 840 58.11 -12.49 -37.21
CA CYS A 840 59.23 -11.57 -37.21
C CYS A 840 59.01 -10.40 -36.25
N ALA A 841 57.76 -9.98 -36.05
CA ALA A 841 57.48 -8.88 -35.14
C ALA A 841 57.73 -9.30 -33.69
N SER A 842 58.22 -8.36 -32.90
CA SER A 842 58.54 -8.62 -31.49
C SER A 842 58.30 -7.33 -30.71
N ASN A 843 58.84 -7.28 -29.49
CA ASN A 843 58.70 -6.08 -28.67
C ASN A 843 59.37 -4.88 -29.31
N HIS A 844 60.51 -5.10 -29.98
CA HIS A 844 61.21 -4.04 -30.69
C HIS A 844 61.17 -4.18 -32.20
N SER A 845 60.82 -5.36 -32.72
CA SER A 845 60.79 -5.60 -34.16
C SER A 845 59.36 -5.53 -34.68
N PHE A 846 59.24 -5.09 -35.93
CA PHE A 846 57.95 -5.04 -36.62
C PHE A 846 58.22 -5.09 -38.12
N LEU A 847 57.14 -5.22 -38.89
CA LEU A 847 57.26 -5.27 -40.33
C LEU A 847 57.91 -4.00 -40.87
N ALA A 848 58.98 -4.17 -41.64
CA ALA A 848 59.78 -3.04 -42.11
C ALA A 848 58.97 -2.20 -43.09
N THR A 849 58.61 -0.98 -42.67
CA THR A 849 57.91 -0.04 -43.53
C THR A 849 58.90 1.04 -43.99
N ILE A 850 59.00 1.22 -45.30
CA ILE A 850 59.96 2.14 -45.88
C ILE A 850 59.30 3.51 -46.03
N THR A 851 60.07 4.58 -45.80
CA THR A 851 59.56 5.94 -45.87
C THR A 851 60.36 6.87 -46.77
N SER A 852 61.54 6.44 -47.25
CA SER A 852 62.40 7.29 -48.06
C SER A 852 62.71 6.62 -49.39
N PHE A 853 63.03 7.45 -50.39
CA PHE A 853 63.34 6.94 -51.72
C PHE A 853 64.72 6.30 -51.77
N VAL A 854 65.71 6.92 -51.13
CA VAL A 854 67.04 6.32 -51.06
C VAL A 854 66.97 5.00 -50.30
N GLY A 855 66.08 4.91 -49.32
CA GLY A 855 65.83 3.63 -48.67
C GLY A 855 65.31 2.59 -49.62
N LEU A 856 64.37 2.98 -50.50
CA LEU A 856 63.90 2.06 -51.54
C LEU A 856 65.04 1.59 -52.42
N LYS A 857 65.92 2.52 -52.83
CA LYS A 857 67.03 2.16 -53.70
C LYS A 857 67.96 1.17 -53.02
N ALA A 858 68.30 1.44 -51.75
CA ALA A 858 69.19 0.55 -51.03
C ALA A 858 68.56 -0.82 -50.80
N ILE A 859 67.25 -0.85 -50.51
CA ILE A 859 66.56 -2.12 -50.31
C ILE A 859 66.55 -2.94 -51.60
N LYS A 860 66.24 -2.30 -52.73
CA LYS A 860 66.24 -3.05 -53.99
C LYS A 860 67.65 -3.50 -54.37
N ASN A 861 68.65 -2.69 -54.04
CA ASN A 861 70.03 -3.10 -54.31
C ASN A 861 70.41 -4.34 -53.50
N LYS A 862 70.10 -4.34 -52.19
CA LYS A 862 70.41 -5.49 -51.36
C LYS A 862 69.57 -6.70 -51.78
N ILE A 863 68.35 -6.48 -52.25
CA ILE A 863 67.51 -7.57 -52.71
C ILE A 863 68.09 -8.21 -53.96
N ALA A 864 68.55 -7.39 -54.90
CA ALA A 864 69.19 -7.92 -56.10
C ALA A 864 70.52 -8.61 -55.79
N ASN A 865 71.24 -8.11 -54.77
CA ASN A 865 72.52 -8.70 -54.41
C ASN A 865 72.40 -9.91 -53.50
N ILE A 866 71.22 -10.18 -52.93
CA ILE A 866 71.05 -11.27 -51.99
C ILE A 866 70.39 -12.46 -52.69
N SER A 867 69.18 -12.26 -53.23
CA SER A 867 68.43 -13.32 -53.85
C SER A 867 68.37 -13.18 -55.36
N GLY A 868 67.93 -12.04 -55.87
CA GLY A 868 67.85 -11.82 -57.30
C GLY A 868 66.67 -10.92 -57.63
N ASP A 869 66.32 -10.91 -58.91
CA ASP A 869 65.22 -10.09 -59.40
C ASP A 869 63.91 -10.85 -59.53
N GLY A 870 63.93 -12.18 -59.48
CA GLY A 870 62.71 -12.94 -59.64
C GLY A 870 61.89 -13.07 -58.37
N GLN A 871 62.55 -13.11 -57.21
CA GLN A 871 61.85 -13.27 -55.95
C GLN A 871 61.11 -11.99 -55.57
N LYS A 872 60.07 -12.16 -54.75
CA LYS A 872 59.27 -11.05 -54.26
C LYS A 872 59.35 -11.00 -52.74
N TRP A 873 59.28 -9.78 -52.20
CA TRP A 873 59.44 -9.56 -50.77
C TRP A 873 58.27 -8.74 -50.23
N TRP A 874 57.77 -9.12 -49.06
CA TRP A 874 56.65 -8.43 -48.43
C TRP A 874 57.13 -7.09 -47.87
N ILE A 875 56.92 -6.01 -48.61
CA ILE A 875 57.37 -4.68 -48.23
C ILE A 875 56.16 -3.76 -48.13
N ARG A 876 56.14 -2.92 -47.10
CA ARG A 876 55.13 -1.89 -46.96
C ARG A 876 55.71 -0.56 -47.41
N ILE A 877 55.19 -0.02 -48.51
CA ILE A 877 55.68 1.22 -49.11
C ILE A 877 54.77 2.36 -48.70
N SER A 878 55.36 3.45 -48.23
CA SER A 878 54.62 4.65 -47.86
C SER A 878 55.60 5.81 -47.81
N GLU A 879 55.08 6.98 -47.45
CA GLU A 879 55.91 8.18 -47.28
C GLU A 879 56.13 8.56 -45.83
N TRP A 880 55.47 7.88 -44.89
CA TRP A 880 55.63 8.13 -43.47
C TRP A 880 55.57 6.80 -42.73
N PRO A 881 56.26 6.68 -41.59
CA PRO A 881 56.23 5.42 -40.83
C PRO A 881 54.87 5.14 -40.22
N ILE A 882 54.17 4.12 -40.75
CA ILE A 882 52.83 3.82 -40.29
C ILE A 882 52.90 3.11 -38.94
N ASP A 883 51.96 3.44 -38.05
CA ASP A 883 51.92 2.87 -36.71
C ASP A 883 51.04 1.63 -36.67
N ASP A 884 51.38 0.70 -35.77
CA ASP A 884 50.62 -0.53 -35.65
C ASP A 884 49.24 -0.30 -35.06
N HIS A 885 49.11 0.70 -34.19
CA HIS A 885 47.83 0.97 -33.54
C HIS A 885 46.87 1.70 -34.50
N GLU A 903 45.37 -5.07 -47.77
CA GLU A 903 46.60 -4.36 -48.12
C GLU A 903 47.81 -5.27 -48.02
N CYS A 904 47.81 -6.34 -48.83
CA CYS A 904 48.92 -7.29 -48.86
C CYS A 904 49.84 -6.90 -50.01
N LEU A 905 50.64 -5.86 -49.77
CA LEU A 905 51.50 -5.32 -50.81
C LEU A 905 52.85 -6.05 -50.80
N TYR A 906 53.45 -6.13 -51.99
CA TYR A 906 54.73 -6.79 -52.18
C TYR A 906 55.60 -5.95 -53.10
N MET A 907 56.88 -6.31 -53.19
CA MET A 907 57.83 -5.58 -54.01
C MET A 907 58.79 -6.55 -54.68
N SER A 908 59.23 -6.20 -55.87
CA SER A 908 60.19 -6.97 -56.64
C SER A 908 61.41 -6.12 -56.96
N ALA A 909 62.52 -6.79 -57.25
CA ALA A 909 63.76 -6.08 -57.55
C ALA A 909 63.73 -5.45 -58.94
N LYS A 910 62.98 -6.04 -59.87
CA LYS A 910 62.88 -5.53 -61.23
C LYS A 910 61.50 -4.92 -61.48
N THR A 911 61.45 -4.02 -62.46
CA THR A 911 60.26 -3.25 -62.84
C THR A 911 59.41 -2.87 -61.62
N TRP A 912 60.06 -2.24 -60.64
CA TRP A 912 59.38 -1.79 -59.44
C TRP A 912 58.47 -0.59 -59.69
N LEU A 913 58.51 0.00 -60.89
CA LEU A 913 57.66 1.15 -61.18
C LEU A 913 56.20 0.76 -61.36
N ILE A 914 55.94 -0.42 -61.92
CA ILE A 914 54.55 -0.81 -62.20
C ILE A 914 53.92 -1.49 -60.99
N ASP A 915 54.73 -2.08 -60.11
CA ASP A 915 54.23 -2.79 -58.94
C ASP A 915 54.34 -1.97 -57.65
N LEU A 916 54.24 -0.65 -57.75
CA LEU A 916 54.35 0.18 -56.55
C LEU A 916 53.11 0.05 -55.67
N GLY A 917 51.93 0.08 -56.27
CA GLY A 917 50.69 0.01 -55.51
C GLY A 917 49.71 -1.02 -56.01
N LYS A 918 50.22 -2.16 -56.48
CA LYS A 918 49.37 -3.23 -57.02
C LYS A 918 49.49 -4.46 -56.12
N PRO A 919 48.56 -4.66 -55.19
CA PRO A 919 48.62 -5.82 -54.31
C PRO A 919 47.94 -7.05 -54.90
N THR A 920 48.38 -8.21 -54.45
CA THR A 920 47.87 -9.49 -54.89
C THR A 920 47.57 -10.33 -53.64
N ASP A 921 47.07 -11.54 -53.82
CA ASP A 921 46.74 -12.42 -52.71
C ASP A 921 48.03 -12.80 -51.97
N CYS A 922 48.11 -12.42 -50.69
CA CYS A 922 49.29 -12.66 -49.88
C CYS A 922 49.35 -14.06 -49.29
N SER A 923 48.54 -14.99 -49.78
CA SER A 923 48.54 -16.35 -49.28
C SER A 923 49.57 -17.22 -50.02
N THR A 924 50.81 -16.75 -50.06
CA THR A 924 51.89 -17.46 -50.72
C THR A 924 53.16 -17.34 -49.87
N LYS A 925 53.99 -18.38 -49.91
CA LYS A 925 55.20 -18.44 -49.10
C LYS A 925 56.33 -17.75 -49.85
N LEU A 926 56.82 -16.64 -49.28
CA LEU A 926 57.89 -15.85 -49.89
C LEU A 926 58.75 -15.24 -48.79
N PRO A 927 60.04 -15.02 -49.06
CA PRO A 927 60.88 -14.32 -48.10
C PRO A 927 60.45 -12.87 -47.95
N PHE A 928 60.97 -12.22 -46.91
CA PHE A 928 60.54 -10.87 -46.57
C PHE A 928 61.61 -10.18 -45.74
N ILE A 929 61.28 -8.96 -45.29
CA ILE A 929 62.14 -8.14 -44.46
C ILE A 929 61.36 -7.74 -43.22
N CYS A 930 62.08 -7.55 -42.12
CA CYS A 930 61.47 -7.16 -40.86
C CYS A 930 62.47 -6.34 -40.06
N GLU A 931 61.97 -5.31 -39.38
CA GLU A 931 62.82 -4.46 -38.57
C GLU A 931 62.91 -4.98 -37.15
N PRO A 957 43.11 39.80 -19.01
CA PRO A 957 43.57 38.42 -18.78
C PRO A 957 44.93 38.37 -18.09
N PHE A 958 45.59 37.21 -18.15
CA PHE A 958 46.89 37.03 -17.54
C PHE A 958 48.00 37.50 -18.48
N GLN A 959 49.19 37.69 -17.92
CA GLN A 959 50.33 38.10 -18.71
C GLN A 959 50.75 36.97 -19.65
N ASN A 960 50.63 37.21 -20.96
CA ASN A 960 50.96 36.22 -21.98
C ASN A 960 50.19 34.92 -21.77
N LYS A 961 48.93 35.05 -21.37
CA LYS A 961 48.09 33.90 -21.07
C LYS A 961 46.64 34.34 -21.06
N CYS A 962 45.79 33.65 -21.82
CA CYS A 962 44.35 33.90 -21.84
C CYS A 962 43.62 32.63 -21.45
N PHE A 963 42.36 32.80 -21.05
CA PHE A 963 41.59 31.65 -20.59
C PHE A 963 40.19 31.71 -21.19
N LEU A 964 39.57 30.55 -21.31
CA LEU A 964 38.25 30.41 -21.91
C LEU A 964 37.42 29.48 -21.04
N LYS A 965 36.13 29.79 -20.94
CA LYS A 965 35.18 29.04 -20.12
C LYS A 965 34.02 28.57 -20.98
N ILE A 966 33.37 27.49 -20.52
CA ILE A 966 32.32 26.81 -21.26
C ILE A 966 31.26 26.35 -20.27
N LYS A 967 30.17 25.77 -20.81
CA LYS A 967 29.06 25.29 -20.01
C LYS A 967 29.55 24.27 -18.97
N PRO A 968 28.88 24.19 -17.80
CA PRO A 968 29.31 23.25 -16.76
C PRO A 968 28.84 21.83 -17.01
N VAL A 969 28.46 21.51 -18.25
CA VAL A 969 28.03 20.16 -18.59
C VAL A 969 29.08 19.16 -18.18
N SER A 970 28.70 18.23 -17.30
CA SER A 970 29.63 17.28 -16.71
C SER A 970 29.82 16.06 -17.61
N LEU A 971 30.99 15.46 -17.51
CA LEU A 971 31.37 14.30 -18.30
C LEU A 971 32.68 13.75 -17.77
N THR A 972 33.00 12.52 -18.17
CA THR A 972 34.17 11.83 -17.64
C THR A 972 35.46 12.49 -18.10
N PHE A 973 36.55 12.16 -17.41
CA PHE A 973 37.84 12.77 -17.74
C PHE A 973 38.35 12.30 -19.09
N SER A 974 38.14 11.02 -19.41
CA SER A 974 38.48 10.54 -20.75
C SER A 974 37.73 11.31 -21.82
N GLN A 975 36.54 11.84 -21.47
CA GLN A 975 35.81 12.75 -22.34
C GLN A 975 36.02 14.21 -21.98
N ALA A 976 36.69 14.49 -20.86
CA ALA A 976 37.01 15.86 -20.50
C ALA A 976 38.33 16.34 -21.08
N SER A 977 39.16 15.41 -21.58
CA SER A 977 40.40 15.80 -22.25
C SER A 977 40.14 16.45 -23.60
N ASP A 978 38.90 16.51 -24.07
CA ASP A 978 38.56 17.15 -25.34
C ASP A 978 37.27 17.96 -25.25
N THR A 979 36.92 18.46 -24.07
CA THR A 979 35.72 19.29 -23.94
C THR A 979 35.95 20.69 -24.51
N CYS A 980 36.90 21.44 -23.95
CA CYS A 980 37.26 22.71 -24.56
C CYS A 980 38.69 22.68 -25.12
N HIS A 981 39.34 21.51 -25.09
CA HIS A 981 40.36 21.24 -26.09
C HIS A 981 39.79 21.37 -27.49
N SER A 982 38.49 21.15 -27.65
CA SER A 982 37.78 21.52 -28.86
C SER A 982 38.01 23.00 -29.18
N TYR A 983 37.87 23.86 -28.18
CA TYR A 983 38.16 25.28 -28.35
C TYR A 983 39.67 25.49 -28.36
N GLY A 984 40.10 26.74 -28.45
CA GLY A 984 41.52 27.04 -28.42
C GLY A 984 42.06 27.10 -27.01
N GLY A 985 42.80 26.08 -26.60
CA GLY A 985 43.39 26.05 -25.28
C GLY A 985 43.55 24.63 -24.78
N THR A 986 44.25 24.52 -23.66
CA THR A 986 44.52 23.24 -23.00
C THR A 986 43.97 23.26 -21.58
N LEU A 987 43.89 22.08 -20.98
CA LEU A 987 43.41 21.95 -19.62
C LEU A 987 44.26 22.80 -18.67
N PRO A 988 43.66 23.34 -17.60
CA PRO A 988 44.38 24.31 -16.76
C PRO A 988 45.59 23.72 -16.04
N SER A 989 46.78 24.17 -16.41
CA SER A 989 48.02 23.77 -15.78
C SER A 989 48.53 24.91 -14.92
N VAL A 990 48.71 24.66 -13.63
CA VAL A 990 49.16 25.67 -12.69
C VAL A 990 50.68 25.77 -12.77
N LEU A 991 51.18 26.93 -13.17
CA LEU A 991 52.61 27.18 -13.27
C LEU A 991 53.14 28.11 -12.18
N SER A 992 52.33 29.04 -11.70
CA SER A 992 52.72 29.96 -10.64
C SER A 992 51.56 30.10 -9.67
N GLN A 993 51.86 30.65 -8.49
CA GLN A 993 50.82 30.84 -7.49
C GLN A 993 49.81 31.92 -7.92
N ILE A 994 50.25 32.86 -8.75
CA ILE A 994 49.33 33.87 -9.27
C ILE A 994 48.23 33.21 -10.09
N GLU A 995 48.57 32.14 -10.82
CA GLU A 995 47.55 31.37 -11.52
C GLU A 995 46.60 30.70 -10.54
N GLN A 996 47.10 30.27 -9.38
CA GLN A 996 46.22 29.73 -8.35
C GLN A 996 45.25 30.79 -7.84
N ASP A 997 45.74 32.01 -7.59
CA ASP A 997 44.83 33.08 -7.17
C ASP A 997 43.81 33.38 -8.27
N PHE A 998 44.24 33.36 -9.53
CA PHE A 998 43.32 33.63 -10.63
C PHE A 998 42.22 32.58 -10.72
N ILE A 999 42.59 31.31 -10.64
CA ILE A 999 41.57 30.26 -10.74
C ILE A 999 40.68 30.25 -9.51
N THR A 1000 41.21 30.59 -8.33
CA THR A 1000 40.35 30.66 -7.16
C THR A 1000 39.41 31.86 -7.22
N SER A 1001 39.83 32.96 -7.86
CA SER A 1001 38.94 34.10 -8.04
C SER A 1001 37.90 33.83 -9.12
N LEU A 1002 38.21 32.97 -10.09
CA LEU A 1002 37.22 32.54 -11.07
C LEU A 1002 36.29 31.45 -10.54
N LEU A 1003 36.71 30.74 -9.50
CA LEU A 1003 35.90 29.65 -8.95
C LEU A 1003 34.50 30.04 -8.47
N PRO A 1004 34.24 31.26 -7.91
CA PRO A 1004 32.89 31.58 -7.42
C PRO A 1004 31.72 31.13 -8.28
N ASP A 1005 31.78 31.33 -9.59
CA ASP A 1005 30.68 30.92 -10.46
C ASP A 1005 30.77 29.45 -10.88
N MET A 1006 31.58 28.64 -10.18
CA MET A 1006 31.72 27.23 -10.47
C MET A 1006 31.29 26.42 -9.25
N GLU A 1007 31.24 25.10 -9.43
CA GLU A 1007 30.87 24.19 -8.35
C GLU A 1007 32.11 23.90 -7.50
N ALA A 1008 32.00 22.90 -6.62
CA ALA A 1008 33.12 22.57 -5.74
C ALA A 1008 34.21 21.82 -6.49
N THR A 1009 33.85 20.95 -7.41
CA THR A 1009 34.82 20.14 -8.15
C THR A 1009 35.23 20.85 -9.44
N LEU A 1010 36.40 20.47 -9.95
CA LEU A 1010 36.93 21.06 -11.17
C LEU A 1010 37.93 20.09 -11.78
N TRP A 1011 37.90 19.97 -13.11
CA TRP A 1011 38.85 19.12 -13.85
C TRP A 1011 40.11 19.93 -14.11
N ILE A 1012 41.14 19.69 -13.30
CA ILE A 1012 42.42 20.37 -13.52
C ILE A 1012 43.11 19.81 -14.77
N GLY A 1013 42.89 18.54 -15.08
CA GLY A 1013 43.36 17.97 -16.33
C GLY A 1013 44.81 17.56 -16.39
N LEU A 1014 45.21 16.59 -15.57
CA LEU A 1014 46.51 15.96 -15.71
C LEU A 1014 46.37 14.47 -15.41
N ARG A 1015 47.04 13.65 -16.20
CA ARG A 1015 46.92 12.20 -16.12
C ARG A 1015 48.29 11.57 -15.90
N TRP A 1016 48.33 10.54 -15.06
CA TRP A 1016 49.56 9.83 -14.77
C TRP A 1016 49.22 8.47 -14.16
N THR A 1017 50.03 7.47 -14.48
CA THR A 1017 49.77 6.11 -14.03
C THR A 1017 50.03 5.98 -12.53
N ALA A 1018 49.42 4.94 -11.94
CA ALA A 1018 49.48 4.75 -10.51
C ALA A 1018 50.90 4.45 -10.04
N TYR A 1019 51.18 4.85 -8.80
CA TYR A 1019 52.46 4.55 -8.14
C TYR A 1019 53.65 5.00 -8.98
N GLU A 1020 53.55 6.20 -9.54
CA GLU A 1020 54.62 6.75 -10.36
C GLU A 1020 54.63 8.27 -10.17
N LYS A 1021 55.34 8.96 -11.06
CA LYS A 1021 55.52 10.40 -10.99
C LYS A 1021 54.67 11.09 -12.05
N ILE A 1022 54.50 12.40 -11.88
CA ILE A 1022 53.79 13.24 -12.84
C ILE A 1022 54.80 13.88 -13.77
N ASN A 1023 54.48 13.92 -15.06
CA ASN A 1023 55.41 14.39 -16.09
C ASN A 1023 54.71 15.41 -16.97
N LYS A 1024 55.38 16.54 -17.19
CA LYS A 1024 55.07 17.56 -18.19
C LYS A 1024 53.65 18.11 -18.09
N TRP A 1025 52.90 17.76 -17.05
CA TRP A 1025 51.52 18.23 -16.86
C TRP A 1025 50.65 17.99 -18.09
N THR A 1026 51.00 16.98 -18.88
CA THR A 1026 50.31 16.62 -20.12
C THR A 1026 50.25 17.78 -21.12
N ASP A 1027 51.05 18.82 -20.92
CA ASP A 1027 51.08 19.95 -21.85
C ASP A 1027 52.48 20.47 -22.09
N ASN A 1028 53.52 19.67 -21.84
CA ASN A 1028 54.92 20.06 -22.03
C ASN A 1028 55.27 21.30 -21.19
N ARG A 1029 55.05 21.18 -19.88
CA ARG A 1029 55.36 22.24 -18.92
C ARG A 1029 56.11 21.65 -17.75
N GLU A 1030 57.32 22.16 -17.49
CA GLU A 1030 58.12 21.66 -16.39
C GLU A 1030 57.47 22.01 -15.05
N LEU A 1031 57.75 21.19 -14.04
CA LEU A 1031 57.21 21.36 -12.70
C LEU A 1031 58.24 22.04 -11.83
N THR A 1032 58.02 23.32 -11.51
CA THR A 1032 58.90 24.02 -10.58
C THR A 1032 58.49 23.78 -9.13
N TYR A 1033 57.21 23.52 -8.89
CA TYR A 1033 56.69 23.22 -7.56
C TYR A 1033 55.29 22.65 -7.72
N SER A 1034 54.74 22.16 -6.61
CA SER A 1034 53.41 21.57 -6.61
C SER A 1034 52.59 22.17 -5.47
N ASN A 1035 51.32 22.45 -5.77
CA ASN A 1035 50.39 23.00 -4.78
C ASN A 1035 49.61 21.88 -4.10
N PHE A 1036 50.34 21.01 -3.43
CA PHE A 1036 49.78 19.87 -2.71
C PHE A 1036 49.97 20.12 -1.21
N HIS A 1037 48.91 20.57 -0.56
CA HIS A 1037 48.96 20.81 0.88
C HIS A 1037 49.06 19.48 1.60
N PRO A 1038 50.09 19.26 2.43
CA PRO A 1038 50.29 17.92 3.01
C PRO A 1038 49.29 17.56 4.10
N LEU A 1039 48.01 17.47 3.74
CA LEU A 1039 46.99 16.94 4.64
C LEU A 1039 46.05 15.93 4.00
N LEU A 1040 45.92 15.92 2.68
CA LEU A 1040 45.04 15.00 1.99
C LEU A 1040 45.77 14.01 1.08
N VAL A 1041 47.09 14.16 0.94
CA VAL A 1041 47.88 13.30 0.07
C VAL A 1041 48.94 12.61 0.92
N SER A 1042 49.09 11.30 0.73
CA SER A 1042 50.08 10.52 1.46
C SER A 1042 51.37 10.47 0.67
N GLY A 1043 52.43 11.07 1.22
CA GLY A 1043 53.71 11.10 0.55
C GLY A 1043 54.79 10.34 1.30
N ARG A 1044 55.23 9.24 0.72
CA ARG A 1044 56.27 8.39 1.32
C ARG A 1044 56.86 7.52 0.22
N LEU A 1045 57.64 6.53 0.62
CA LEU A 1045 58.26 5.59 -0.32
C LEU A 1045 57.15 4.72 -0.92
N ARG A 1046 56.77 5.02 -2.16
CA ARG A 1046 55.69 4.28 -2.81
C ARG A 1046 56.17 2.89 -3.21
N ILE A 1047 55.50 1.86 -2.69
CA ILE A 1047 55.87 0.49 -2.99
C ILE A 1047 54.67 -0.25 -3.59
N ARG A 1057 43.98 0.58 -12.61
CA ARG A 1057 43.70 1.56 -11.56
C ARG A 1057 44.53 2.81 -11.72
N TYR A 1058 43.99 3.79 -12.44
CA TYR A 1058 44.67 5.06 -12.67
C TYR A 1058 44.35 6.05 -11.55
N HIS A 1059 45.18 7.09 -11.45
CA HIS A 1059 44.99 8.16 -10.48
C HIS A 1059 44.96 9.49 -11.22
N CYS A 1060 43.92 10.29 -11.00
CA CYS A 1060 43.79 11.60 -11.60
C CYS A 1060 43.34 12.59 -10.54
N ALA A 1061 43.80 13.83 -10.68
CA ALA A 1061 43.61 14.85 -9.66
C ALA A 1061 42.51 15.82 -10.03
N LEU A 1062 42.14 16.66 -9.06
CA LEU A 1062 41.09 17.64 -9.22
C LEU A 1062 41.25 18.72 -8.16
N ILE A 1063 40.60 19.86 -8.38
CA ILE A 1063 40.60 20.96 -7.43
C ILE A 1063 39.30 20.95 -6.67
N LEU A 1064 39.38 21.07 -5.34
CA LEU A 1064 38.21 20.96 -4.48
C LEU A 1064 37.95 22.28 -3.79
N ASN A 1065 36.69 22.70 -3.76
CA ASN A 1065 36.25 23.88 -3.04
C ASN A 1065 35.47 23.46 -1.80
N LEU A 1066 35.50 24.31 -0.77
CA LEU A 1066 34.89 23.98 0.51
C LEU A 1066 34.06 25.15 1.03
N GLN A 1067 33.43 25.90 0.11
CA GLN A 1067 32.46 26.95 0.46
C GLN A 1067 33.09 28.02 1.36
N LYS A 1068 34.05 28.74 0.77
CA LYS A 1068 34.73 29.86 1.43
C LYS A 1068 35.51 29.38 2.66
N SER A 1069 36.42 28.44 2.42
CA SER A 1069 37.28 27.89 3.46
C SER A 1069 38.63 28.60 3.48
N PRO A 1070 39.30 28.65 4.63
CA PRO A 1070 40.63 29.27 4.68
C PRO A 1070 41.69 28.53 3.87
N PHE A 1071 41.40 27.33 3.39
CA PHE A 1071 42.31 26.56 2.55
C PHE A 1071 41.65 26.24 1.21
N THR A 1072 40.92 27.21 0.66
CA THR A 1072 40.21 27.00 -0.60
C THR A 1072 41.20 26.80 -1.75
N GLY A 1073 40.96 25.77 -2.55
CA GLY A 1073 41.81 25.43 -3.65
C GLY A 1073 42.70 24.23 -3.44
N THR A 1074 42.29 23.28 -2.61
CA THR A 1074 43.09 22.09 -2.36
C THR A 1074 43.04 21.15 -3.56
N TRP A 1075 44.05 20.28 -3.65
CA TRP A 1075 44.19 19.35 -4.76
C TRP A 1075 43.97 17.94 -4.23
N ASN A 1076 42.89 17.31 -4.67
CA ASN A 1076 42.57 15.94 -4.31
C ASN A 1076 42.88 15.01 -5.47
N PHE A 1077 42.98 13.72 -5.17
CA PHE A 1077 43.26 12.71 -6.18
C PHE A 1077 42.32 11.53 -5.97
N THR A 1078 41.71 11.08 -7.07
CA THR A 1078 40.78 9.96 -7.05
C THR A 1078 40.86 9.28 -8.42
N SER A 1079 39.97 8.31 -8.65
CA SER A 1079 39.89 7.72 -9.97
C SER A 1079 39.15 8.66 -10.91
N CYS A 1080 39.61 8.71 -12.16
CA CYS A 1080 39.06 9.63 -13.14
C CYS A 1080 38.09 8.97 -14.11
N SER A 1081 37.58 7.79 -13.79
CA SER A 1081 36.51 7.16 -14.57
C SER A 1081 35.16 7.82 -14.33
N GLU A 1082 35.02 8.62 -13.28
CA GLU A 1082 33.78 9.31 -12.98
C GLU A 1082 33.66 10.60 -13.79
N ARG A 1083 32.53 11.28 -13.61
CA ARG A 1083 32.22 12.51 -14.34
C ARG A 1083 32.26 13.69 -13.39
N HIS A 1084 33.03 14.71 -13.75
CA HIS A 1084 33.16 15.92 -12.93
C HIS A 1084 33.06 17.12 -13.86
N PHE A 1085 33.37 18.30 -13.34
CA PHE A 1085 33.20 19.55 -14.07
C PHE A 1085 34.55 20.10 -14.54
N VAL A 1086 34.51 20.79 -15.67
CA VAL A 1086 35.65 21.51 -16.21
C VAL A 1086 35.17 22.90 -16.66
N SER A 1087 35.90 23.93 -16.28
CA SER A 1087 35.42 25.28 -16.55
C SER A 1087 36.43 26.16 -17.27
N LEU A 1088 37.72 26.04 -16.95
CA LEU A 1088 38.75 26.91 -17.48
C LEU A 1088 39.69 26.11 -18.38
N CYS A 1089 40.07 26.69 -19.50
CA CYS A 1089 41.16 26.15 -20.31
C CYS A 1089 41.96 27.30 -20.92
N GLN A 1090 43.28 27.13 -20.99
CA GLN A 1090 44.22 28.23 -21.21
C GLN A 1090 44.77 28.19 -22.63
N LYS A 1091 44.70 29.33 -23.31
CA LYS A 1091 45.34 29.53 -24.60
C LYS A 1091 46.44 30.58 -24.46
N TYR A 1092 47.34 30.59 -25.44
CA TYR A 1092 48.45 31.53 -25.46
C TYR A 1092 47.95 32.96 -25.65
N VAL A 1108 36.02 49.54 -8.40
CA VAL A 1108 35.84 48.25 -9.04
C VAL A 1108 35.00 47.34 -8.14
N LYS A 1109 33.94 46.76 -8.70
CA LYS A 1109 33.06 45.88 -7.95
C LYS A 1109 33.54 44.44 -8.02
N TYR A 1110 33.39 43.72 -6.92
CA TYR A 1110 33.77 42.31 -6.86
C TYR A 1110 33.12 41.67 -5.64
N LEU A 1111 32.34 40.62 -5.87
CA LEU A 1111 31.77 39.76 -4.84
C LEU A 1111 31.14 40.58 -3.70
N ASN A 1112 30.11 41.34 -4.05
CA ASN A 1112 29.31 42.13 -3.12
C ASN A 1112 30.15 43.19 -2.40
N ASN A 1113 31.31 43.54 -2.94
CA ASN A 1113 32.17 44.55 -2.35
C ASN A 1113 32.64 45.52 -3.44
N LEU A 1114 33.19 46.65 -3.02
CA LEU A 1114 33.80 47.60 -3.94
C LEU A 1114 35.18 47.95 -3.43
N TYR A 1115 36.12 48.14 -4.35
CA TYR A 1115 37.52 48.41 -4.02
C TYR A 1115 38.01 49.61 -4.82
N LYS A 1116 38.92 50.37 -4.23
CA LYS A 1116 39.54 51.50 -4.91
C LYS A 1116 41.02 51.50 -4.61
N ILE A 1117 41.83 51.66 -5.66
CA ILE A 1117 43.29 51.62 -5.58
C ILE A 1117 43.83 52.99 -5.95
N ILE A 1118 44.81 53.46 -5.19
CA ILE A 1118 45.47 54.73 -5.42
C ILE A 1118 46.96 54.47 -5.63
N PRO A 1119 47.58 55.00 -6.68
CA PRO A 1119 49.00 54.73 -6.91
C PRO A 1119 49.92 55.71 -6.22
N LYS A 1120 49.39 56.50 -5.29
CA LYS A 1120 50.19 57.49 -4.58
C LYS A 1120 51.10 56.81 -3.56
N THR A 1121 52.28 57.40 -3.37
CA THR A 1121 53.27 56.90 -2.43
C THR A 1121 53.10 57.65 -1.10
N LEU A 1122 52.47 56.98 -0.13
CA LEU A 1122 52.22 57.58 1.17
C LEU A 1122 52.34 56.51 2.23
N THR A 1123 52.30 56.94 3.49
CA THR A 1123 52.42 56.01 4.62
C THR A 1123 51.07 55.35 4.89
N TRP A 1124 50.98 54.64 6.01
CA TRP A 1124 49.75 53.92 6.35
C TRP A 1124 48.66 54.89 6.79
N HIS A 1125 48.93 55.66 7.85
CA HIS A 1125 47.96 56.65 8.31
C HIS A 1125 47.71 57.72 7.26
N SER A 1126 48.73 58.04 6.45
CA SER A 1126 48.54 59.01 5.38
C SER A 1126 47.54 58.50 4.34
N ALA A 1127 47.68 57.24 3.92
CA ALA A 1127 46.72 56.67 2.98
C ALA A 1127 45.34 56.51 3.60
N LYS A 1128 45.28 56.19 4.89
CA LYS A 1128 44.00 56.13 5.59
C LYS A 1128 43.28 57.47 5.52
N ARG A 1129 43.96 58.54 5.95
CA ARG A 1129 43.37 59.88 5.88
C ARG A 1129 43.15 60.33 4.44
N GLU A 1130 43.86 59.75 3.48
CA GLU A 1130 43.70 60.15 2.09
C GLU A 1130 42.41 59.56 1.50
N CYS A 1131 42.31 58.25 1.44
CA CYS A 1131 41.14 57.64 0.82
C CYS A 1131 39.99 57.41 1.80
N LEU A 1132 40.12 57.90 3.03
CA LEU A 1132 38.99 57.87 3.97
C LEU A 1132 38.03 59.02 3.75
N LYS A 1133 38.44 60.05 2.99
CA LYS A 1133 37.54 61.16 2.69
C LYS A 1133 36.36 60.70 1.84
N SER A 1134 36.52 59.62 1.09
CA SER A 1134 35.46 59.05 0.28
C SER A 1134 34.59 58.07 1.06
N ASN A 1135 34.73 58.02 2.38
CA ASN A 1135 33.91 57.19 3.26
C ASN A 1135 34.06 55.71 2.93
N MET A 1136 35.32 55.24 2.94
CA MET A 1136 35.62 53.82 2.78
C MET A 1136 36.82 53.45 3.65
N GLN A 1137 36.94 52.16 3.93
CA GLN A 1137 37.94 51.64 4.85
C GLN A 1137 38.97 50.80 4.11
N LEU A 1138 40.16 50.69 4.70
CA LEU A 1138 41.25 49.98 4.06
C LEU A 1138 40.99 48.48 4.02
N VAL A 1139 41.87 47.77 3.29
CA VAL A 1139 41.67 46.36 3.02
C VAL A 1139 41.76 45.54 4.31
N SER A 1140 40.83 44.59 4.46
CA SER A 1140 40.85 43.64 5.57
C SER A 1140 40.40 42.29 5.02
N ILE A 1141 41.34 41.38 4.85
CA ILE A 1141 41.08 40.09 4.22
C ILE A 1141 40.33 39.20 5.20
N THR A 1142 39.16 38.70 4.78
CA THR A 1142 38.36 37.80 5.59
C THR A 1142 37.91 36.57 4.80
N ASP A 1143 38.06 36.58 3.48
CA ASP A 1143 37.62 35.49 2.63
C ASP A 1143 38.75 35.10 1.69
N PRO A 1144 38.81 33.83 1.29
CA PRO A 1144 39.88 33.42 0.36
C PRO A 1144 39.76 34.05 -1.01
N TYR A 1145 38.53 34.20 -1.51
CA TYR A 1145 38.34 34.85 -2.80
C TYR A 1145 38.78 36.30 -2.77
N GLN A 1146 38.50 37.00 -1.66
CA GLN A 1146 38.96 38.38 -1.52
C GLN A 1146 40.49 38.44 -1.50
N GLN A 1147 41.13 37.50 -0.81
CA GLN A 1147 42.59 37.46 -0.78
C GLN A 1147 43.15 37.22 -2.18
N ALA A 1148 42.56 36.29 -2.91
CA ALA A 1148 43.04 36.00 -4.26
C ALA A 1148 42.86 37.19 -5.18
N PHE A 1149 41.71 37.88 -5.08
CA PHE A 1149 41.47 39.06 -5.91
C PHE A 1149 42.45 40.17 -5.57
N LEU A 1150 42.70 40.40 -4.27
CA LEU A 1150 43.66 41.42 -3.88
C LEU A 1150 45.06 41.08 -4.38
N SER A 1151 45.44 39.80 -4.31
CA SER A 1151 46.77 39.40 -4.77
C SER A 1151 46.90 39.57 -6.28
N VAL A 1152 45.88 39.17 -7.04
CA VAL A 1152 45.97 39.29 -8.49
C VAL A 1152 45.95 40.76 -8.90
N GLN A 1153 45.23 41.62 -8.16
CA GLN A 1153 45.26 43.04 -8.46
C GLN A 1153 46.62 43.65 -8.16
N ALA A 1154 47.23 43.23 -7.05
CA ALA A 1154 48.57 43.73 -6.72
C ALA A 1154 49.60 43.28 -7.74
N LEU A 1155 49.46 42.05 -8.24
CA LEU A 1155 50.36 41.57 -9.28
C LEU A 1155 50.14 42.27 -10.61
N LEU A 1156 48.89 42.60 -10.94
CA LEU A 1156 48.63 43.40 -12.13
C LEU A 1156 49.19 44.80 -12.00
N HIS A 1157 49.16 45.37 -10.79
CA HIS A 1157 49.76 46.68 -10.55
C HIS A 1157 51.27 46.61 -10.37
N ASN A 1158 51.83 45.40 -10.21
CA ASN A 1158 53.28 45.20 -10.12
C ASN A 1158 53.87 45.98 -8.94
N SER A 1159 53.29 45.81 -7.76
CA SER A 1159 53.75 46.47 -6.55
C SER A 1159 53.09 45.83 -5.35
N SER A 1160 53.65 46.10 -4.17
CA SER A 1160 53.10 45.65 -2.90
C SER A 1160 52.41 46.83 -2.24
N LEU A 1161 51.07 46.80 -2.22
CA LEU A 1161 50.29 47.94 -1.77
C LEU A 1161 49.92 47.78 -0.29
N TRP A 1162 49.18 48.77 0.22
CA TRP A 1162 48.86 48.81 1.64
C TRP A 1162 47.65 47.93 1.96
N ILE A 1163 47.60 47.42 3.18
CA ILE A 1163 46.45 46.72 3.72
C ILE A 1163 46.21 47.22 5.15
N GLY A 1164 44.95 47.45 5.49
CA GLY A 1164 44.62 48.12 6.74
C GLY A 1164 44.23 47.23 7.90
N LEU A 1165 45.01 47.30 8.98
CA LEU A 1165 44.76 46.56 10.21
C LEU A 1165 45.77 47.04 11.25
N PHE A 1166 45.51 46.70 12.51
CA PHE A 1166 46.39 47.10 13.59
C PHE A 1166 46.18 46.17 14.78
N SER A 1167 47.20 46.08 15.62
CA SER A 1167 47.17 45.27 16.83
C SER A 1167 47.15 46.20 18.05
N GLN A 1168 47.22 45.59 19.23
CA GLN A 1168 47.11 46.37 20.46
C GLN A 1168 48.30 46.23 21.39
N ASP A 1169 48.83 45.02 21.57
CA ASP A 1169 49.86 44.75 22.57
C ASP A 1169 50.97 43.91 21.95
N ASP A 1170 51.96 44.59 21.35
CA ASP A 1170 53.20 43.97 20.89
C ASP A 1170 52.92 42.83 19.92
N GLU A 1171 52.23 43.18 18.83
CA GLU A 1171 51.94 42.29 17.70
C GLU A 1171 51.53 40.89 18.14
N LEU A 1172 50.81 40.83 19.26
CA LEU A 1172 50.35 39.56 19.82
C LEU A 1172 48.91 39.23 19.44
N ASN A 1173 48.04 40.22 19.40
CA ASN A 1173 46.63 40.03 19.05
C ASN A 1173 46.32 40.89 17.83
N PHE A 1174 46.42 40.28 16.64
CA PHE A 1174 46.10 40.97 15.40
C PHE A 1174 44.59 40.97 15.18
N GLY A 1175 44.11 42.02 14.52
CA GLY A 1175 42.70 42.15 14.25
C GLY A 1175 42.37 43.18 13.20
N TRP A 1176 41.40 42.88 12.33
CA TRP A 1176 40.99 43.81 11.29
C TRP A 1176 40.14 44.92 11.89
N SER A 1177 39.91 45.96 11.08
CA SER A 1177 39.17 47.14 11.51
C SER A 1177 37.67 47.02 11.23
N ASP A 1178 37.18 45.81 10.96
CA ASP A 1178 35.76 45.60 10.68
C ASP A 1178 34.98 45.08 11.88
N GLY A 1179 35.61 44.27 12.73
CA GLY A 1179 34.92 43.72 13.88
C GLY A 1179 34.33 42.35 13.61
N LYS A 1180 35.08 41.49 12.93
CA LYS A 1180 34.65 40.15 12.57
C LYS A 1180 35.61 39.13 13.17
N ARG A 1181 35.07 38.00 13.62
CA ARG A 1181 35.90 36.94 14.19
C ARG A 1181 36.86 36.39 13.14
N LEU A 1182 38.04 36.00 13.60
CA LEU A 1182 39.07 35.52 12.68
C LEU A 1182 38.66 34.20 12.05
N HIS A 1183 38.72 34.14 10.72
CA HIS A 1183 38.36 32.93 9.99
C HIS A 1183 39.34 32.62 8.88
N PHE A 1184 40.37 33.44 8.67
CA PHE A 1184 41.31 33.25 7.58
C PHE A 1184 42.72 33.53 8.09
N SER A 1185 43.66 32.66 7.73
CA SER A 1185 45.06 32.80 8.17
C SER A 1185 45.95 32.37 7.02
N ARG A 1186 46.70 33.32 6.45
CA ARG A 1186 47.64 33.06 5.38
C ARG A 1186 48.97 33.76 5.65
N TRP A 1187 49.49 33.57 6.86
CA TRP A 1187 50.76 34.15 7.24
C TRP A 1187 51.90 33.53 6.42
N ALA A 1188 53.04 34.23 6.40
CA ALA A 1188 54.17 33.84 5.56
C ALA A 1188 55.22 33.06 6.33
N GLU A 1189 55.78 33.66 7.38
CA GLU A 1189 56.83 33.01 8.16
C GLU A 1189 56.59 33.25 9.64
N THR A 1190 57.30 32.49 10.47
CA THR A 1190 57.20 32.62 11.92
C THR A 1190 58.27 33.54 12.49
N ASN A 1191 59.48 33.51 11.93
CA ASN A 1191 60.57 34.37 12.39
C ASN A 1191 60.66 35.66 11.57
N GLY A 1192 59.53 36.35 11.46
CA GLY A 1192 59.48 37.61 10.74
C GLY A 1192 58.69 38.68 11.45
N GLN A 1193 58.09 38.32 12.59
CA GLN A 1193 57.25 39.24 13.35
C GLN A 1193 58.13 40.21 14.12
N LEU A 1194 58.69 41.17 13.38
CA LEU A 1194 59.55 42.18 13.99
C LEU A 1194 58.75 43.40 14.44
N GLU A 1195 57.69 43.76 13.69
CA GLU A 1195 56.84 44.88 14.03
C GLU A 1195 55.39 44.41 14.05
N ASP A 1196 54.45 45.35 14.17
CA ASP A 1196 53.04 45.05 14.36
C ASP A 1196 52.20 45.50 13.17
N CYS A 1197 52.70 45.31 11.95
CA CYS A 1197 51.90 45.57 10.77
C CYS A 1197 52.16 44.44 9.78
N VAL A 1198 51.37 44.38 8.70
CA VAL A 1198 51.52 43.34 7.70
C VAL A 1198 51.20 43.91 6.33
N VAL A 1199 51.81 43.29 5.30
CA VAL A 1199 51.56 43.63 3.91
C VAL A 1199 51.45 42.35 3.11
N LEU A 1200 51.05 42.50 1.85
CA LEU A 1200 50.97 41.37 0.92
C LEU A 1200 52.18 41.40 0.00
N ASP A 1201 52.73 40.22 -0.28
CA ASP A 1201 53.90 40.08 -1.13
C ASP A 1201 53.48 39.56 -2.51
N THR A 1202 54.47 39.26 -3.35
CA THR A 1202 54.19 38.69 -4.65
C THR A 1202 53.70 37.24 -4.53
N ASP A 1203 54.27 36.48 -3.59
CA ASP A 1203 53.91 35.09 -3.40
C ASP A 1203 52.50 34.90 -2.84
N GLY A 1204 51.80 35.97 -2.50
CA GLY A 1204 50.45 35.86 -1.98
C GLY A 1204 50.35 35.52 -0.52
N PHE A 1205 51.32 35.92 0.29
CA PHE A 1205 51.34 35.63 1.72
C PHE A 1205 51.26 36.94 2.50
N TRP A 1206 51.40 36.84 3.82
CA TRP A 1206 51.28 37.97 4.73
C TRP A 1206 52.66 38.24 5.34
N LYS A 1207 53.39 39.19 4.77
CA LYS A 1207 54.70 39.57 5.30
C LYS A 1207 54.53 40.56 6.44
N THR A 1208 54.90 40.14 7.65
CA THR A 1208 54.72 40.95 8.85
C THR A 1208 55.88 41.93 8.97
N VAL A 1209 55.60 43.20 8.72
CA VAL A 1209 56.60 44.26 8.74
C VAL A 1209 56.05 45.50 9.43
N ASP A 1210 56.82 46.58 9.40
CA ASP A 1210 56.35 47.91 9.75
C ASP A 1210 55.84 48.60 8.50
N CYS A 1211 54.64 49.18 8.59
CA CYS A 1211 54.04 49.90 7.47
C CYS A 1211 54.10 51.42 7.64
N ASN A 1212 55.09 51.92 8.38
CA ASN A 1212 55.39 53.34 8.45
C ASN A 1212 56.43 53.73 7.41
N ASP A 1213 56.15 53.34 6.17
CA ASP A 1213 57.06 53.54 5.04
C ASP A 1213 56.23 54.00 3.84
N ASN A 1214 56.85 53.95 2.66
CA ASN A 1214 56.24 54.46 1.43
C ASN A 1214 56.18 53.33 0.40
N GLN A 1215 54.95 52.75 0.22
CA GLN A 1215 54.71 51.77 -0.82
C GLN A 1215 54.12 52.46 -2.06
N PRO A 1216 54.24 51.84 -3.25
CA PRO A 1216 53.81 52.53 -4.47
C PRO A 1216 52.30 52.66 -4.64
N GLY A 1217 51.53 52.32 -3.62
CA GLY A 1217 50.09 52.49 -3.71
C GLY A 1217 49.38 51.93 -2.50
N ALA A 1218 48.06 52.13 -2.48
CA ALA A 1218 47.21 51.65 -1.41
C ALA A 1218 45.87 51.21 -2.00
N ILE A 1219 45.14 50.41 -1.23
CA ILE A 1219 43.81 49.95 -1.61
C ILE A 1219 42.89 50.07 -0.41
N CYS A 1220 41.67 50.53 -0.65
CA CYS A 1220 40.66 50.60 0.40
C CYS A 1220 39.30 50.25 -0.18
N TYR A 1221 38.49 49.56 0.61
CA TYR A 1221 37.26 48.93 0.13
C TYR A 1221 36.05 49.44 0.90
N TYR A 1222 34.88 49.00 0.45
CA TYR A 1222 33.62 49.22 1.15
C TYR A 1222 32.66 48.09 0.79
N SER A 1223 31.98 47.57 1.82
CA SER A 1223 31.05 46.46 1.62
C SER A 1223 29.60 46.94 1.77
N ILE A 1249 39.67 22.88 28.73
CA ILE A 1249 38.32 23.42 28.61
C ILE A 1249 37.29 22.31 28.74
N PRO A 1250 36.29 22.51 29.61
CA PRO A 1250 35.27 21.48 29.84
C PRO A 1250 34.26 21.44 28.69
N PHE A 1251 34.05 20.25 28.14
CA PHE A 1251 33.08 20.07 27.06
C PHE A 1251 32.73 18.60 26.96
N GLN A 1252 31.46 18.27 27.21
CA GLN A 1252 30.94 16.90 27.10
C GLN A 1252 31.71 15.95 28.01
N ASN A 1253 31.69 16.25 29.31
CA ASN A 1253 32.24 15.38 30.35
C ASN A 1253 33.73 15.09 30.11
N CYS A 1254 34.47 16.12 29.69
CA CYS A 1254 35.90 15.98 29.49
C CYS A 1254 36.52 17.37 29.42
N CYS A 1255 37.77 17.48 29.85
CA CYS A 1255 38.51 18.72 29.84
C CYS A 1255 39.79 18.54 29.04
N TYR A 1256 40.10 19.52 28.19
CA TYR A 1256 41.27 19.47 27.33
C TYR A 1256 42.31 20.47 27.83
N ASN A 1257 43.46 20.47 27.18
CA ASN A 1257 44.56 21.34 27.55
C ASN A 1257 45.46 21.54 26.34
N PHE A 1258 46.17 22.68 26.32
CA PHE A 1258 47.08 23.01 25.24
C PHE A 1258 48.43 23.37 25.85
N ILE A 1259 49.49 22.76 25.32
CA ILE A 1259 50.85 22.95 25.82
C ILE A 1259 51.65 23.71 24.78
N ILE A 1260 52.28 24.81 25.20
CA ILE A 1260 53.14 25.60 24.33
C ILE A 1260 54.51 25.61 24.98
N THR A 1261 55.35 24.64 24.59
CA THR A 1261 56.72 24.55 25.08
C THR A 1261 57.61 24.14 23.91
N LYS A 1262 58.87 23.86 24.21
CA LYS A 1262 59.83 23.39 23.23
C LYS A 1262 60.35 22.02 23.67
N ASN A 1263 60.29 21.05 22.76
CA ASN A 1263 60.73 19.70 23.04
C ASN A 1263 61.66 19.21 21.94
N ARG A 1264 62.45 18.18 22.25
CA ARG A 1264 63.37 17.61 21.29
C ARG A 1264 63.41 16.08 21.33
N HIS A 1265 62.48 15.44 22.05
CA HIS A 1265 62.44 13.98 22.13
C HIS A 1265 61.94 13.43 20.80
N MET A 1266 62.82 12.73 20.09
CA MET A 1266 62.51 12.16 18.78
C MET A 1266 62.74 10.65 18.78
N ALA A 1267 62.40 9.99 19.88
CA ALA A 1267 62.57 8.55 19.99
C ALA A 1267 61.64 8.02 21.08
N THR A 1268 61.14 6.80 20.87
CA THR A 1268 60.25 6.12 21.81
C THR A 1268 59.03 6.97 22.15
N THR A 1269 58.24 7.26 21.11
CA THR A 1269 57.04 8.08 21.22
C THR A 1269 55.77 7.25 21.25
N GLN A 1270 55.81 6.06 21.87
CA GLN A 1270 54.66 5.18 21.93
C GLN A 1270 54.33 4.70 23.34
N ASP A 1271 55.19 4.98 24.32
CA ASP A 1271 54.95 4.53 25.69
C ASP A 1271 55.29 5.61 26.71
N GLU A 1272 55.10 6.88 26.34
CA GLU A 1272 55.46 7.99 27.21
C GLU A 1272 54.29 8.93 27.46
N VAL A 1273 53.38 9.02 26.49
CA VAL A 1273 52.29 10.00 26.57
C VAL A 1273 51.37 9.67 27.74
N HIS A 1274 51.11 8.38 27.97
CA HIS A 1274 50.28 7.96 29.09
C HIS A 1274 50.88 8.42 30.42
N THR A 1275 52.15 8.08 30.66
CA THR A 1275 52.82 8.53 31.87
C THR A 1275 53.07 10.04 31.86
N LYS A 1276 53.04 10.67 30.68
CA LYS A 1276 53.18 12.12 30.61
C LYS A 1276 51.95 12.82 31.18
N CYS A 1277 50.77 12.41 30.73
CA CYS A 1277 49.53 13.00 31.22
C CYS A 1277 49.02 12.38 32.51
N GLN A 1278 49.66 11.31 33.01
CA GLN A 1278 49.23 10.74 34.26
C GLN A 1278 49.87 11.42 35.47
N LYS A 1279 51.04 12.04 35.28
CA LYS A 1279 51.68 12.76 36.38
C LYS A 1279 51.00 14.09 36.66
N LEU A 1280 50.31 14.66 35.67
CA LEU A 1280 49.66 15.96 35.86
C LEU A 1280 48.52 15.86 36.87
N ASN A 1281 47.61 14.91 36.68
CA ASN A 1281 46.47 14.74 37.58
C ASN A 1281 45.93 13.33 37.40
N PRO A 1282 45.42 12.71 38.45
CA PRO A 1282 44.83 11.37 38.32
C PRO A 1282 43.61 11.40 37.41
N LYS A 1283 43.30 10.23 36.84
CA LYS A 1283 42.20 10.07 35.90
C LYS A 1283 42.36 11.02 34.71
N SER A 1284 43.44 10.80 33.97
CA SER A 1284 43.77 11.62 32.80
C SER A 1284 44.29 10.71 31.71
N HIS A 1285 43.50 10.50 30.67
CA HIS A 1285 43.86 9.65 29.55
C HIS A 1285 43.91 10.47 28.27
N ILE A 1286 44.52 9.88 27.24
CA ILE A 1286 44.71 10.56 25.97
C ILE A 1286 43.35 10.76 25.30
N LEU A 1287 43.26 11.81 24.47
CA LEU A 1287 42.01 12.18 23.81
C LEU A 1287 41.45 11.03 22.99
N SER A 1288 40.26 10.58 23.37
CA SER A 1288 39.54 9.54 22.65
C SER A 1288 38.18 10.08 22.21
N ILE A 1289 37.76 9.73 21.01
CA ILE A 1289 36.51 10.22 20.43
C ILE A 1289 35.42 9.20 20.74
N ARG A 1290 34.50 9.57 21.63
CA ARG A 1290 33.34 8.75 21.96
C ARG A 1290 32.03 9.44 21.62
N ASP A 1291 32.08 10.61 20.97
CA ASP A 1291 30.89 11.34 20.60
C ASP A 1291 31.01 11.84 19.16
N GLU A 1292 30.10 12.72 18.75
CA GLU A 1292 30.09 13.23 17.38
C GLU A 1292 30.20 14.74 17.27
N LYS A 1293 29.97 15.49 18.34
CA LYS A 1293 30.06 16.93 18.30
C LYS A 1293 31.41 17.45 18.78
N GLU A 1294 32.24 16.57 19.35
CA GLU A 1294 33.56 16.99 19.82
C GLU A 1294 34.48 17.38 18.67
N ASN A 1295 34.32 16.76 17.50
CA ASN A 1295 35.16 17.10 16.36
C ASN A 1295 34.93 18.54 15.92
N ASN A 1296 33.67 18.94 15.78
CA ASN A 1296 33.38 20.33 15.42
C ASN A 1296 33.82 21.29 16.50
N PHE A 1297 33.73 20.88 17.77
CA PHE A 1297 34.16 21.74 18.87
C PHE A 1297 35.66 22.00 18.80
N VAL A 1298 36.46 20.94 18.66
CA VAL A 1298 37.90 21.14 18.59
C VAL A 1298 38.29 21.84 17.29
N LEU A 1299 37.50 21.66 16.22
CA LEU A 1299 37.77 22.38 14.98
C LEU A 1299 37.57 23.88 15.16
N GLU A 1300 36.47 24.27 15.81
CA GLU A 1300 36.22 25.68 16.06
C GLU A 1300 37.20 26.24 17.09
N GLN A 1301 37.72 25.41 17.99
CA GLN A 1301 38.69 25.86 18.97
C GLN A 1301 40.10 25.95 18.38
N LEU A 1302 40.35 25.27 17.26
CA LEU A 1302 41.70 25.24 16.69
C LEU A 1302 42.10 26.60 16.13
N LEU A 1303 41.24 27.20 15.30
CA LEU A 1303 41.60 28.42 14.58
C LEU A 1303 41.55 29.65 15.48
N TYR A 1304 42.34 29.60 16.55
CA TYR A 1304 42.48 30.71 17.47
C TYR A 1304 43.91 31.26 17.53
N PHE A 1305 44.92 30.39 17.51
CA PHE A 1305 46.32 30.77 17.51
C PHE A 1305 47.06 30.02 16.41
N ASN A 1306 46.48 30.02 15.21
CA ASN A 1306 46.99 29.25 14.08
C ASN A 1306 47.99 30.03 13.24
N TYR A 1307 48.72 30.96 13.84
CA TYR A 1307 49.75 31.70 13.10
C TYR A 1307 50.76 30.76 12.46
N MET A 1308 51.20 29.75 13.23
CA MET A 1308 52.14 28.76 12.73
C MET A 1308 51.59 27.34 12.82
N ALA A 1309 50.36 27.18 13.28
CA ALA A 1309 49.73 25.87 13.44
C ALA A 1309 48.84 25.58 12.24
N SER A 1310 49.13 24.49 11.55
CA SER A 1310 48.34 24.07 10.39
C SER A 1310 47.95 22.60 10.41
N TRP A 1311 48.65 21.75 11.13
CA TRP A 1311 48.35 20.32 11.19
C TRP A 1311 47.79 19.95 12.55
N VAL A 1312 47.01 18.88 12.58
CA VAL A 1312 46.39 18.36 13.79
C VAL A 1312 46.83 16.91 13.98
N MET A 1313 47.20 16.56 15.20
CA MET A 1313 47.66 15.23 15.53
C MET A 1313 46.51 14.41 16.16
N LEU A 1314 46.70 13.10 16.14
CA LEU A 1314 45.73 12.17 16.72
C LEU A 1314 46.47 11.16 17.59
N GLY A 1315 45.70 10.41 18.37
CA GLY A 1315 46.28 9.43 19.27
C GLY A 1315 46.26 8.02 18.74
N ILE A 1316 46.28 7.88 17.42
CA ILE A 1316 46.28 6.57 16.76
C ILE A 1316 47.73 6.21 16.46
N THR A 1317 48.19 5.09 17.04
CA THR A 1317 49.57 4.65 16.87
C THR A 1317 49.59 3.14 16.70
N TYR A 1318 50.80 2.58 16.65
CA TYR A 1318 51.00 1.14 16.55
C TYR A 1318 50.76 0.53 17.93
N ARG A 1319 49.67 -0.23 18.06
CA ARG A 1319 49.29 -0.83 19.34
C ARG A 1319 48.88 -2.28 19.10
N ASN A 1320 49.72 -3.21 19.57
CA ASN A 1320 49.43 -4.64 19.50
C ASN A 1320 49.22 -5.11 18.05
N LYS A 1321 50.17 -4.78 17.19
CA LYS A 1321 50.14 -5.16 15.78
C LYS A 1321 48.86 -4.67 15.10
N SER A 1322 48.42 -3.48 15.48
CA SER A 1322 47.20 -2.90 14.93
C SER A 1322 47.27 -1.39 15.06
N LEU A 1323 46.30 -0.72 14.44
CA LEU A 1323 46.21 0.74 14.46
C LEU A 1323 45.11 1.12 15.45
N MET A 1324 45.48 1.23 16.72
CA MET A 1324 44.53 1.56 17.77
C MET A 1324 45.06 2.68 18.67
N TRP A 1325 44.36 2.96 19.77
CA TRP A 1325 44.76 4.00 20.69
C TRP A 1325 45.88 3.49 21.59
N PHE A 1326 46.25 4.28 22.59
CA PHE A 1326 47.30 3.90 23.53
C PHE A 1326 46.76 3.04 24.67
N ASP A 1327 45.55 3.34 25.15
CA ASP A 1327 44.97 2.59 26.24
C ASP A 1327 44.47 1.22 25.76
N LYS A 1328 44.08 0.39 26.73
CA LYS A 1328 43.59 -0.96 26.44
C LYS A 1328 42.08 -0.88 26.23
N THR A 1329 41.68 -0.42 25.04
CA THR A 1329 40.29 -0.28 24.69
C THR A 1329 40.14 -0.40 23.18
N PRO A 1330 39.12 -1.10 22.69
CA PRO A 1330 38.94 -1.24 21.24
C PRO A 1330 38.45 0.06 20.62
N LEU A 1331 38.48 0.08 19.28
CA LEU A 1331 38.06 1.23 18.51
C LEU A 1331 36.66 1.00 17.94
N SER A 1332 35.83 2.04 17.98
CA SER A 1332 34.48 1.99 17.43
C SER A 1332 34.29 2.95 16.28
N TYR A 1333 34.75 4.20 16.42
CA TYR A 1333 34.64 5.20 15.37
C TYR A 1333 35.91 5.14 14.52
N THR A 1334 35.81 4.53 13.35
CA THR A 1334 36.97 4.38 12.47
C THR A 1334 37.43 5.74 11.96
N HIS A 1335 38.72 5.85 11.68
CA HIS A 1335 39.34 7.09 11.21
C HIS A 1335 40.24 6.82 10.01
N TRP A 1336 39.78 5.98 9.09
CA TRP A 1336 40.56 5.61 7.92
C TRP A 1336 40.07 6.38 6.69
N ARG A 1337 40.98 6.58 5.73
CA ARG A 1337 40.66 7.36 4.54
C ARG A 1337 39.89 6.51 3.52
N ALA A 1338 40.53 5.45 3.02
CA ALA A 1338 39.92 4.59 2.02
C ALA A 1338 40.66 3.27 1.98
N GLY A 1339 39.95 2.22 1.59
CA GLY A 1339 40.57 0.91 1.48
C GLY A 1339 40.79 0.31 2.87
N ARG A 1340 41.98 -0.21 3.10
CA ARG A 1340 42.34 -0.81 4.38
C ARG A 1340 43.83 -0.61 4.61
N PRO A 1341 44.21 0.31 5.49
CA PRO A 1341 45.63 0.53 5.76
C PRO A 1341 46.27 -0.68 6.41
N THR A 1342 47.54 -0.91 6.07
CA THR A 1342 48.32 -2.03 6.59
C THR A 1342 49.68 -1.55 7.06
N ILE A 1343 49.69 -0.44 7.79
CA ILE A 1343 50.93 0.11 8.31
C ILE A 1343 51.46 -0.79 9.42
N LYS A 1344 52.68 -1.29 9.25
CA LYS A 1344 53.32 -2.16 10.23
C LYS A 1344 54.42 -1.46 11.01
N ASN A 1345 54.68 -0.19 10.72
CA ASN A 1345 55.72 0.55 11.44
C ASN A 1345 55.27 0.84 12.87
N GLU A 1346 56.23 1.26 13.70
CA GLU A 1346 55.95 1.57 15.10
C GLU A 1346 55.17 2.87 15.27
N LYS A 1347 55.03 3.68 14.22
CA LYS A 1347 54.31 4.93 14.31
C LYS A 1347 53.93 5.40 12.92
N PHE A 1348 53.00 6.35 12.88
CA PHE A 1348 52.56 6.96 11.62
C PHE A 1348 51.97 8.33 11.96
N LEU A 1349 51.40 8.98 10.96
CA LEU A 1349 50.87 10.34 11.10
C LEU A 1349 49.36 10.32 10.85
N ALA A 1350 48.59 10.24 11.93
CA ALA A 1350 47.13 10.34 11.84
C ALA A 1350 46.73 11.80 11.96
N GLY A 1351 46.24 12.38 10.85
CA GLY A 1351 45.97 13.79 10.79
C GLY A 1351 44.50 14.07 10.61
N LEU A 1352 44.08 15.24 11.11
CA LEU A 1352 42.72 15.72 10.98
C LEU A 1352 42.68 16.86 9.98
N SER A 1353 41.73 16.78 9.04
CA SER A 1353 41.69 17.69 7.91
C SER A 1353 41.03 19.01 8.31
N THR A 1354 40.72 19.85 7.33
CA THR A 1354 40.10 21.13 7.60
C THR A 1354 38.59 21.00 7.81
N ASP A 1355 37.98 19.99 7.21
CA ASP A 1355 36.55 19.75 7.35
C ASP A 1355 36.21 18.46 8.09
N GLY A 1356 37.18 17.56 8.25
CA GLY A 1356 36.92 16.32 8.96
C GLY A 1356 37.21 15.08 8.14
N PHE A 1357 38.06 15.22 7.13
CA PHE A 1357 38.45 14.07 6.31
C PHE A 1357 39.50 13.25 7.05
N TRP A 1358 39.19 11.98 7.31
CA TRP A 1358 40.13 11.10 8.00
C TRP A 1358 41.33 10.84 7.11
N ASP A 1359 42.53 11.12 7.63
CA ASP A 1359 43.74 11.06 6.84
C ASP A 1359 44.86 10.36 7.61
N ILE A 1360 45.55 9.45 6.92
CA ILE A 1360 46.71 8.75 7.46
C ILE A 1360 47.87 8.98 6.52
N GLN A 1361 49.05 9.22 7.10
CA GLN A 1361 50.27 9.49 6.33
C GLN A 1361 51.40 8.66 6.91
N THR A 1362 51.91 7.73 6.10
CA THR A 1362 53.07 6.94 6.52
C THR A 1362 54.33 7.78 6.37
N PHE A 1363 55.18 7.73 7.39
CA PHE A 1363 56.38 8.55 7.44
C PHE A 1363 57.62 7.67 7.55
N LYS A 1364 58.71 8.14 6.93
CA LYS A 1364 60.01 7.51 7.05
C LYS A 1364 61.06 8.42 7.66
N VAL A 1365 60.91 9.74 7.51
CA VAL A 1365 61.76 10.73 8.15
C VAL A 1365 60.97 11.36 9.28
N ILE A 1366 61.67 11.69 10.37
CA ILE A 1366 61.03 12.19 11.57
C ILE A 1366 61.03 13.71 11.55
N GLU A 1367 61.36 14.31 10.41
CA GLU A 1367 61.38 15.76 10.29
C GLU A 1367 59.98 16.30 10.02
N GLU A 1368 59.00 15.87 10.82
CA GLU A 1368 57.64 16.40 10.79
C GLU A 1368 57.12 16.54 12.21
N ALA A 1369 57.96 17.01 13.12
CA ALA A 1369 57.65 17.01 14.54
C ALA A 1369 57.67 18.41 15.13
N VAL A 1370 57.01 19.36 14.47
CA VAL A 1370 57.16 20.78 14.77
C VAL A 1370 55.98 21.33 15.59
N TYR A 1371 54.71 21.10 15.21
CA TYR A 1371 53.99 20.13 14.32
C TYR A 1371 53.91 18.72 14.90
N PHE A 1372 54.57 18.47 16.03
CA PHE A 1372 54.14 17.31 16.81
C PHE A 1372 53.96 17.60 18.29
N HIS A 1373 54.85 18.41 18.89
CA HIS A 1373 54.81 18.63 20.33
C HIS A 1373 55.04 20.07 20.75
N GLN A 1374 55.55 20.95 19.89
CA GLN A 1374 55.88 22.31 20.30
C GLN A 1374 54.70 23.26 20.16
N HIS A 1375 54.10 23.34 18.98
CA HIS A 1375 53.00 24.26 18.71
C HIS A 1375 51.84 23.50 18.07
N SER A 1376 51.47 22.38 18.68
CA SER A 1376 50.37 21.55 18.21
C SER A 1376 49.42 21.24 19.36
N ILE A 1377 48.47 20.35 19.11
CA ILE A 1377 47.49 19.95 20.10
C ILE A 1377 48.00 18.72 20.84
N LEU A 1378 48.22 18.86 22.14
CA LEU A 1378 48.57 17.76 23.02
C LEU A 1378 47.50 17.55 24.09
N ALA A 1379 46.24 17.62 23.68
CA ALA A 1379 45.13 17.57 24.62
C ALA A 1379 44.87 16.14 25.06
N CYS A 1380 44.77 15.93 26.36
CA CYS A 1380 44.43 14.63 26.94
C CYS A 1380 43.29 14.82 27.93
N LYS A 1381 42.23 14.03 27.78
CA LYS A 1381 40.99 14.25 28.52
C LYS A 1381 41.13 13.80 29.97
N ILE A 1382 40.20 14.27 30.79
CA ILE A 1382 40.16 13.96 32.22
C ILE A 1382 38.92 13.15 32.58
N GLU A 1383 37.76 13.57 32.08
CA GLU A 1383 36.48 12.91 32.37
C GLU A 1383 36.21 12.81 33.87
N ARG B 30 -0.57 74.12 -4.14
CA ARG B 30 0.21 74.11 -5.37
C ARG B 30 0.49 72.68 -5.83
N ALA B 31 1.24 72.56 -6.93
CA ALA B 31 1.59 71.25 -7.47
C ALA B 31 2.95 71.38 -8.14
N ALA B 32 4.00 70.96 -7.44
CA ALA B 32 5.35 71.04 -7.97
C ALA B 32 6.15 69.83 -7.48
N ASN B 33 7.18 69.49 -8.23
CA ASN B 33 8.03 68.34 -7.90
C ASN B 33 9.01 68.75 -6.81
N ASP B 34 8.94 68.09 -5.65
CA ASP B 34 9.81 68.38 -4.52
C ASP B 34 10.83 67.26 -4.33
N PRO B 35 12.05 67.61 -3.92
CA PRO B 35 13.05 66.57 -3.67
C PRO B 35 12.61 65.64 -2.54
N PHE B 36 12.88 64.35 -2.72
CA PHE B 36 12.45 63.34 -1.78
C PHE B 36 13.47 62.21 -1.75
N THR B 37 13.18 61.18 -0.98
CA THR B 37 14.05 60.01 -0.84
C THR B 37 13.21 58.74 -0.95
N ILE B 38 13.77 57.73 -1.59
CA ILE B 38 13.11 56.44 -1.76
C ILE B 38 13.64 55.48 -0.70
N VAL B 39 12.74 54.88 0.06
CA VAL B 39 13.09 53.99 1.16
C VAL B 39 12.42 52.64 0.92
N HIS B 40 13.05 51.59 1.44
CA HIS B 40 12.49 50.25 1.38
C HIS B 40 11.48 50.06 2.50
N GLY B 41 10.47 49.22 2.24
CA GLY B 41 9.40 49.00 3.19
C GLY B 41 9.71 47.98 4.25
N ASN B 42 10.14 46.79 3.83
CA ASN B 42 10.44 45.72 4.78
C ASN B 42 11.63 46.09 5.66
N THR B 43 12.76 46.40 5.04
CA THR B 43 13.96 46.82 5.76
C THR B 43 14.11 48.33 5.69
N GLY B 44 14.79 48.88 6.69
CA GLY B 44 15.02 50.31 6.76
C GLY B 44 16.26 50.74 5.99
N LYS B 45 16.26 50.49 4.69
CA LYS B 45 17.39 50.81 3.83
C LYS B 45 17.08 52.03 2.97
N CYS B 46 18.13 52.73 2.56
CA CYS B 46 17.99 54.00 1.86
C CYS B 46 18.88 53.96 0.62
N ILE B 47 18.55 54.81 -0.35
CA ILE B 47 19.29 54.83 -1.60
C ILE B 47 20.52 55.71 -1.45
N LYS B 48 21.70 55.13 -1.64
CA LYS B 48 22.96 55.86 -1.53
C LYS B 48 23.82 55.58 -2.76
N PRO B 49 23.99 56.57 -3.63
CA PRO B 49 24.80 56.35 -4.85
C PRO B 49 26.28 56.59 -4.60
N VAL B 50 27.08 55.62 -5.04
CA VAL B 50 28.53 55.74 -5.07
C VAL B 50 28.95 55.84 -6.53
N TYR B 51 30.25 56.11 -6.74
CA TYR B 51 30.81 56.55 -8.02
C TYR B 51 30.17 55.89 -9.23
N GLY B 52 29.84 54.60 -9.13
CA GLY B 52 29.15 53.95 -10.21
C GLY B 52 28.10 52.94 -9.79
N TRP B 53 27.74 52.89 -8.51
CA TRP B 53 26.87 51.82 -8.04
C TRP B 53 26.02 52.35 -6.88
N ILE B 54 25.40 51.43 -6.14
CA ILE B 54 24.53 51.76 -5.01
C ILE B 54 25.02 51.00 -3.79
N VAL B 55 25.02 51.66 -2.64
CA VAL B 55 25.55 51.08 -1.41
C VAL B 55 24.43 51.09 -0.36
N ALA B 56 24.75 50.65 0.86
CA ALA B 56 23.79 50.53 1.94
C ALA B 56 23.19 51.88 2.34
N ASP B 57 22.27 51.88 3.30
CA ASP B 57 21.44 53.04 3.59
C ASP B 57 22.22 54.29 3.96
N ASP B 58 22.89 54.27 5.12
CA ASP B 58 23.52 55.47 5.67
C ASP B 58 22.59 56.67 5.61
N CYS B 59 21.31 56.44 5.87
CA CYS B 59 20.24 57.38 5.58
C CYS B 59 19.99 58.27 6.80
N ASP B 60 18.84 58.97 6.79
CA ASP B 60 18.41 59.89 7.83
C ASP B 60 19.24 61.16 7.84
N GLU B 61 19.96 61.44 6.76
CA GLU B 61 20.72 62.68 6.61
C GLU B 61 20.55 63.13 5.17
N THR B 62 19.75 64.18 4.95
CA THR B 62 19.38 64.62 3.62
C THR B 62 20.39 65.61 3.03
N GLU B 63 21.64 65.57 3.52
CA GLU B 63 22.66 66.46 3.00
C GLU B 63 23.25 65.98 1.67
N ASP B 64 23.15 64.69 1.37
CA ASP B 64 23.71 64.15 0.14
C ASP B 64 22.67 63.35 -0.65
N LYS B 65 21.80 62.64 0.05
CA LYS B 65 20.82 61.77 -0.59
C LYS B 65 19.61 62.59 -0.99
N LEU B 66 19.53 62.94 -2.27
CA LEU B 66 18.39 63.65 -2.83
C LEU B 66 18.07 63.10 -4.21
N TRP B 67 16.78 62.84 -4.46
CA TRP B 67 16.33 62.30 -5.74
C TRP B 67 15.12 63.09 -6.22
N LYS B 68 14.93 63.12 -7.53
CA LYS B 68 13.82 63.84 -8.13
C LYS B 68 13.40 63.16 -9.43
N TRP B 69 12.21 63.51 -9.90
CA TRP B 69 11.65 62.97 -11.12
C TRP B 69 11.82 63.97 -12.26
N VAL B 70 12.40 63.51 -13.38
CA VAL B 70 12.61 64.34 -14.55
C VAL B 70 11.98 63.66 -15.76
N SER B 71 11.97 64.40 -16.88
CA SER B 71 11.22 64.01 -18.06
C SER B 71 11.69 62.65 -18.60
N GLN B 72 10.89 62.13 -19.53
CA GLN B 72 11.06 60.77 -20.06
C GLN B 72 10.97 59.72 -18.96
N HIS B 73 10.27 60.06 -17.86
CA HIS B 73 10.09 59.18 -16.72
C HIS B 73 11.43 58.71 -16.16
N ARG B 74 12.29 59.67 -15.84
CA ARG B 74 13.63 59.37 -15.37
C ARG B 74 13.82 59.83 -13.92
N LEU B 75 14.77 59.20 -13.25
CA LEU B 75 15.17 59.57 -11.89
C LEU B 75 16.50 60.28 -11.93
N PHE B 76 16.63 61.36 -11.17
CA PHE B 76 17.81 62.21 -11.20
C PHE B 76 18.27 62.48 -9.77
N HIS B 77 19.58 62.35 -9.56
CA HIS B 77 20.18 62.69 -8.28
C HIS B 77 20.67 64.13 -8.30
N LEU B 78 20.32 64.88 -7.25
CA LEU B 78 20.61 66.31 -7.23
C LEU B 78 22.09 66.59 -6.99
N HIS B 79 22.67 65.97 -5.96
CA HIS B 79 24.06 66.26 -5.61
C HIS B 79 25.03 65.61 -6.59
N SER B 80 24.98 64.29 -6.69
CA SER B 80 25.95 63.56 -7.53
C SER B 80 25.78 63.86 -9.01
N GLN B 81 24.58 64.28 -9.43
CA GLN B 81 24.30 64.60 -10.83
C GLN B 81 24.56 63.41 -11.75
N LYS B 82 24.33 62.20 -11.25
CA LYS B 82 24.55 60.97 -12.02
C LYS B 82 23.29 60.12 -11.94
N CYS B 83 22.54 60.08 -13.03
CA CYS B 83 21.30 59.32 -13.07
C CYS B 83 21.59 57.83 -13.25
N LEU B 84 20.57 57.02 -13.00
CA LEU B 84 20.67 55.56 -13.07
C LEU B 84 19.95 55.05 -14.32
N GLY B 85 20.41 53.91 -14.80
CA GLY B 85 19.82 53.31 -15.99
C GLY B 85 20.12 51.82 -16.05
N LEU B 86 19.55 51.18 -17.06
CA LEU B 86 19.70 49.75 -17.29
C LEU B 86 20.31 49.54 -18.66
N ASP B 87 21.50 48.95 -18.70
CA ASP B 87 22.21 48.65 -19.94
C ASP B 87 22.24 47.14 -20.12
N ILE B 88 21.28 46.62 -20.87
CA ILE B 88 21.17 45.18 -21.13
C ILE B 88 22.02 44.89 -22.36
N THR B 89 23.24 44.43 -22.12
CA THR B 89 24.17 44.07 -23.18
C THR B 89 24.73 42.66 -23.05
N LYS B 90 24.84 42.14 -21.84
CA LYS B 90 25.34 40.79 -21.58
C LYS B 90 24.23 39.96 -20.93
N SER B 91 24.60 38.77 -20.47
CA SER B 91 23.63 37.89 -19.84
C SER B 91 23.04 38.51 -18.57
N VAL B 92 23.89 39.12 -17.75
CA VAL B 92 23.47 39.78 -16.51
C VAL B 92 23.68 41.28 -16.70
N ASN B 93 22.58 42.02 -16.84
CA ASN B 93 22.65 43.47 -17.02
C ASN B 93 22.97 44.14 -15.69
N GLU B 94 24.10 44.85 -15.65
CA GLU B 94 24.50 45.52 -14.43
C GLU B 94 23.72 46.83 -14.24
N LEU B 95 23.21 47.03 -13.03
CA LEU B 95 22.45 48.23 -12.69
C LEU B 95 23.42 49.24 -12.10
N ARG B 96 23.92 50.13 -12.96
CA ARG B 96 24.94 51.09 -12.55
C ARG B 96 24.55 52.51 -12.93
N MET B 97 25.47 53.46 -12.73
CA MET B 97 25.22 54.84 -13.09
C MET B 97 25.56 55.08 -14.55
N PHE B 98 24.83 56.00 -15.17
CA PHE B 98 25.04 56.33 -16.58
C PHE B 98 24.81 57.82 -16.78
N SER B 99 25.29 58.32 -17.91
CA SER B 99 25.08 59.72 -18.26
C SER B 99 23.65 59.92 -18.78
N CYS B 100 23.01 61.00 -18.34
CA CYS B 100 21.63 61.25 -18.71
C CYS B 100 21.47 61.69 -20.17
N ASP B 101 22.57 61.94 -20.88
CA ASP B 101 22.53 62.28 -22.29
C ASP B 101 23.29 61.19 -23.05
N SER B 102 22.58 60.10 -23.36
CA SER B 102 23.16 58.96 -24.05
C SER B 102 22.03 57.99 -24.39
N SER B 103 22.38 56.96 -25.15
CA SER B 103 21.42 55.91 -25.51
C SER B 103 21.53 54.76 -24.52
N ALA B 104 21.07 55.03 -23.29
CA ALA B 104 21.11 54.07 -22.21
C ALA B 104 19.77 53.42 -21.93
N MET B 105 18.68 53.93 -22.50
CA MET B 105 17.33 53.38 -22.29
C MET B 105 16.97 53.35 -20.81
N LEU B 106 16.92 54.55 -20.22
CA LEU B 106 16.65 54.71 -18.79
C LEU B 106 15.26 55.28 -18.60
N TRP B 107 14.43 54.57 -17.83
CA TRP B 107 13.10 54.99 -17.46
C TRP B 107 12.54 54.01 -16.44
N TRP B 108 11.71 54.51 -15.53
CA TRP B 108 11.13 53.69 -14.48
C TRP B 108 9.68 54.08 -14.26
N LYS B 109 8.85 53.07 -14.00
CA LYS B 109 7.43 53.26 -13.73
C LYS B 109 7.05 52.51 -12.46
N CYS B 110 5.86 52.80 -11.95
CA CYS B 110 5.39 52.29 -10.68
C CYS B 110 4.30 51.25 -10.90
N GLU B 111 4.52 50.06 -10.36
CA GLU B 111 3.48 49.04 -10.23
C GLU B 111 2.82 49.16 -8.87
N HIS B 112 1.70 48.44 -8.71
CA HIS B 112 0.79 48.63 -7.58
C HIS B 112 1.49 48.90 -6.25
N HIS B 113 2.56 48.16 -5.96
CA HIS B 113 3.33 48.39 -4.76
C HIS B 113 4.84 48.23 -5.01
N SER B 114 5.30 48.51 -6.23
CA SER B 114 6.70 48.29 -6.56
C SER B 114 7.11 49.23 -7.70
N LEU B 115 8.35 49.08 -8.15
CA LEU B 115 8.90 49.85 -9.25
C LEU B 115 9.48 48.90 -10.29
N TYR B 116 9.10 49.10 -11.56
CA TYR B 116 9.63 48.31 -12.65
C TYR B 116 10.29 49.23 -13.66
N GLY B 117 11.43 48.79 -14.19
CA GLY B 117 12.26 49.65 -15.03
C GLY B 117 12.28 49.29 -16.50
N ALA B 118 13.37 48.66 -16.95
CA ALA B 118 13.59 48.41 -18.36
C ALA B 118 12.52 47.53 -18.99
N ALA B 119 12.44 46.27 -18.56
CA ALA B 119 11.45 45.32 -19.09
C ALA B 119 10.98 44.45 -17.92
N ARG B 120 9.92 44.88 -17.25
CA ARG B 120 9.38 44.20 -16.08
C ARG B 120 10.47 43.92 -15.04
N TYR B 121 11.52 44.74 -15.04
CA TYR B 121 12.67 44.56 -14.17
C TYR B 121 12.47 45.39 -12.91
N ARG B 122 12.25 44.72 -11.79
CA ARG B 122 12.09 45.39 -10.52
C ARG B 122 13.45 45.64 -9.87
N LEU B 123 13.52 46.70 -9.08
CA LEU B 123 14.76 47.05 -8.38
C LEU B 123 14.95 46.08 -7.22
N ALA B 124 15.52 44.92 -7.54
CA ALA B 124 15.74 43.89 -6.54
C ALA B 124 16.85 44.31 -5.57
N LEU B 125 16.67 43.94 -4.31
CA LEU B 125 17.62 44.28 -3.25
C LEU B 125 18.26 43.01 -2.72
N LYS B 126 19.59 43.02 -2.65
CA LYS B 126 20.33 41.84 -2.20
C LYS B 126 21.25 42.19 -1.04
N ASP B 127 20.72 42.91 -0.05
CA ASP B 127 21.43 43.26 1.17
C ASP B 127 22.69 44.10 0.87
N GLY B 128 22.45 45.25 0.25
CA GLY B 128 23.51 46.21 0.03
C GLY B 128 23.57 46.82 -1.35
N HIS B 129 23.23 46.05 -2.38
CA HIS B 129 23.28 46.51 -3.76
C HIS B 129 21.93 46.34 -4.43
N GLY B 130 21.62 47.23 -5.36
CA GLY B 130 20.40 47.15 -6.14
C GLY B 130 20.67 46.60 -7.52
N THR B 131 19.90 45.57 -7.90
CA THR B 131 20.06 44.93 -9.19
C THR B 131 18.72 44.76 -9.89
N ALA B 132 18.69 44.05 -11.00
CA ALA B 132 17.47 43.82 -11.78
C ALA B 132 17.37 42.33 -12.08
N ILE B 133 16.61 41.60 -11.26
CA ILE B 133 16.37 40.18 -11.45
C ILE B 133 14.90 39.87 -11.73
N SER B 134 14.06 40.89 -11.86
CA SER B 134 12.61 40.73 -12.10
C SER B 134 11.97 39.83 -11.04
N ASN B 135 12.05 40.30 -9.79
CA ASN B 135 11.45 39.61 -8.66
C ASN B 135 10.20 40.35 -8.22
N ALA B 136 9.16 39.59 -7.90
CA ALA B 136 7.87 40.15 -7.52
C ALA B 136 7.70 40.31 -6.01
N SER B 137 8.79 40.32 -5.26
CA SER B 137 8.75 40.49 -3.80
C SER B 137 9.65 41.67 -3.44
N ASP B 138 9.10 42.88 -3.50
CA ASP B 138 9.82 44.10 -3.14
C ASP B 138 8.82 45.24 -3.06
N VAL B 139 9.02 46.12 -2.08
CA VAL B 139 8.17 47.29 -1.89
C VAL B 139 9.04 48.51 -1.67
N TRP B 140 8.54 49.67 -2.09
CA TRP B 140 9.25 50.93 -1.95
C TRP B 140 8.26 52.04 -1.62
N LYS B 141 8.65 52.90 -0.68
CA LYS B 141 7.84 54.05 -0.29
C LYS B 141 8.76 55.27 -0.21
N LYS B 142 8.22 56.38 0.27
CA LYS B 142 9.03 57.57 0.49
C LYS B 142 9.29 57.74 1.99
N GLY B 143 10.07 58.76 2.32
CA GLY B 143 10.54 58.95 3.68
C GLY B 143 9.45 59.23 4.70
N GLY B 144 9.18 58.27 5.57
CA GLY B 144 8.26 58.46 6.68
C GLY B 144 6.83 58.75 6.29
N SER B 145 6.33 58.08 5.25
CA SER B 145 4.96 58.28 4.82
C SER B 145 4.56 57.14 3.88
N GLU B 146 3.30 56.72 3.98
CA GLU B 146 2.75 55.69 3.11
C GLU B 146 2.37 56.35 1.77
N GLU B 147 3.13 56.07 0.74
CA GLU B 147 2.90 56.65 -0.58
C GLU B 147 3.65 55.85 -1.62
N SER B 148 3.03 55.68 -2.78
CA SER B 148 3.60 54.90 -3.87
C SER B 148 4.61 55.69 -4.69
N LEU B 149 5.02 56.87 -4.22
CA LEU B 149 6.04 57.73 -4.85
C LEU B 149 5.79 57.97 -6.34
N CYS B 150 4.55 57.75 -6.80
CA CYS B 150 4.22 57.99 -8.20
C CYS B 150 2.84 58.62 -8.38
N ASP B 151 2.14 58.95 -7.29
CA ASP B 151 0.82 59.57 -7.43
C ASP B 151 0.91 61.00 -7.93
N GLN B 152 2.04 61.66 -7.69
CA GLN B 152 2.25 63.02 -8.18
C GLN B 152 2.86 62.95 -9.58
N PRO B 153 2.15 63.38 -10.62
CA PRO B 153 2.70 63.28 -11.97
C PRO B 153 3.87 64.24 -12.17
N TYR B 154 4.50 64.12 -13.34
CA TYR B 154 5.62 64.99 -13.68
C TYR B 154 5.14 66.43 -13.82
N HIS B 155 5.90 67.36 -13.24
CA HIS B 155 5.53 68.77 -13.22
C HIS B 155 6.70 69.61 -13.73
N GLU B 156 6.36 70.67 -14.43
CA GLU B 156 7.37 71.58 -14.98
C GLU B 156 6.95 73.03 -14.82
N SER B 164 11.80 81.73 -24.53
CA SER B 164 11.49 81.32 -25.89
C SER B 164 10.02 80.95 -26.05
N TYR B 165 9.18 81.98 -26.21
CA TYR B 165 7.74 81.81 -26.39
C TYR B 165 7.09 81.08 -25.21
N GLY B 166 7.71 81.18 -24.04
CA GLY B 166 7.14 80.57 -22.84
C GLY B 166 7.07 79.06 -22.88
N ARG B 167 7.99 78.41 -23.60
CA ARG B 167 7.98 76.96 -23.67
C ARG B 167 8.37 76.36 -22.32
N PRO B 168 7.87 75.17 -22.00
CA PRO B 168 8.25 74.52 -20.74
C PRO B 168 9.73 74.15 -20.73
N CYS B 169 10.31 74.19 -19.53
CA CYS B 169 11.73 73.91 -19.39
C CYS B 169 12.00 72.41 -19.52
N GLU B 170 13.25 72.08 -19.80
CA GLU B 170 13.70 70.70 -19.98
C GLU B 170 14.61 70.34 -18.81
N PHE B 171 14.16 69.42 -17.96
CA PHE B 171 14.93 69.00 -16.80
C PHE B 171 15.36 67.55 -16.94
N PRO B 172 16.63 67.23 -16.70
CA PRO B 172 17.68 68.20 -16.38
C PRO B 172 18.34 68.77 -17.62
N PHE B 173 19.39 69.57 -17.44
CA PHE B 173 20.12 70.13 -18.57
C PHE B 173 21.59 70.32 -18.18
N LEU B 174 22.47 70.11 -19.17
CA LEU B 174 23.90 70.21 -18.95
C LEU B 174 24.39 71.57 -19.42
N ILE B 175 24.83 72.41 -18.48
CA ILE B 175 25.38 73.71 -18.78
C ILE B 175 26.66 73.90 -17.97
N ASP B 176 27.63 74.58 -18.57
CA ASP B 176 28.94 74.80 -17.97
C ASP B 176 29.62 73.49 -17.56
N GLY B 177 29.33 72.42 -18.29
CA GLY B 177 29.88 71.12 -17.97
C GLY B 177 29.30 70.45 -16.75
N THR B 178 28.20 70.96 -16.20
CA THR B 178 27.58 70.40 -15.02
C THR B 178 26.08 70.26 -15.24
N TRP B 179 25.48 69.29 -14.57
CA TRP B 179 24.04 69.06 -14.66
C TRP B 179 23.29 69.99 -13.73
N HIS B 180 22.09 70.41 -14.16
CA HIS B 180 21.24 71.26 -13.36
C HIS B 180 19.79 70.84 -13.57
N HIS B 181 19.00 70.97 -12.51
CA HIS B 181 17.61 70.49 -12.50
C HIS B 181 16.58 71.60 -12.30
N ASP B 182 16.98 72.74 -11.74
CA ASP B 182 16.04 73.80 -11.43
C ASP B 182 16.55 75.12 -12.01
N CYS B 183 15.64 76.07 -12.18
CA CYS B 183 15.97 77.40 -12.65
C CYS B 183 16.70 78.16 -11.54
N ILE B 184 18.04 78.23 -11.66
CA ILE B 184 18.87 78.82 -10.62
C ILE B 184 19.13 80.29 -10.96
N LEU B 185 19.53 81.06 -9.95
CA LEU B 185 19.80 82.48 -10.12
C LEU B 185 21.27 82.73 -10.41
N ASP B 186 21.55 83.85 -11.06
CA ASP B 186 22.91 84.27 -11.37
C ASP B 186 22.93 85.78 -11.54
N GLU B 187 24.02 86.30 -12.10
CA GLU B 187 24.16 87.74 -12.35
C GLU B 187 23.89 88.11 -13.80
N ASP B 188 23.56 87.13 -14.65
CA ASP B 188 23.30 87.43 -16.05
C ASP B 188 21.89 87.98 -16.27
N HIS B 189 20.89 87.18 -15.91
CA HIS B 189 19.50 87.58 -16.08
C HIS B 189 18.95 88.22 -14.81
N SER B 190 17.72 88.70 -14.89
CA SER B 190 17.08 89.36 -13.75
C SER B 190 16.75 88.35 -12.66
N GLY B 191 16.03 87.29 -13.03
CA GLY B 191 15.63 86.28 -12.08
C GLY B 191 16.01 84.88 -12.53
N PRO B 192 15.10 83.92 -12.33
CA PRO B 192 15.41 82.54 -12.71
C PRO B 192 15.29 82.34 -14.22
N TRP B 193 16.15 81.48 -14.75
CA TRP B 193 16.20 81.21 -16.18
C TRP B 193 16.36 79.71 -16.39
N CYS B 194 15.68 79.17 -17.39
CA CYS B 194 15.77 77.75 -17.73
C CYS B 194 16.02 77.59 -19.23
N ALA B 195 16.24 76.34 -19.63
CA ALA B 195 16.50 76.00 -21.02
C ALA B 195 15.22 75.49 -21.67
N THR B 196 14.95 75.96 -22.89
CA THR B 196 13.79 75.54 -23.66
C THR B 196 14.15 74.53 -24.75
N THR B 197 15.26 73.82 -24.60
CA THR B 197 15.69 72.82 -25.57
C THR B 197 16.47 71.74 -24.85
N LEU B 198 16.35 70.51 -25.35
CA LEU B 198 17.06 69.38 -24.74
C LEU B 198 18.57 69.56 -24.82
N ASN B 199 19.06 70.23 -25.86
CA ASN B 199 20.49 70.48 -26.04
C ASN B 199 20.67 71.99 -26.20
N TYR B 200 20.87 72.69 -25.07
CA TYR B 200 21.04 74.13 -25.10
C TYR B 200 22.37 74.55 -25.72
N GLU B 201 23.37 73.67 -25.70
CA GLU B 201 24.67 74.02 -26.27
C GLU B 201 24.61 74.15 -27.79
N TYR B 202 23.65 73.52 -28.45
CA TYR B 202 23.54 73.56 -29.90
C TYR B 202 22.44 74.49 -30.39
N ASP B 203 21.43 74.77 -29.56
CA ASP B 203 20.32 75.63 -29.95
C ASP B 203 20.41 77.02 -29.35
N ARG B 204 20.84 77.13 -28.09
CA ARG B 204 21.01 78.41 -27.40
C ARG B 204 19.70 79.19 -27.36
N LYS B 205 18.65 78.52 -26.89
CA LYS B 205 17.33 79.11 -26.74
C LYS B 205 16.88 78.92 -25.30
N TRP B 206 16.90 79.99 -24.53
CA TRP B 206 16.54 79.96 -23.12
C TRP B 206 15.17 80.58 -22.90
N GLY B 207 14.73 80.56 -21.65
CA GLY B 207 13.45 81.12 -21.30
C GLY B 207 13.39 81.47 -19.83
N ILE B 208 12.31 82.16 -19.46
CA ILE B 208 12.09 82.64 -18.10
C ILE B 208 11.36 81.56 -17.32
N CYS B 209 11.84 81.30 -16.10
CA CYS B 209 11.24 80.29 -15.22
C CYS B 209 9.92 80.84 -14.70
N LEU B 210 8.83 80.52 -15.39
CA LEU B 210 7.51 81.06 -15.06
C LEU B 210 6.98 80.35 -13.81
N LYS B 211 6.98 81.07 -12.70
CA LYS B 211 6.48 80.52 -11.44
C LYS B 211 5.04 80.96 -11.19
N GLN B 231 -1.35 88.75 -14.96
CA GLN B 231 -0.07 88.41 -15.57
C GLN B 231 -0.21 88.27 -17.08
N PHE B 232 0.16 89.31 -17.81
CA PHE B 232 0.01 89.34 -19.27
C PHE B 232 1.33 88.90 -19.89
N ASN B 233 1.46 87.59 -20.13
CA ASN B 233 2.66 87.03 -20.75
C ASN B 233 2.54 87.16 -22.27
N THR B 234 2.79 88.38 -22.74
CA THR B 234 2.66 88.69 -24.15
C THR B 234 3.73 87.96 -24.96
N GLN B 235 3.37 87.61 -26.20
CA GLN B 235 4.26 86.91 -27.14
C GLN B 235 4.65 85.53 -26.62
N THR B 236 3.77 84.91 -25.85
CA THR B 236 3.96 83.55 -25.35
C THR B 236 2.77 82.72 -25.84
N ALA B 237 2.91 82.14 -27.03
CA ALA B 237 1.83 81.41 -27.67
C ALA B 237 1.90 79.95 -27.25
N LEU B 238 0.92 79.52 -26.44
CA LEU B 238 0.81 78.14 -26.00
C LEU B 238 -0.62 77.65 -26.19
N SER B 239 -0.80 76.34 -26.08
CA SER B 239 -2.14 75.77 -26.13
C SER B 239 -2.86 76.01 -24.81
N TRP B 240 -4.20 76.07 -24.90
CA TRP B 240 -4.99 76.41 -23.72
C TRP B 240 -4.90 75.35 -22.63
N LYS B 241 -4.84 74.07 -23.01
CA LYS B 241 -4.68 73.01 -22.02
C LYS B 241 -3.31 73.12 -21.35
N GLU B 242 -2.28 73.44 -22.13
CA GLU B 242 -0.95 73.59 -21.55
C GLU B 242 -0.88 74.80 -20.63
N ALA B 243 -1.54 75.89 -21.01
CA ALA B 243 -1.58 77.06 -20.14
C ALA B 243 -2.32 76.76 -18.84
N TYR B 244 -3.47 76.07 -18.95
CA TYR B 244 -4.24 75.70 -17.77
C TYR B 244 -3.41 74.84 -16.82
N VAL B 245 -2.79 73.78 -17.35
CA VAL B 245 -1.99 72.92 -16.49
C VAL B 245 -0.74 73.62 -15.99
N SER B 246 -0.24 74.62 -16.72
CA SER B 246 0.97 75.32 -16.30
C SER B 246 0.72 76.26 -15.15
N CYS B 247 -0.38 77.03 -15.19
CA CYS B 247 -0.66 77.87 -14.02
C CYS B 247 -1.51 77.13 -12.99
N GLN B 248 -1.87 75.88 -13.25
CA GLN B 248 -2.28 74.98 -12.17
C GLN B 248 -1.06 74.45 -11.43
N ASN B 249 0.02 74.18 -12.17
CA ASN B 249 1.32 73.96 -11.54
C ASN B 249 1.70 75.15 -10.67
N GLN B 250 1.41 76.36 -11.12
CA GLN B 250 1.68 77.58 -10.35
C GLN B 250 0.64 77.83 -9.28
N GLY B 251 -0.45 77.06 -9.24
CA GLY B 251 -1.48 77.22 -8.24
C GLY B 251 -2.53 78.26 -8.55
N ALA B 252 -2.47 78.89 -9.73
CA ALA B 252 -3.43 79.91 -10.10
C ALA B 252 -4.57 79.30 -10.90
N ASP B 253 -5.59 80.12 -11.18
CA ASP B 253 -6.73 79.71 -11.97
C ASP B 253 -6.86 80.60 -13.19
N LEU B 254 -7.71 80.19 -14.13
CA LEU B 254 -7.91 80.96 -15.34
C LEU B 254 -8.70 82.24 -15.02
N LEU B 255 -8.71 83.15 -15.99
CA LEU B 255 -9.36 84.44 -15.79
C LEU B 255 -10.87 84.26 -15.63
N SER B 256 -11.39 84.75 -14.51
CA SER B 256 -12.81 84.66 -14.18
C SER B 256 -13.38 86.07 -14.12
N ILE B 257 -14.10 86.46 -15.17
CA ILE B 257 -14.68 87.80 -15.25
C ILE B 257 -16.02 87.79 -14.53
N ASN B 258 -16.13 88.56 -13.45
CA ASN B 258 -17.35 88.65 -12.66
C ASN B 258 -18.16 89.90 -12.95
N SER B 259 -17.50 91.04 -13.16
CA SER B 259 -18.18 92.31 -13.40
C SER B 259 -17.61 92.97 -14.65
N ALA B 260 -18.30 94.01 -15.11
CA ALA B 260 -17.87 94.76 -16.29
C ALA B 260 -16.69 95.67 -15.99
N ALA B 261 -16.38 95.94 -14.72
CA ALA B 261 -15.27 96.80 -14.38
C ALA B 261 -13.95 96.18 -14.82
N GLU B 262 -13.76 94.89 -14.55
CA GLU B 262 -12.52 94.22 -14.93
C GLU B 262 -12.34 94.19 -16.44
N LEU B 263 -13.43 93.96 -17.19
CA LEU B 263 -13.33 93.95 -18.64
C LEU B 263 -13.04 95.33 -19.19
N THR B 264 -13.69 96.36 -18.65
CA THR B 264 -13.41 97.72 -19.10
C THR B 264 -11.99 98.15 -18.75
N TYR B 265 -11.43 97.59 -17.67
CA TYR B 265 -10.04 97.88 -17.34
C TYR B 265 -9.08 97.15 -18.27
N LEU B 266 -9.41 95.91 -18.64
CA LEU B 266 -8.58 95.15 -19.55
C LEU B 266 -8.66 95.65 -20.99
N LYS B 267 -9.74 96.35 -21.35
CA LYS B 267 -9.87 96.87 -22.72
C LYS B 267 -8.77 97.89 -23.01
N GLU B 268 -8.58 98.85 -22.11
CA GLU B 268 -7.61 99.92 -22.29
C GLU B 268 -6.17 99.47 -22.10
N LYS B 269 -5.95 98.23 -21.67
CA LYS B 269 -4.60 97.72 -21.45
C LYS B 269 -3.82 97.69 -22.76
N GLU B 270 -2.66 98.32 -22.76
CA GLU B 270 -1.82 98.34 -23.96
C GLU B 270 -0.94 97.10 -24.05
N GLY B 271 -0.27 96.75 -22.95
CA GLY B 271 0.58 95.57 -22.94
C GLY B 271 -0.20 94.28 -22.84
N ILE B 272 -0.97 93.96 -23.88
CA ILE B 272 -1.76 92.74 -23.91
C ILE B 272 -2.06 92.42 -25.37
N ALA B 273 -2.19 91.12 -25.66
CA ALA B 273 -2.46 90.69 -27.03
C ALA B 273 -3.92 90.98 -27.40
N LYS B 274 -4.16 91.16 -28.69
CA LYS B 274 -5.51 91.43 -29.17
C LYS B 274 -6.39 90.18 -29.09
N ILE B 275 -5.78 89.00 -29.11
CA ILE B 275 -6.50 87.74 -29.07
C ILE B 275 -5.82 86.82 -28.05
N PHE B 276 -6.61 86.20 -27.19
CA PHE B 276 -6.09 85.32 -26.15
C PHE B 276 -7.24 84.48 -25.61
N TRP B 277 -6.92 83.60 -24.65
CA TRP B 277 -7.90 82.77 -23.99
C TRP B 277 -8.28 83.37 -22.64
N ILE B 278 -9.46 82.98 -22.16
CA ILE B 278 -9.95 83.45 -20.87
C ILE B 278 -10.15 82.27 -19.93
N GLY B 279 -10.36 81.08 -20.52
CA GLY B 279 -10.59 79.87 -19.75
C GLY B 279 -12.00 79.35 -19.81
N LEU B 280 -12.89 80.01 -20.55
CA LEU B 280 -14.28 79.58 -20.66
C LEU B 280 -14.33 78.30 -21.49
N ASN B 281 -14.51 77.16 -20.82
CA ASN B 281 -14.54 75.88 -21.51
C ASN B 281 -15.36 74.91 -20.67
N GLN B 282 -15.83 73.84 -21.31
CA GLN B 282 -16.68 72.84 -20.67
C GLN B 282 -15.86 71.59 -20.42
N LEU B 283 -15.23 71.52 -19.25
CA LEU B 283 -14.57 70.29 -18.84
C LEU B 283 -15.58 69.22 -18.48
N TYR B 284 -16.76 69.63 -18.03
CA TYR B 284 -17.85 68.70 -17.75
C TYR B 284 -18.77 68.65 -18.97
N SER B 285 -18.86 67.48 -19.60
CA SER B 285 -19.57 67.35 -20.86
C SER B 285 -21.09 67.42 -20.71
N ALA B 286 -21.61 67.46 -19.49
CA ALA B 286 -23.05 67.51 -19.26
C ALA B 286 -23.53 68.91 -18.92
N ARG B 287 -22.66 69.92 -18.97
CA ARG B 287 -23.05 71.30 -18.70
C ARG B 287 -22.40 72.20 -19.74
N GLY B 288 -23.02 73.37 -19.94
CA GLY B 288 -22.69 74.22 -21.07
C GLY B 288 -21.33 74.88 -21.04
N TRP B 289 -21.12 75.82 -20.12
CA TRP B 289 -19.88 76.59 -20.10
C TRP B 289 -19.55 76.95 -18.65
N GLU B 290 -18.29 76.79 -18.28
CA GLU B 290 -17.82 77.11 -16.93
C GLU B 290 -16.45 77.78 -17.03
N TRP B 291 -15.96 78.24 -15.88
CA TRP B 291 -14.63 78.81 -15.77
C TRP B 291 -13.70 77.77 -15.15
N SER B 292 -12.46 78.18 -14.86
CA SER B 292 -11.53 77.28 -14.19
C SER B 292 -12.02 76.93 -12.79
N ASP B 293 -12.20 77.93 -11.95
CA ASP B 293 -12.79 77.73 -10.63
C ASP B 293 -14.31 77.70 -10.76
N HIS B 294 -15.01 77.70 -9.62
CA HIS B 294 -16.47 77.67 -9.63
C HIS B 294 -16.98 79.08 -9.40
N LYS B 295 -16.98 79.85 -10.48
CA LYS B 295 -17.46 81.22 -10.50
C LYS B 295 -18.81 81.30 -11.20
N PRO B 296 -19.69 82.21 -10.78
CA PRO B 296 -21.02 82.30 -11.38
C PRO B 296 -20.96 82.76 -12.82
N LEU B 297 -21.95 82.31 -13.60
CA LEU B 297 -22.07 82.65 -15.01
C LEU B 297 -23.21 83.66 -15.15
N ASN B 298 -22.85 84.94 -15.16
CA ASN B 298 -23.83 86.01 -15.29
C ASN B 298 -23.40 87.03 -16.34
N PHE B 299 -22.10 87.07 -16.65
CA PHE B 299 -21.54 88.03 -17.59
C PHE B 299 -21.05 87.28 -18.81
N LEU B 300 -21.68 87.54 -19.96
CA LEU B 300 -21.29 86.94 -21.22
C LEU B 300 -21.10 88.02 -22.28
N ASN B 301 -20.20 87.75 -23.22
CA ASN B 301 -19.90 88.65 -24.34
C ASN B 301 -19.84 87.86 -25.63
N TRP B 302 -20.87 87.05 -25.87
CA TRP B 302 -20.91 86.20 -27.05
C TRP B 302 -20.94 87.04 -28.33
N ASP B 303 -20.64 86.37 -29.46
CA ASP B 303 -20.44 87.05 -30.73
C ASP B 303 -21.67 86.93 -31.63
N PRO B 304 -22.01 87.99 -32.35
CA PRO B 304 -23.18 87.93 -33.23
C PRO B 304 -22.86 87.41 -34.63
N ASP B 305 -21.59 87.47 -35.03
CA ASP B 305 -21.22 87.11 -36.39
C ASP B 305 -21.36 85.61 -36.62
N ARG B 306 -20.77 84.80 -35.75
CA ARG B 306 -20.86 83.36 -35.91
C ARG B 306 -22.15 82.84 -35.29
N PRO B 307 -22.74 81.78 -35.87
CA PRO B 307 -23.98 81.23 -35.29
C PRO B 307 -23.78 80.53 -33.95
N SER B 308 -22.55 80.37 -33.49
CA SER B 308 -22.24 79.73 -32.21
C SER B 308 -22.81 78.31 -32.16
N ALA B 309 -22.29 77.46 -33.05
CA ALA B 309 -22.75 76.08 -33.11
C ALA B 309 -22.40 75.36 -31.80
N PRO B 310 -23.33 74.57 -31.24
CA PRO B 310 -23.07 73.95 -29.93
C PRO B 310 -21.92 72.96 -29.93
N THR B 311 -22.00 71.92 -30.76
CA THR B 311 -21.01 70.86 -30.72
C THR B 311 -20.40 70.55 -32.08
N ILE B 312 -21.21 70.64 -33.14
CA ILE B 312 -20.77 70.30 -34.48
C ILE B 312 -20.83 71.55 -35.36
N GLY B 313 -19.86 71.66 -36.26
CA GLY B 313 -19.74 72.84 -37.10
C GLY B 313 -18.81 73.86 -36.50
N GLY B 314 -18.90 74.06 -35.19
CA GLY B 314 -18.01 74.95 -34.48
C GLY B 314 -16.97 74.19 -33.69
N SER B 315 -16.89 74.46 -32.39
CA SER B 315 -15.95 73.79 -31.51
C SER B 315 -16.46 73.90 -30.08
N SER B 316 -15.60 73.58 -29.12
CA SER B 316 -15.97 73.57 -27.71
C SER B 316 -15.11 74.50 -26.87
N CYS B 317 -14.53 75.55 -27.47
CA CYS B 317 -13.71 76.49 -26.74
C CYS B 317 -14.10 77.92 -27.12
N ALA B 318 -13.65 78.87 -26.31
CA ALA B 318 -13.93 80.28 -26.53
C ALA B 318 -12.63 81.06 -26.68
N ARG B 319 -12.67 82.09 -27.53
CA ARG B 319 -11.53 82.99 -27.71
C ARG B 319 -12.05 84.42 -27.64
N MET B 320 -11.43 85.22 -26.78
CA MET B 320 -11.86 86.60 -26.55
C MET B 320 -10.95 87.56 -27.30
N ASP B 321 -11.56 88.43 -28.10
CA ASP B 321 -10.83 89.53 -28.74
C ASP B 321 -11.23 90.85 -28.10
N ALA B 322 -10.22 91.64 -27.71
CA ALA B 322 -10.43 92.85 -26.94
C ALA B 322 -10.40 94.12 -27.78
N GLU B 323 -10.09 94.02 -29.08
CA GLU B 323 -10.19 95.19 -29.95
C GLU B 323 -11.64 95.68 -30.02
N SER B 324 -12.59 94.76 -29.91
CA SER B 324 -14.00 95.10 -29.80
C SER B 324 -14.72 94.33 -28.70
N GLY B 325 -14.07 93.38 -28.04
CA GLY B 325 -14.62 92.71 -26.88
C GLY B 325 -15.67 91.66 -27.19
N LEU B 326 -15.31 90.63 -27.92
CA LEU B 326 -16.23 89.57 -28.28
C LEU B 326 -15.64 88.20 -27.94
N TRP B 327 -16.52 87.20 -27.86
CA TRP B 327 -16.15 85.82 -27.52
C TRP B 327 -16.59 84.92 -28.67
N GLN B 328 -15.62 84.48 -29.47
CA GLN B 328 -15.89 83.61 -30.61
C GLN B 328 -15.71 82.15 -30.23
N SER B 329 -16.56 81.29 -30.79
CA SER B 329 -16.44 79.85 -30.61
C SER B 329 -15.34 79.31 -31.51
N PHE B 330 -14.41 78.56 -30.92
CA PHE B 330 -13.24 78.08 -31.64
C PHE B 330 -12.58 76.97 -30.83
N SER B 331 -11.57 76.35 -31.45
CA SER B 331 -10.74 75.35 -30.79
C SER B 331 -9.46 76.01 -30.29
N CYS B 332 -9.16 75.83 -29.01
CA CYS B 332 -7.99 76.44 -28.38
C CYS B 332 -6.86 75.44 -28.19
N GLU B 333 -6.71 74.52 -29.15
CA GLU B 333 -5.63 73.56 -29.10
C GLU B 333 -4.35 74.09 -29.75
N ALA B 334 -4.43 75.20 -30.48
CA ALA B 334 -3.27 75.81 -31.08
C ALA B 334 -2.61 76.77 -30.09
N GLN B 335 -1.47 77.33 -30.49
CA GLN B 335 -0.68 78.20 -29.63
C GLN B 335 -1.21 79.63 -29.70
N LEU B 336 -1.37 80.25 -28.52
CA LEU B 336 -1.87 81.61 -28.40
C LEU B 336 -1.64 82.10 -26.98
N PRO B 337 -1.35 83.39 -26.77
CA PRO B 337 -1.19 83.91 -25.41
C PRO B 337 -2.47 83.76 -24.61
N TYR B 338 -2.35 83.98 -23.30
CA TYR B 338 -3.44 83.74 -22.37
C TYR B 338 -3.24 84.59 -21.12
N VAL B 339 -4.26 84.63 -20.29
CA VAL B 339 -4.21 85.29 -18.99
C VAL B 339 -4.96 84.43 -17.98
N CYS B 340 -4.24 83.91 -16.99
CA CYS B 340 -4.84 83.13 -15.91
C CYS B 340 -4.35 83.68 -14.58
N ARG B 341 -5.28 84.04 -13.71
CA ARG B 341 -4.97 84.65 -12.42
C ARG B 341 -5.01 83.63 -11.30
N ASP B 358 -39.47 74.10 10.03
CA ASP B 358 -40.74 73.44 9.82
C ASP B 358 -41.79 74.41 9.31
N THR B 359 -41.39 75.27 8.37
CA THR B 359 -42.31 76.24 7.79
C THR B 359 -43.33 75.53 6.91
N ARG B 360 -44.61 75.67 7.25
CA ARG B 360 -45.70 75.04 6.52
C ARG B 360 -46.46 76.10 5.74
N CYS B 361 -46.69 75.84 4.45
CA CYS B 361 -47.41 76.75 3.58
C CYS B 361 -48.76 76.15 3.20
N ASP B 362 -49.50 76.90 2.38
CA ASP B 362 -50.94 76.66 2.19
C ASP B 362 -51.19 75.85 0.92
N ALA B 363 -51.37 74.54 1.09
CA ALA B 363 -52.03 73.67 0.11
C ALA B 363 -51.34 73.72 -1.26
N GLY B 364 -50.11 73.21 -1.28
CA GLY B 364 -49.42 73.03 -2.55
C GLY B 364 -48.00 73.56 -2.57
N TRP B 365 -47.77 74.65 -1.86
CA TRP B 365 -46.43 75.23 -1.75
C TRP B 365 -45.51 74.25 -1.03
N LEU B 366 -44.61 73.62 -1.78
CA LEU B 366 -43.64 72.71 -1.16
C LEU B 366 -42.53 73.52 -0.49
N PRO B 367 -42.27 73.31 0.79
CA PRO B 367 -41.28 74.14 1.48
C PRO B 367 -39.87 73.57 1.42
N ASN B 368 -38.90 74.48 1.44
CA ASN B 368 -37.48 74.11 1.43
C ASN B 368 -36.71 75.27 2.08
N ASN B 369 -36.33 75.08 3.34
CA ASN B 369 -35.52 76.04 4.09
C ASN B 369 -36.20 77.41 4.15
N GLY B 370 -37.34 77.44 4.81
CA GLY B 370 -38.06 78.69 5.03
C GLY B 370 -39.11 79.08 4.01
N PHE B 371 -38.72 79.17 2.75
CA PHE B 371 -39.63 79.54 1.68
C PHE B 371 -40.33 78.30 1.14
N CYS B 372 -41.29 78.51 0.24
CA CYS B 372 -41.99 77.41 -0.39
C CYS B 372 -42.26 77.78 -1.84
N TYR B 373 -42.38 76.76 -2.68
CA TYR B 373 -42.55 76.93 -4.12
C TYR B 373 -43.92 76.41 -4.57
N LEU B 374 -44.34 76.85 -5.75
CA LEU B 374 -45.57 76.34 -6.35
C LEU B 374 -45.52 76.53 -7.86
N LEU B 375 -45.90 75.49 -8.58
CA LEU B 375 -45.96 75.52 -10.03
C LEU B 375 -47.34 75.94 -10.48
N VAL B 376 -47.43 77.01 -11.25
CA VAL B 376 -48.72 77.51 -11.72
C VAL B 376 -49.08 76.77 -13.01
N ASN B 377 -50.33 76.30 -13.09
CA ASN B 377 -50.81 75.55 -14.24
C ASN B 377 -51.31 76.43 -15.38
N GLU B 378 -50.93 77.71 -15.38
CA GLU B 378 -51.30 78.64 -16.43
C GLU B 378 -50.19 78.71 -17.46
N SER B 379 -50.56 78.56 -18.74
CA SER B 379 -49.61 78.54 -19.85
C SER B 379 -49.84 79.82 -20.67
N ASN B 380 -49.06 80.85 -20.39
CA ASN B 380 -49.12 82.10 -21.12
C ASN B 380 -47.70 82.60 -21.37
N SER B 381 -47.60 83.81 -21.92
CA SER B 381 -46.31 84.37 -22.32
C SER B 381 -45.47 84.76 -21.11
N TRP B 382 -44.26 85.22 -21.40
CA TRP B 382 -43.32 85.57 -20.33
C TRP B 382 -43.71 86.88 -19.65
N ASP B 383 -44.29 87.82 -20.41
CA ASP B 383 -44.68 89.10 -19.80
C ASP B 383 -45.81 88.92 -18.80
N LYS B 384 -46.80 88.09 -19.14
CA LYS B 384 -47.89 87.84 -18.19
C LYS B 384 -47.38 87.03 -17.00
N ALA B 385 -46.39 86.18 -17.21
CA ALA B 385 -45.78 85.46 -16.10
C ALA B 385 -45.07 86.42 -15.15
N HIS B 386 -44.37 87.41 -15.71
CA HIS B 386 -43.70 88.40 -14.87
C HIS B 386 -44.70 89.36 -14.22
N ALA B 387 -45.89 89.50 -14.80
CA ALA B 387 -46.90 90.37 -14.23
C ALA B 387 -47.84 89.68 -13.25
N LYS B 388 -47.91 88.35 -13.25
CA LYS B 388 -48.90 87.66 -12.44
C LYS B 388 -48.44 87.50 -10.99
N CYS B 389 -47.35 86.77 -10.77
CA CYS B 389 -46.83 86.52 -9.44
C CYS B 389 -45.45 87.15 -9.26
N LYS B 390 -45.30 88.38 -9.76
CA LYS B 390 -44.11 89.18 -9.53
C LYS B 390 -44.45 90.67 -9.53
N PHE B 392 -50.75 86.88 -8.67
CA PHE B 392 -50.76 86.50 -7.26
C PHE B 392 -49.68 87.25 -6.49
N SER B 393 -49.86 87.35 -5.17
CA SER B 393 -48.89 88.03 -4.31
C SER B 393 -47.75 87.05 -3.97
N SER B 394 -46.88 86.87 -4.95
CA SER B 394 -45.76 85.93 -4.82
C SER B 394 -44.56 86.49 -5.57
N ASP B 395 -43.48 85.72 -5.59
CA ASP B 395 -42.25 86.06 -6.29
C ASP B 395 -41.73 84.85 -7.04
N LEU B 396 -40.99 85.11 -8.13
CA LEU B 396 -40.46 84.05 -8.97
C LEU B 396 -39.39 83.25 -8.23
N ILE B 397 -39.07 82.09 -8.80
CA ILE B 397 -38.15 81.14 -8.19
C ILE B 397 -36.72 81.64 -8.34
N SER B 398 -35.91 81.42 -7.31
CA SER B 398 -34.49 81.74 -7.32
C SER B 398 -33.70 80.52 -6.88
N ILE B 399 -32.86 80.00 -7.76
CA ILE B 399 -32.01 78.85 -7.44
C ILE B 399 -30.73 79.36 -6.80
N HIS B 400 -30.40 78.84 -5.63
CA HIS B 400 -29.22 79.28 -4.89
C HIS B 400 -28.38 78.13 -4.36
N SER B 401 -28.90 76.91 -4.31
CA SER B 401 -28.16 75.78 -3.74
C SER B 401 -28.39 74.56 -4.61
N LEU B 402 -28.00 73.39 -4.09
CA LEU B 402 -28.09 72.14 -4.85
C LEU B 402 -29.38 71.37 -4.58
N ALA B 403 -29.99 71.56 -3.41
CA ALA B 403 -31.22 70.83 -3.10
C ALA B 403 -32.40 71.35 -3.92
N ASP B 404 -32.32 72.61 -4.37
CA ASP B 404 -33.43 73.21 -5.10
C ASP B 404 -33.72 72.49 -6.40
N VAL B 405 -32.69 72.02 -7.10
CA VAL B 405 -32.92 71.32 -8.37
C VAL B 405 -33.64 70.00 -8.13
N GLU B 406 -33.26 69.30 -7.06
CA GLU B 406 -33.95 68.05 -6.72
C GLU B 406 -35.40 68.33 -6.32
N VAL B 407 -35.64 69.41 -5.57
CA VAL B 407 -36.99 69.76 -5.17
C VAL B 407 -37.84 70.07 -6.40
N VAL B 408 -37.27 70.77 -7.37
CA VAL B 408 -38.04 71.16 -8.54
C VAL B 408 -38.28 69.97 -9.47
N VAL B 409 -37.29 69.07 -9.62
CA VAL B 409 -37.50 67.93 -10.51
C VAL B 409 -38.38 66.87 -9.85
N THR B 410 -38.44 66.84 -8.52
CA THR B 410 -39.34 65.89 -7.85
C THR B 410 -40.80 66.18 -8.19
N LYS B 411 -41.15 67.45 -8.37
CA LYS B 411 -42.51 67.84 -8.73
C LYS B 411 -42.64 67.87 -10.25
N LEU B 412 -43.72 68.49 -10.74
CA LEU B 412 -43.99 68.75 -12.15
C LEU B 412 -44.47 67.50 -12.88
N HIS B 413 -44.94 66.50 -12.15
CA HIS B 413 -45.68 65.36 -12.70
C HIS B 413 -44.84 64.61 -13.74
N ASN B 414 -43.77 63.99 -13.25
CA ASN B 414 -42.79 63.27 -14.06
C ASN B 414 -42.07 64.19 -15.03
N GLU B 415 -41.97 65.46 -14.67
CA GLU B 415 -41.20 66.49 -15.36
C GLU B 415 -41.83 66.92 -16.68
N ASP B 416 -42.88 66.22 -17.13
CA ASP B 416 -43.53 66.52 -18.40
C ASP B 416 -42.49 66.58 -19.53
N ILE B 417 -41.94 65.40 -19.81
CA ILE B 417 -40.68 65.21 -20.55
C ILE B 417 -40.54 66.16 -21.73
N LYS B 418 -41.61 66.35 -22.49
CA LYS B 418 -41.60 67.27 -23.62
C LYS B 418 -42.43 68.49 -23.26
N GLU B 419 -41.79 69.44 -22.57
CA GLU B 419 -42.37 70.72 -22.19
C GLU B 419 -41.23 71.60 -21.65
N GLU B 420 -41.56 72.84 -21.31
CA GLU B 420 -40.59 73.82 -20.85
C GLU B 420 -41.13 74.55 -19.63
N VAL B 421 -40.21 75.01 -18.79
CA VAL B 421 -40.58 75.76 -17.58
C VAL B 421 -39.92 77.13 -17.64
N TRP B 422 -40.54 78.13 -17.02
CA TRP B 422 -39.94 79.45 -17.00
C TRP B 422 -39.12 79.67 -15.72
N ILE B 423 -38.20 80.62 -15.78
CA ILE B 423 -37.50 81.11 -14.59
C ILE B 423 -37.08 82.55 -14.85
N GLY B 424 -37.13 83.38 -13.81
CA GLY B 424 -36.89 84.81 -13.94
C GLY B 424 -35.44 85.23 -13.97
N LEU B 425 -34.95 85.61 -15.15
CA LEU B 425 -33.64 86.21 -15.31
C LEU B 425 -33.77 87.39 -16.26
N LYS B 426 -33.22 88.54 -15.85
CA LYS B 426 -33.39 89.79 -16.58
C LYS B 426 -32.05 90.37 -16.98
N ASN B 427 -32.06 91.12 -18.08
CA ASN B 427 -30.86 91.80 -18.58
C ASN B 427 -31.31 92.91 -19.51
N ILE B 428 -30.93 94.15 -19.22
CA ILE B 428 -31.36 95.31 -19.98
C ILE B 428 -30.19 96.03 -20.65
N ASN B 429 -29.06 96.17 -19.94
CA ASN B 429 -27.92 96.86 -20.50
C ASN B 429 -27.15 95.96 -21.48
N ILE B 430 -26.22 96.58 -22.19
CA ILE B 430 -25.35 95.88 -23.13
C ILE B 430 -23.92 96.00 -22.62
N PRO B 431 -23.10 94.94 -22.68
CA PRO B 431 -23.39 93.58 -23.17
C PRO B 431 -24.27 92.76 -22.23
N THR B 432 -24.28 91.44 -22.44
CA THR B 432 -25.13 90.56 -21.67
C THR B 432 -24.73 90.56 -20.20
N LEU B 433 -25.71 90.75 -19.32
CA LEU B 433 -25.47 90.80 -17.88
C LEU B 433 -26.69 90.22 -17.18
N PHE B 434 -26.61 88.95 -16.78
CA PHE B 434 -27.71 88.28 -16.11
C PHE B 434 -27.79 88.70 -14.65
N GLN B 435 -28.93 89.26 -14.27
CA GLN B 435 -29.23 89.57 -12.89
C GLN B 435 -30.64 89.12 -12.57
N TRP B 436 -30.85 88.71 -11.32
CA TRP B 436 -32.16 88.25 -10.89
C TRP B 436 -33.13 89.43 -10.78
N SER B 437 -34.39 89.16 -11.07
CA SER B 437 -35.42 90.19 -10.94
C SER B 437 -35.69 90.53 -9.48
N ASP B 438 -35.35 89.61 -8.56
CA ASP B 438 -35.51 89.84 -7.12
C ASP B 438 -34.29 89.20 -6.43
N GLY B 439 -33.26 90.00 -6.21
CA GLY B 439 -32.04 89.55 -5.58
C GLY B 439 -30.84 89.68 -6.49
N THR B 440 -29.66 89.51 -5.89
CA THR B 440 -28.40 89.59 -6.62
C THR B 440 -27.43 88.50 -6.18
N GLU B 441 -27.94 87.36 -5.72
CA GLU B 441 -27.11 86.27 -5.23
C GLU B 441 -27.04 85.19 -6.30
N VAL B 442 -26.10 85.36 -7.22
CA VAL B 442 -25.86 84.39 -8.29
C VAL B 442 -24.85 83.36 -7.76
N THR B 443 -25.32 82.13 -7.58
CA THR B 443 -24.48 81.06 -7.06
C THR B 443 -24.34 79.88 -8.02
N LEU B 444 -25.45 79.34 -8.51
CA LEU B 444 -25.46 78.12 -9.31
C LEU B 444 -25.99 78.42 -10.70
N THR B 445 -25.23 78.01 -11.72
CA THR B 445 -25.65 78.11 -13.12
C THR B 445 -25.63 76.72 -13.72
N TYR B 446 -26.81 76.22 -14.09
CA TYR B 446 -26.98 74.86 -14.60
C TYR B 446 -27.55 74.94 -16.01
N TRP B 447 -26.68 75.06 -17.00
CA TRP B 447 -27.08 75.23 -18.38
C TRP B 447 -26.89 73.95 -19.18
N ASP B 448 -27.68 73.80 -20.24
CA ASP B 448 -27.58 72.65 -21.12
C ASP B 448 -26.24 72.67 -21.86
N GLU B 449 -25.76 71.48 -22.19
CA GLU B 449 -24.47 71.29 -22.86
C GLU B 449 -24.71 70.97 -24.33
N ASN B 450 -24.45 71.94 -25.20
CA ASN B 450 -24.05 73.28 -24.81
C ASN B 450 -24.75 74.33 -25.67
N GLU B 451 -25.92 74.77 -25.21
CA GLU B 451 -26.77 75.72 -25.94
C GLU B 451 -27.07 76.92 -25.07
N PRO B 452 -26.16 77.89 -25.02
CA PRO B 452 -26.47 79.14 -24.29
C PRO B 452 -27.62 79.91 -24.92
N ASN B 453 -27.75 79.87 -26.24
CA ASN B 453 -28.86 80.50 -26.97
C ASN B 453 -28.94 81.99 -26.67
N VAL B 454 -27.80 82.64 -26.53
CA VAL B 454 -27.72 84.08 -26.26
C VAL B 454 -27.75 84.79 -27.61
N PRO B 455 -28.79 85.57 -27.91
CA PRO B 455 -28.85 86.23 -29.23
C PRO B 455 -27.86 87.38 -29.36
N TYR B 456 -27.91 88.08 -30.50
CA TYR B 456 -27.00 89.20 -30.72
C TYR B 456 -27.32 90.36 -29.80
N ASN B 457 -28.56 90.87 -29.87
CA ASN B 457 -28.97 91.99 -29.03
C ASN B 457 -30.49 91.92 -28.87
N LYS B 458 -30.96 91.95 -27.62
CA LYS B 458 -32.38 91.90 -27.34
C LYS B 458 -32.62 92.47 -25.95
N THR B 459 -33.60 93.37 -25.83
CA THR B 459 -33.90 93.95 -24.53
C THR B 459 -34.56 92.95 -23.58
N PRO B 460 -35.60 92.21 -23.96
CA PRO B 460 -36.17 91.23 -23.02
C PRO B 460 -35.39 89.92 -23.04
N ASN B 461 -34.95 89.48 -21.87
CA ASN B 461 -34.26 88.21 -21.71
C ASN B 461 -35.12 87.24 -20.91
N CYS B 462 -34.94 85.96 -21.16
CA CYS B 462 -35.76 84.92 -20.55
C CYS B 462 -34.98 83.62 -20.49
N VAL B 463 -35.22 82.84 -19.44
CA VAL B 463 -34.51 81.59 -19.23
C VAL B 463 -35.54 80.52 -18.90
N SER B 464 -35.29 79.31 -19.38
CA SER B 464 -36.26 78.22 -19.31
C SER B 464 -35.60 76.93 -18.86
N TYR B 465 -36.27 76.24 -17.95
CA TYR B 465 -35.94 74.86 -17.62
C TYR B 465 -36.30 73.95 -18.77
N LEU B 466 -35.31 73.19 -19.24
CA LEU B 466 -35.45 72.22 -20.32
C LEU B 466 -34.95 70.86 -19.85
N GLY B 467 -35.54 69.80 -20.42
CA GLY B 467 -35.06 68.45 -20.19
C GLY B 467 -35.34 67.90 -18.80
N GLU B 468 -35.25 66.58 -18.65
CA GLU B 468 -35.48 65.96 -17.36
C GLU B 468 -34.40 66.35 -16.35
N LEU B 469 -33.19 66.66 -16.83
CA LEU B 469 -32.13 67.09 -15.93
C LEU B 469 -32.37 68.49 -15.36
N GLY B 470 -33.27 69.26 -15.98
CA GLY B 470 -33.55 70.59 -15.50
C GLY B 470 -32.51 71.62 -15.89
N GLN B 471 -31.99 71.55 -17.12
CA GLN B 471 -30.96 72.47 -17.56
C GLN B 471 -31.59 73.83 -17.92
N TRP B 472 -30.73 74.83 -18.10
CA TRP B 472 -31.17 76.18 -18.42
C TRP B 472 -30.89 76.46 -19.89
N LYS B 473 -31.91 76.93 -20.60
CA LYS B 473 -31.79 77.37 -21.98
C LYS B 473 -32.42 78.75 -22.12
N VAL B 474 -32.24 79.35 -23.29
CA VAL B 474 -32.80 80.68 -23.58
C VAL B 474 -33.70 80.54 -24.80
N GLN B 475 -35.01 80.54 -24.57
CA GLN B 475 -35.98 80.50 -25.64
C GLN B 475 -36.28 81.91 -26.12
N SER B 476 -37.14 82.02 -27.14
CA SER B 476 -37.61 83.31 -27.60
C SER B 476 -38.70 83.90 -26.71
N CYS B 477 -39.24 83.10 -25.78
CA CYS B 477 -40.32 83.47 -24.88
C CYS B 477 -41.39 84.33 -25.56
N GLU B 478 -41.86 83.88 -26.72
CA GLU B 478 -43.00 84.48 -27.40
C GLU B 478 -44.21 83.56 -27.43
N GLU B 479 -44.08 82.35 -26.89
CA GLU B 479 -45.15 81.37 -26.84
C GLU B 479 -45.71 81.30 -25.42
N LYS B 480 -46.61 80.35 -25.20
CA LYS B 480 -47.29 80.19 -23.92
C LYS B 480 -46.82 78.92 -23.24
N LEU B 481 -46.18 79.06 -22.09
CA LEU B 481 -45.68 77.92 -21.33
C LEU B 481 -46.00 78.13 -19.86
N LYS B 482 -45.78 77.06 -19.08
CA LYS B 482 -46.02 77.11 -17.65
C LYS B 482 -44.85 77.77 -16.92
N TYR B 483 -45.07 78.08 -15.65
CA TYR B 483 -44.05 78.74 -14.85
C TYR B 483 -44.22 78.35 -13.39
N VAL B 484 -43.24 78.73 -12.57
CA VAL B 484 -43.18 78.38 -11.16
C VAL B 484 -42.80 79.64 -10.39
N CYS B 485 -43.42 79.86 -9.23
CA CYS B 485 -43.03 80.95 -8.36
C CYS B 485 -43.26 80.61 -6.90
N LYS B 486 -42.71 81.44 -6.02
CA LYS B 486 -42.50 81.08 -4.63
C LYS B 486 -43.12 82.08 -3.67
N ARG B 487 -43.38 81.60 -2.45
CA ARG B 487 -43.91 82.38 -1.35
C ARG B 487 -43.00 82.23 -0.15
N LYS B 488 -43.11 83.18 0.78
CA LYS B 488 -42.32 83.16 2.00
C LYS B 488 -42.73 81.99 2.91
N LYS B 508 -18.85 68.07 3.97
CA LYS B 508 -19.92 68.89 3.41
C LYS B 508 -21.29 68.31 3.72
N ARG B 509 -22.33 69.09 3.42
CA ARG B 509 -23.70 68.65 3.67
C ARG B 509 -24.56 69.01 2.46
N HIS B 510 -25.68 68.29 2.33
CA HIS B 510 -26.60 68.49 1.21
C HIS B 510 -28.01 68.86 1.63
N GLY B 511 -28.41 68.58 2.86
CA GLY B 511 -29.75 68.90 3.32
C GLY B 511 -30.39 67.77 4.09
N GLU B 512 -30.06 66.53 3.73
CA GLU B 512 -30.60 65.36 4.43
C GLU B 512 -29.47 64.46 4.92
N THR B 513 -28.39 64.40 4.17
CA THR B 513 -27.24 63.59 4.54
C THR B 513 -25.96 64.34 4.20
N CYS B 514 -24.90 64.03 4.95
CA CYS B 514 -23.61 64.66 4.73
C CYS B 514 -22.74 63.79 3.82
N TYR B 515 -21.61 64.37 3.39
CA TYR B 515 -20.68 63.68 2.50
C TYR B 515 -19.27 64.06 2.92
N LYS B 516 -18.49 63.07 3.37
CA LYS B 516 -17.14 63.29 3.86
C LYS B 516 -16.13 62.56 3.00
N ILE B 517 -14.95 63.16 2.87
CA ILE B 517 -13.85 62.59 2.11
C ILE B 517 -12.59 62.62 2.98
N TYR B 518 -11.74 61.62 2.81
CA TYR B 518 -10.53 61.47 3.60
C TYR B 518 -9.33 62.04 2.84
N GLU B 519 -8.14 61.90 3.42
CA GLU B 519 -6.91 62.41 2.82
C GLU B 519 -6.30 61.42 1.84
N ASP B 520 -6.06 60.19 2.30
CA ASP B 520 -5.47 59.15 1.48
C ASP B 520 -6.15 57.82 1.78
N GLU B 521 -6.38 57.03 0.73
CA GLU B 521 -7.02 55.72 0.84
C GLU B 521 -6.34 54.77 -0.14
N VAL B 522 -5.34 54.03 0.35
CA VAL B 522 -4.61 53.07 -0.46
C VAL B 522 -5.41 51.78 -0.64
N PRO B 523 -5.97 51.17 0.40
CA PRO B 523 -6.76 49.96 0.21
C PRO B 523 -8.13 50.29 -0.40
N PHE B 524 -8.95 49.26 -0.55
CA PHE B 524 -10.25 49.37 -1.19
C PHE B 524 -11.35 49.26 -0.12
N GLY B 525 -11.91 50.41 0.25
CA GLY B 525 -13.06 50.46 1.13
C GLY B 525 -12.95 49.69 2.43
N THR B 526 -12.06 50.12 3.33
CA THR B 526 -11.89 49.47 4.62
C THR B 526 -12.71 50.13 5.73
N ASN B 527 -13.33 51.27 5.46
CA ASN B 527 -14.13 51.98 6.45
C ASN B 527 -15.57 52.19 6.03
N CYS B 528 -15.82 52.49 4.76
CA CYS B 528 -17.17 52.76 4.29
C CYS B 528 -17.27 52.40 2.81
N ASN B 529 -18.49 52.12 2.37
CA ASN B 529 -18.77 51.75 0.99
C ASN B 529 -19.88 52.64 0.46
N LEU B 530 -19.54 53.55 -0.45
CA LEU B 530 -20.52 54.46 -1.01
C LEU B 530 -21.42 53.72 -2.00
N THR B 531 -22.73 53.90 -1.86
CA THR B 531 -23.72 53.28 -2.73
C THR B 531 -24.58 54.35 -3.36
N ILE B 532 -24.79 54.26 -4.67
CA ILE B 532 -25.58 55.22 -5.42
C ILE B 532 -26.82 54.53 -5.95
N THR B 533 -27.91 55.30 -6.07
CA THR B 533 -29.17 54.77 -6.54
C THR B 533 -29.82 55.57 -7.66
N SER B 534 -29.50 56.85 -7.82
CA SER B 534 -30.13 57.71 -8.81
C SER B 534 -29.09 58.49 -9.60
N ARG B 535 -29.57 59.23 -10.59
CA ARG B 535 -28.73 60.06 -11.45
C ARG B 535 -28.47 61.44 -10.86
N PHE B 536 -29.48 62.05 -10.22
CA PHE B 536 -29.28 63.38 -9.67
C PHE B 536 -28.31 63.37 -8.49
N GLU B 537 -28.31 62.30 -7.70
CA GLU B 537 -27.29 62.18 -6.65
C GLU B 537 -25.90 62.02 -7.26
N GLN B 538 -25.82 61.33 -8.40
CA GLN B 538 -24.54 61.25 -9.11
C GLN B 538 -24.08 62.61 -9.58
N GLU B 539 -25.00 63.42 -10.12
CA GLU B 539 -24.65 64.77 -10.54
C GLU B 539 -24.23 65.63 -9.34
N TYR B 540 -24.90 65.46 -8.20
CA TYR B 540 -24.56 66.22 -7.01
C TYR B 540 -23.16 65.87 -6.51
N LEU B 541 -22.86 64.58 -6.44
CA LEU B 541 -21.51 64.18 -6.00
C LEU B 541 -20.46 64.59 -7.02
N ASN B 542 -20.80 64.61 -8.31
CA ASN B 542 -19.87 65.10 -9.32
C ASN B 542 -19.59 66.58 -9.12
N ASP B 543 -20.62 67.37 -8.82
CA ASP B 543 -20.42 68.79 -8.55
C ASP B 543 -19.57 69.00 -7.30
N LEU B 544 -19.81 68.21 -6.26
CA LEU B 544 -19.02 68.33 -5.04
C LEU B 544 -17.56 67.96 -5.30
N MET B 545 -17.33 66.91 -6.09
CA MET B 545 -15.95 66.53 -6.43
C MET B 545 -15.27 67.56 -7.32
N LYS B 546 -16.03 68.22 -8.20
CA LYS B 546 -15.46 69.31 -8.98
C LYS B 546 -15.12 70.50 -8.10
N LYS B 547 -15.93 70.75 -7.07
CA LYS B 547 -15.61 71.82 -6.12
C LYS B 547 -14.42 71.45 -5.25
N TYR B 548 -14.18 70.16 -5.04
CA TYR B 548 -13.03 69.74 -4.25
C TYR B 548 -11.81 69.49 -5.13
N ASP B 549 -11.94 68.58 -6.11
CA ASP B 549 -10.84 68.23 -7.00
C ASP B 549 -10.67 69.30 -8.07
N LYS B 550 -9.41 69.60 -8.40
CA LYS B 550 -9.08 70.66 -9.34
C LYS B 550 -8.13 70.24 -10.45
N SER B 551 -7.55 69.04 -10.39
CA SER B 551 -6.60 68.58 -11.38
C SER B 551 -7.00 67.18 -11.84
N LEU B 552 -6.23 66.64 -12.79
CA LEU B 552 -6.48 65.31 -13.32
C LEU B 552 -5.69 64.28 -12.51
N ARG B 553 -5.62 63.05 -13.04
CA ARG B 553 -4.89 61.95 -12.39
C ARG B 553 -5.45 61.65 -11.00
N LYS B 554 -6.77 61.54 -10.91
CA LYS B 554 -7.44 61.21 -9.66
C LYS B 554 -8.50 60.15 -9.93
N TYR B 555 -8.78 59.35 -8.91
CA TYR B 555 -9.77 58.28 -9.00
C TYR B 555 -10.62 58.26 -7.74
N PHE B 556 -11.82 57.68 -7.86
CA PHE B 556 -12.75 57.54 -6.75
C PHE B 556 -13.34 56.12 -6.78
N TRP B 557 -14.13 55.80 -5.77
CA TRP B 557 -14.70 54.47 -5.61
C TRP B 557 -16.22 54.55 -5.58
N THR B 558 -16.87 53.58 -6.23
CA THR B 558 -18.31 53.45 -6.23
C THR B 558 -18.67 52.00 -5.91
N GLY B 559 -19.81 51.82 -5.25
CA GLY B 559 -20.22 50.50 -4.81
C GLY B 559 -20.69 49.59 -5.92
N LEU B 560 -19.77 49.19 -6.79
CA LEU B 560 -20.07 48.28 -7.89
C LEU B 560 -18.89 47.34 -8.07
N ARG B 561 -19.07 46.07 -7.70
CA ARG B 561 -18.04 45.05 -7.85
C ARG B 561 -18.71 43.69 -7.75
N ASP B 562 -17.90 42.64 -7.92
CA ASP B 562 -18.40 41.28 -7.82
C ASP B 562 -17.24 40.36 -7.42
N VAL B 563 -17.50 39.47 -6.46
CA VAL B 563 -16.47 38.55 -5.99
C VAL B 563 -16.62 37.15 -6.56
N ASP B 564 -17.73 36.84 -7.21
CA ASP B 564 -17.95 35.52 -7.78
C ASP B 564 -17.16 35.28 -9.07
N SER B 565 -16.62 36.33 -9.68
CA SER B 565 -15.84 36.23 -10.91
C SER B 565 -16.64 35.54 -12.02
N CYS B 566 -17.94 35.86 -12.09
CA CYS B 566 -18.82 35.26 -13.09
C CYS B 566 -19.16 36.21 -14.23
N GLY B 567 -19.23 37.52 -13.97
CA GLY B 567 -19.53 38.50 -14.98
C GLY B 567 -20.73 39.38 -14.67
N GLU B 568 -21.49 39.07 -13.62
CA GLU B 568 -22.64 39.89 -13.25
C GLU B 568 -22.18 41.09 -12.44
N TYR B 569 -22.66 42.28 -12.82
CA TYR B 569 -22.38 43.51 -12.11
C TYR B 569 -23.64 44.03 -11.44
N ASN B 570 -23.54 44.39 -10.17
CA ASN B 570 -24.65 44.95 -9.42
C ASN B 570 -24.12 45.96 -8.42
N TRP B 571 -25.03 46.59 -7.68
CA TRP B 571 -24.66 47.55 -6.65
C TRP B 571 -24.03 46.81 -5.47
N ALA B 572 -22.73 46.98 -5.30
CA ALA B 572 -22.00 46.27 -4.26
C ALA B 572 -22.29 46.84 -2.88
N THR B 573 -21.97 46.05 -1.86
CA THR B 573 -22.16 46.44 -0.47
C THR B 573 -21.21 45.61 0.38
N VAL B 574 -21.44 45.60 1.69
CA VAL B 574 -20.62 44.84 2.62
C VAL B 574 -21.25 43.49 2.88
N GLY B 575 -22.20 43.11 2.03
CA GLY B 575 -22.88 41.83 2.17
C GLY B 575 -24.37 41.97 2.38
N GLY B 576 -25.16 41.42 1.46
CA GLY B 576 -26.61 41.48 1.56
C GLY B 576 -27.23 42.48 0.61
N ARG B 577 -26.68 42.58 -0.60
CA ARG B 577 -27.17 43.51 -1.61
C ARG B 577 -27.72 42.72 -2.79
N ARG B 578 -29.00 42.95 -3.11
CA ARG B 578 -29.64 42.27 -4.22
C ARG B 578 -30.50 43.22 -5.06
N ARG B 579 -30.28 44.51 -4.96
CA ARG B 579 -31.06 45.47 -5.71
C ARG B 579 -30.65 45.47 -7.19
N ALA B 580 -31.58 45.90 -8.04
CA ALA B 580 -31.33 45.95 -9.47
C ALA B 580 -30.77 47.31 -9.87
N VAL B 581 -29.80 47.30 -10.77
CA VAL B 581 -29.18 48.54 -11.24
C VAL B 581 -30.17 49.26 -12.15
N THR B 582 -30.61 50.45 -11.71
CA THR B 582 -31.58 51.23 -12.46
C THR B 582 -30.96 52.25 -13.40
N PHE B 583 -29.70 52.64 -13.16
CA PHE B 583 -29.01 53.60 -14.01
C PHE B 583 -27.57 53.18 -14.20
N SER B 584 -27.06 53.37 -15.41
CA SER B 584 -25.70 53.00 -15.75
C SER B 584 -25.15 53.98 -16.77
N ASN B 585 -24.05 54.63 -16.42
CA ASN B 585 -23.40 55.64 -17.26
C ASN B 585 -21.96 55.19 -17.49
N TRP B 586 -21.75 54.39 -18.54
CA TRP B 586 -20.43 53.88 -18.88
C TRP B 586 -19.79 54.75 -19.96
N ASN B 587 -18.54 54.46 -20.28
CA ASN B 587 -17.83 55.13 -21.34
C ASN B 587 -18.19 54.47 -22.68
N PHE B 588 -17.44 54.81 -23.73
CA PHE B 588 -17.64 54.16 -25.02
C PHE B 588 -17.42 52.65 -24.90
N LEU B 589 -16.20 52.25 -24.56
CA LEU B 589 -15.88 50.86 -24.21
C LEU B 589 -15.12 50.87 -22.89
N GLU B 590 -15.86 50.98 -21.79
CA GLU B 590 -15.26 51.02 -20.46
C GLU B 590 -14.92 49.62 -19.93
N PRO B 591 -15.87 48.66 -19.87
CA PRO B 591 -15.55 47.38 -19.22
C PRO B 591 -14.60 46.53 -20.05
N ALA B 592 -13.37 46.35 -19.55
CA ALA B 592 -12.37 45.52 -20.21
C ALA B 592 -11.95 44.33 -19.35
N SER B 593 -12.58 44.14 -18.19
CA SER B 593 -12.24 43.04 -17.30
C SER B 593 -13.52 42.38 -16.79
N PRO B 594 -13.54 41.04 -16.72
CA PRO B 594 -14.71 40.31 -16.22
C PRO B 594 -14.78 40.24 -14.70
N GLY B 595 -14.76 41.39 -14.05
CA GLY B 595 -14.82 41.47 -12.61
C GLY B 595 -14.03 42.66 -12.11
N GLY B 596 -13.66 42.60 -10.84
CA GLY B 596 -12.91 43.67 -10.20
C GLY B 596 -13.81 44.74 -9.64
N CYS B 597 -13.20 45.86 -9.29
CA CYS B 597 -13.89 47.01 -8.73
C CYS B 597 -13.72 48.21 -9.66
N VAL B 598 -14.82 48.94 -9.87
CA VAL B 598 -14.81 50.06 -10.79
C VAL B 598 -14.25 51.29 -10.08
N ALA B 599 -13.87 52.29 -10.88
CA ALA B 599 -13.34 53.54 -10.36
C ALA B 599 -14.11 54.71 -10.93
N MET B 600 -13.64 55.94 -10.67
CA MET B 600 -14.32 57.13 -11.16
C MET B 600 -13.29 58.25 -11.29
N SER B 601 -13.02 58.66 -12.53
CA SER B 601 -12.11 59.76 -12.81
C SER B 601 -12.88 61.01 -13.21
N THR B 602 -12.26 62.16 -12.98
CA THR B 602 -12.85 63.46 -13.31
C THR B 602 -11.93 64.28 -14.19
N GLY B 603 -10.97 63.63 -14.85
CA GLY B 603 -10.02 64.33 -15.70
C GLY B 603 -10.63 64.86 -16.99
N LYS B 604 -11.03 63.95 -17.88
CA LYS B 604 -11.62 64.34 -19.16
C LYS B 604 -13.08 63.94 -19.27
N SER B 605 -13.40 62.66 -19.08
CA SER B 605 -14.78 62.18 -19.15
C SER B 605 -15.35 62.11 -17.73
N VAL B 606 -15.68 63.29 -17.20
CA VAL B 606 -16.15 63.40 -15.83
C VAL B 606 -17.54 62.79 -15.70
N GLY B 607 -17.77 62.07 -14.61
CA GLY B 607 -19.07 61.51 -14.31
C GLY B 607 -19.28 60.07 -14.74
N LYS B 608 -18.23 59.37 -15.13
CA LYS B 608 -18.34 58.00 -15.60
C LYS B 608 -17.66 57.04 -14.63
N TRP B 609 -18.00 55.76 -14.77
CA TRP B 609 -17.50 54.71 -13.88
C TRP B 609 -16.39 53.95 -14.59
N GLU B 610 -15.16 54.40 -14.38
CA GLU B 610 -14.00 53.71 -14.95
C GLU B 610 -13.82 52.35 -14.30
N VAL B 611 -13.20 51.42 -15.04
CA VAL B 611 -13.01 50.05 -14.59
C VAL B 611 -11.52 49.77 -14.50
N LYS B 612 -11.09 49.22 -13.37
CA LYS B 612 -9.71 48.81 -13.17
C LYS B 612 -9.69 47.56 -12.31
N ASP B 613 -8.49 46.97 -12.17
CA ASP B 613 -8.32 45.82 -11.31
C ASP B 613 -8.50 46.22 -9.85
N CYS B 614 -8.86 45.24 -9.02
CA CYS B 614 -9.18 45.48 -7.62
C CYS B 614 -8.18 44.76 -6.71
N ARG B 615 -6.93 44.61 -7.18
CA ARG B 615 -5.91 44.01 -6.34
C ARG B 615 -5.30 45.03 -5.39
N SER B 616 -4.68 46.08 -5.94
CA SER B 616 -4.12 47.16 -5.14
C SER B 616 -4.20 48.44 -5.98
N PHE B 617 -5.26 49.22 -5.76
CA PHE B 617 -5.53 50.42 -6.54
C PHE B 617 -5.71 51.59 -5.57
N LYS B 618 -4.71 52.45 -5.48
CA LYS B 618 -4.78 53.63 -4.61
C LYS B 618 -5.76 54.64 -5.20
N ALA B 619 -6.84 54.90 -4.48
CA ALA B 619 -7.87 55.83 -4.93
C ALA B 619 -8.72 56.25 -3.74
N LEU B 620 -9.04 57.55 -3.67
CA LEU B 620 -9.87 58.05 -2.58
C LEU B 620 -11.33 57.62 -2.78
N SER B 621 -12.15 57.96 -1.79
CA SER B 621 -13.57 57.62 -1.83
C SER B 621 -14.32 58.55 -0.89
N ILE B 622 -15.51 58.96 -1.31
CA ILE B 622 -16.38 59.81 -0.50
C ILE B 622 -17.47 58.95 0.11
N CYS B 623 -17.79 59.19 1.37
CA CYS B 623 -18.78 58.41 2.11
C CYS B 623 -19.91 59.32 2.56
N LYS B 624 -21.15 58.86 2.37
CA LYS B 624 -22.32 59.62 2.81
C LYS B 624 -22.41 59.56 4.33
N LYS B 625 -22.47 60.72 4.97
CA LYS B 625 -22.54 60.79 6.43
C LYS B 625 -23.85 61.45 6.88
N CYS B 643 -49.66 22.08 28.75
CA CYS B 643 -49.05 22.66 29.94
C CYS B 643 -48.86 21.60 31.03
N PRO B 644 -47.80 20.81 30.91
CA PRO B 644 -47.54 19.77 31.92
C PRO B 644 -47.23 20.36 33.29
N GLU B 645 -46.28 21.30 33.35
CA GLU B 645 -45.92 21.94 34.61
C GLU B 645 -45.19 23.23 34.30
N GLY B 646 -45.71 24.35 34.79
CA GLY B 646 -45.08 25.65 34.59
C GLY B 646 -45.01 26.08 33.15
N TRP B 647 -46.17 26.20 32.49
CA TRP B 647 -46.23 26.63 31.10
C TRP B 647 -47.35 27.64 30.94
N GLN B 648 -47.09 28.68 30.16
CA GLN B 648 -48.07 29.71 29.86
C GLN B 648 -48.02 30.00 28.36
N SER B 649 -49.11 29.69 27.66
CA SER B 649 -49.19 29.89 26.22
C SER B 649 -50.65 30.09 25.85
N PHE B 650 -50.87 30.52 24.60
CA PHE B 650 -52.20 30.71 24.06
C PHE B 650 -52.20 30.36 22.58
N PRO B 651 -53.19 29.60 22.11
CA PRO B 651 -53.20 29.16 20.72
C PRO B 651 -53.85 30.18 19.78
N ALA B 652 -54.01 31.42 20.24
CA ALA B 652 -54.62 32.45 19.41
C ALA B 652 -53.83 32.75 18.16
N SER B 653 -52.56 32.30 18.08
CA SER B 653 -51.78 32.45 16.87
C SER B 653 -51.19 31.12 16.40
N LEU B 654 -51.73 30.00 16.89
CA LEU B 654 -51.26 28.65 16.52
C LEU B 654 -49.78 28.48 16.84
N SER B 655 -49.37 28.94 18.02
CA SER B 655 -47.99 28.82 18.46
C SER B 655 -47.93 29.02 19.96
N CYS B 656 -47.05 28.27 20.62
CA CYS B 656 -46.87 28.36 22.06
C CYS B 656 -45.70 29.29 22.35
N TYR B 657 -45.98 30.38 23.06
CA TYR B 657 -44.98 31.41 23.32
C TYR B 657 -44.31 31.19 24.67
N LYS B 658 -43.22 31.93 24.88
CA LYS B 658 -42.50 31.94 26.16
C LYS B 658 -41.67 33.21 26.19
N VAL B 659 -42.17 34.22 26.89
CA VAL B 659 -41.52 35.52 27.02
C VAL B 659 -41.30 35.79 28.51
N PHE B 660 -40.42 36.75 28.79
CA PHE B 660 -40.07 37.09 30.16
C PHE B 660 -40.19 38.60 30.35
N HIS B 661 -40.28 39.02 31.61
CA HIS B 661 -40.41 40.42 31.94
C HIS B 661 -39.03 41.09 31.88
N ALA B 662 -38.95 42.33 32.38
CA ALA B 662 -37.70 43.07 32.41
C ALA B 662 -37.15 43.26 33.81
N GLU B 663 -37.82 42.74 34.83
CA GLU B 663 -37.39 42.88 36.21
C GLU B 663 -37.11 41.57 36.90
N ARG B 664 -37.95 40.55 36.69
CA ARG B 664 -37.76 39.26 37.34
C ARG B 664 -36.60 38.46 36.74
N ILE B 665 -36.05 38.90 35.61
CA ILE B 665 -34.98 38.16 34.97
C ILE B 665 -33.63 38.55 35.59
N VAL B 666 -32.63 37.71 35.34
CA VAL B 666 -31.27 38.02 35.80
C VAL B 666 -30.66 39.13 34.95
N ARG B 667 -30.60 38.91 33.64
CA ARG B 667 -30.09 39.90 32.71
C ARG B 667 -31.10 40.06 31.57
N LYS B 668 -31.02 41.22 30.90
CA LYS B 668 -31.96 41.53 29.83
C LYS B 668 -31.83 40.51 28.70
N ARG B 669 -32.94 39.84 28.38
CA ARG B 669 -32.95 38.76 27.40
C ARG B 669 -33.84 39.13 26.23
N ASN B 670 -33.39 38.77 25.03
CA ASN B 670 -34.07 39.09 23.79
C ASN B 670 -34.06 37.85 22.89
N TRP B 671 -34.66 37.99 21.70
CA TRP B 671 -34.79 36.86 20.78
C TRP B 671 -33.48 36.54 20.05
N GLU B 672 -32.41 37.29 20.28
CA GLU B 672 -31.21 37.14 19.47
C GLU B 672 -30.57 35.76 19.66
N GLU B 673 -30.10 35.47 20.87
CA GLU B 673 -29.37 34.23 21.14
C GLU B 673 -30.30 33.08 21.53
N ALA B 674 -31.61 33.25 21.34
CA ALA B 674 -32.55 32.18 21.70
C ALA B 674 -32.24 30.90 20.93
N GLU B 675 -31.69 31.01 19.72
CA GLU B 675 -31.34 29.84 18.93
C GLU B 675 -30.29 28.98 19.61
N ARG B 676 -29.62 29.49 20.65
CA ARG B 676 -28.66 28.70 21.40
C ARG B 676 -29.33 27.83 22.45
N PHE B 677 -30.49 28.26 22.95
CA PHE B 677 -31.20 27.53 24.01
C PHE B 677 -32.50 26.92 23.53
N CYS B 678 -33.10 27.47 22.48
CA CYS B 678 -34.43 27.06 22.03
C CYS B 678 -34.42 26.10 20.85
N GLN B 679 -33.38 26.14 20.01
CA GLN B 679 -33.30 25.31 18.82
C GLN B 679 -33.28 23.82 19.12
N ALA B 680 -33.05 23.45 20.39
CA ALA B 680 -33.12 22.04 20.78
C ALA B 680 -34.54 21.50 20.74
N LEU B 681 -35.54 22.36 20.55
CA LEU B 681 -36.92 21.92 20.45
C LEU B 681 -37.56 22.19 19.08
N GLY B 682 -36.78 22.65 18.11
CA GLY B 682 -37.30 22.89 16.76
C GLY B 682 -38.15 24.13 16.69
N ALA B 683 -37.68 25.21 17.31
CA ALA B 683 -38.42 26.46 17.40
C ALA B 683 -37.76 27.55 16.56
N HIS B 684 -38.50 28.64 16.36
CA HIS B 684 -38.07 29.73 15.49
C HIS B 684 -38.61 31.03 16.06
N LEU B 685 -38.63 32.08 15.23
CA LEU B 685 -39.10 33.40 15.63
C LEU B 685 -40.59 33.38 15.99
N SER B 686 -41.11 34.51 16.46
CA SER B 686 -42.53 34.60 16.84
C SER B 686 -43.38 34.54 15.57
N SER B 687 -43.91 33.35 15.27
CA SER B 687 -44.57 33.08 13.99
C SER B 687 -46.04 33.50 14.08
N PHE B 688 -46.31 34.69 13.58
CA PHE B 688 -47.68 35.17 13.42
C PHE B 688 -48.07 35.09 11.95
N SER B 689 -49.21 34.46 11.67
CA SER B 689 -49.63 34.21 10.29
C SER B 689 -50.27 35.44 9.66
N HIS B 690 -51.37 35.91 10.23
CA HIS B 690 -52.10 37.07 9.71
C HIS B 690 -51.84 38.28 10.61
N VAL B 691 -52.44 39.41 10.24
CA VAL B 691 -52.28 40.63 11.03
C VAL B 691 -53.00 40.52 12.37
N ASP B 692 -54.05 39.72 12.46
CA ASP B 692 -54.73 39.54 13.73
C ASP B 692 -53.81 38.90 14.77
N GLU B 693 -52.95 37.97 14.33
CA GLU B 693 -52.03 37.32 15.25
C GLU B 693 -50.99 38.31 15.79
N ILE B 694 -50.45 39.17 14.93
CA ILE B 694 -49.46 40.12 15.41
C ILE B 694 -50.13 41.20 16.26
N LYS B 695 -51.38 41.55 15.98
CA LYS B 695 -52.08 42.49 16.85
C LYS B 695 -52.33 41.87 18.22
N GLU B 696 -52.69 40.59 18.27
CA GLU B 696 -52.86 39.91 19.55
C GLU B 696 -51.54 39.82 20.30
N PHE B 697 -50.43 39.57 19.59
CA PHE B 697 -49.13 39.54 20.23
C PHE B 697 -48.76 40.90 20.80
N LEU B 698 -49.04 41.96 20.05
CA LEU B 698 -48.77 43.31 20.55
C LEU B 698 -49.62 43.64 21.77
N HIS B 699 -50.89 43.20 21.75
CA HIS B 699 -51.75 43.41 22.92
C HIS B 699 -51.21 42.65 24.13
N PHE B 700 -50.76 41.42 23.93
CA PHE B 700 -50.21 40.64 25.03
C PHE B 700 -48.90 41.24 25.55
N LEU B 701 -48.09 41.83 24.67
CA LEU B 701 -46.83 42.44 25.07
C LEU B 701 -47.00 43.83 25.67
N THR B 702 -48.13 44.49 25.41
CA THR B 702 -48.37 45.81 25.99
C THR B 702 -49.29 45.78 27.22
N ASP B 703 -50.01 44.68 27.43
CA ASP B 703 -50.92 44.58 28.58
C ASP B 703 -50.20 44.07 29.82
N GLN B 704 -49.41 43.01 29.69
CA GLN B 704 -48.69 42.43 30.81
C GLN B 704 -47.38 43.16 31.12
N PHE B 705 -46.92 44.04 30.23
CA PHE B 705 -45.67 44.76 30.40
C PHE B 705 -45.94 46.25 30.42
N SER B 706 -45.19 46.96 31.26
CA SER B 706 -45.37 48.40 31.44
C SER B 706 -44.29 49.22 30.72
N GLY B 707 -43.02 48.84 30.88
CA GLY B 707 -41.95 49.61 30.27
C GLY B 707 -41.92 49.47 28.77
N GLN B 708 -41.19 50.38 28.14
CA GLN B 708 -41.04 50.42 26.69
C GLN B 708 -39.58 50.12 26.35
N HIS B 709 -39.36 49.05 25.58
CA HIS B 709 -38.02 48.63 25.21
C HIS B 709 -38.11 47.67 24.04
N TRP B 710 -37.10 47.71 23.18
CA TRP B 710 -37.09 46.93 21.94
C TRP B 710 -36.47 45.56 22.23
N LEU B 711 -37.32 44.62 22.67
CA LEU B 711 -36.86 43.26 22.91
C LEU B 711 -36.38 42.63 21.61
N TRP B 712 -37.32 42.35 20.71
CA TRP B 712 -37.11 41.93 19.33
C TRP B 712 -38.50 41.69 18.73
N ILE B 713 -38.57 41.73 17.40
CA ILE B 713 -39.77 41.38 16.66
C ILE B 713 -39.39 40.36 15.59
N GLY B 714 -40.28 39.41 15.33
CA GLY B 714 -40.01 38.35 14.39
C GLY B 714 -40.01 38.80 12.94
N LEU B 715 -39.18 39.77 12.61
CA LEU B 715 -39.02 40.27 11.25
C LEU B 715 -37.55 40.16 10.87
N ASN B 716 -37.27 39.52 9.73
CA ASN B 716 -35.90 39.27 9.32
C ASN B 716 -35.74 39.48 7.83
N LYS B 717 -34.69 40.19 7.45
CA LYS B 717 -34.27 40.37 6.06
C LYS B 717 -32.78 40.10 5.94
N ARG B 718 -32.32 39.00 6.54
CA ARG B 718 -30.89 38.74 6.66
C ARG B 718 -30.31 38.21 5.35
N SER B 719 -30.89 37.15 4.82
CA SER B 719 -30.34 36.51 3.64
C SER B 719 -30.46 37.45 2.43
N PRO B 720 -29.45 37.48 1.55
CA PRO B 720 -29.56 38.33 0.35
C PRO B 720 -30.43 37.74 -0.73
N ASP B 721 -30.79 36.46 -0.63
CA ASP B 721 -31.53 35.77 -1.67
C ASP B 721 -33.04 36.02 -1.63
N LEU B 722 -33.50 36.96 -0.79
CA LEU B 722 -34.93 37.22 -0.72
C LEU B 722 -35.43 37.97 -1.94
N GLN B 723 -34.55 38.70 -2.62
CA GLN B 723 -34.90 39.46 -3.83
C GLN B 723 -36.00 40.49 -3.55
N GLY B 724 -35.88 41.17 -2.42
CA GLY B 724 -36.81 42.21 -2.04
C GLY B 724 -38.03 41.73 -1.28
N SER B 725 -38.31 40.43 -1.28
CA SER B 725 -39.48 39.90 -0.60
C SER B 725 -39.17 39.73 0.89
N TRP B 726 -40.09 39.09 1.61
CA TRP B 726 -39.93 38.85 3.03
C TRP B 726 -39.94 37.35 3.29
N GLN B 727 -39.16 36.92 4.27
CA GLN B 727 -39.02 35.51 4.61
C GLN B 727 -39.53 35.25 6.02
N TRP B 728 -39.51 33.99 6.40
CA TRP B 728 -39.95 33.55 7.72
C TRP B 728 -39.10 32.33 8.09
N SER B 729 -39.53 31.57 9.10
CA SER B 729 -38.75 30.43 9.56
C SER B 729 -39.55 29.15 9.76
N ASP B 730 -40.85 29.20 10.05
CA ASP B 730 -41.60 27.98 10.32
C ASP B 730 -43.07 28.19 10.00
N ARG B 731 -43.50 27.70 8.84
CA ARG B 731 -44.91 27.62 8.46
C ARG B 731 -45.62 28.97 8.65
N THR B 732 -45.11 30.00 7.98
CA THR B 732 -45.65 31.34 8.10
C THR B 732 -45.55 32.06 6.76
N PRO B 733 -46.52 31.87 5.87
CA PRO B 733 -46.52 32.62 4.60
C PRO B 733 -46.94 34.06 4.82
N VAL B 734 -46.07 34.99 4.42
CA VAL B 734 -46.34 36.41 4.63
C VAL B 734 -47.43 36.87 3.68
N SER B 735 -48.44 37.57 4.22
CA SER B 735 -49.54 38.07 3.41
C SER B 735 -49.96 39.49 3.73
N THR B 736 -49.47 40.09 4.81
CA THR B 736 -49.86 41.44 5.20
C THR B 736 -48.64 42.37 5.16
N ILE B 737 -48.93 43.67 5.07
CA ILE B 737 -47.89 44.69 5.06
C ILE B 737 -47.56 45.03 6.50
N ILE B 738 -46.36 44.65 6.94
CA ILE B 738 -45.95 44.81 8.33
C ILE B 738 -44.56 45.45 8.41
N MET B 739 -43.86 45.47 7.28
CA MET B 739 -42.51 46.02 7.22
C MET B 739 -42.42 47.16 6.22
N PRO B 740 -42.22 48.40 6.65
CA PRO B 740 -42.06 49.51 5.70
C PRO B 740 -40.66 49.57 5.11
N ASN B 741 -40.40 50.59 4.30
CA ASN B 741 -39.11 50.77 3.64
C ASN B 741 -38.52 52.12 4.03
N GLU B 742 -37.27 52.12 4.47
CA GLU B 742 -36.56 53.33 4.84
C GLU B 742 -35.18 53.33 4.19
N PHE B 743 -34.80 54.47 3.63
CA PHE B 743 -33.50 54.59 2.97
C PHE B 743 -32.41 54.81 4.01
N GLN B 744 -31.31 54.08 3.87
CA GLN B 744 -30.19 54.16 4.80
C GLN B 744 -28.89 53.93 4.03
N GLN B 745 -27.81 54.57 4.50
CA GLN B 745 -26.50 54.37 3.88
C GLN B 745 -26.07 52.91 3.95
N ASP B 746 -26.36 52.24 5.07
CA ASP B 746 -26.05 50.83 5.26
C ASP B 746 -27.33 50.00 5.44
N TYR B 747 -28.33 50.28 4.59
CA TYR B 747 -29.60 49.55 4.68
C TYR B 747 -29.42 48.08 4.37
N ASP B 748 -28.43 47.72 3.55
CA ASP B 748 -28.18 46.34 3.18
C ASP B 748 -27.33 45.60 4.20
N ILE B 749 -27.01 46.22 5.34
CA ILE B 749 -26.23 45.58 6.40
C ILE B 749 -27.09 45.29 7.63
N ARG B 750 -27.68 46.32 8.21
CA ARG B 750 -28.63 46.13 9.31
C ARG B 750 -29.86 45.43 8.77
N ASP B 751 -30.08 44.19 9.23
CA ASP B 751 -31.06 43.31 8.60
C ASP B 751 -31.96 42.61 9.61
N CYS B 752 -32.27 43.26 10.73
CA CYS B 752 -33.20 42.72 11.72
C CYS B 752 -34.19 43.81 12.08
N ALA B 753 -35.43 43.67 11.62
CA ALA B 753 -36.45 44.68 11.82
C ALA B 753 -37.15 44.49 13.15
N ALA B 754 -37.61 45.60 13.74
CA ALA B 754 -38.30 45.55 15.02
C ALA B 754 -39.16 46.79 15.17
N VAL B 755 -40.30 46.61 15.83
CA VAL B 755 -41.22 47.71 16.14
C VAL B 755 -41.15 47.98 17.64
N LYS B 756 -41.73 49.09 18.04
CA LYS B 756 -41.67 49.55 19.42
C LYS B 756 -43.00 49.35 20.13
N VAL B 757 -42.95 48.80 21.34
CA VAL B 757 -44.10 48.69 22.22
C VAL B 757 -44.08 49.86 23.20
N PHE B 758 -45.25 50.44 23.45
CA PHE B 758 -45.37 51.62 24.28
C PHE B 758 -46.08 51.28 25.59
N HIS B 759 -46.06 52.24 26.51
CA HIS B 759 -46.72 52.11 27.80
C HIS B 759 -48.20 52.48 27.75
N ARG B 760 -48.77 52.63 26.55
CA ARG B 760 -50.18 52.96 26.38
C ARG B 760 -50.99 51.71 26.04
N PRO B 761 -52.21 51.58 26.56
CA PRO B 761 -53.03 50.40 26.29
C PRO B 761 -53.65 50.37 24.90
N TRP B 762 -53.46 51.40 24.09
CA TRP B 762 -54.04 51.48 22.75
C TRP B 762 -52.90 51.69 21.75
N ARG B 763 -52.45 50.60 21.14
CA ARG B 763 -51.40 50.62 20.12
C ARG B 763 -51.90 49.82 18.93
N ARG B 764 -52.62 50.48 18.02
CA ARG B 764 -53.20 49.82 16.86
C ARG B 764 -52.32 50.08 15.63
N GLY B 765 -51.20 49.37 15.58
CA GLY B 765 -50.29 49.42 14.45
C GLY B 765 -49.31 50.58 14.47
N TRP B 766 -49.60 51.67 15.18
CA TRP B 766 -48.72 52.83 15.23
C TRP B 766 -47.55 52.51 16.13
N HIS B 767 -46.51 51.90 15.56
CA HIS B 767 -45.31 51.55 16.29
C HIS B 767 -44.09 52.10 15.58
N PHE B 768 -43.04 52.39 16.37
CA PHE B 768 -41.81 52.94 15.84
C PHE B 768 -40.99 51.82 15.20
N TYR B 769 -40.75 51.94 13.89
CA TYR B 769 -40.01 50.93 13.15
C TYR B 769 -38.51 51.21 13.22
N ASP B 770 -37.72 50.15 13.29
CA ASP B 770 -36.27 50.28 13.38
C ASP B 770 -35.61 49.01 12.84
N ASP B 771 -34.34 49.15 12.47
CA ASP B 771 -33.57 48.06 11.88
C ASP B 771 -32.20 48.00 12.55
N ARG B 772 -31.80 46.80 12.98
CA ARG B 772 -30.52 46.60 13.64
C ARG B 772 -29.77 45.42 13.05
N GLU B 773 -28.64 45.05 13.66
CA GLU B 773 -27.79 43.98 13.17
C GLU B 773 -28.18 42.65 13.82
N PHE B 774 -27.34 41.63 13.65
CA PHE B 774 -27.62 40.29 14.14
C PHE B 774 -26.47 39.71 14.96
N ILE B 775 -25.54 40.53 15.42
CA ILE B 775 -24.37 40.05 16.15
C ILE B 775 -24.52 40.29 17.66
N TYR B 776 -25.76 40.42 18.14
CA TYR B 776 -26.00 40.67 19.55
C TYR B 776 -25.93 39.36 20.34
N LEU B 777 -26.15 39.43 21.65
CA LEU B 777 -26.06 38.25 22.51
C LEU B 777 -26.97 38.49 23.71
N ARG B 778 -28.19 37.92 23.66
CA ARG B 778 -29.19 38.13 24.70
C ARG B 778 -29.82 36.78 25.05
N PRO B 779 -30.03 36.50 26.34
CA PRO B 779 -30.57 35.18 26.74
C PRO B 779 -31.93 34.89 26.13
N PHE B 780 -32.38 33.66 26.34
CA PHE B 780 -33.48 33.09 25.56
C PHE B 780 -34.81 33.78 25.83
N ALA B 781 -35.56 34.00 24.74
CA ALA B 781 -36.95 34.46 24.80
C ALA B 781 -37.61 33.99 23.50
N CYS B 782 -38.42 32.94 23.59
CA CYS B 782 -38.65 32.08 22.42
C CYS B 782 -40.11 31.69 22.29
N ASP B 783 -40.40 30.99 21.19
CA ASP B 783 -41.70 30.41 20.94
C ASP B 783 -41.54 29.22 20.01
N THR B 784 -42.43 28.24 20.15
CA THR B 784 -42.36 27.02 19.36
C THR B 784 -43.73 26.69 18.79
N LYS B 785 -43.74 26.16 17.57
CA LYS B 785 -44.99 25.74 16.96
C LYS B 785 -45.58 24.56 17.70
N LEU B 786 -46.88 24.61 17.98
CA LEU B 786 -47.58 23.57 18.71
C LEU B 786 -48.09 22.44 17.81
N GLU B 787 -47.76 22.46 16.52
CA GLU B 787 -48.23 21.44 15.60
C GLU B 787 -47.47 20.12 15.81
N LEU B 816 -75.84 21.11 32.15
CA LEU B 816 -74.89 21.69 31.23
C LEU B 816 -74.65 23.17 31.54
N ILE B 817 -73.39 23.51 31.83
CA ILE B 817 -73.05 24.89 32.13
C ILE B 817 -73.11 25.72 30.86
N ILE B 818 -73.71 26.91 30.96
CA ILE B 818 -73.84 27.79 29.81
C ILE B 818 -72.46 28.26 29.37
N GLU B 819 -72.24 28.30 28.05
CA GLU B 819 -70.96 28.68 27.45
C GLU B 819 -69.84 27.76 27.93
N GLY B 820 -69.96 26.49 27.59
CA GLY B 820 -68.98 25.50 27.96
C GLY B 820 -69.59 24.12 28.02
N SER B 821 -68.71 23.13 28.14
CA SER B 821 -69.14 21.73 28.23
C SER B 821 -69.44 21.37 29.68
N GLU B 822 -69.66 20.09 29.95
CA GLU B 822 -69.92 19.64 31.30
C GLU B 822 -68.61 19.54 32.09
N TYR B 823 -68.67 19.94 33.36
CA TYR B 823 -67.51 19.98 34.24
C TYR B 823 -67.69 18.93 35.33
N TRP B 824 -66.75 17.98 35.39
CA TRP B 824 -66.79 16.92 36.39
C TRP B 824 -66.06 17.39 37.65
N PHE B 825 -66.83 17.60 38.72
CA PHE B 825 -66.28 18.03 40.00
C PHE B 825 -66.04 16.79 40.86
N VAL B 826 -64.81 16.63 41.37
CA VAL B 826 -64.49 15.49 42.21
C VAL B 826 -64.68 15.90 43.67
N ALA B 827 -65.32 15.05 44.46
CA ALA B 827 -65.56 15.28 45.86
C ALA B 827 -65.19 14.05 46.67
N ASP B 828 -64.94 14.27 47.96
CA ASP B 828 -64.53 13.22 48.90
C ASP B 828 -63.26 12.50 48.45
N LEU B 829 -62.47 13.14 47.59
CA LEU B 829 -61.21 12.58 47.09
C LEU B 829 -60.23 13.73 46.93
N HIS B 830 -59.39 13.93 47.95
CA HIS B 830 -58.45 15.04 47.97
C HIS B 830 -57.12 14.58 47.37
N LEU B 831 -56.78 15.11 46.20
CA LEU B 831 -55.53 14.79 45.52
C LEU B 831 -54.82 16.08 45.12
N ASN B 832 -53.52 15.97 44.88
CA ASN B 832 -52.71 17.12 44.51
C ASN B 832 -52.88 17.40 43.01
N TYR B 833 -52.08 18.34 42.48
CA TYR B 833 -52.19 18.70 41.07
C TYR B 833 -51.70 17.57 40.18
N GLU B 834 -50.58 16.94 40.53
CA GLU B 834 -50.04 15.87 39.70
C GLU B 834 -50.97 14.67 39.68
N GLU B 835 -51.47 14.25 40.84
CA GLU B 835 -52.42 13.14 40.88
C GLU B 835 -53.70 13.47 40.13
N ALA B 836 -54.14 14.72 40.19
CA ALA B 836 -55.33 15.13 39.45
C ALA B 836 -55.10 15.02 37.95
N VAL B 837 -54.00 15.59 37.45
CA VAL B 837 -53.75 15.58 36.01
C VAL B 837 -53.43 14.17 35.53
N LEU B 838 -53.02 13.27 36.44
CA LEU B 838 -52.77 11.89 36.05
C LEU B 838 -54.03 11.04 36.06
N TYR B 839 -54.96 11.29 36.98
CA TYR B 839 -56.13 10.45 37.15
C TYR B 839 -57.32 10.93 36.33
N CYS B 840 -57.67 12.22 36.45
CA CYS B 840 -58.89 12.70 35.80
C CYS B 840 -58.74 12.77 34.29
N ALA B 841 -57.53 13.05 33.80
CA ALA B 841 -57.32 13.16 32.37
C ALA B 841 -57.41 11.79 31.71
N SER B 842 -57.97 11.77 30.50
CA SER B 842 -58.15 10.52 29.76
C SER B 842 -58.04 10.85 28.28
N ASN B 843 -58.49 9.92 27.43
CA ASN B 843 -58.45 10.15 25.99
C ASN B 843 -59.30 11.34 25.59
N HIS B 844 -60.43 11.55 26.27
CA HIS B 844 -61.29 12.69 26.01
C HIS B 844 -61.32 13.70 27.15
N SER B 845 -60.83 13.34 28.33
CA SER B 845 -60.84 14.24 29.48
C SER B 845 -59.49 14.92 29.64
N PHE B 846 -59.52 16.13 30.22
CA PHE B 846 -58.32 16.89 30.52
C PHE B 846 -58.68 17.93 31.57
N LEU B 847 -57.64 18.61 32.08
CA LEU B 847 -57.85 19.64 33.08
C LEU B 847 -58.72 20.77 32.51
N ALA B 848 -59.91 20.93 33.08
CA ALA B 848 -60.87 21.92 32.60
C ALA B 848 -60.38 23.32 32.94
N THR B 849 -60.08 24.10 31.91
CA THR B 849 -59.64 25.49 32.07
C THR B 849 -60.78 26.42 31.68
N ILE B 850 -60.95 27.50 32.43
CA ILE B 850 -61.98 28.48 32.13
C ILE B 850 -61.41 29.54 31.18
N THR B 851 -62.16 29.84 30.11
CA THR B 851 -61.74 30.81 29.12
C THR B 851 -62.65 32.04 29.06
N SER B 852 -63.82 32.00 29.66
CA SER B 852 -64.76 33.11 29.65
C SER B 852 -65.10 33.54 31.07
N PHE B 853 -65.46 34.81 31.23
CA PHE B 853 -65.78 35.32 32.56
C PHE B 853 -67.14 34.81 33.04
N VAL B 854 -68.09 34.61 32.13
CA VAL B 854 -69.38 34.05 32.51
C VAL B 854 -69.21 32.61 32.98
N GLY B 855 -68.37 31.84 32.29
CA GLY B 855 -68.07 30.49 32.74
C GLY B 855 -67.39 30.47 34.09
N LEU B 856 -66.52 31.46 34.35
CA LEU B 856 -65.86 31.54 35.65
C LEU B 856 -66.87 31.87 36.74
N LYS B 857 -67.83 32.75 36.45
CA LYS B 857 -68.87 33.06 37.42
C LYS B 857 -69.74 31.84 37.69
N ALA B 858 -70.06 31.07 36.65
CA ALA B 858 -70.83 29.84 36.83
C ALA B 858 -70.05 28.84 37.68
N ILE B 859 -68.74 28.72 37.43
CA ILE B 859 -67.90 27.85 38.25
C ILE B 859 -67.92 28.31 39.70
N LYS B 860 -67.83 29.62 39.93
CA LYS B 860 -67.84 30.13 41.30
C LYS B 860 -69.17 29.81 41.99
N ASN B 861 -70.28 30.01 41.29
CA ASN B 861 -71.58 29.69 41.89
C ASN B 861 -71.70 28.21 42.20
N LYS B 862 -71.25 27.35 41.27
CA LYS B 862 -71.36 25.91 41.50
C LYS B 862 -70.46 25.46 42.64
N ILE B 863 -69.29 26.09 42.78
CA ILE B 863 -68.40 25.75 43.89
C ILE B 863 -69.00 26.21 45.21
N ALA B 864 -69.58 27.41 45.24
CA ALA B 864 -70.21 27.89 46.46
C ALA B 864 -71.43 27.04 46.84
N ASN B 865 -72.12 26.48 45.85
CA ASN B 865 -73.28 25.64 46.10
C ASN B 865 -72.93 24.18 46.34
N ILE B 866 -71.70 23.77 46.03
CA ILE B 866 -71.30 22.36 46.17
C ILE B 866 -70.59 22.15 47.50
N SER B 867 -69.47 22.85 47.69
CA SER B 867 -68.63 22.67 48.88
C SER B 867 -68.69 23.86 49.81
N GLY B 868 -68.40 25.06 49.33
CA GLY B 868 -68.42 26.24 50.15
C GLY B 868 -67.32 27.21 49.72
N ASP B 869 -67.09 28.19 50.57
CA ASP B 869 -66.10 29.23 50.30
C ASP B 869 -64.73 28.93 50.89
N GLY B 870 -64.63 27.94 51.78
CA GLY B 870 -63.35 27.63 52.40
C GLY B 870 -62.49 26.69 51.59
N GLN B 871 -63.08 25.83 50.79
CA GLN B 871 -62.32 24.88 50.00
C GLN B 871 -61.62 25.56 48.83
N LYS B 872 -60.55 24.93 48.37
CA LYS B 872 -59.76 25.41 47.23
C LYS B 872 -59.78 24.36 46.14
N TRP B 873 -59.82 24.81 44.89
CA TRP B 873 -59.93 23.93 43.74
C TRP B 873 -58.82 24.21 42.74
N TRP B 874 -58.24 23.15 42.20
CA TRP B 874 -57.15 23.27 41.23
C TRP B 874 -57.74 23.69 39.89
N ILE B 875 -57.60 24.97 39.55
CA ILE B 875 -58.20 25.54 38.35
C ILE B 875 -57.08 26.10 37.47
N ARG B 876 -57.21 25.89 36.16
CA ARG B 876 -56.34 26.52 35.18
C ARG B 876 -57.04 27.77 34.64
N ILE B 877 -56.41 28.92 34.81
CA ILE B 877 -56.99 30.21 34.44
C ILE B 877 -56.27 30.75 33.22
N SER B 878 -57.04 31.14 32.20
CA SER B 878 -56.48 31.73 30.99
C SER B 878 -57.64 32.37 30.23
N GLU B 879 -57.31 32.98 29.09
CA GLU B 879 -58.31 33.55 28.21
C GLU B 879 -58.48 32.78 26.91
N TRP B 880 -57.62 31.80 26.64
CA TRP B 880 -57.71 30.94 25.48
C TRP B 880 -57.45 29.50 25.91
N PRO B 881 -58.10 28.53 25.25
CA PRO B 881 -57.94 27.13 25.69
C PRO B 881 -56.53 26.61 25.46
N ILE B 882 -55.81 26.37 26.56
CA ILE B 882 -54.43 25.90 26.47
C ILE B 882 -54.41 24.45 26.02
N ASP B 883 -53.43 24.11 25.17
CA ASP B 883 -53.27 22.75 24.69
C ASP B 883 -52.23 22.02 25.53
N ASP B 884 -52.44 20.71 25.71
CA ASP B 884 -51.52 19.92 26.52
C ASP B 884 -50.17 19.75 25.81
N HIS B 885 -50.16 19.77 24.49
CA HIS B 885 -48.92 19.60 23.72
C HIS B 885 -48.10 20.89 23.76
N GLU B 903 -46.72 26.54 37.39
CA GLU B 903 -48.05 27.08 37.11
C GLU B 903 -49.12 26.28 37.84
N CYS B 904 -48.92 26.06 39.13
CA CYS B 904 -49.87 25.32 39.96
C CYS B 904 -50.90 26.30 40.51
N LEU B 905 -51.85 26.67 39.65
CA LEU B 905 -52.86 27.66 39.99
C LEU B 905 -54.00 27.03 40.76
N TYR B 906 -54.62 27.83 41.64
CA TYR B 906 -55.75 27.41 42.44
C TYR B 906 -56.75 28.55 42.53
N MET B 907 -57.99 28.21 42.89
CA MET B 907 -59.03 29.21 43.07
C MET B 907 -59.87 28.87 44.28
N SER B 908 -60.29 29.91 45.00
CA SER B 908 -61.22 29.80 46.11
C SER B 908 -62.53 30.50 45.75
N ALA B 909 -63.61 30.08 46.39
CA ALA B 909 -64.92 30.64 46.09
C ALA B 909 -65.05 32.06 46.61
N LYS B 910 -64.36 32.40 47.69
CA LYS B 910 -64.46 33.71 48.32
C LYS B 910 -63.28 34.58 47.92
N THR B 911 -63.60 35.76 47.39
CA THR B 911 -62.63 36.73 46.87
C THR B 911 -61.67 36.07 45.88
N TRP B 912 -62.22 35.62 44.75
CA TRP B 912 -61.41 35.08 43.67
C TRP B 912 -60.68 36.16 42.89
N LEU B 913 -60.94 37.44 43.18
CA LEU B 913 -60.33 38.52 42.39
C LEU B 913 -58.88 38.76 42.78
N ILE B 914 -58.49 38.36 44.00
CA ILE B 914 -57.11 38.60 44.42
C ILE B 914 -56.24 37.38 44.12
N ASP B 915 -56.83 36.19 44.04
CA ASP B 915 -56.09 34.96 43.79
C ASP B 915 -56.23 34.48 42.35
N LEU B 916 -56.38 35.39 41.39
CA LEU B 916 -56.53 34.97 40.00
C LEU B 916 -55.22 34.42 39.45
N GLY B 917 -54.11 35.06 39.79
CA GLY B 917 -52.82 34.64 39.27
C GLY B 917 -51.74 34.50 40.33
N LYS B 918 -52.14 34.05 41.52
CA LYS B 918 -51.20 33.85 42.63
C LYS B 918 -51.07 32.36 42.92
N PRO B 919 -50.03 31.70 42.41
CA PRO B 919 -49.85 30.26 42.65
C PRO B 919 -49.14 29.97 43.96
N THR B 920 -49.49 28.84 44.54
CA THR B 920 -48.90 28.35 45.78
C THR B 920 -48.40 26.91 45.54
N ASP B 921 -47.74 26.34 46.54
CA ASP B 921 -47.25 24.98 46.46
C ASP B 921 -48.42 24.02 46.26
N CYS B 922 -48.50 23.40 45.10
CA CYS B 922 -49.62 22.53 44.74
C CYS B 922 -49.47 21.12 45.26
N SER B 923 -48.59 20.87 46.23
CA SER B 923 -48.46 19.55 46.83
C SER B 923 -49.37 19.39 48.04
N THR B 924 -50.66 19.70 47.84
CA THR B 924 -51.67 19.59 48.89
C THR B 924 -52.88 18.84 48.33
N LYS B 925 -53.50 18.03 49.18
CA LYS B 925 -54.65 17.22 48.78
C LYS B 925 -55.91 18.08 48.86
N LEU B 926 -56.52 18.35 47.71
CA LEU B 926 -57.71 19.18 47.62
C LEU B 926 -58.57 18.67 46.48
N PRO B 927 -59.89 18.85 46.56
CA PRO B 927 -60.75 18.50 45.42
C PRO B 927 -60.49 19.43 44.24
N PHE B 928 -61.01 19.04 43.08
CA PHE B 928 -60.75 19.77 41.86
C PHE B 928 -61.88 19.53 40.86
N ILE B 929 -61.71 20.11 39.68
CA ILE B 929 -62.62 19.94 38.56
C ILE B 929 -61.82 19.42 37.38
N CYS B 930 -62.51 18.77 36.45
CA CYS B 930 -61.86 18.19 35.29
C CYS B 930 -62.88 18.08 34.16
N GLU B 931 -62.45 18.38 32.94
CA GLU B 931 -63.36 18.37 31.80
C GLU B 931 -63.83 16.95 31.50
N PRO B 957 -48.05 35.70 -14.75
CA PRO B 957 -48.41 34.57 -13.88
C PRO B 957 -49.71 33.89 -14.29
N PHE B 958 -50.22 33.01 -13.43
CA PHE B 958 -51.46 32.31 -13.71
C PHE B 958 -52.66 33.18 -13.35
N GLN B 959 -53.82 32.75 -13.83
CA GLN B 959 -55.07 33.47 -13.54
C GLN B 959 -55.39 33.35 -12.06
N ASN B 960 -55.33 34.47 -11.35
CA ASN B 960 -55.61 34.53 -9.91
C ASN B 960 -54.69 33.59 -9.14
N LYS B 961 -53.44 33.51 -9.56
CA LYS B 961 -52.46 32.63 -8.93
C LYS B 961 -51.06 33.09 -9.33
N CYS B 962 -50.19 33.27 -8.35
CA CYS B 962 -48.80 33.65 -8.59
C CYS B 962 -47.88 32.60 -7.98
N PHE B 963 -46.64 32.58 -8.45
CA PHE B 963 -45.67 31.59 -8.00
C PHE B 963 -44.34 32.28 -7.70
N LEU B 964 -43.60 31.67 -6.78
CA LEU B 964 -42.28 32.16 -6.39
C LEU B 964 -41.29 30.99 -6.35
N LYS B 965 -40.05 31.27 -6.72
CA LYS B 965 -38.99 30.27 -6.74
C LYS B 965 -37.87 30.71 -5.81
N ILE B 966 -37.15 29.72 -5.27
CA ILE B 966 -36.12 29.93 -4.27
C ILE B 966 -34.90 29.10 -4.65
N LYS B 967 -33.89 29.12 -3.78
CA LYS B 967 -32.67 28.37 -4.02
C LYS B 967 -32.96 26.87 -4.03
N PRO B 968 -32.26 26.11 -4.88
CA PRO B 968 -32.53 24.67 -4.97
C PRO B 968 -31.87 23.86 -3.86
N VAL B 969 -31.47 24.51 -2.78
CA VAL B 969 -30.84 23.81 -1.66
C VAL B 969 -31.75 22.70 -1.17
N SER B 970 -31.18 21.51 -1.01
CA SER B 970 -31.93 20.32 -0.64
C SER B 970 -32.01 20.18 0.87
N LEU B 971 -33.11 19.60 1.34
CA LEU B 971 -33.37 19.38 2.75
C LEU B 971 -34.55 18.44 2.89
N THR B 972 -34.72 17.90 4.09
CA THR B 972 -35.75 16.91 4.34
C THR B 972 -37.15 17.54 4.24
N PHE B 973 -38.15 16.70 3.95
CA PHE B 973 -39.51 17.19 3.78
C PHE B 973 -40.06 17.74 5.08
N SER B 974 -39.69 17.14 6.21
CA SER B 974 -40.10 17.69 7.51
C SER B 974 -39.55 19.10 7.70
N GLN B 975 -38.42 19.40 7.08
CA GLN B 975 -37.87 20.75 7.08
C GLN B 975 -38.19 21.53 5.81
N ALA B 976 -38.59 20.83 4.74
CA ALA B 976 -38.93 21.51 3.48
C ALA B 976 -40.29 22.19 3.54
N SER B 977 -41.11 21.88 4.53
CA SER B 977 -42.39 22.55 4.69
C SER B 977 -42.24 23.99 5.16
N ASP B 978 -41.01 24.42 5.47
CA ASP B 978 -40.76 25.78 5.94
C ASP B 978 -39.68 26.45 5.09
N THR B 979 -39.41 25.91 3.90
CA THR B 979 -38.39 26.50 3.04
C THR B 979 -38.98 27.62 2.18
N CYS B 980 -40.06 27.34 1.46
CA CYS B 980 -40.77 28.36 0.72
C CYS B 980 -41.86 29.02 1.55
N HIS B 981 -42.36 28.32 2.58
CA HIS B 981 -43.33 28.92 3.49
C HIS B 981 -42.74 30.12 4.20
N SER B 982 -41.42 30.22 4.25
CA SER B 982 -40.77 31.43 4.71
C SER B 982 -41.26 32.64 3.93
N TYR B 983 -41.25 32.53 2.60
CA TYR B 983 -41.80 33.56 1.74
C TYR B 983 -43.32 33.52 1.77
N GLY B 984 -43.95 34.34 0.93
CA GLY B 984 -45.39 34.36 0.85
C GLY B 984 -45.93 33.32 -0.11
N GLY B 985 -46.48 32.24 0.42
CA GLY B 985 -47.04 31.20 -0.41
C GLY B 985 -47.03 29.86 0.29
N THR B 986 -47.64 28.89 -0.39
CA THR B 986 -47.73 27.52 0.10
C THR B 986 -47.13 26.57 -0.93
N LEU B 987 -47.04 25.29 -0.54
CA LEU B 987 -46.50 24.28 -1.43
C LEU B 987 -47.40 24.13 -2.66
N PRO B 988 -46.84 23.78 -3.81
CA PRO B 988 -47.64 23.69 -5.04
C PRO B 988 -48.69 22.61 -4.96
N SER B 989 -49.94 23.00 -5.20
CA SER B 989 -51.08 22.08 -5.25
C SER B 989 -51.68 22.14 -6.64
N VAL B 990 -51.69 21.00 -7.33
CA VAL B 990 -52.22 20.93 -8.70
C VAL B 990 -53.74 20.87 -8.65
N LEU B 991 -54.39 21.87 -9.23
CA LEU B 991 -55.84 21.93 -9.30
C LEU B 991 -56.38 21.68 -10.70
N SER B 992 -55.66 22.10 -11.74
CA SER B 992 -56.06 21.89 -13.12
C SER B 992 -54.86 21.42 -13.91
N GLN B 993 -55.12 20.91 -15.11
CA GLN B 993 -54.03 20.44 -15.96
C GLN B 993 -53.16 21.58 -16.46
N ILE B 994 -53.72 22.80 -16.52
CA ILE B 994 -52.91 23.95 -16.92
C ILE B 994 -51.83 24.21 -15.90
N GLU B 995 -52.13 24.00 -14.62
CA GLU B 995 -51.12 24.16 -13.58
C GLU B 995 -50.01 23.12 -13.74
N GLN B 996 -50.36 21.90 -14.12
CA GLN B 996 -49.36 20.88 -14.37
C GLN B 996 -48.50 21.23 -15.58
N ASP B 997 -49.12 21.81 -16.61
CA ASP B 997 -48.35 22.28 -17.76
C ASP B 997 -47.38 23.39 -17.37
N PHE B 998 -47.82 24.30 -16.51
CA PHE B 998 -46.94 25.36 -16.04
C PHE B 998 -45.79 24.80 -15.22
N ILE B 999 -46.08 23.81 -14.37
CA ILE B 999 -45.04 23.15 -13.59
C ILE B 999 -44.01 22.50 -14.50
N THR B 1000 -44.48 21.77 -15.51
CA THR B 1000 -43.55 21.12 -16.43
C THR B 1000 -42.78 22.14 -17.28
N SER B 1001 -43.39 23.30 -17.54
CA SER B 1001 -42.70 24.33 -18.30
C SER B 1001 -41.64 25.05 -17.48
N LEU B 1002 -41.82 25.11 -16.15
CA LEU B 1002 -40.78 25.67 -15.30
C LEU B 1002 -39.79 24.62 -14.82
N LEU B 1003 -40.07 23.34 -15.05
CA LEU B 1003 -39.12 22.30 -14.69
C LEU B 1003 -37.75 22.39 -15.38
N PRO B 1004 -37.63 22.79 -16.68
CA PRO B 1004 -36.33 22.75 -17.36
C PRO B 1004 -35.11 23.21 -16.55
N ASP B 1005 -35.20 24.35 -15.87
CA ASP B 1005 -34.05 24.85 -15.13
C ASP B 1005 -33.91 24.21 -13.75
N MET B 1006 -34.74 23.22 -13.43
CA MET B 1006 -34.72 22.53 -12.16
C MET B 1006 -34.23 21.10 -12.34
N GLU B 1007 -34.04 20.42 -11.21
CA GLU B 1007 -33.54 19.05 -11.23
C GLU B 1007 -34.67 18.08 -11.56
N ALA B 1008 -34.40 16.78 -11.42
CA ALA B 1008 -35.41 15.78 -11.73
C ALA B 1008 -36.41 15.62 -10.60
N THR B 1009 -35.98 15.83 -9.36
CA THR B 1009 -36.84 15.69 -8.19
C THR B 1009 -37.48 17.03 -7.84
N LEU B 1010 -38.59 16.95 -7.11
CA LEU B 1010 -39.34 18.14 -6.74
C LEU B 1010 -40.25 17.79 -5.57
N TRP B 1011 -40.32 18.69 -4.58
CA TRP B 1011 -41.21 18.52 -3.44
C TRP B 1011 -42.56 19.12 -3.78
N ILE B 1012 -43.52 18.27 -4.16
CA ILE B 1012 -44.87 18.75 -4.44
C ILE B 1012 -45.56 19.19 -3.15
N GLY B 1013 -45.17 18.61 -2.01
CA GLY B 1013 -45.61 19.10 -0.72
C GLY B 1013 -47.02 18.72 -0.28
N LEU B 1014 -47.26 17.43 -0.09
CA LEU B 1014 -48.48 16.99 0.58
C LEU B 1014 -48.12 15.81 1.47
N ARG B 1015 -48.70 15.77 2.67
CA ARG B 1015 -48.39 14.75 3.66
C ARG B 1015 -49.65 13.98 4.03
N TRP B 1016 -49.51 12.67 4.16
CA TRP B 1016 -50.62 11.79 4.54
C TRP B 1016 -50.05 10.48 5.02
N THR B 1017 -50.71 9.87 6.00
CA THR B 1017 -50.25 8.60 6.54
C THR B 1017 -50.48 7.47 5.53
N ALA B 1018 -49.62 6.45 5.60
CA ALA B 1018 -49.71 5.33 4.68
C ALA B 1018 -50.96 4.51 4.94
N TYR B 1019 -51.37 3.75 3.92
CA TYR B 1019 -52.54 2.88 3.98
C TYR B 1019 -53.80 3.68 4.33
N GLU B 1020 -53.90 4.89 3.78
CA GLU B 1020 -55.04 5.75 4.03
C GLU B 1020 -55.26 6.62 2.79
N LYS B 1021 -56.05 7.67 2.94
CA LYS B 1021 -56.40 8.56 1.85
C LYS B 1021 -55.69 9.91 2.01
N ILE B 1022 -55.59 10.63 0.90
CA ILE B 1022 -55.05 11.98 0.88
C ILE B 1022 -56.21 12.95 1.08
N ASN B 1023 -55.99 13.98 1.91
CA ASN B 1023 -57.05 14.88 2.33
C ASN B 1023 -56.61 16.32 2.18
N LYS B 1024 -57.30 17.06 1.32
CA LYS B 1024 -57.29 18.52 1.26
C LYS B 1024 -55.94 19.11 0.79
N TRP B 1025 -54.96 18.25 0.49
CA TRP B 1025 -53.64 18.67 0.01
C TRP B 1025 -52.95 19.60 1.01
N THR B 1026 -53.36 19.56 2.27
CA THR B 1026 -52.79 20.33 3.38
C THR B 1026 -52.78 21.84 3.11
N ASP B 1027 -53.59 22.32 2.15
CA ASP B 1027 -53.61 23.74 1.85
C ASP B 1027 -55.02 24.28 1.58
N ASN B 1028 -56.05 23.63 2.11
CA ASN B 1028 -57.44 24.04 1.92
C ASN B 1028 -57.83 24.04 0.43
N ARG B 1029 -57.72 22.86 -0.18
CA ARG B 1029 -58.03 22.68 -1.59
C ARG B 1029 -58.73 21.35 -1.78
N GLU B 1030 -59.94 21.37 -2.32
CA GLU B 1030 -60.68 20.14 -2.57
C GLU B 1030 -60.07 19.37 -3.73
N LEU B 1031 -60.42 18.09 -3.82
CA LEU B 1031 -59.94 17.20 -4.87
C LEU B 1031 -60.99 17.07 -5.96
N THR B 1032 -60.67 17.52 -7.16
CA THR B 1032 -61.51 17.26 -8.32
C THR B 1032 -60.99 16.10 -9.17
N TYR B 1033 -59.67 15.90 -9.21
CA TYR B 1033 -59.06 14.81 -9.94
C TYR B 1033 -57.64 14.61 -9.44
N SER B 1034 -57.02 13.51 -9.86
CA SER B 1034 -55.68 13.15 -9.45
C SER B 1034 -54.84 12.85 -10.69
N ASN B 1035 -53.64 13.43 -10.75
CA ASN B 1035 -52.72 13.23 -11.86
C ASN B 1035 -51.73 12.11 -11.54
N PHE B 1036 -52.29 10.92 -11.29
CA PHE B 1036 -51.51 9.73 -10.99
C PHE B 1036 -51.66 8.76 -12.17
N HIS B 1037 -50.66 8.76 -13.05
CA HIS B 1037 -50.67 7.84 -14.18
C HIS B 1037 -50.48 6.42 -13.69
N PRO B 1038 -51.39 5.50 -13.99
CA PRO B 1038 -51.30 4.14 -13.43
C PRO B 1038 -50.19 3.30 -14.05
N LEU B 1039 -48.94 3.67 -13.81
CA LEU B 1039 -47.80 2.85 -14.21
C LEU B 1039 -46.75 2.67 -13.12
N LEU B 1040 -46.68 3.55 -12.13
CA LEU B 1040 -45.69 3.45 -11.06
C LEU B 1040 -46.32 3.31 -9.69
N VAL B 1041 -47.65 3.35 -9.57
CA VAL B 1041 -48.33 3.21 -8.29
C VAL B 1041 -49.26 2.01 -8.36
N SER B 1042 -49.55 1.45 -7.19
CA SER B 1042 -50.43 0.30 -7.06
C SER B 1042 -51.75 0.74 -6.44
N GLY B 1043 -52.84 0.52 -7.17
CA GLY B 1043 -54.16 0.88 -6.68
C GLY B 1043 -55.08 -0.30 -6.55
N ARG B 1044 -55.45 -0.64 -5.32
CA ARG B 1044 -56.33 -1.77 -5.04
C ARG B 1044 -56.89 -1.59 -3.63
N LEU B 1045 -57.53 -2.64 -3.12
CA LEU B 1045 -58.07 -2.63 -1.76
C LEU B 1045 -56.92 -2.64 -0.77
N ARG B 1046 -56.62 -1.49 -0.19
CA ARG B 1046 -55.51 -1.38 0.74
C ARG B 1046 -55.85 -2.05 2.06
N ILE B 1047 -55.03 -3.02 2.45
CA ILE B 1047 -55.23 -3.75 3.70
C ILE B 1047 -54.03 -3.55 4.62
N ARG B 1057 -44.36 4.40 9.50
CA ARG B 1057 -44.01 4.45 8.08
C ARG B 1057 -44.97 5.37 7.32
N TYR B 1058 -44.50 6.57 7.03
CA TYR B 1058 -45.30 7.55 6.31
C TYR B 1058 -45.03 7.45 4.81
N HIS B 1059 -45.94 8.04 4.03
CA HIS B 1059 -45.84 8.07 2.58
C HIS B 1059 -45.92 9.51 2.10
N CYS B 1060 -44.97 9.91 1.26
CA CYS B 1060 -44.92 11.27 0.74
C CYS B 1060 -44.66 11.24 -0.76
N ALA B 1061 -45.32 12.11 -1.49
CA ALA B 1061 -45.27 12.09 -2.94
C ALA B 1061 -44.29 13.14 -3.47
N LEU B 1062 -43.89 12.96 -4.73
CA LEU B 1062 -42.97 13.84 -5.41
C LEU B 1062 -43.18 13.73 -6.91
N ILE B 1063 -42.62 14.69 -7.64
CA ILE B 1063 -42.68 14.72 -9.10
C ILE B 1063 -41.31 14.32 -9.64
N LEU B 1064 -41.32 13.43 -10.65
CA LEU B 1064 -40.10 12.88 -11.20
C LEU B 1064 -39.98 13.28 -12.67
N ASN B 1065 -38.79 13.74 -13.06
CA ASN B 1065 -38.47 14.03 -14.45
C ASN B 1065 -37.61 12.90 -15.01
N LEU B 1066 -37.79 12.61 -16.30
CA LEU B 1066 -37.16 11.47 -16.94
C LEU B 1066 -36.37 11.89 -18.17
N GLN B 1067 -35.75 13.08 -18.12
CA GLN B 1067 -34.84 13.55 -19.16
C GLN B 1067 -35.53 13.61 -20.53
N LYS B 1068 -36.52 14.49 -20.61
CA LYS B 1068 -37.27 14.75 -21.85
C LYS B 1068 -37.99 13.49 -22.33
N SER B 1069 -38.90 13.02 -21.48
CA SER B 1069 -39.70 11.83 -21.78
C SER B 1069 -41.10 12.23 -22.22
N PRO B 1070 -41.78 11.40 -23.01
CA PRO B 1070 -43.17 11.71 -23.40
C PRO B 1070 -44.16 11.65 -22.25
N PHE B 1071 -43.73 11.31 -21.05
CA PHE B 1071 -44.57 11.27 -19.86
C PHE B 1071 -43.93 12.06 -18.73
N THR B 1072 -43.38 13.23 -19.05
CA THR B 1072 -42.72 14.05 -18.04
C THR B 1072 -43.74 14.61 -17.05
N GLY B 1073 -43.41 14.51 -15.77
CA GLY B 1073 -44.29 14.96 -14.71
C GLY B 1073 -44.99 13.86 -13.95
N THR B 1074 -44.41 12.67 -13.85
CA THR B 1074 -45.03 11.57 -13.16
C THR B 1074 -44.93 11.77 -11.64
N TRP B 1075 -45.96 11.29 -10.93
CA TRP B 1075 -46.05 11.43 -9.49
C TRP B 1075 -45.68 10.09 -8.85
N ASN B 1076 -44.57 10.08 -8.13
CA ASN B 1076 -44.13 8.91 -7.39
C ASN B 1076 -44.33 9.12 -5.90
N PHE B 1077 -44.25 8.03 -5.14
CA PHE B 1077 -44.42 8.10 -3.69
C PHE B 1077 -43.33 7.29 -3.02
N THR B 1078 -42.68 7.88 -2.01
CA THR B 1078 -41.61 7.23 -1.26
C THR B 1078 -41.64 7.81 0.15
N SER B 1079 -40.77 7.30 1.02
CA SER B 1079 -40.63 7.88 2.35
C SER B 1079 -39.95 9.24 2.25
N CYS B 1080 -40.56 10.24 2.88
CA CYS B 1080 -40.08 11.60 2.80
C CYS B 1080 -39.18 12.00 3.97
N SER B 1081 -38.46 11.05 4.56
CA SER B 1081 -37.44 11.36 5.54
C SER B 1081 -36.12 11.78 4.89
N GLU B 1082 -35.99 11.59 3.58
CA GLU B 1082 -34.80 12.01 2.86
C GLU B 1082 -34.93 13.46 2.41
N ARG B 1083 -33.91 13.92 1.68
CA ARG B 1083 -33.82 15.30 1.23
C ARG B 1083 -33.99 15.36 -0.28
N HIS B 1084 -34.81 16.29 -0.76
CA HIS B 1084 -35.03 16.50 -2.18
C HIS B 1084 -35.12 18.00 -2.44
N PHE B 1085 -35.60 18.37 -3.62
CA PHE B 1085 -35.59 19.74 -4.08
C PHE B 1085 -36.98 20.36 -4.02
N VAL B 1086 -37.01 21.69 -3.86
CA VAL B 1086 -38.24 22.46 -3.87
C VAL B 1086 -38.09 23.57 -4.92
N SER B 1087 -39.11 23.74 -5.74
CA SER B 1087 -38.99 24.68 -6.86
C SER B 1087 -40.04 25.78 -6.85
N LEU B 1088 -41.30 25.46 -6.59
CA LEU B 1088 -42.38 26.43 -6.69
C LEU B 1088 -43.04 26.62 -5.34
N CYS B 1089 -43.54 27.83 -5.10
CA CYS B 1089 -44.35 28.11 -3.93
C CYS B 1089 -45.46 29.06 -4.37
N GLN B 1090 -46.71 28.66 -4.15
CA GLN B 1090 -47.86 29.29 -4.75
C GLN B 1090 -48.50 30.28 -3.78
N LYS B 1091 -48.68 31.52 -4.24
CA LYS B 1091 -49.39 32.55 -3.50
C LYS B 1091 -50.59 33.04 -4.30
N TYR B 1092 -51.50 33.72 -3.60
CA TYR B 1092 -52.71 34.24 -4.24
C TYR B 1092 -52.38 35.41 -5.16
N VAL B 1108 -41.86 35.10 -29.50
CA VAL B 1108 -41.40 34.80 -28.15
C VAL B 1108 -40.38 33.67 -28.18
N LYS B 1109 -39.40 33.75 -27.28
CA LYS B 1109 -38.36 32.74 -27.17
C LYS B 1109 -38.62 31.82 -25.98
N TYR B 1110 -38.38 30.53 -26.18
CA TYR B 1110 -38.59 29.54 -25.13
C TYR B 1110 -37.78 28.30 -25.48
N LEU B 1111 -36.87 27.92 -24.58
CA LEU B 1111 -36.04 26.72 -24.70
C LEU B 1111 -35.43 26.60 -26.09
N ASN B 1112 -34.69 27.65 -26.47
CA ASN B 1112 -33.96 27.72 -27.74
C ASN B 1112 -34.87 27.58 -28.95
N ASN B 1113 -36.15 27.87 -28.80
CA ASN B 1113 -37.10 27.87 -29.91
C ASN B 1113 -37.82 29.22 -29.96
N LEU B 1114 -38.36 29.55 -31.12
CA LEU B 1114 -39.10 30.79 -31.31
C LEU B 1114 -40.51 30.47 -31.76
N TYR B 1115 -41.47 31.27 -31.30
CA TYR B 1115 -42.87 31.07 -31.63
C TYR B 1115 -43.51 32.40 -32.02
N LYS B 1116 -44.51 32.33 -32.90
CA LYS B 1116 -45.26 33.52 -33.29
C LYS B 1116 -46.74 33.16 -33.38
N ILE B 1117 -47.57 33.95 -32.71
CA ILE B 1117 -49.01 33.72 -32.66
C ILE B 1117 -49.72 34.87 -33.37
N ILE B 1118 -50.68 34.54 -34.22
CA ILE B 1118 -51.47 35.51 -34.96
C ILE B 1118 -52.92 35.34 -34.55
N PRO B 1119 -53.63 36.41 -34.16
CA PRO B 1119 -55.02 36.24 -33.72
C PRO B 1119 -56.03 36.31 -34.86
N LYS B 1120 -55.55 36.20 -36.10
CA LYS B 1120 -56.44 36.24 -37.25
C LYS B 1120 -57.23 34.94 -37.38
N THR B 1121 -58.45 35.06 -37.90
CA THR B 1121 -59.33 33.92 -38.10
C THR B 1121 -59.21 33.48 -39.56
N LEU B 1122 -58.55 32.35 -39.79
CA LEU B 1122 -58.33 31.86 -41.14
C LEU B 1122 -58.02 30.37 -41.08
N THR B 1123 -57.99 29.75 -42.25
CA THR B 1123 -57.91 28.30 -42.38
C THR B 1123 -56.46 27.84 -42.10
N TRP B 1124 -56.22 26.54 -42.21
CA TRP B 1124 -54.90 25.99 -41.92
C TRP B 1124 -53.89 26.40 -43.00
N HIS B 1125 -54.17 26.06 -44.26
CA HIS B 1125 -53.28 26.46 -45.34
C HIS B 1125 -53.20 27.97 -45.45
N SER B 1126 -54.29 28.66 -45.14
CA SER B 1126 -54.28 30.12 -45.14
C SER B 1126 -53.30 30.67 -44.11
N ALA B 1127 -53.34 30.15 -42.89
CA ALA B 1127 -52.41 30.62 -41.86
C ALA B 1127 -50.98 30.22 -42.19
N LYS B 1128 -50.79 29.05 -42.79
CA LYS B 1128 -49.47 28.62 -43.22
C LYS B 1128 -48.88 29.61 -44.22
N ARG B 1129 -49.63 29.90 -45.28
CA ARG B 1129 -49.17 30.88 -46.26
C ARG B 1129 -49.10 32.29 -45.70
N GLU B 1130 -49.82 32.57 -44.62
CA GLU B 1130 -49.81 33.90 -44.02
C GLU B 1130 -48.53 34.14 -43.22
N CYS B 1131 -48.26 33.29 -42.23
CA CYS B 1131 -47.07 33.49 -41.41
C CYS B 1131 -45.83 32.79 -41.97
N LEU B 1132 -45.94 32.16 -43.14
CA LEU B 1132 -44.76 31.62 -43.81
C LEU B 1132 -44.02 32.65 -44.62
N LYS B 1133 -44.64 33.81 -44.90
CA LYS B 1133 -43.96 34.87 -45.61
C LYS B 1133 -42.75 35.39 -44.84
N SER B 1134 -42.77 35.25 -43.52
CA SER B 1134 -41.65 35.63 -42.67
C SER B 1134 -40.68 34.48 -42.43
N ASN B 1135 -40.71 33.45 -43.29
CA ASN B 1135 -39.80 32.31 -43.21
C ASN B 1135 -39.95 31.56 -41.89
N MET B 1136 -41.15 31.04 -41.65
CA MET B 1136 -41.43 30.21 -40.49
C MET B 1136 -42.38 29.08 -40.89
N GLN B 1137 -42.31 27.98 -40.14
CA GLN B 1137 -43.14 26.82 -40.36
C GLN B 1137 -44.12 26.64 -39.21
N LEU B 1138 -45.23 25.96 -39.48
CA LEU B 1138 -46.26 25.75 -38.49
C LEU B 1138 -45.73 24.96 -37.30
N VAL B 1139 -46.46 25.02 -36.19
CA VAL B 1139 -46.02 24.41 -34.94
C VAL B 1139 -46.01 22.90 -35.06
N SER B 1140 -44.97 22.27 -34.50
CA SER B 1140 -44.85 20.82 -34.47
C SER B 1140 -44.31 20.42 -33.11
N ILE B 1141 -45.15 19.78 -32.29
CA ILE B 1141 -44.77 19.42 -30.93
C ILE B 1141 -43.99 18.11 -30.97
N THR B 1142 -42.75 18.15 -30.47
CA THR B 1142 -41.93 16.96 -30.36
C THR B 1142 -41.34 16.78 -28.98
N ASP B 1143 -41.69 17.62 -28.02
CA ASP B 1143 -41.19 17.56 -26.65
C ASP B 1143 -42.32 17.86 -25.69
N PRO B 1144 -42.25 17.33 -24.46
CA PRO B 1144 -43.32 17.62 -23.49
C PRO B 1144 -43.32 19.07 -23.04
N TYR B 1145 -42.13 19.68 -22.89
CA TYR B 1145 -42.07 21.06 -22.45
C TYR B 1145 -42.65 21.99 -23.52
N GLN B 1146 -42.39 21.69 -24.79
CA GLN B 1146 -42.99 22.48 -25.86
C GLN B 1146 -44.50 22.35 -25.85
N GLN B 1147 -45.02 21.14 -25.62
CA GLN B 1147 -46.46 20.95 -25.52
C GLN B 1147 -47.05 21.74 -24.37
N ALA B 1148 -46.38 21.73 -23.21
CA ALA B 1148 -46.86 22.47 -22.05
C ALA B 1148 -46.86 23.97 -22.32
N PHE B 1149 -45.81 24.48 -22.97
CA PHE B 1149 -45.75 25.91 -23.27
C PHE B 1149 -46.82 26.30 -24.27
N LEU B 1150 -47.03 25.49 -25.31
CA LEU B 1150 -48.08 25.79 -26.28
C LEU B 1150 -49.45 25.75 -25.62
N SER B 1151 -49.68 24.80 -24.71
CA SER B 1151 -50.96 24.70 -24.04
C SER B 1151 -51.19 25.91 -23.13
N VAL B 1152 -50.18 26.31 -22.38
CA VAL B 1152 -50.37 27.46 -21.48
C VAL B 1152 -50.54 28.75 -22.28
N GLN B 1153 -49.88 28.85 -23.44
CA GLN B 1153 -50.10 30.03 -24.30
C GLN B 1153 -51.50 30.04 -24.89
N ALA B 1154 -52.00 28.88 -25.30
CA ALA B 1154 -53.36 28.80 -25.82
C ALA B 1154 -54.39 29.13 -24.74
N LEU B 1155 -54.15 28.68 -23.52
CA LEU B 1155 -55.05 29.01 -22.41
C LEU B 1155 -54.98 30.48 -22.04
N LEU B 1156 -53.79 31.09 -22.12
CA LEU B 1156 -53.68 32.53 -21.90
C LEU B 1156 -54.40 33.31 -23.00
N HIS B 1157 -54.37 32.80 -24.23
CA HIS B 1157 -55.12 33.42 -25.32
C HIS B 1157 -56.60 33.06 -25.28
N ASN B 1158 -57.00 32.09 -24.46
CA ASN B 1158 -58.40 31.69 -24.30
C ASN B 1158 -59.00 31.27 -25.64
N SER B 1159 -58.33 30.34 -26.32
CA SER B 1159 -58.78 29.84 -27.61
C SER B 1159 -57.98 28.60 -27.96
N SER B 1160 -58.51 27.83 -28.91
CA SER B 1160 -57.84 26.65 -29.44
C SER B 1160 -57.26 27.01 -30.80
N LEU B 1161 -55.94 27.18 -30.86
CA LEU B 1161 -55.28 27.70 -32.05
C LEU B 1161 -54.81 26.55 -32.95
N TRP B 1162 -54.33 26.91 -34.13
CA TRP B 1162 -54.01 25.93 -35.15
C TRP B 1162 -52.76 25.13 -34.80
N ILE B 1163 -52.76 23.87 -35.21
CA ILE B 1163 -51.58 22.99 -35.12
C ILE B 1163 -51.24 22.51 -36.53
N GLY B 1164 -49.96 22.55 -36.86
CA GLY B 1164 -49.50 22.30 -38.21
C GLY B 1164 -48.92 20.90 -38.40
N LEU B 1165 -49.60 20.10 -39.20
CA LEU B 1165 -49.17 18.75 -39.57
C LEU B 1165 -50.15 18.22 -40.61
N PHE B 1166 -49.81 17.08 -41.19
CA PHE B 1166 -50.63 16.49 -42.24
C PHE B 1166 -50.33 15.00 -42.33
N SER B 1167 -51.31 14.26 -42.86
CA SER B 1167 -51.20 12.83 -43.08
C SER B 1167 -51.12 12.54 -44.58
N GLN B 1168 -51.01 11.27 -44.92
CA GLN B 1168 -50.86 10.91 -46.34
C GLN B 1168 -51.91 9.93 -46.83
N ASP B 1169 -52.28 8.93 -46.04
CA ASP B 1169 -53.19 7.87 -46.48
C ASP B 1169 -54.29 7.68 -45.43
N ASP B 1170 -55.34 8.48 -45.55
CA ASP B 1170 -56.55 8.33 -44.74
C ASP B 1170 -56.23 8.29 -43.23
N GLU B 1171 -55.58 9.36 -42.77
CA GLU B 1171 -55.26 9.59 -41.35
C GLU B 1171 -54.74 8.33 -40.67
N LEU B 1172 -53.91 7.58 -41.39
CA LEU B 1172 -53.32 6.35 -40.87
C LEU B 1172 -51.87 6.53 -40.41
N ASN B 1173 -51.07 7.28 -41.17
CA ASN B 1173 -49.68 7.55 -40.82
C ASN B 1173 -49.52 9.07 -40.68
N PHE B 1174 -49.70 9.58 -39.47
CA PHE B 1174 -49.52 10.99 -39.19
C PHE B 1174 -48.03 11.32 -39.14
N GLY B 1175 -47.70 12.53 -39.58
CA GLY B 1175 -46.31 12.95 -39.62
C GLY B 1175 -46.12 14.45 -39.58
N TRP B 1176 -45.09 14.90 -38.87
CA TRP B 1176 -44.80 16.32 -38.77
C TRP B 1176 -44.09 16.81 -40.02
N SER B 1177 -44.07 18.13 -40.20
CA SER B 1177 -43.46 18.77 -41.34
C SER B 1177 -41.97 19.06 -41.13
N ASP B 1178 -41.36 18.45 -40.12
CA ASP B 1178 -39.94 18.65 -39.85
C ASP B 1178 -39.07 17.50 -40.33
N GLY B 1179 -39.57 16.27 -40.29
CA GLY B 1179 -38.79 15.12 -40.72
C GLY B 1179 -38.04 14.45 -39.59
N LYS B 1180 -38.66 14.40 -38.41
CA LYS B 1180 -38.06 13.80 -37.23
C LYS B 1180 -38.85 12.55 -36.83
N ARG B 1181 -38.16 11.60 -36.23
CA ARG B 1181 -38.81 10.38 -35.76
C ARG B 1181 -39.76 10.70 -34.61
N LEU B 1182 -40.91 10.04 -34.59
CA LEU B 1182 -41.91 10.31 -33.57
C LEU B 1182 -41.47 9.79 -32.21
N HIS B 1183 -41.57 10.65 -31.19
CA HIS B 1183 -41.21 10.26 -29.84
C HIS B 1183 -42.18 10.83 -28.80
N PHE B 1184 -43.35 11.31 -29.24
CA PHE B 1184 -44.31 11.93 -28.34
C PHE B 1184 -45.71 11.55 -28.79
N SER B 1185 -46.52 11.06 -27.85
CA SER B 1185 -47.90 10.65 -28.13
C SER B 1185 -48.79 11.13 -27.01
N ARG B 1186 -49.62 12.13 -27.29
CA ARG B 1186 -50.56 12.69 -26.32
C ARG B 1186 -51.93 12.85 -26.97
N TRP B 1187 -52.39 11.79 -27.64
CA TRP B 1187 -53.69 11.82 -28.29
C TRP B 1187 -54.82 11.92 -27.26
N ALA B 1188 -56.01 12.26 -27.74
CA ALA B 1188 -57.15 12.55 -26.86
C ALA B 1188 -58.05 11.33 -26.68
N GLU B 1189 -58.58 10.77 -27.77
CA GLU B 1189 -59.55 9.70 -27.67
C GLU B 1189 -59.36 8.75 -28.85
N THR B 1190 -60.01 7.59 -28.75
CA THR B 1190 -59.93 6.56 -29.79
C THR B 1190 -61.06 6.67 -30.80
N ASN B 1191 -62.28 6.92 -30.35
CA ASN B 1191 -63.44 7.06 -31.24
C ASN B 1191 -63.64 8.51 -31.66
N GLY B 1192 -62.57 9.13 -32.16
CA GLY B 1192 -62.62 10.51 -32.61
C GLY B 1192 -61.82 10.75 -33.86
N GLN B 1193 -61.23 9.69 -34.40
CA GLN B 1193 -60.41 9.81 -35.61
C GLN B 1193 -61.28 9.85 -36.85
N LEU B 1194 -62.06 10.93 -37.02
CA LEU B 1194 -62.90 11.06 -38.20
C LEU B 1194 -62.15 11.72 -39.36
N GLU B 1195 -61.21 12.62 -39.04
CA GLU B 1195 -60.48 13.33 -40.08
C GLU B 1195 -58.98 13.21 -39.87
N ASP B 1196 -58.20 13.97 -40.65
CA ASP B 1196 -56.75 13.83 -40.70
C ASP B 1196 -56.03 15.08 -40.24
N CYS B 1197 -56.49 15.68 -39.14
CA CYS B 1197 -55.78 16.80 -38.57
C CYS B 1197 -56.03 16.79 -37.06
N VAL B 1198 -55.20 17.52 -36.31
CA VAL B 1198 -55.37 17.60 -34.87
C VAL B 1198 -55.29 19.05 -34.42
N VAL B 1199 -55.97 19.33 -33.31
CA VAL B 1199 -56.02 20.67 -32.71
C VAL B 1199 -55.75 20.54 -31.23
N LEU B 1200 -54.95 21.47 -30.70
CA LEU B 1200 -54.67 21.51 -29.27
C LEU B 1200 -55.86 22.09 -28.52
N ASP B 1201 -56.43 21.31 -27.61
CA ASP B 1201 -57.61 21.70 -26.87
C ASP B 1201 -57.24 22.33 -25.53
N THR B 1202 -58.25 22.55 -24.69
CA THR B 1202 -58.01 23.15 -23.38
C THR B 1202 -57.38 22.14 -22.42
N ASP B 1203 -57.83 20.87 -22.48
CA ASP B 1203 -57.34 19.85 -21.57
C ASP B 1203 -55.90 19.44 -21.85
N GLY B 1204 -55.30 19.95 -22.93
CA GLY B 1204 -53.91 19.62 -23.23
C GLY B 1204 -53.71 18.38 -24.07
N PHE B 1205 -54.70 18.00 -24.86
CA PHE B 1205 -54.62 16.82 -25.72
C PHE B 1205 -54.71 17.26 -27.18
N TRP B 1206 -54.76 16.27 -28.08
CA TRP B 1206 -54.82 16.51 -29.52
C TRP B 1206 -56.17 16.00 -30.03
N LYS B 1207 -57.15 16.89 -30.13
CA LYS B 1207 -58.45 16.52 -30.67
C LYS B 1207 -58.33 16.31 -32.17
N THR B 1208 -58.70 15.11 -32.63
CA THR B 1208 -58.54 14.73 -34.04
C THR B 1208 -59.77 15.18 -34.81
N VAL B 1209 -59.62 16.25 -35.58
CA VAL B 1209 -60.69 16.80 -36.41
C VAL B 1209 -60.12 17.20 -37.77
N ASP B 1210 -60.95 17.83 -38.59
CA ASP B 1210 -60.47 18.49 -39.80
C ASP B 1210 -60.18 19.95 -39.50
N CYS B 1211 -58.96 20.39 -39.78
CA CYS B 1211 -58.55 21.78 -39.58
C CYS B 1211 -58.80 22.65 -40.81
N ASN B 1212 -59.80 22.30 -41.61
CA ASN B 1212 -60.31 23.18 -42.66
C ASN B 1212 -61.48 24.01 -42.12
N ASP B 1213 -61.18 24.79 -41.08
CA ASP B 1213 -62.18 25.57 -40.38
C ASP B 1213 -61.61 26.95 -40.08
N ASN B 1214 -62.28 27.69 -39.20
CA ASN B 1214 -61.89 29.06 -38.86
C ASN B 1214 -61.65 29.17 -37.35
N GLN B 1215 -60.41 28.88 -36.92
CA GLN B 1215 -60.07 29.09 -35.52
C GLN B 1215 -59.65 30.54 -35.29
N PRO B 1216 -59.86 31.08 -34.09
CA PRO B 1216 -59.58 32.49 -33.85
C PRO B 1216 -58.11 32.85 -33.78
N GLY B 1217 -57.22 31.93 -34.14
CA GLY B 1217 -55.80 32.24 -34.13
C GLY B 1217 -54.99 31.06 -34.61
N ALA B 1218 -53.71 31.34 -34.85
CA ALA B 1218 -52.76 30.32 -35.30
C ALA B 1218 -51.40 30.59 -34.66
N ILE B 1219 -50.56 29.56 -34.65
CA ILE B 1219 -49.21 29.66 -34.11
C ILE B 1219 -48.27 28.95 -35.08
N CYS B 1220 -47.11 29.55 -35.32
CA CYS B 1220 -46.06 28.92 -36.12
C CYS B 1220 -44.71 29.22 -35.49
N TYR B 1221 -43.82 28.23 -35.53
CA TYR B 1221 -42.59 28.24 -34.75
C TYR B 1221 -41.37 28.10 -35.65
N TYR B 1222 -40.20 28.21 -35.02
CA TYR B 1222 -38.92 28.04 -35.69
C TYR B 1222 -37.90 27.53 -34.67
N SER B 1223 -36.94 26.76 -35.15
CA SER B 1223 -35.90 26.20 -34.28
C SER B 1223 -34.52 26.67 -34.71
N ILE B 1249 -40.28 -9.93 -34.91
CA ILE B 1249 -39.01 -9.41 -35.42
C ILE B 1249 -37.85 -10.18 -34.80
N PRO B 1250 -36.88 -10.58 -35.63
CA PRO B 1250 -35.72 -11.33 -35.11
C PRO B 1250 -34.76 -10.39 -34.40
N PHE B 1251 -34.40 -10.75 -33.17
CA PHE B 1251 -33.46 -9.96 -32.38
C PHE B 1251 -32.88 -10.84 -31.29
N GLN B 1252 -31.56 -11.07 -31.35
CA GLN B 1252 -30.84 -11.84 -30.34
C GLN B 1252 -31.40 -13.26 -30.22
N ASN B 1253 -31.40 -13.97 -31.35
CA ASN B 1253 -31.77 -15.38 -31.42
C ASN B 1253 -33.21 -15.61 -30.92
N CYS B 1254 -34.10 -14.70 -31.28
CA CYS B 1254 -35.51 -14.85 -30.92
C CYS B 1254 -36.33 -13.91 -31.80
N CYS B 1255 -37.55 -14.34 -32.11
CA CYS B 1255 -38.47 -13.60 -32.95
C CYS B 1255 -39.74 -13.26 -32.18
N TYR B 1256 -40.26 -12.06 -32.41
CA TYR B 1256 -41.47 -11.59 -31.76
C TYR B 1256 -42.58 -11.38 -32.78
N ASN B 1257 -43.76 -10.97 -32.30
CA ASN B 1257 -44.91 -10.78 -33.15
C ASN B 1257 -45.89 -9.85 -32.43
N PHE B 1258 -46.74 -9.20 -33.23
CA PHE B 1258 -47.75 -8.30 -32.70
C PHE B 1258 -49.11 -8.68 -33.27
N ILE B 1259 -50.09 -8.84 -32.40
CA ILE B 1259 -51.44 -9.25 -32.76
C ILE B 1259 -52.39 -8.08 -32.53
N ILE B 1260 -53.14 -7.71 -33.57
CA ILE B 1260 -54.12 -6.64 -33.49
C ILE B 1260 -55.46 -7.26 -33.85
N THR B 1261 -56.18 -7.76 -32.83
CA THR B 1261 -57.48 -8.36 -33.00
C THR B 1261 -58.38 -7.92 -31.84
N LYS B 1262 -59.59 -8.45 -31.81
CA LYS B 1262 -60.54 -8.17 -30.74
C LYS B 1262 -60.86 -9.46 -30.02
N ASN B 1263 -60.75 -9.44 -28.69
CA ASN B 1263 -61.01 -10.61 -27.86
C ASN B 1263 -61.94 -10.22 -26.71
N ARG B 1264 -62.60 -11.23 -26.15
CA ARG B 1264 -63.52 -11.01 -25.03
C ARG B 1264 -63.38 -12.06 -23.94
N HIS B 1265 -62.39 -12.95 -24.02
CA HIS B 1265 -62.20 -13.98 -23.00
C HIS B 1265 -61.66 -13.34 -21.72
N MET B 1266 -62.45 -13.37 -20.67
CA MET B 1266 -62.09 -12.79 -19.38
C MET B 1266 -62.14 -13.83 -18.27
N ALA B 1267 -61.66 -15.04 -18.56
CA ALA B 1267 -61.65 -16.11 -17.58
C ALA B 1267 -60.58 -17.12 -17.96
N THR B 1268 -59.96 -17.72 -16.94
CA THR B 1268 -58.92 -18.74 -17.12
C THR B 1268 -57.79 -18.23 -18.01
N THR B 1269 -57.12 -17.19 -17.51
CA THR B 1269 -56.01 -16.55 -18.22
C THR B 1269 -54.65 -17.01 -17.69
N GLN B 1270 -54.55 -18.26 -17.25
CA GLN B 1270 -53.29 -18.78 -16.73
C GLN B 1270 -52.94 -20.17 -17.25
N ASP B 1271 -53.75 -20.75 -18.15
CA ASP B 1271 -53.46 -22.08 -18.66
C ASP B 1271 -53.77 -22.20 -20.15
N GLU B 1272 -53.70 -21.11 -20.91
CA GLU B 1272 -54.04 -21.13 -22.33
C GLU B 1272 -53.03 -20.44 -23.24
N VAL B 1273 -52.22 -19.51 -22.74
CA VAL B 1273 -51.34 -18.74 -23.62
C VAL B 1273 -50.27 -19.64 -24.22
N HIS B 1274 -49.75 -20.58 -23.44
CA HIS B 1274 -48.79 -21.55 -23.96
C HIS B 1274 -49.39 -22.31 -25.14
N THR B 1275 -50.57 -22.90 -24.94
CA THR B 1275 -51.27 -23.55 -26.04
C THR B 1275 -51.80 -22.55 -27.06
N LYS B 1276 -51.95 -21.27 -26.69
CA LYS B 1276 -52.39 -20.27 -27.64
C LYS B 1276 -51.35 -20.02 -28.72
N CYS B 1277 -50.14 -19.64 -28.32
CA CYS B 1277 -49.12 -19.31 -29.31
C CYS B 1277 -48.28 -20.53 -29.71
N GLN B 1278 -48.50 -21.68 -29.05
CA GLN B 1278 -47.81 -22.90 -29.46
C GLN B 1278 -48.42 -23.50 -30.72
N LYS B 1279 -49.72 -23.29 -30.96
CA LYS B 1279 -50.34 -23.80 -32.18
C LYS B 1279 -49.89 -23.03 -33.40
N LEU B 1280 -49.33 -21.83 -33.21
CA LEU B 1280 -48.86 -21.03 -34.34
C LEU B 1280 -47.69 -21.72 -35.03
N ASN B 1281 -46.69 -22.15 -34.26
CA ASN B 1281 -45.53 -22.82 -34.81
C ASN B 1281 -44.85 -23.59 -33.70
N PRO B 1282 -44.24 -24.75 -33.99
CA PRO B 1282 -43.54 -25.51 -32.94
C PRO B 1282 -42.35 -24.73 -32.39
N LYS B 1283 -41.98 -25.08 -31.16
CA LYS B 1283 -40.87 -24.44 -30.45
C LYS B 1283 -41.10 -22.93 -30.33
N SER B 1284 -42.17 -22.58 -29.63
CA SER B 1284 -42.55 -21.18 -29.43
C SER B 1284 -43.05 -21.01 -28.00
N HIS B 1285 -42.22 -20.44 -27.14
CA HIS B 1285 -42.57 -20.24 -25.75
C HIS B 1285 -42.81 -18.76 -25.47
N ILE B 1286 -43.46 -18.48 -24.34
CA ILE B 1286 -43.82 -17.11 -24.01
C ILE B 1286 -42.56 -16.29 -23.74
N LEU B 1287 -42.65 -14.99 -24.01
CA LEU B 1287 -41.50 -14.09 -23.91
C LEU B 1287 -40.86 -14.17 -22.53
N SER B 1288 -39.62 -14.62 -22.47
CA SER B 1288 -38.83 -14.68 -21.25
C SER B 1288 -37.57 -13.84 -21.43
N ILE B 1289 -37.19 -13.12 -20.38
CA ILE B 1289 -36.05 -12.21 -20.41
C ILE B 1289 -34.84 -12.98 -19.89
N ARG B 1290 -33.91 -13.29 -20.81
CA ARG B 1290 -32.65 -13.92 -20.45
C ARG B 1290 -31.45 -13.05 -20.81
N ASP B 1291 -31.68 -11.81 -21.22
CA ASP B 1291 -30.60 -10.89 -21.58
C ASP B 1291 -30.84 -9.52 -20.95
N GLU B 1292 -30.05 -8.52 -21.37
CA GLU B 1292 -30.16 -7.18 -20.82
C GLU B 1292 -30.48 -6.12 -21.86
N LYS B 1293 -30.17 -6.35 -23.14
CA LYS B 1293 -30.40 -5.36 -24.19
C LYS B 1293 -31.74 -5.55 -24.88
N GLU B 1294 -32.53 -6.56 -24.50
CA GLU B 1294 -33.83 -6.76 -25.10
C GLU B 1294 -34.87 -5.76 -24.60
N ASN B 1295 -34.70 -5.28 -23.37
CA ASN B 1295 -35.65 -4.31 -22.81
C ASN B 1295 -35.62 -3.02 -23.60
N ASN B 1296 -34.43 -2.49 -23.87
CA ASN B 1296 -34.33 -1.27 -24.67
C ASN B 1296 -34.84 -1.49 -26.08
N PHE B 1297 -34.65 -2.68 -26.64
CA PHE B 1297 -35.13 -2.96 -27.99
C PHE B 1297 -36.65 -2.96 -28.04
N VAL B 1298 -37.30 -3.65 -27.10
CA VAL B 1298 -38.75 -3.67 -27.10
C VAL B 1298 -39.30 -2.29 -26.72
N LEU B 1299 -38.54 -1.51 -25.96
CA LEU B 1299 -38.98 -0.15 -25.63
C LEU B 1299 -38.96 0.74 -26.86
N GLU B 1300 -37.88 0.68 -27.65
CA GLU B 1300 -37.81 1.49 -28.86
C GLU B 1300 -38.75 0.97 -29.94
N GLN B 1301 -39.11 -0.31 -29.88
CA GLN B 1301 -40.06 -0.86 -30.85
C GLN B 1301 -41.51 -0.55 -30.46
N LEU B 1302 -41.79 -0.38 -29.17
CA LEU B 1302 -43.16 -0.13 -28.74
C LEU B 1302 -43.65 1.23 -29.21
N LEU B 1303 -42.77 2.22 -29.28
CA LEU B 1303 -43.15 3.59 -29.64
C LEU B 1303 -43.28 3.74 -31.16
N TYR B 1304 -44.14 2.90 -31.74
CA TYR B 1304 -44.44 2.97 -33.15
C TYR B 1304 -45.93 3.14 -33.45
N PHE B 1305 -46.80 2.44 -32.73
CA PHE B 1305 -48.24 2.48 -32.94
C PHE B 1305 -48.96 2.62 -31.61
N ASN B 1306 -48.52 3.57 -30.78
CA ASN B 1306 -49.06 3.78 -29.45
C ASN B 1306 -50.13 4.85 -29.41
N TYR B 1307 -50.95 4.96 -30.46
CA TYR B 1307 -52.04 5.93 -30.48
C TYR B 1307 -52.96 5.76 -29.27
N MET B 1308 -53.43 4.54 -29.04
CA MET B 1308 -54.31 4.25 -27.92
C MET B 1308 -53.71 3.23 -26.95
N ALA B 1309 -52.44 2.86 -27.12
CA ALA B 1309 -51.77 1.90 -26.26
C ALA B 1309 -50.78 2.64 -25.37
N SER B 1310 -50.87 2.40 -24.06
CA SER B 1310 -49.99 3.05 -23.10
C SER B 1310 -49.36 2.12 -22.07
N TRP B 1311 -49.92 0.94 -21.85
CA TRP B 1311 -49.42 0.01 -20.85
C TRP B 1311 -48.70 -1.17 -21.52
N VAL B 1312 -47.83 -1.81 -20.75
CA VAL B 1312 -47.06 -2.96 -21.21
C VAL B 1312 -47.35 -4.14 -20.29
N MET B 1313 -47.57 -5.31 -20.88
CA MET B 1313 -47.87 -6.51 -20.13
C MET B 1313 -46.62 -7.39 -20.02
N LEU B 1314 -46.65 -8.32 -19.07
CA LEU B 1314 -45.57 -9.27 -18.85
C LEU B 1314 -46.15 -10.66 -18.70
N GLY B 1315 -45.26 -11.65 -18.68
CA GLY B 1315 -45.68 -13.03 -18.57
C GLY B 1315 -45.53 -13.61 -17.18
N ILE B 1316 -45.58 -12.74 -16.16
CA ILE B 1316 -45.49 -13.16 -14.77
C ILE B 1316 -46.90 -13.33 -14.23
N THR B 1317 -47.22 -14.54 -13.79
CA THR B 1317 -48.56 -14.87 -13.30
C THR B 1317 -48.42 -15.73 -12.05
N TYR B 1318 -49.57 -16.22 -11.58
CA TYR B 1318 -49.61 -17.10 -10.41
C TYR B 1318 -49.19 -18.50 -10.85
N ARG B 1319 -48.02 -18.93 -10.42
CA ARG B 1319 -47.46 -20.23 -10.79
C ARG B 1319 -46.83 -20.87 -9.55
N ASN B 1320 -47.42 -21.95 -9.07
CA ASN B 1320 -46.91 -22.74 -7.96
C ASN B 1320 -46.80 -21.89 -6.68
N LYS B 1321 -47.88 -21.14 -6.42
CA LYS B 1321 -47.97 -20.26 -5.25
C LYS B 1321 -46.79 -19.29 -5.20
N SER B 1322 -46.42 -18.77 -6.37
CA SER B 1322 -45.29 -17.84 -6.46
C SER B 1322 -45.46 -17.00 -7.72
N LEU B 1323 -44.67 -15.93 -7.80
CA LEU B 1323 -44.70 -15.01 -8.94
C LEU B 1323 -43.65 -15.48 -9.95
N MET B 1324 -44.07 -16.39 -10.83
CA MET B 1324 -43.15 -16.96 -11.82
C MET B 1324 -43.72 -16.85 -13.22
N TRP B 1325 -43.03 -17.44 -14.19
CA TRP B 1325 -43.47 -17.43 -15.58
C TRP B 1325 -44.49 -18.56 -15.79
N PHE B 1326 -44.84 -18.81 -17.05
CA PHE B 1326 -45.78 -19.90 -17.36
C PHE B 1326 -45.07 -21.24 -17.49
N ASP B 1327 -43.87 -21.24 -18.07
CA ASP B 1327 -43.13 -22.47 -18.26
C ASP B 1327 -42.53 -22.96 -16.94
N LYS B 1328 -42.06 -24.21 -16.96
CA LYS B 1328 -41.46 -24.83 -15.77
C LYS B 1328 -39.97 -24.51 -15.77
N THR B 1329 -39.65 -23.30 -15.32
CA THR B 1329 -38.27 -22.84 -15.26
C THR B 1329 -38.14 -21.80 -14.15
N PRO B 1330 -37.05 -21.84 -13.38
CA PRO B 1330 -36.86 -20.85 -12.32
C PRO B 1330 -36.57 -19.47 -12.90
N LEU B 1331 -36.55 -18.48 -12.01
CA LEU B 1331 -36.34 -17.09 -12.38
C LEU B 1331 -34.93 -16.64 -12.01
N SER B 1332 -34.35 -15.81 -12.85
CA SER B 1332 -33.03 -15.23 -12.61
C SER B 1332 -33.06 -13.71 -12.53
N TYR B 1333 -33.77 -13.04 -13.44
CA TYR B 1333 -33.86 -11.58 -13.44
C TYR B 1333 -35.11 -11.16 -12.69
N THR B 1334 -34.93 -10.64 -11.48
CA THR B 1334 -36.05 -10.22 -10.66
C THR B 1334 -36.72 -8.99 -11.26
N HIS B 1335 -38.04 -8.96 -11.21
CA HIS B 1335 -38.85 -7.87 -11.75
C HIS B 1335 -39.78 -7.30 -10.68
N TRP B 1336 -39.27 -7.12 -9.47
CA TRP B 1336 -40.06 -6.61 -8.35
C TRP B 1336 -39.75 -5.14 -8.12
N ARG B 1337 -40.74 -4.43 -7.56
CA ARG B 1337 -40.59 -3.00 -7.33
C ARG B 1337 -39.79 -2.72 -6.07
N ALA B 1338 -40.31 -3.15 -4.91
CA ALA B 1338 -39.64 -2.90 -3.64
C ALA B 1338 -40.24 -3.83 -2.59
N GLY B 1339 -39.45 -4.12 -1.57
CA GLY B 1339 -39.94 -4.98 -0.49
C GLY B 1339 -40.00 -6.42 -0.95
N ARG B 1340 -41.12 -7.07 -0.66
CA ARG B 1340 -41.32 -8.48 -1.04
C ARG B 1340 -42.80 -8.68 -1.29
N PRO B 1341 -43.22 -8.78 -2.56
CA PRO B 1341 -44.64 -9.00 -2.86
C PRO B 1341 -45.12 -10.35 -2.35
N THR B 1342 -46.37 -10.37 -1.91
CA THR B 1342 -47.01 -11.57 -1.37
C THR B 1342 -48.38 -11.76 -2.01
N ILE B 1343 -48.45 -11.59 -3.32
CA ILE B 1343 -49.72 -11.75 -4.05
C ILE B 1343 -50.06 -13.24 -4.12
N LYS B 1344 -51.20 -13.60 -3.54
CA LYS B 1344 -51.66 -14.98 -3.53
C LYS B 1344 -52.84 -15.22 -4.47
N ASN B 1345 -53.28 -14.19 -5.20
CA ASN B 1345 -54.39 -14.34 -6.11
C ASN B 1345 -53.98 -15.16 -7.34
N GLU B 1346 -54.97 -15.55 -8.13
CA GLU B 1346 -54.72 -16.34 -9.34
C GLU B 1346 -54.10 -15.52 -10.46
N LYS B 1347 -54.06 -14.20 -10.34
CA LYS B 1347 -53.48 -13.36 -11.39
C LYS B 1347 -53.18 -11.99 -10.80
N PHE B 1348 -52.36 -11.24 -11.53
CA PHE B 1348 -52.00 -9.88 -11.16
C PHE B 1348 -51.54 -9.16 -12.42
N LEU B 1349 -51.08 -7.91 -12.26
CA LEU B 1349 -50.69 -7.07 -13.38
C LEU B 1349 -49.21 -6.72 -13.26
N ALA B 1350 -48.36 -7.48 -13.96
CA ALA B 1350 -46.93 -7.16 -14.03
C ALA B 1350 -46.70 -6.24 -15.22
N GLY B 1351 -46.35 -4.99 -14.95
CA GLY B 1351 -46.24 -4.00 -15.99
C GLY B 1351 -44.84 -3.44 -16.11
N LEU B 1352 -44.53 -2.95 -17.31
CA LEU B 1352 -43.25 -2.30 -17.60
C LEU B 1352 -43.45 -0.81 -17.68
N SER B 1353 -42.53 -0.06 -17.09
CA SER B 1353 -42.62 1.39 -17.04
C SER B 1353 -42.13 2.00 -18.35
N THR B 1354 -41.98 3.32 -18.37
CA THR B 1354 -41.50 4.00 -19.57
C THR B 1354 -39.97 3.96 -19.68
N ASP B 1355 -39.28 3.75 -18.57
CA ASP B 1355 -37.82 3.68 -18.58
C ASP B 1355 -37.26 2.35 -18.10
N GLY B 1356 -38.08 1.49 -17.48
CA GLY B 1356 -37.63 0.20 -17.04
C GLY B 1356 -37.80 -0.05 -15.55
N PHE B 1357 -38.75 0.65 -14.94
CA PHE B 1357 -39.05 0.45 -13.53
C PHE B 1357 -39.96 -0.77 -13.38
N TRP B 1358 -39.49 -1.76 -12.65
CA TRP B 1358 -40.28 -2.97 -12.42
C TRP B 1358 -41.49 -2.63 -11.56
N ASP B 1359 -42.68 -3.00 -12.04
CA ASP B 1359 -43.91 -2.59 -11.40
C ASP B 1359 -44.90 -3.76 -11.36
N ILE B 1360 -45.49 -3.95 -10.17
CA ILE B 1360 -46.53 -4.94 -9.96
C ILE B 1360 -47.77 -4.21 -9.44
N GLN B 1361 -48.94 -4.61 -9.94
CA GLN B 1361 -50.21 -3.99 -9.59
C GLN B 1361 -51.22 -5.10 -9.34
N THR B 1362 -51.70 -5.21 -8.10
CA THR B 1362 -52.78 -6.14 -7.79
C THR B 1362 -54.11 -5.55 -8.23
N PHE B 1363 -54.90 -6.35 -8.93
CA PHE B 1363 -56.15 -5.89 -9.50
C PHE B 1363 -57.33 -6.46 -8.72
N LYS B 1364 -58.38 -5.64 -8.60
CA LYS B 1364 -59.62 -6.05 -7.97
C LYS B 1364 -60.76 -6.25 -8.96
N VAL B 1365 -60.76 -5.51 -10.07
CA VAL B 1365 -61.73 -5.69 -11.14
C VAL B 1365 -60.97 -6.07 -12.40
N ILE B 1366 -61.65 -6.80 -13.28
CA ILE B 1366 -61.02 -7.30 -14.50
C ILE B 1366 -61.16 -6.27 -15.61
N GLU B 1367 -61.65 -5.07 -15.27
CA GLU B 1367 -61.80 -4.01 -16.26
C GLU B 1367 -60.49 -3.28 -16.48
N GLU B 1368 -59.41 -4.03 -16.71
CA GLU B 1368 -58.11 -3.49 -17.08
C GLU B 1368 -57.49 -4.37 -18.15
N ALA B 1369 -58.31 -4.90 -19.04
CA ALA B 1369 -57.89 -5.89 -20.02
C ALA B 1369 -58.11 -5.40 -21.44
N VAL B 1370 -57.70 -4.17 -21.74
CA VAL B 1370 -58.12 -3.47 -22.94
C VAL B 1370 -57.08 -3.54 -24.06
N TYR B 1371 -55.79 -3.21 -23.81
CA TYR B 1371 -54.90 -3.12 -22.61
C TYR B 1371 -54.56 -4.48 -22.00
N PHE B 1372 -55.09 -5.57 -22.53
CA PHE B 1372 -54.46 -6.86 -22.27
C PHE B 1372 -54.23 -7.69 -23.51
N HIS B 1373 -55.18 -7.69 -24.45
CA HIS B 1373 -55.10 -8.58 -25.61
C HIS B 1373 -55.47 -7.95 -26.93
N GLN B 1374 -56.11 -6.77 -26.96
CA GLN B 1374 -56.59 -6.19 -28.21
C GLN B 1374 -55.51 -5.40 -28.93
N HIS B 1375 -54.92 -4.41 -28.25
CA HIS B 1375 -53.89 -3.55 -28.83
C HIS B 1375 -52.68 -3.47 -27.93
N SER B 1376 -52.20 -4.62 -27.46
CA SER B 1376 -51.05 -4.70 -26.58
C SER B 1376 -50.02 -5.68 -27.16
N ILE B 1377 -48.99 -5.95 -26.37
CA ILE B 1377 -47.88 -6.82 -26.79
C ILE B 1377 -48.23 -8.25 -26.40
N LEU B 1378 -48.44 -9.10 -27.41
CA LEU B 1378 -48.73 -10.51 -27.22
C LEU B 1378 -47.69 -11.39 -27.91
N ALA B 1379 -46.43 -10.99 -27.80
CA ALA B 1379 -45.34 -11.70 -28.45
C ALA B 1379 -44.85 -12.86 -27.58
N CYS B 1380 -44.61 -14.01 -28.19
CA CYS B 1380 -43.96 -15.14 -27.53
C CYS B 1380 -42.78 -15.58 -28.38
N LYS B 1381 -41.63 -15.74 -27.73
CA LYS B 1381 -40.39 -15.98 -28.46
C LYS B 1381 -40.39 -17.36 -29.10
N ILE B 1382 -39.52 -17.53 -30.09
CA ILE B 1382 -39.38 -18.78 -30.85
C ILE B 1382 -38.04 -19.43 -30.60
N GLU B 1383 -36.96 -18.65 -30.67
CA GLU B 1383 -35.60 -19.15 -30.47
C GLU B 1383 -35.27 -20.30 -31.43
N ARG C 30 -5.64 -73.63 6.04
CA ARG C 30 -4.36 -73.67 6.73
C ARG C 30 -3.77 -72.27 6.87
N ALA C 31 -2.56 -72.19 7.43
CA ALA C 31 -1.88 -70.92 7.63
C ALA C 31 -0.38 -71.18 7.58
N ALA C 32 0.24 -70.89 6.44
CA ALA C 32 1.67 -71.10 6.26
C ALA C 32 2.22 -70.01 5.35
N ASN C 33 3.53 -69.79 5.45
CA ASN C 33 4.21 -68.77 4.66
C ASN C 33 4.35 -69.26 3.24
N ASP C 34 3.62 -68.64 2.31
CA ASP C 34 3.66 -69.00 0.91
C ASP C 34 4.53 -68.02 0.13
N PRO C 35 5.24 -68.49 -0.89
CA PRO C 35 6.07 -67.58 -1.70
C PRO C 35 5.22 -66.56 -2.43
N PHE C 36 5.71 -65.33 -2.48
CA PHE C 36 4.99 -64.23 -3.10
C PHE C 36 5.99 -63.22 -3.64
N THR C 37 5.47 -62.12 -4.19
CA THR C 37 6.28 -61.06 -4.76
C THR C 37 5.71 -59.71 -4.35
N ILE C 38 6.60 -58.77 -4.01
CA ILE C 38 6.22 -57.44 -3.59
C ILE C 38 6.25 -56.52 -4.80
N VAL C 39 5.13 -55.82 -5.03
CA VAL C 39 4.99 -54.92 -6.18
C VAL C 39 4.68 -53.52 -5.68
N HIS C 40 4.92 -52.54 -6.56
CA HIS C 40 4.66 -51.15 -6.27
C HIS C 40 3.28 -50.77 -6.78
N GLY C 41 2.63 -49.84 -6.09
CA GLY C 41 1.27 -49.47 -6.39
C GLY C 41 1.08 -48.52 -7.54
N ASN C 42 1.89 -47.46 -7.59
CA ASN C 42 1.71 -46.43 -8.61
C ASN C 42 2.05 -46.97 -9.99
N THR C 43 3.30 -47.40 -10.18
CA THR C 43 3.73 -47.97 -11.45
C THR C 43 3.97 -49.48 -11.29
N GLY C 44 3.99 -50.16 -12.43
CA GLY C 44 4.15 -51.60 -12.44
C GLY C 44 5.58 -52.07 -12.29
N LYS C 45 6.16 -51.83 -11.12
CA LYS C 45 7.52 -52.25 -10.81
C LYS C 45 7.53 -53.21 -9.64
N CYS C 46 8.36 -54.25 -9.74
CA CYS C 46 8.55 -55.20 -8.66
C CYS C 46 10.05 -55.39 -8.44
N ILE C 47 10.39 -55.89 -7.25
CA ILE C 47 11.78 -55.99 -6.84
C ILE C 47 12.47 -57.12 -7.59
N LYS C 48 13.64 -56.82 -8.16
CA LYS C 48 14.46 -57.83 -8.83
C LYS C 48 15.87 -57.73 -8.26
N PRO C 49 16.35 -58.75 -7.55
CA PRO C 49 17.67 -58.65 -6.92
C PRO C 49 18.83 -58.97 -7.86
N VAL C 50 19.88 -58.17 -7.79
CA VAL C 50 21.11 -58.37 -8.55
C VAL C 50 22.24 -58.53 -7.54
N TYR C 51 23.42 -58.89 -8.05
CA TYR C 51 24.56 -59.38 -7.28
C TYR C 51 24.72 -58.70 -5.92
N GLY C 52 24.50 -57.39 -5.88
CA GLY C 52 24.56 -56.67 -4.62
C GLY C 52 23.55 -55.55 -4.50
N TRP C 53 22.55 -55.51 -5.37
CA TRP C 53 21.65 -54.35 -5.38
C TRP C 53 20.28 -54.82 -5.86
N ILE C 54 19.43 -53.85 -6.22
CA ILE C 54 18.10 -54.11 -6.77
C ILE C 54 17.97 -53.33 -8.08
N VAL C 55 17.41 -53.98 -9.10
CA VAL C 55 17.33 -53.38 -10.43
C VAL C 55 15.87 -53.28 -10.86
N ALA C 56 15.65 -52.84 -12.10
CA ALA C 56 14.31 -52.60 -12.61
C ALA C 56 13.45 -53.87 -12.60
N ASP C 57 12.17 -53.73 -12.89
CA ASP C 57 11.19 -54.79 -12.67
C ASP C 57 11.51 -56.07 -13.44
N ASP C 58 11.44 -56.00 -14.77
CA ASP C 58 11.47 -57.21 -15.61
C ASP C 58 10.51 -58.26 -15.06
N CYS C 59 9.30 -57.82 -14.71
CA CYS C 59 8.39 -58.57 -13.86
C CYS C 59 7.51 -59.48 -14.71
N ASP C 60 6.43 -59.99 -14.09
CA ASP C 60 5.49 -60.93 -14.70
C ASP C 60 6.14 -62.26 -15.03
N GLU C 61 7.21 -62.63 -14.34
CA GLU C 61 7.87 -63.92 -14.53
C GLU C 61 8.35 -64.39 -13.17
N THR C 62 7.68 -65.40 -12.60
CA THR C 62 7.98 -65.88 -11.26
C THR C 62 8.99 -67.02 -11.25
N GLU C 63 9.88 -67.07 -12.24
CA GLU C 63 10.90 -68.11 -12.28
C GLU C 63 12.08 -67.81 -11.35
N ASP C 64 12.33 -66.54 -11.05
CA ASP C 64 13.46 -66.17 -10.20
C ASP C 64 13.01 -65.28 -9.05
N LYS C 65 12.04 -64.40 -9.30
CA LYS C 65 11.59 -63.43 -8.30
C LYS C 65 10.70 -64.15 -7.29
N LEU C 66 11.30 -64.62 -6.19
CA LEU C 66 10.58 -65.26 -5.10
C LEU C 66 11.05 -64.67 -3.78
N TRP C 67 10.09 -64.31 -2.93
CA TRP C 67 10.40 -63.71 -1.64
C TRP C 67 9.54 -64.36 -0.57
N LYS C 68 10.06 -64.39 0.66
CA LYS C 68 9.34 -65.00 1.77
C LYS C 68 9.72 -64.29 3.06
N TRP C 69 8.87 -64.48 4.07
CA TRP C 69 9.10 -63.92 5.40
C TRP C 69 9.76 -64.97 6.29
N VAL C 70 10.80 -64.56 7.00
CA VAL C 70 11.53 -65.42 7.93
C VAL C 70 11.68 -64.69 9.27
N SER C 71 12.20 -65.42 10.24
CA SER C 71 12.25 -64.96 11.62
C SER C 71 13.00 -63.64 11.75
N GLN C 72 12.82 -62.99 12.90
CA GLN C 72 13.31 -61.64 13.16
C GLN C 72 12.72 -60.64 12.17
N HIS C 73 11.54 -60.97 11.63
CA HIS C 73 10.82 -60.10 10.68
C HIS C 73 11.71 -59.73 9.49
N ARG C 74 12.20 -60.74 8.79
CA ARG C 74 13.18 -60.55 7.73
C ARG C 74 12.63 -61.04 6.40
N LEU C 75 13.12 -60.44 5.32
CA LEU C 75 12.72 -60.79 3.96
C LEU C 75 13.83 -61.58 3.29
N PHE C 76 13.49 -62.74 2.72
CA PHE C 76 14.46 -63.64 2.15
C PHE C 76 14.09 -63.99 0.71
N HIS C 77 15.06 -63.86 -0.20
CA HIS C 77 14.90 -64.27 -1.58
C HIS C 77 15.38 -65.70 -1.74
N LEU C 78 14.51 -66.57 -2.25
CA LEU C 78 14.78 -68.00 -2.23
C LEU C 78 15.82 -68.39 -3.26
N HIS C 79 15.71 -67.87 -4.49
CA HIS C 79 16.63 -68.27 -5.54
C HIS C 79 18.03 -67.71 -5.29
N SER C 80 18.15 -66.39 -5.20
CA SER C 80 19.46 -65.77 -5.03
C SER C 80 20.09 -66.09 -3.67
N GLN C 81 19.27 -66.47 -2.69
CA GLN C 81 19.75 -66.78 -1.35
C GLN C 81 20.52 -65.62 -0.73
N LYS C 82 20.14 -64.39 -1.07
CA LYS C 82 20.80 -63.19 -0.57
C LYS C 82 19.73 -62.25 -0.04
N CYS C 83 19.75 -62.00 1.27
CA CYS C 83 18.77 -61.15 1.91
C CYS C 83 19.22 -59.68 1.84
N LEU C 84 18.27 -58.79 2.11
CA LEU C 84 18.49 -57.35 2.07
C LEU C 84 18.58 -56.78 3.48
N GLY C 85 19.29 -55.67 3.60
CA GLY C 85 19.47 -55.03 4.89
C GLY C 85 19.92 -53.60 4.73
N LEU C 86 20.10 -52.93 5.87
CA LEU C 86 20.52 -51.54 5.92
C LEU C 86 21.80 -51.45 6.74
N ASP C 87 22.85 -50.88 6.16
CA ASP C 87 24.14 -50.69 6.81
C ASP C 87 24.36 -49.18 6.97
N ILE C 88 24.00 -48.65 8.14
CA ILE C 88 24.16 -47.23 8.43
C ILE C 88 25.56 -47.06 9.03
N THR C 89 26.51 -46.75 8.17
CA THR C 89 27.89 -46.47 8.58
C THR C 89 28.44 -45.16 8.05
N LYS C 90 27.88 -44.62 6.98
CA LYS C 90 28.31 -43.34 6.39
C LYS C 90 27.13 -42.37 6.42
N SER C 91 27.31 -41.23 5.75
CA SER C 91 26.25 -40.24 5.68
C SER C 91 25.02 -40.78 4.95
N VAL C 92 25.22 -41.45 3.82
CA VAL C 92 24.14 -42.01 3.04
C VAL C 92 24.30 -43.52 3.09
N ASN C 93 23.42 -44.19 3.84
CA ASN C 93 23.49 -45.64 3.99
C ASN C 93 23.00 -46.33 2.72
N GLU C 94 23.91 -47.05 2.07
CA GLU C 94 23.55 -47.77 0.85
C GLU C 94 22.71 -48.99 1.18
N LEU C 95 21.65 -49.19 0.40
CA LEU C 95 20.75 -50.33 0.57
C LEU C 95 21.20 -51.41 -0.41
N ARG C 96 22.03 -52.32 0.06
CA ARG C 96 22.64 -53.36 -0.76
C ARG C 96 22.31 -54.74 -0.17
N MET C 97 22.90 -55.76 -0.77
CA MET C 97 22.73 -57.13 -0.28
C MET C 97 23.70 -57.41 0.85
N PHE C 98 23.30 -58.28 1.77
CA PHE C 98 24.13 -58.63 2.91
C PHE C 98 23.94 -60.11 3.22
N SER C 99 24.90 -60.68 3.94
CA SER C 99 24.82 -62.06 4.37
C SER C 99 23.85 -62.19 5.54
N CYS C 100 22.96 -63.17 5.45
CA CYS C 100 21.93 -63.35 6.46
C CYS C 100 22.47 -63.85 7.80
N ASP C 101 23.76 -64.19 7.87
CA ASP C 101 24.42 -64.57 9.12
C ASP C 101 25.53 -63.56 9.36
N SER C 102 25.18 -62.43 9.96
CA SER C 102 26.11 -61.34 10.23
C SER C 102 25.41 -60.31 11.10
N SER C 103 26.19 -59.33 11.55
CA SER C 103 25.67 -58.24 12.38
C SER C 103 25.33 -57.04 11.48
N ALA C 104 24.24 -57.20 10.74
CA ALA C 104 23.79 -56.18 9.79
C ALA C 104 22.59 -55.38 10.28
N MET C 105 21.94 -55.81 11.37
CA MET C 105 20.75 -55.14 11.90
C MET C 105 19.68 -54.99 10.81
N LEU C 106 19.20 -56.13 10.34
CA LEU C 106 18.26 -56.20 9.23
C LEU C 106 16.91 -56.69 9.74
N TRP C 107 15.86 -55.90 9.49
CA TRP C 107 14.48 -56.24 9.81
C TRP C 107 13.58 -55.17 9.22
N TRP C 108 12.37 -55.58 8.83
CA TRP C 108 11.42 -54.67 8.22
C TRP C 108 10.04 -54.89 8.83
N LYS C 109 9.27 -53.81 8.97
CA LYS C 109 7.95 -53.83 9.56
C LYS C 109 6.98 -53.03 8.69
N CYS C 110 5.70 -53.16 9.05
CA CYS C 110 4.58 -52.68 8.25
C CYS C 110 4.01 -51.39 8.83
N GLU C 111 3.86 -50.38 7.98
CA GLU C 111 3.05 -49.20 8.28
C GLU C 111 1.77 -49.27 7.46
N HIS C 112 0.81 -48.42 7.85
CA HIS C 112 -0.57 -48.51 7.37
C HIS C 112 -0.69 -48.84 5.89
N HIS C 113 0.11 -48.17 5.06
CA HIS C 113 0.14 -48.43 3.62
C HIS C 113 1.58 -48.48 3.10
N SER C 114 2.54 -48.84 3.94
CA SER C 114 3.93 -48.80 3.53
C SER C 114 4.76 -49.77 4.36
N LEU C 115 6.08 -49.70 4.18
CA LEU C 115 7.03 -50.55 4.89
C LEU C 115 8.16 -49.68 5.41
N TYR C 116 8.53 -49.87 6.67
CA TYR C 116 9.64 -49.15 7.27
C TYR C 116 10.66 -50.15 7.81
N GLY C 117 11.94 -49.85 7.59
CA GLY C 117 13.00 -50.80 7.91
C GLY C 117 13.72 -50.53 9.21
N ALA C 118 14.93 -49.98 9.11
CA ALA C 118 15.78 -49.79 10.29
C ALA C 118 15.14 -48.85 11.31
N ALA C 119 14.94 -47.59 10.94
CA ALA C 119 14.33 -46.60 11.82
C ALA C 119 13.58 -45.59 10.95
N ARG C 120 12.28 -45.85 10.76
CA ARG C 120 11.42 -45.00 9.93
C ARG C 120 11.97 -44.86 8.50
N TYR C 121 12.73 -45.85 8.07
CA TYR C 121 13.33 -45.86 6.73
C TYR C 121 12.42 -46.63 5.78
N ARG C 122 11.78 -45.92 4.87
CA ARG C 122 10.91 -46.53 3.87
C ARG C 122 11.72 -46.94 2.65
N LEU C 123 11.27 -48.00 1.98
CA LEU C 123 11.90 -48.49 0.76
C LEU C 123 11.52 -47.55 -0.38
N ALA C 124 12.20 -46.41 -0.44
CA ALA C 124 11.90 -45.41 -1.45
C ALA C 124 12.34 -45.90 -2.82
N LEU C 125 11.52 -45.61 -3.84
CA LEU C 125 11.78 -46.02 -5.21
C LEU C 125 12.08 -44.79 -6.05
N LYS C 126 13.18 -44.85 -6.81
CA LYS C 126 13.55 -43.74 -7.68
C LYS C 126 13.71 -44.23 -9.11
N ASP C 127 12.75 -45.02 -9.58
CA ASP C 127 12.71 -45.51 -10.97
C ASP C 127 13.97 -46.31 -11.31
N GLY C 128 14.14 -47.43 -10.61
CA GLY C 128 15.22 -48.35 -10.94
C GLY C 128 15.93 -48.97 -9.75
N HIS C 129 16.00 -48.26 -8.63
CA HIS C 129 16.70 -48.75 -7.46
C HIS C 129 15.94 -48.40 -6.19
N GLY C 130 16.03 -49.27 -5.19
CA GLY C 130 15.39 -49.05 -3.90
C GLY C 130 16.40 -48.53 -2.89
N THR C 131 16.07 -47.39 -2.30
CA THR C 131 16.96 -46.76 -1.33
C THR C 131 16.21 -46.42 -0.04
N ALA C 132 16.88 -45.73 0.89
CA ALA C 132 16.32 -45.38 2.19
C ALA C 132 16.46 -43.88 2.39
N ILE C 133 15.43 -43.13 2.02
CA ILE C 133 15.38 -41.68 2.20
C ILE C 133 14.36 -41.27 3.25
N SER C 134 13.58 -42.23 3.77
CA SER C 134 12.50 -41.97 4.73
C SER C 134 11.50 -40.95 4.16
N ASN C 135 10.87 -41.36 3.07
CA ASN C 135 9.84 -40.56 2.41
C ASN C 135 8.47 -41.16 2.70
N ALA C 136 7.49 -40.28 2.96
CA ALA C 136 6.15 -40.70 3.35
C ALA C 136 5.21 -40.85 2.16
N SER C 137 5.75 -40.96 0.94
CA SER C 137 4.94 -41.14 -0.26
C SER C 137 5.44 -42.38 -0.98
N ASP C 138 4.91 -43.54 -0.60
CA ASP C 138 5.29 -44.82 -1.20
C ASP C 138 4.30 -45.87 -0.73
N VAL C 139 4.03 -46.86 -1.59
CA VAL C 139 3.09 -47.92 -1.29
C VAL C 139 3.62 -49.23 -1.86
N TRP C 140 3.41 -50.31 -1.12
CA TRP C 140 3.81 -51.64 -1.56
C TRP C 140 2.68 -52.62 -1.30
N LYS C 141 2.45 -53.53 -2.25
CA LYS C 141 1.40 -54.53 -2.13
C LYS C 141 1.92 -55.86 -2.66
N LYS C 142 1.02 -56.84 -2.74
CA LYS C 142 1.37 -58.14 -3.29
C LYS C 142 0.91 -58.24 -4.74
N GLY C 143 1.38 -59.29 -5.42
CA GLY C 143 1.12 -59.45 -6.84
C GLY C 143 -0.33 -59.69 -7.21
N GLY C 144 -0.96 -58.69 -7.81
CA GLY C 144 -2.32 -58.85 -8.32
C GLY C 144 -3.38 -59.03 -7.25
N SER C 145 -3.20 -58.38 -6.10
CA SER C 145 -4.19 -58.46 -5.03
C SER C 145 -4.01 -57.27 -4.10
N GLU C 146 -5.12 -56.69 -3.67
CA GLU C 146 -5.10 -55.60 -2.71
C GLU C 146 -4.77 -56.16 -1.33
N GLU C 147 -3.53 -55.97 -0.89
CA GLU C 147 -3.09 -56.52 0.38
C GLU C 147 -1.85 -55.74 0.83
N SER C 148 -1.72 -55.61 2.15
CA SER C 148 -0.59 -54.91 2.75
C SER C 148 0.63 -55.80 2.93
N LEU C 149 0.62 -57.00 2.34
CA LEU C 149 1.73 -57.97 2.39
C LEU C 149 2.20 -58.25 3.82
N CYS C 150 1.40 -57.84 4.82
CA CYS C 150 1.80 -57.99 6.21
C CYS C 150 0.65 -58.42 7.12
N ASP C 151 -0.50 -58.80 6.58
CA ASP C 151 -1.59 -59.26 7.43
C ASP C 151 -1.36 -60.68 7.93
N GLN C 152 -0.55 -61.47 7.20
CA GLN C 152 -0.23 -62.83 7.61
C GLN C 152 1.03 -62.83 8.46
N PRO C 153 0.96 -63.18 9.74
CA PRO C 153 2.15 -63.17 10.59
C PRO C 153 3.16 -64.25 10.18
N TYR C 154 4.30 -64.29 10.87
CA TYR C 154 5.31 -65.29 10.59
C TYR C 154 4.80 -66.68 10.97
N HIS C 155 5.06 -67.66 10.10
CA HIS C 155 4.60 -69.02 10.30
C HIS C 155 5.78 -69.98 10.25
N GLU C 156 5.68 -71.07 10.99
CA GLU C 156 6.72 -72.09 11.04
C GLU C 156 6.13 -73.48 10.93
N SER C 164 14.85 -82.27 17.44
CA SER C 164 15.17 -82.15 18.85
C SER C 164 13.92 -81.88 19.68
N TYR C 165 13.27 -82.95 20.13
CA TYR C 165 12.05 -82.87 20.95
C TYR C 165 10.94 -82.08 20.24
N GLY C 166 10.93 -82.12 18.91
CA GLY C 166 9.88 -81.47 18.14
C GLY C 166 9.85 -79.96 18.28
N ARG C 167 11.00 -79.33 18.44
CA ARG C 167 11.04 -77.88 18.54
C ARG C 167 10.75 -77.24 17.19
N PRO C 168 10.23 -76.00 17.18
CA PRO C 168 9.97 -75.33 15.91
C PRO C 168 11.25 -75.10 15.12
N CYS C 169 11.13 -75.20 13.80
CA CYS C 169 12.28 -75.05 12.93
C CYS C 169 12.76 -73.60 12.89
N GLU C 170 13.99 -73.42 12.43
CA GLU C 170 14.58 -72.09 12.29
C GLU C 170 14.87 -71.85 10.81
N PHE C 171 14.14 -70.92 10.20
CA PHE C 171 14.29 -70.59 8.80
C PHE C 171 14.83 -69.18 8.68
N PRO C 172 15.88 -68.96 7.86
CA PRO C 172 16.57 -69.97 7.06
C PRO C 172 17.67 -70.68 7.83
N PHE C 173 18.47 -71.49 7.13
CA PHE C 173 19.62 -72.13 7.74
C PHE C 173 20.67 -72.41 6.67
N LEU C 174 21.94 -72.28 7.07
CA LEU C 174 23.06 -72.47 6.16
C LEU C 174 23.59 -73.89 6.33
N ILE C 175 23.39 -74.72 5.30
CA ILE C 175 23.88 -76.09 5.29
C ILE C 175 24.57 -76.34 3.97
N ASP C 176 25.65 -77.13 4.01
CA ASP C 176 26.46 -77.44 2.84
C ASP C 176 26.96 -76.17 2.15
N GLY C 177 27.15 -75.10 2.92
CA GLY C 177 27.61 -73.85 2.38
C GLY C 177 26.58 -73.05 1.61
N THR C 178 25.31 -73.45 1.66
CA THR C 178 24.25 -72.73 0.96
C THR C 178 23.05 -72.57 1.88
N TRP C 179 22.25 -71.53 1.61
CA TRP C 179 21.10 -71.22 2.43
C TRP C 179 19.89 -72.04 2.00
N HIS C 180 19.06 -72.40 2.96
CA HIS C 180 17.82 -73.13 2.72
C HIS C 180 16.71 -72.57 3.60
N HIS C 181 15.50 -72.53 3.04
CA HIS C 181 14.36 -71.94 3.72
C HIS C 181 13.28 -72.94 4.10
N ASP C 182 13.19 -74.08 3.40
CA ASP C 182 12.13 -75.06 3.62
C ASP C 182 12.75 -76.42 3.92
N CYS C 183 12.00 -77.25 4.64
CA CYS C 183 12.44 -78.60 4.99
C CYS C 183 12.46 -79.44 3.72
N ILE C 184 13.64 -79.59 3.13
CA ILE C 184 13.81 -80.29 1.86
C ILE C 184 14.10 -81.76 2.13
N LEU C 185 13.68 -82.63 1.21
CA LEU C 185 13.88 -84.06 1.34
C LEU C 185 15.24 -84.46 0.75
N ASP C 186 15.79 -85.55 1.28
CA ASP C 186 17.06 -86.07 0.80
C ASP C 186 17.07 -87.58 1.01
N GLU C 187 18.25 -88.19 0.90
CA GLU C 187 18.40 -89.63 1.06
C GLU C 187 18.84 -90.02 2.46
N ASP C 188 19.06 -89.06 3.36
CA ASP C 188 19.47 -89.39 4.72
C ASP C 188 18.28 -89.72 5.60
N HIS C 189 17.32 -88.81 5.71
CA HIS C 189 16.13 -89.02 6.51
C HIS C 189 15.00 -89.61 5.69
N SER C 190 13.89 -89.93 6.37
CA SER C 190 12.74 -90.51 5.68
C SER C 190 12.05 -89.48 4.81
N GLY C 191 11.67 -88.35 5.39
CA GLY C 191 11.01 -87.30 4.65
C GLY C 191 11.65 -85.94 4.89
N PRO C 192 10.83 -84.94 5.17
CA PRO C 192 11.37 -83.60 5.41
C PRO C 192 12.02 -83.49 6.77
N TRP C 193 13.15 -82.78 6.81
CA TRP C 193 13.91 -82.59 8.04
C TRP C 193 14.42 -81.16 8.09
N CYS C 194 14.35 -80.54 9.26
CA CYS C 194 14.75 -79.15 9.45
C CYS C 194 15.76 -79.05 10.59
N ALA C 195 16.28 -77.84 10.77
CA ALA C 195 17.22 -77.55 11.85
C ALA C 195 16.49 -76.92 13.03
N THR C 196 16.91 -77.28 14.23
CA THR C 196 16.30 -76.80 15.46
C THR C 196 17.20 -75.82 16.21
N THR C 197 18.02 -75.06 15.49
CA THR C 197 18.92 -74.10 16.11
C THR C 197 19.29 -73.03 15.09
N LEU C 198 19.96 -71.99 15.58
CA LEU C 198 20.38 -70.90 14.70
C LEU C 198 21.59 -71.29 13.86
N ASN C 199 22.54 -72.01 14.45
CA ASN C 199 23.75 -72.46 13.76
C ASN C 199 23.83 -73.97 13.89
N TYR C 200 23.41 -74.69 12.84
CA TYR C 200 23.43 -76.15 12.87
C TYR C 200 24.84 -76.71 12.77
N GLU C 201 25.79 -75.94 12.21
CA GLU C 201 27.15 -76.43 12.05
C GLU C 201 27.87 -76.56 13.39
N TYR C 202 27.47 -75.81 14.40
CA TYR C 202 28.13 -75.84 15.71
C TYR C 202 27.37 -76.63 16.76
N ASP C 203 26.05 -76.75 16.64
CA ASP C 203 25.24 -77.47 17.61
C ASP C 203 24.86 -78.87 17.15
N ARG C 204 24.51 -79.04 15.87
CA ARG C 204 24.16 -80.33 15.30
C ARG C 204 22.99 -80.97 16.04
N LYS C 205 21.85 -80.30 15.98
CA LYS C 205 20.59 -80.83 16.52
C LYS C 205 19.48 -80.52 15.52
N TRP C 206 18.98 -81.56 14.86
CA TRP C 206 17.95 -81.43 13.83
C TRP C 206 16.62 -81.95 14.35
N GLY C 207 15.60 -81.85 13.49
CA GLY C 207 14.28 -82.32 13.85
C GLY C 207 13.47 -82.64 12.61
N ILE C 208 12.30 -83.23 12.84
CA ILE C 208 11.38 -83.60 11.77
C ILE C 208 10.48 -82.42 11.46
N CYS C 209 10.32 -82.12 10.18
CA CYS C 209 9.48 -81.02 9.73
C CYS C 209 8.02 -81.41 9.95
N LEU C 210 7.47 -81.05 11.11
CA LEU C 210 6.13 -81.47 11.49
C LEU C 210 5.06 -80.72 10.71
N LYS C 211 4.48 -81.38 9.71
CA LYS C 211 3.42 -80.78 8.91
C LYS C 211 2.05 -81.08 9.51
N GLN C 231 -2.20 -88.35 16.27
CA GLN C 231 -0.76 -88.12 16.21
C GLN C 231 -0.20 -87.85 17.61
N PHE C 232 0.34 -88.89 18.24
CA PHE C 232 0.91 -88.79 19.58
C PHE C 232 2.41 -88.63 19.44
N ASN C 233 2.88 -87.38 19.51
CA ASN C 233 4.31 -87.08 19.42
C ASN C 233 4.93 -87.26 20.79
N THR C 234 5.39 -88.48 21.06
CA THR C 234 6.03 -88.79 22.34
C THR C 234 7.41 -88.15 22.41
N GLN C 235 7.82 -87.79 23.63
CA GLN C 235 9.09 -87.10 23.88
C GLN C 235 9.16 -85.77 23.15
N THR C 236 8.01 -85.14 22.93
CA THR C 236 7.90 -83.84 22.28
C THR C 236 7.24 -82.89 23.27
N ALA C 237 8.05 -82.28 24.13
CA ALA C 237 7.55 -81.42 25.20
C ALA C 237 7.52 -79.98 24.72
N LEU C 238 6.33 -79.48 24.41
CA LEU C 238 6.14 -78.10 24.02
C LEU C 238 5.05 -77.47 24.87
N SER C 239 4.99 -76.15 24.87
CA SER C 239 3.95 -75.44 25.59
C SER C 239 2.60 -75.65 24.93
N TRP C 240 1.55 -75.68 25.75
CA TRP C 240 0.21 -75.93 25.23
C TRP C 240 -0.22 -74.84 24.25
N LYS C 241 0.15 -73.59 24.54
CA LYS C 241 -0.13 -72.52 23.58
C LYS C 241 0.71 -72.67 22.33
N GLU C 242 1.99 -73.01 22.49
CA GLU C 242 2.85 -73.28 21.34
C GLU C 242 2.37 -74.50 20.57
N ALA C 243 1.92 -75.54 21.28
CA ALA C 243 1.36 -76.71 20.61
C ALA C 243 0.11 -76.35 19.82
N TYR C 244 -0.75 -75.51 20.41
CA TYR C 244 -1.99 -75.11 19.74
C TYR C 244 -1.70 -74.30 18.48
N VAL C 245 -0.77 -73.35 18.57
CA VAL C 245 -0.47 -72.55 17.38
C VAL C 245 0.25 -73.38 16.34
N SER C 246 1.04 -74.38 16.76
CA SER C 246 1.72 -75.24 15.80
C SER C 246 0.74 -76.16 15.09
N CYS C 247 -0.27 -76.68 15.80
CA CYS C 247 -1.26 -77.54 15.16
C CYS C 247 -2.35 -76.75 14.44
N GLN C 248 -2.46 -75.44 14.70
CA GLN C 248 -3.30 -74.60 13.86
C GLN C 248 -2.57 -74.16 12.61
N ASN C 249 -1.25 -74.03 12.69
CA ASN C 249 -0.44 -73.85 11.49
C ASN C 249 -0.59 -75.04 10.55
N GLN C 250 -0.79 -76.24 11.09
CA GLN C 250 -1.00 -77.44 10.29
C GLN C 250 -2.43 -77.58 9.79
N GLY C 251 -3.34 -76.71 10.22
CA GLY C 251 -4.72 -76.77 9.80
C GLY C 251 -5.61 -77.64 10.67
N ALA C 252 -5.07 -78.25 11.72
CA ALA C 252 -5.83 -79.15 12.56
C ALA C 252 -6.26 -78.42 13.84
N ASP C 253 -6.90 -79.16 14.75
CA ASP C 253 -7.34 -78.62 16.03
C ASP C 253 -7.00 -79.60 17.13
N LEU C 254 -7.18 -79.17 18.38
CA LEU C 254 -6.85 -80.01 19.52
C LEU C 254 -7.86 -81.16 19.66
N LEU C 255 -7.49 -82.11 20.50
CA LEU C 255 -8.33 -83.30 20.71
C LEU C 255 -9.64 -82.92 21.37
N SER C 256 -10.74 -83.42 20.83
CA SER C 256 -12.08 -83.18 21.37
C SER C 256 -12.69 -84.52 21.75
N ILE C 257 -12.81 -84.77 23.05
CA ILE C 257 -13.38 -86.01 23.56
C ILE C 257 -14.90 -85.85 23.58
N ASN C 258 -15.58 -86.63 22.74
CA ASN C 258 -17.04 -86.58 22.64
C ASN C 258 -17.72 -87.78 23.27
N SER C 259 -17.16 -88.98 23.12
CA SER C 259 -17.74 -90.20 23.66
C SER C 259 -16.68 -90.94 24.47
N ALA C 260 -17.15 -91.94 25.23
CA ALA C 260 -16.26 -92.72 26.08
C ALA C 260 -15.45 -93.74 25.28
N ALA C 261 -15.85 -94.03 24.04
CA ALA C 261 -15.10 -94.98 23.23
C ALA C 261 -13.71 -94.44 22.89
N GLU C 262 -13.61 -93.15 22.57
CA GLU C 262 -12.31 -92.55 22.31
C GLU C 262 -11.40 -92.65 23.52
N LEU C 263 -11.96 -92.43 24.72
CA LEU C 263 -11.15 -92.51 25.93
C LEU C 263 -10.74 -93.94 26.24
N THR C 264 -11.65 -94.90 26.05
CA THR C 264 -11.29 -96.29 26.31
C THR C 264 -10.32 -96.81 25.27
N TYR C 265 -10.23 -96.15 24.11
CA TYR C 265 -9.21 -96.50 23.13
C TYR C 265 -7.87 -95.86 23.47
N LEU C 266 -7.90 -94.62 23.96
CA LEU C 266 -6.65 -93.91 24.28
C LEU C 266 -6.00 -94.38 25.57
N LYS C 267 -6.78 -94.86 26.54
CA LYS C 267 -6.20 -95.25 27.82
C LYS C 267 -5.32 -96.49 27.67
N GLU C 268 -5.67 -97.38 26.75
CA GLU C 268 -4.91 -98.59 26.51
C GLU C 268 -3.79 -98.40 25.49
N LYS C 269 -3.63 -97.19 24.95
CA LYS C 269 -2.61 -96.95 23.95
C LYS C 269 -1.22 -97.09 24.54
N GLU C 270 -0.35 -97.84 23.86
CA GLU C 270 1.01 -98.04 24.34
C GLU C 270 1.90 -96.86 23.98
N GLY C 271 1.94 -96.50 22.69
CA GLY C 271 2.77 -95.41 22.25
C GLY C 271 2.19 -94.04 22.54
N ILE C 272 2.12 -93.69 23.83
CA ILE C 272 1.60 -92.40 24.25
C ILE C 272 2.20 -92.07 25.61
N ALA C 273 2.39 -90.79 25.88
CA ALA C 273 2.95 -90.37 27.15
C ALA C 273 1.91 -90.50 28.26
N LYS C 274 2.39 -90.67 29.49
CA LYS C 274 1.50 -90.78 30.64
C LYS C 274 0.77 -89.47 30.92
N ILE C 275 1.36 -88.34 30.53
CA ILE C 275 0.75 -87.03 30.69
C ILE C 275 0.77 -86.31 29.34
N PHE C 276 -0.33 -85.64 29.02
CA PHE C 276 -0.44 -84.91 27.76
C PHE C 276 -1.56 -83.90 27.88
N TRP C 277 -1.67 -83.03 26.88
CA TRP C 277 -2.72 -82.01 26.82
C TRP C 277 -3.82 -82.47 25.88
N ILE C 278 -5.03 -81.93 26.10
CA ILE C 278 -6.18 -82.26 25.28
C ILE C 278 -6.74 -81.00 24.64
N GLY C 279 -6.53 -79.85 25.29
CA GLY C 279 -7.04 -78.59 24.80
C GLY C 279 -8.15 -77.98 25.62
N LEU C 280 -8.52 -78.59 26.75
CA LEU C 280 -9.58 -78.06 27.61
C LEU C 280 -9.09 -76.79 28.30
N ASN C 281 -9.52 -75.64 27.80
CA ASN C 281 -9.10 -74.36 28.35
C ASN C 281 -10.16 -73.32 28.01
N GLN C 282 -10.08 -72.19 28.71
CA GLN C 282 -11.04 -71.09 28.53
C GLN C 282 -10.33 -69.93 27.86
N LEU C 283 -10.38 -69.90 26.52
CA LEU C 283 -9.87 -68.76 25.79
C LEU C 283 -10.77 -67.55 25.95
N TYR C 284 -12.06 -67.77 26.17
CA TYR C 284 -13.02 -66.71 26.46
C TYR C 284 -13.15 -66.57 27.97
N SER C 285 -12.81 -65.39 28.50
CA SER C 285 -12.74 -65.19 29.94
C SER C 285 -14.09 -65.14 30.62
N ALA C 286 -15.20 -65.13 29.86
CA ALA C 286 -16.53 -65.06 30.44
C ALA C 286 -17.27 -66.39 30.38
N ARG C 287 -16.59 -67.47 30.02
CA ARG C 287 -17.20 -68.79 30.02
C ARG C 287 -16.23 -69.78 30.65
N GLY C 288 -16.79 -70.88 31.17
CA GLY C 288 -16.04 -71.79 32.01
C GLY C 288 -14.95 -72.60 31.32
N TRP C 289 -15.35 -73.54 30.47
CA TRP C 289 -14.39 -74.44 29.84
C TRP C 289 -14.91 -74.82 28.46
N GLU C 290 -14.01 -74.76 27.46
CA GLU C 290 -14.35 -75.13 26.10
C GLU C 290 -13.18 -75.90 25.49
N TRP C 291 -13.36 -76.34 24.25
CA TRP C 291 -12.33 -77.03 23.50
C TRP C 291 -11.70 -76.08 22.49
N SER C 292 -10.82 -76.62 21.64
CA SER C 292 -10.24 -75.83 20.56
C SER C 292 -11.32 -75.41 19.57
N ASP C 293 -12.02 -76.37 18.99
CA ASP C 293 -13.15 -76.10 18.12
C ASP C 293 -14.40 -75.89 18.96
N HIS C 294 -15.56 -75.85 18.32
CA HIS C 294 -16.84 -75.66 19.01
C HIS C 294 -17.50 -77.02 19.20
N LYS C 295 -17.03 -77.74 20.22
CA LYS C 295 -17.56 -79.05 20.57
C LYS C 295 -18.34 -78.96 21.87
N PRO C 296 -19.43 -79.72 21.99
CA PRO C 296 -20.26 -79.64 23.20
C PRO C 296 -19.54 -80.21 24.41
N LEU C 297 -19.92 -79.70 25.58
CA LEU C 297 -19.35 -80.12 26.86
C LEU C 297 -20.38 -81.03 27.54
N ASN C 298 -20.21 -82.33 27.37
CA ASN C 298 -21.13 -83.30 27.98
C ASN C 298 -20.36 -84.35 28.77
N PHE C 299 -19.12 -84.63 28.36
CA PHE C 299 -18.28 -85.62 28.99
C PHE C 299 -17.14 -84.92 29.72
N LEU C 300 -17.09 -85.07 31.03
CA LEU C 300 -16.05 -84.49 31.86
C LEU C 300 -15.37 -85.57 32.70
N ASN C 301 -14.10 -85.34 33.02
CA ASN C 301 -13.25 -86.32 33.70
C ASN C 301 -12.46 -85.62 34.80
N TRP C 302 -13.14 -84.81 35.60
CA TRP C 302 -12.48 -83.98 36.61
C TRP C 302 -11.85 -84.85 37.71
N ASP C 303 -11.09 -84.17 38.59
CA ASP C 303 -10.27 -84.82 39.60
C ASP C 303 -10.83 -84.62 41.00
N PRO C 304 -10.83 -85.66 41.84
CA PRO C 304 -11.31 -85.51 43.22
C PRO C 304 -10.23 -85.04 44.19
N ASP C 305 -8.96 -85.26 43.84
CA ASP C 305 -7.88 -84.97 44.77
C ASP C 305 -7.69 -83.47 44.97
N ARG C 306 -7.55 -82.73 43.86
CA ARG C 306 -7.36 -81.30 43.98
C ARG C 306 -8.72 -80.60 44.17
N PRO C 307 -8.76 -79.51 44.93
CA PRO C 307 -10.04 -78.81 45.15
C PRO C 307 -10.56 -78.08 43.92
N SER C 308 -9.77 -78.00 42.85
CA SER C 308 -10.18 -77.36 41.60
C SER C 308 -10.58 -75.90 41.83
N ALA C 309 -9.58 -75.11 42.24
CA ALA C 309 -9.80 -73.68 42.45
C ALA C 309 -10.18 -73.02 41.14
N PRO C 310 -11.20 -72.14 41.12
CA PRO C 310 -11.68 -71.61 39.85
C PRO C 310 -10.66 -70.77 39.09
N THR C 311 -10.16 -69.71 39.72
CA THR C 311 -9.24 -68.80 39.05
C THR C 311 -7.97 -68.52 39.86
N ILE C 312 -8.08 -68.43 41.18
CA ILE C 312 -6.95 -68.13 42.04
C ILE C 312 -6.75 -69.31 42.99
N GLY C 313 -5.49 -69.62 43.26
CA GLY C 313 -5.17 -70.80 44.04
C GLY C 313 -4.78 -71.97 43.16
N GLY C 314 -5.48 -72.10 42.03
CA GLY C 314 -5.14 -73.09 41.03
C GLY C 314 -4.57 -72.47 39.77
N SER C 315 -5.18 -72.77 38.62
CA SER C 315 -4.75 -72.21 37.34
C SER C 315 -5.91 -72.31 36.36
N SER C 316 -5.62 -72.11 35.07
CA SER C 316 -6.65 -72.06 34.04
C SER C 316 -6.37 -73.02 32.89
N CYS C 317 -5.67 -74.13 33.14
CA CYS C 317 -5.48 -75.16 32.14
C CYS C 317 -5.78 -76.53 32.73
N ALA C 318 -6.07 -77.48 31.85
CA ALA C 318 -6.33 -78.86 32.23
C ALA C 318 -5.14 -79.74 31.88
N ARG C 319 -4.84 -80.69 32.77
CA ARG C 319 -3.71 -81.60 32.61
C ARG C 319 -4.23 -83.01 32.79
N MET C 320 -4.03 -83.86 31.78
CA MET C 320 -4.57 -85.22 31.79
C MET C 320 -3.53 -86.20 32.30
N ASP C 321 -3.99 -87.17 33.09
CA ASP C 321 -3.21 -88.33 33.49
C ASP C 321 -3.87 -89.56 32.89
N ALA C 322 -3.13 -90.29 32.06
CA ALA C 322 -3.67 -91.44 31.36
C ALA C 322 -3.51 -92.75 32.12
N GLU C 323 -2.71 -92.76 33.20
CA GLU C 323 -2.60 -93.95 34.03
C GLU C 323 -3.93 -94.27 34.70
N SER C 324 -4.68 -93.24 35.11
CA SER C 324 -6.01 -93.40 35.68
C SER C 324 -7.07 -92.58 34.97
N GLY C 325 -6.71 -91.76 33.99
CA GLY C 325 -7.68 -90.94 33.30
C GLY C 325 -8.26 -89.85 34.19
N LEU C 326 -7.44 -88.87 34.56
CA LEU C 326 -7.86 -87.84 35.48
C LEU C 326 -7.47 -86.47 34.93
N TRP C 327 -8.25 -85.45 35.30
CA TRP C 327 -8.04 -84.08 34.81
C TRP C 327 -7.73 -83.18 36.00
N GLN C 328 -6.45 -82.80 36.14
CA GLN C 328 -6.05 -81.85 37.16
C GLN C 328 -6.07 -80.43 36.62
N SER C 329 -6.22 -79.48 37.52
CA SER C 329 -6.07 -78.07 37.18
C SER C 329 -4.61 -77.67 37.32
N PHE C 330 -4.06 -77.03 36.29
CA PHE C 330 -2.63 -76.74 36.24
C PHE C 330 -2.38 -75.61 35.24
N SER C 331 -1.14 -75.12 35.26
CA SER C 331 -0.69 -74.06 34.37
C SER C 331 -0.01 -74.72 33.17
N CYS C 332 -0.55 -74.44 31.98
CA CYS C 332 -0.15 -75.12 30.75
C CYS C 332 0.86 -74.30 29.95
N GLU C 333 1.71 -73.53 30.62
CA GLU C 333 2.73 -72.74 29.94
C GLU C 333 4.07 -73.46 29.81
N ALA C 334 4.24 -74.60 30.49
CA ALA C 334 5.51 -75.31 30.45
C ALA C 334 5.53 -76.30 29.28
N GLN C 335 6.68 -76.95 29.12
CA GLN C 335 6.88 -77.91 28.03
C GLN C 335 6.40 -79.29 28.46
N LEU C 336 5.51 -79.89 27.67
CA LEU C 336 4.92 -81.18 27.99
C LEU C 336 4.25 -81.74 26.76
N PRO C 337 4.29 -83.06 26.53
CA PRO C 337 3.69 -83.64 25.33
C PRO C 337 2.20 -83.36 25.24
N TYR C 338 1.65 -83.65 24.06
CA TYR C 338 0.25 -83.35 23.75
C TYR C 338 -0.17 -84.20 22.56
N VAL C 339 -1.35 -83.88 22.01
CA VAL C 339 -1.87 -84.53 20.81
C VAL C 339 -2.89 -83.61 20.18
N CYS C 340 -2.82 -83.48 18.85
CA CYS C 340 -3.79 -82.68 18.12
C CYS C 340 -4.30 -83.48 16.93
N ARG C 341 -5.62 -83.53 16.77
CA ARG C 341 -6.23 -84.30 15.69
C ARG C 341 -6.43 -83.45 14.44
N ASP C 358 -46.59 -69.77 13.97
CA ASP C 358 -47.44 -68.96 14.84
C ASP C 358 -48.09 -69.79 15.95
N THR C 359 -47.34 -70.76 16.48
CA THR C 359 -47.83 -71.61 17.54
C THR C 359 -48.06 -70.79 18.80
N ARG C 360 -49.32 -70.72 19.25
CA ARG C 360 -49.70 -69.97 20.43
C ARG C 360 -50.06 -70.93 21.55
N CYS C 361 -49.51 -70.71 22.73
CA CYS C 361 -49.75 -71.56 23.89
C CYS C 361 -50.69 -70.86 24.86
N ASP C 362 -51.01 -71.56 25.95
CA ASP C 362 -52.13 -71.20 26.82
C ASP C 362 -51.62 -70.45 28.06
N ALA C 363 -51.82 -69.12 28.06
CA ALA C 363 -51.79 -68.29 29.27
C ALA C 363 -50.46 -68.40 30.02
N GLY C 364 -49.41 -67.93 29.35
CA GLY C 364 -48.13 -67.78 30.02
C GLY C 364 -46.95 -68.41 29.31
N TRP C 365 -47.18 -69.55 28.67
CA TRP C 365 -46.12 -70.23 27.94
C TRP C 365 -45.73 -69.41 26.73
N LEU C 366 -44.58 -68.73 26.79
CA LEU C 366 -44.15 -67.93 25.66
C LEU C 366 -43.46 -68.81 24.63
N PRO C 367 -43.79 -68.69 23.34
CA PRO C 367 -43.29 -69.63 22.34
C PRO C 367 -42.03 -69.16 21.63
N ASN C 368 -41.30 -70.15 21.09
CA ASN C 368 -40.15 -69.88 20.24
C ASN C 368 -39.91 -71.12 19.36
N ASN C 369 -40.31 -71.01 18.09
CA ASN C 369 -40.10 -72.05 17.09
C ASN C 369 -40.77 -73.36 17.51
N GLY C 370 -42.09 -73.31 17.61
CA GLY C 370 -42.92 -74.47 17.90
C GLY C 370 -43.24 -74.73 19.36
N PHE C 371 -42.21 -74.82 20.20
CA PHE C 371 -42.39 -75.08 21.62
C PHE C 371 -42.64 -73.76 22.36
N CYS C 372 -42.98 -73.89 23.64
CA CYS C 372 -43.16 -72.71 24.50
C CYS C 372 -42.68 -73.05 25.90
N TYR C 373 -42.25 -72.03 26.63
CA TYR C 373 -41.71 -72.18 27.97
C TYR C 373 -42.62 -71.51 28.99
N LEU C 374 -42.45 -71.90 30.25
CA LEU C 374 -43.13 -71.22 31.35
C LEU C 374 -42.36 -71.44 32.65
N LEU C 375 -42.13 -70.33 33.37
CA LEU C 375 -41.55 -70.35 34.71
C LEU C 375 -42.63 -70.75 35.72
N VAL C 376 -42.41 -71.87 36.42
CA VAL C 376 -43.33 -72.26 37.48
C VAL C 376 -42.95 -71.53 38.75
N ASN C 377 -43.95 -70.98 39.45
CA ASN C 377 -43.73 -70.14 40.62
C ASN C 377 -43.65 -70.95 41.91
N GLU C 378 -43.30 -72.23 41.82
CA GLU C 378 -43.15 -73.09 42.99
C GLU C 378 -41.68 -73.27 43.32
N SER C 379 -41.37 -73.24 44.62
CA SER C 379 -40.01 -73.40 45.12
C SER C 379 -39.91 -74.77 45.75
N ASN C 380 -39.33 -75.73 45.02
CA ASN C 380 -39.23 -77.11 45.45
C ASN C 380 -37.85 -77.67 45.13
N SER C 381 -37.59 -78.88 45.59
CA SER C 381 -36.29 -79.51 45.43
C SER C 381 -36.11 -80.01 43.99
N TRP C 382 -34.99 -80.72 43.76
CA TRP C 382 -34.71 -81.21 42.42
C TRP C 382 -35.63 -82.37 42.05
N ASP C 383 -35.88 -83.29 42.99
CA ASP C 383 -36.69 -84.46 42.68
C ASP C 383 -38.15 -84.08 42.49
N LYS C 384 -38.66 -83.14 43.29
CA LYS C 384 -40.05 -82.71 43.11
C LYS C 384 -40.22 -81.97 41.79
N ALA C 385 -39.22 -81.20 41.38
CA ALA C 385 -39.28 -80.54 40.08
C ALA C 385 -39.22 -81.57 38.95
N HIS C 386 -38.40 -82.60 39.11
CA HIS C 386 -38.36 -83.67 38.11
C HIS C 386 -39.65 -84.46 38.09
N ALA C 387 -40.40 -84.46 39.19
CA ALA C 387 -41.68 -85.15 39.24
C ALA C 387 -42.86 -84.28 38.82
N LYS C 388 -42.69 -82.96 38.74
CA LYS C 388 -43.81 -82.08 38.44
C LYS C 388 -44.01 -81.88 36.94
N CYS C 389 -43.02 -81.33 36.25
CA CYS C 389 -43.12 -81.04 34.82
C CYS C 389 -42.50 -82.15 33.99
N LYS C 390 -42.63 -83.40 34.46
CA LYS C 390 -42.26 -84.59 33.68
C LYS C 390 -43.31 -85.68 33.86
N PHE C 392 -47.47 -81.35 36.27
CA PHE C 392 -48.10 -80.97 35.01
C PHE C 392 -47.63 -81.86 33.87
N SER C 393 -48.46 -81.97 32.83
CA SER C 393 -48.10 -82.73 31.63
C SER C 393 -47.19 -81.87 30.76
N SER C 394 -45.91 -81.88 31.11
CA SER C 394 -44.93 -81.00 30.47
C SER C 394 -43.59 -81.73 30.41
N ASP C 395 -42.60 -81.04 29.86
CA ASP C 395 -41.21 -81.49 29.86
C ASP C 395 -40.33 -80.37 30.40
N LEU C 396 -39.21 -80.76 31.01
CA LEU C 396 -38.27 -79.77 31.53
C LEU C 396 -37.55 -79.07 30.37
N ILE C 397 -36.90 -77.96 30.73
CA ILE C 397 -36.28 -77.09 29.73
C ILE C 397 -34.94 -77.66 29.29
N SER C 398 -34.61 -77.45 28.01
CA SER C 398 -33.36 -77.88 27.42
C SER C 398 -32.90 -76.80 26.44
N ILE C 399 -31.63 -76.43 26.50
CA ILE C 399 -31.09 -75.35 25.68
C ILE C 399 -30.54 -75.95 24.40
N HIS C 400 -30.91 -75.36 23.25
CA HIS C 400 -30.51 -75.88 21.95
C HIS C 400 -30.05 -74.80 20.97
N SER C 401 -30.27 -73.52 21.24
CA SER C 401 -29.97 -72.49 20.25
C SER C 401 -29.55 -71.22 20.98
N LEU C 402 -29.59 -70.09 20.28
CA LEU C 402 -29.19 -68.81 20.85
C LEU C 402 -30.36 -67.92 21.24
N ALA C 403 -31.50 -68.04 20.54
CA ALA C 403 -32.64 -67.16 20.83
C ALA C 403 -33.30 -67.52 22.15
N ASP C 404 -33.30 -68.81 22.50
CA ASP C 404 -33.93 -69.22 23.76
C ASP C 404 -33.19 -68.67 24.97
N VAL C 405 -31.90 -68.40 24.83
CA VAL C 405 -31.17 -67.74 25.92
C VAL C 405 -31.70 -66.33 26.14
N GLU C 406 -31.96 -65.60 25.04
CA GLU C 406 -32.62 -64.31 25.15
C GLU C 406 -34.01 -64.45 25.76
N VAL C 407 -34.74 -65.50 25.38
CA VAL C 407 -36.06 -65.74 25.95
C VAL C 407 -35.97 -65.90 27.47
N VAL C 408 -34.94 -66.62 27.93
CA VAL C 408 -34.78 -66.84 29.36
C VAL C 408 -34.36 -65.56 30.08
N VAL C 409 -33.45 -64.79 29.50
CA VAL C 409 -32.92 -63.62 30.21
C VAL C 409 -33.88 -62.43 30.17
N THR C 410 -34.77 -62.36 29.16
CA THR C 410 -35.72 -61.26 29.12
C THR C 410 -36.92 -61.53 30.02
N LYS C 411 -37.18 -62.79 30.33
CA LYS C 411 -38.27 -63.20 31.21
C LYS C 411 -37.74 -63.29 32.64
N LEU C 412 -38.50 -63.96 33.52
CA LEU C 412 -38.09 -64.30 34.88
C LEU C 412 -38.15 -63.13 35.84
N HIS C 413 -38.94 -62.10 35.52
CA HIS C 413 -39.17 -60.95 36.41
C HIS C 413 -37.85 -60.31 36.84
N ASN C 414 -37.16 -59.73 35.86
CA ASN C 414 -35.82 -59.16 36.04
C ASN C 414 -34.82 -60.23 36.45
N GLU C 415 -35.12 -61.49 36.09
CA GLU C 415 -34.25 -62.64 36.26
C GLU C 415 -34.06 -63.04 37.73
N ASP C 416 -34.59 -62.23 38.66
CA ASP C 416 -34.40 -62.45 40.09
C ASP C 416 -32.92 -62.67 40.42
N ILE C 417 -32.16 -61.58 40.23
CA ILE C 417 -30.70 -61.57 40.27
C ILE C 417 -30.15 -62.42 41.42
N LYS C 418 -30.74 -62.31 42.60
CA LYS C 418 -30.33 -63.09 43.76
C LYS C 418 -31.25 -64.30 43.87
N GLU C 419 -31.07 -65.25 42.96
CA GLU C 419 -31.85 -66.48 42.91
C GLU C 419 -31.21 -67.40 41.89
N GLU C 420 -31.61 -68.67 41.91
CA GLU C 420 -31.12 -69.68 40.99
C GLU C 420 -32.31 -70.33 40.28
N VAL C 421 -32.08 -70.78 39.05
CA VAL C 421 -33.13 -71.44 38.28
C VAL C 421 -32.69 -72.86 37.97
N TRP C 422 -33.63 -73.79 37.96
CA TRP C 422 -33.26 -75.18 37.70
C TRP C 422 -33.27 -75.49 36.20
N ILE C 423 -32.54 -76.54 35.83
CA ILE C 423 -32.68 -77.12 34.50
C ILE C 423 -32.24 -78.58 34.59
N GLY C 424 -32.96 -79.44 33.86
CA GLY C 424 -32.82 -80.88 34.01
C GLY C 424 -31.63 -81.51 33.32
N LEU C 425 -30.69 -81.99 34.10
CA LEU C 425 -29.52 -82.71 33.60
C LEU C 425 -29.20 -83.88 34.52
N LYS C 426 -28.99 -85.05 33.93
CA LYS C 426 -28.78 -86.27 34.69
C LYS C 426 -27.47 -86.94 34.30
N ASN C 427 -26.92 -87.71 35.25
CA ASN C 427 -25.71 -88.47 35.03
C ASN C 427 -25.64 -89.58 36.06
N ILE C 428 -25.72 -90.82 35.61
CA ILE C 428 -25.77 -91.99 36.50
C ILE C 428 -24.47 -92.80 36.42
N ASN C 429 -23.96 -93.03 35.22
CA ASN C 429 -22.75 -93.82 35.05
C ASN C 429 -21.51 -92.97 35.31
N ILE C 430 -20.44 -93.63 35.75
CA ILE C 430 -19.17 -92.98 36.00
C ILE C 430 -18.23 -93.29 34.83
N PRO C 431 -17.34 -92.37 34.43
CA PRO C 431 -17.16 -91.03 34.98
C PRO C 431 -18.26 -90.05 34.56
N THR C 432 -18.01 -88.75 34.75
CA THR C 432 -19.03 -87.75 34.47
C THR C 432 -19.38 -87.72 32.99
N LEU C 433 -20.68 -87.80 32.70
CA LEU C 433 -21.17 -87.79 31.32
C LEU C 433 -22.59 -87.22 31.34
N PHE C 434 -22.73 -85.95 30.94
CA PHE C 434 -24.01 -85.27 30.96
C PHE C 434 -24.86 -85.64 29.76
N GLN C 435 -26.14 -85.93 30.01
CA GLN C 435 -27.11 -86.23 28.97
C GLN C 435 -28.45 -85.63 29.37
N TRP C 436 -29.19 -85.15 28.38
CA TRP C 436 -30.50 -84.55 28.65
C TRP C 436 -31.49 -85.61 29.11
N SER C 437 -32.49 -85.16 29.87
CA SER C 437 -33.52 -86.07 30.34
C SER C 437 -34.45 -86.49 29.20
N ASP C 438 -34.64 -85.62 28.21
CA ASP C 438 -35.50 -85.91 27.04
C ASP C 438 -34.79 -85.36 25.81
N GLY C 439 -33.99 -86.20 25.16
CA GLY C 439 -33.25 -85.83 23.97
C GLY C 439 -31.76 -86.05 24.16
N THR C 440 -31.04 -85.97 23.03
CA THR C 440 -29.60 -86.14 23.04
C THR C 440 -28.92 -85.14 22.10
N GLU C 441 -29.54 -83.99 21.87
CA GLU C 441 -28.99 -82.96 20.99
C GLU C 441 -28.15 -82.01 21.82
N VAL C 442 -26.99 -82.49 22.25
CA VAL C 442 -26.06 -81.71 23.07
C VAL C 442 -25.19 -80.86 22.15
N THR C 443 -25.50 -79.56 22.08
CA THR C 443 -24.81 -78.66 21.17
C THR C 443 -24.29 -77.40 21.84
N LEU C 444 -24.96 -76.89 22.88
CA LEU C 444 -24.62 -75.61 23.48
C LEU C 444 -24.43 -75.77 24.97
N THR C 445 -23.31 -75.27 25.49
CA THR C 445 -23.00 -75.25 26.91
C THR C 445 -22.49 -73.86 27.30
N TYR C 446 -23.23 -73.19 28.19
CA TYR C 446 -22.87 -71.87 28.70
C TYR C 446 -22.71 -71.95 30.21
N TRP C 447 -21.48 -72.15 30.67
CA TRP C 447 -21.18 -72.28 32.09
C TRP C 447 -20.53 -71.00 32.60
N ASP C 448 -20.58 -70.82 33.93
CA ASP C 448 -19.94 -69.68 34.56
C ASP C 448 -18.43 -69.81 34.49
N GLU C 449 -17.76 -68.66 34.46
CA GLU C 449 -16.31 -68.58 34.36
C GLU C 449 -15.74 -68.19 35.73
N ASN C 450 -15.16 -69.16 36.43
CA ASN C 450 -15.10 -70.53 35.97
C ASN C 450 -15.38 -71.50 37.12
N GLU C 451 -16.65 -71.84 37.32
CA GLU C 451 -17.09 -72.69 38.41
C GLU C 451 -17.75 -73.94 37.84
N PRO C 452 -16.98 -74.97 37.50
CA PRO C 452 -17.60 -76.22 37.03
C PRO C 452 -18.38 -76.93 38.12
N ASN C 453 -17.89 -76.91 39.37
CA ASN C 453 -18.59 -77.47 40.52
C ASN C 453 -18.91 -78.96 40.30
N VAL C 454 -17.99 -79.68 39.68
CA VAL C 454 -18.14 -81.11 39.45
C VAL C 454 -17.60 -81.85 40.67
N PRO C 455 -18.42 -82.53 41.46
CA PRO C 455 -17.94 -83.21 42.66
C PRO C 455 -17.12 -84.45 42.34
N TYR C 456 -16.69 -85.16 43.38
CA TYR C 456 -15.91 -86.39 43.18
C TYR C 456 -16.76 -87.49 42.58
N ASN C 457 -17.83 -87.87 43.27
CA ASN C 457 -18.73 -88.91 42.79
C ASN C 457 -20.10 -88.70 43.41
N LYS C 458 -21.13 -88.71 42.58
CA LYS C 458 -22.50 -88.51 43.05
C LYS C 458 -23.47 -89.04 42.00
N THR C 459 -24.42 -89.86 42.45
CA THR C 459 -25.43 -90.38 41.52
C THR C 459 -26.40 -89.30 41.06
N PRO C 460 -26.99 -88.48 41.93
CA PRO C 460 -27.91 -87.44 41.44
C PRO C 460 -27.14 -86.24 40.90
N ASN C 461 -27.49 -85.83 39.68
CA ASN C 461 -26.89 -84.69 39.02
C ASN C 461 -27.91 -83.58 38.84
N CYS C 462 -27.44 -82.33 38.85
CA CYS C 462 -28.31 -81.18 38.75
C CYS C 462 -27.50 -80.01 38.20
N VAL C 463 -28.21 -79.04 37.61
CA VAL C 463 -27.57 -77.87 37.02
C VAL C 463 -28.57 -76.73 37.01
N SER C 464 -28.06 -75.50 37.12
CA SER C 464 -28.89 -74.34 37.43
C SER C 464 -28.35 -73.12 36.70
N TYR C 465 -29.29 -72.28 36.23
CA TYR C 465 -28.97 -70.93 35.81
C TYR C 465 -28.62 -70.07 37.02
N LEU C 466 -27.43 -69.45 36.95
CA LEU C 466 -26.96 -68.42 37.86
C LEU C 466 -26.69 -67.16 37.07
N GLY C 467 -26.77 -66.02 37.76
CA GLY C 467 -26.42 -64.75 37.15
C GLY C 467 -27.42 -64.24 36.14
N GLU C 468 -27.32 -62.96 35.77
CA GLU C 468 -28.28 -62.36 34.86
C GLU C 468 -28.12 -62.88 33.44
N LEU C 469 -26.88 -63.15 33.01
CA LEU C 469 -26.66 -63.64 31.65
C LEU C 469 -27.10 -65.08 31.46
N GLY C 470 -27.26 -65.84 32.54
CA GLY C 470 -27.72 -67.21 32.44
C GLY C 470 -26.62 -68.24 32.34
N GLN C 471 -25.65 -68.20 33.25
CA GLN C 471 -24.59 -69.19 33.27
C GLN C 471 -25.07 -70.48 33.93
N TRP C 472 -24.33 -71.57 33.69
CA TRP C 472 -24.66 -72.87 34.23
C TRP C 472 -23.73 -73.19 35.40
N LYS C 473 -24.32 -73.60 36.52
CA LYS C 473 -23.56 -74.03 37.69
C LYS C 473 -24.15 -75.32 38.23
N VAL C 474 -23.36 -76.02 39.04
CA VAL C 474 -23.78 -77.29 39.64
C VAL C 474 -23.90 -77.05 41.14
N GLN C 475 -25.13 -76.85 41.61
CA GLN C 475 -25.39 -76.69 43.03
C GLN C 475 -25.54 -78.07 43.68
N SER C 476 -25.74 -78.06 45.00
CA SER C 476 -26.01 -79.31 45.72
C SER C 476 -27.43 -79.81 45.52
N CYS C 477 -28.31 -78.98 44.97
CA CYS C 477 -29.73 -79.28 44.75
C CYS C 477 -30.33 -80.06 45.92
N GLU C 478 -30.17 -79.49 47.12
CA GLU C 478 -30.80 -80.00 48.33
C GLU C 478 -31.83 -79.05 48.91
N GLU C 479 -31.96 -77.86 48.32
CA GLU C 479 -32.90 -76.84 48.76
C GLU C 479 -34.03 -76.69 47.73
N LYS C 480 -34.88 -75.70 47.96
CA LYS C 480 -36.04 -75.44 47.11
C LYS C 480 -35.81 -74.17 46.30
N LEU C 481 -36.03 -74.26 44.99
CA LEU C 481 -35.81 -73.15 44.08
C LEU C 481 -36.80 -73.25 42.92
N LYS C 482 -36.85 -72.20 42.12
CA LYS C 482 -37.76 -72.13 40.99
C LYS C 482 -37.20 -72.91 39.79
N TYR C 483 -38.06 -73.10 38.78
CA TYR C 483 -37.67 -73.82 37.58
C TYR C 483 -38.62 -73.47 36.44
N VAL C 484 -38.22 -73.85 35.23
CA VAL C 484 -38.97 -73.59 34.00
C VAL C 484 -39.24 -74.92 33.31
N CYS C 485 -40.40 -75.06 32.68
CA CYS C 485 -40.73 -76.24 31.90
C CYS C 485 -41.52 -75.86 30.66
N LYS C 486 -41.53 -76.76 29.66
CA LYS C 486 -42.06 -76.45 28.34
C LYS C 486 -43.42 -77.08 28.11
N ARG C 487 -44.04 -76.65 27.00
CA ARG C 487 -45.17 -77.29 26.38
C ARG C 487 -44.97 -77.29 24.87
N LYS C 488 -45.43 -78.36 24.23
CA LYS C 488 -45.30 -78.52 22.79
C LYS C 488 -45.93 -77.36 22.02
N LYS C 508 -24.98 -65.91 8.35
CA LYS C 508 -25.64 -66.56 9.47
C LYS C 508 -26.93 -65.83 9.84
N ARG C 509 -27.70 -66.42 10.75
CA ARG C 509 -28.96 -65.84 11.18
C ARG C 509 -29.11 -66.03 12.69
N HIS C 510 -30.03 -65.25 13.27
CA HIS C 510 -30.32 -65.32 14.69
C HIS C 510 -31.79 -65.62 15.00
N GLY C 511 -32.71 -65.17 14.15
CA GLY C 511 -34.11 -65.38 14.41
C GLY C 511 -34.96 -64.16 14.08
N GLU C 512 -34.37 -62.98 14.18
CA GLU C 512 -35.08 -61.75 13.84
C GLU C 512 -34.24 -60.89 12.89
N THR C 513 -32.94 -61.16 12.82
CA THR C 513 -32.07 -60.47 11.87
C THR C 513 -30.91 -61.38 11.52
N CYS C 514 -30.26 -61.10 10.40
CA CYS C 514 -29.09 -61.84 9.96
C CYS C 514 -27.82 -61.07 10.28
N TYR C 515 -26.68 -61.75 10.13
CA TYR C 515 -25.37 -61.14 10.36
C TYR C 515 -24.41 -61.67 9.29
N LYS C 516 -23.96 -60.80 8.41
CA LYS C 516 -23.09 -61.18 7.30
C LYS C 516 -21.70 -60.59 7.49
N ILE C 517 -20.70 -61.33 7.01
CA ILE C 517 -19.31 -60.91 7.09
C ILE C 517 -18.70 -61.03 5.70
N TYR C 518 -17.77 -60.12 5.40
CA TYR C 518 -17.13 -60.06 4.10
C TYR C 518 -15.76 -60.75 4.15
N GLU C 519 -15.02 -60.67 3.05
CA GLU C 519 -13.71 -61.31 2.96
C GLU C 519 -12.60 -60.41 3.50
N ASP C 520 -12.51 -59.19 2.98
CA ASP C 520 -11.50 -58.24 3.41
C ASP C 520 -12.09 -56.84 3.43
N GLU C 521 -11.70 -56.04 4.43
CA GLU C 521 -12.20 -54.68 4.60
C GLU C 521 -11.01 -53.79 4.97
N VAL C 522 -10.40 -53.18 3.96
CA VAL C 522 -9.27 -52.28 4.17
C VAL C 522 -9.75 -50.90 4.65
N PRO C 523 -10.75 -50.27 4.02
CA PRO C 523 -11.22 -48.97 4.52
C PRO C 523 -12.02 -49.13 5.80
N PHE C 524 -12.54 -48.01 6.29
CA PHE C 524 -13.27 -47.96 7.56
C PHE C 524 -14.75 -47.73 7.27
N GLY C 525 -15.53 -48.80 7.32
CA GLY C 525 -16.97 -48.72 7.23
C GLY C 525 -17.52 -47.98 6.02
N THR C 526 -17.32 -48.53 4.82
CA THR C 526 -17.84 -47.91 3.61
C THR C 526 -19.14 -48.52 3.14
N ASN C 527 -19.52 -49.70 3.64
CA ASN C 527 -20.77 -50.35 3.28
C ASN C 527 -21.74 -50.48 4.43
N CYS C 528 -21.25 -50.72 5.66
CA CYS C 528 -22.11 -50.92 6.80
C CYS C 528 -21.52 -50.23 8.01
N ASN C 529 -22.38 -49.97 9.00
CA ASN C 529 -21.98 -49.39 10.28
C ASN C 529 -22.67 -50.17 11.39
N LEU C 530 -21.93 -51.09 12.02
CA LEU C 530 -22.51 -51.95 13.04
C LEU C 530 -22.77 -51.15 14.31
N THR C 531 -23.99 -51.26 14.83
CA THR C 531 -24.40 -50.57 16.04
C THR C 531 -24.98 -51.58 17.03
N ILE C 532 -24.53 -51.50 18.27
CA ILE C 532 -24.97 -52.39 19.33
C ILE C 532 -25.68 -51.58 20.40
N THR C 533 -26.63 -52.22 21.10
CA THR C 533 -27.39 -51.57 22.15
C THR C 533 -27.37 -52.31 23.49
N SER C 534 -27.32 -53.65 23.49
CA SER C 534 -27.38 -54.42 24.72
C SER C 534 -26.19 -55.37 24.79
N ARG C 535 -26.05 -56.02 25.95
CA ARG C 535 -24.94 -56.92 26.22
C ARG C 535 -25.13 -58.31 25.62
N PHE C 536 -26.36 -58.82 25.61
CA PHE C 536 -26.58 -60.14 25.03
C PHE C 536 -26.29 -60.12 23.52
N GLU C 537 -26.52 -59.00 22.86
CA GLU C 537 -26.14 -58.88 21.45
C GLU C 537 -24.64 -59.00 21.30
N GLN C 538 -23.88 -58.40 22.22
CA GLN C 538 -22.43 -58.55 22.21
C GLN C 538 -22.02 -60.00 22.44
N GLU C 539 -22.69 -60.69 23.35
CA GLU C 539 -22.39 -62.10 23.59
C GLU C 539 -22.68 -62.94 22.34
N TYR C 540 -23.80 -62.68 21.67
CA TYR C 540 -24.15 -63.44 20.47
C TYR C 540 -23.17 -63.17 19.34
N LEU C 541 -22.80 -61.91 19.16
CA LEU C 541 -21.82 -61.58 18.12
C LEU C 541 -20.45 -62.18 18.44
N ASN C 542 -20.08 -62.24 19.72
CA ASN C 542 -18.82 -62.87 20.10
C ASN C 542 -18.86 -64.36 19.81
N ASP C 543 -19.98 -65.02 20.12
CA ASP C 543 -20.11 -66.44 19.81
C ASP C 543 -20.02 -66.68 18.30
N LEU C 544 -20.67 -65.81 17.51
CA LEU C 544 -20.61 -65.97 16.05
C LEU C 544 -19.20 -65.76 15.52
N MET C 545 -18.50 -64.72 16.00
CA MET C 545 -17.15 -64.46 15.52
C MET C 545 -16.15 -65.51 16.01
N LYS C 546 -16.44 -66.16 17.14
CA LYS C 546 -15.59 -67.27 17.57
C LYS C 546 -15.88 -68.52 16.74
N LYS C 547 -17.14 -68.69 16.32
CA LYS C 547 -17.45 -69.78 15.39
C LYS C 547 -16.85 -69.53 14.02
N TYR C 548 -16.61 -68.25 13.67
CA TYR C 548 -16.00 -67.93 12.38
C TYR C 548 -14.48 -67.90 12.48
N ASP C 549 -13.95 -67.07 13.36
CA ASP C 549 -12.51 -66.89 13.50
C ASP C 549 -11.92 -67.98 14.38
N LYS C 550 -10.75 -68.49 13.98
CA LYS C 550 -10.07 -69.56 14.70
C LYS C 550 -8.64 -69.23 15.10
N SER C 551 -8.10 -68.08 14.68
CA SER C 551 -6.72 -67.71 14.97
C SER C 551 -6.70 -66.33 15.62
N LEU C 552 -5.50 -65.87 15.95
CA LEU C 552 -5.31 -64.58 16.58
C LEU C 552 -4.99 -63.52 15.53
N ARG C 553 -4.61 -62.32 15.97
CA ARG C 553 -4.25 -61.21 15.08
C ARG C 553 -5.41 -60.85 14.15
N LYS C 554 -6.59 -60.63 14.73
CA LYS C 554 -7.76 -60.26 13.97
C LYS C 554 -8.46 -59.10 14.67
N TYR C 555 -9.06 -58.22 13.88
CA TYR C 555 -9.73 -57.04 14.40
C TYR C 555 -11.12 -56.94 13.79
N PHE C 556 -12.00 -56.22 14.48
CA PHE C 556 -13.36 -55.97 14.04
C PHE C 556 -13.66 -54.48 14.13
N TRP C 557 -14.88 -54.11 13.76
CA TRP C 557 -15.33 -52.72 13.81
C TRP C 557 -16.66 -52.62 14.55
N THR C 558 -16.78 -51.60 15.39
CA THR C 558 -18.02 -51.28 16.07
C THR C 558 -18.33 -49.80 15.87
N GLY C 559 -19.60 -49.45 16.12
CA GLY C 559 -20.03 -48.08 15.93
C GLY C 559 -19.71 -47.17 17.09
N LEU C 560 -18.43 -46.88 17.29
CA LEU C 560 -18.00 -45.97 18.36
C LEU C 560 -16.82 -45.16 17.85
N ARG C 561 -17.06 -43.88 17.55
CA ARG C 561 -16.01 -42.96 17.11
C ARG C 561 -16.52 -41.54 17.30
N ASP C 562 -15.67 -40.57 17.01
CA ASP C 562 -16.03 -39.17 17.14
C ASP C 562 -15.17 -38.36 16.19
N VAL C 563 -15.79 -37.43 15.47
CA VAL C 563 -15.08 -36.60 14.50
C VAL C 563 -14.76 -35.20 15.03
N ASP C 564 -15.33 -34.83 16.18
CA ASP C 564 -15.07 -33.51 16.76
C ASP C 564 -13.71 -33.41 17.44
N SER C 565 -13.05 -34.55 17.69
CA SER C 565 -11.74 -34.57 18.34
C SER C 565 -11.77 -33.86 19.69
N CYS C 566 -12.87 -34.07 20.43
CA CYS C 566 -13.02 -33.46 21.74
C CYS C 566 -12.79 -34.42 22.88
N GLY C 567 -13.12 -35.70 22.71
CA GLY C 567 -12.97 -36.71 23.73
C GLY C 567 -14.24 -37.46 24.07
N GLU C 568 -15.40 -36.90 23.76
CA GLU C 568 -16.66 -37.58 24.04
C GLU C 568 -16.82 -38.79 23.11
N TYR C 569 -17.15 -39.93 23.69
CA TYR C 569 -17.33 -41.18 22.95
C TYR C 569 -18.78 -41.62 23.06
N ASN C 570 -19.40 -41.86 21.91
CA ASN C 570 -20.80 -42.26 21.85
C ASN C 570 -20.97 -43.29 20.75
N TRP C 571 -22.17 -43.85 20.65
CA TRP C 571 -22.48 -44.83 19.62
C TRP C 571 -22.46 -44.14 18.26
N ALA C 572 -21.42 -44.43 17.47
CA ALA C 572 -21.25 -43.78 16.18
C ALA C 572 -22.26 -44.30 15.16
N THR C 573 -22.43 -43.52 14.11
CA THR C 573 -23.36 -43.85 13.03
C THR C 573 -22.92 -43.08 11.78
N VAL C 574 -23.79 -43.04 10.78
CA VAL C 574 -23.51 -42.33 9.54
C VAL C 574 -24.13 -40.93 9.61
N GLY C 575 -24.46 -40.50 10.82
CA GLY C 575 -25.04 -39.18 11.02
C GLY C 575 -26.45 -39.22 11.59
N GLY C 576 -26.61 -38.65 12.79
CA GLY C 576 -27.92 -38.61 13.42
C GLY C 576 -28.04 -39.55 14.61
N ARG C 577 -26.96 -39.72 15.36
CA ARG C 577 -26.93 -40.59 16.52
C ARG C 577 -26.76 -39.73 17.76
N ARG C 578 -27.75 -39.78 18.67
CA ARG C 578 -27.71 -38.99 19.89
C ARG C 578 -28.15 -39.78 21.11
N ARG C 579 -28.12 -41.11 21.04
CA ARG C 579 -28.51 -41.94 22.17
C ARG C 579 -27.40 -41.94 23.22
N ALA C 580 -27.77 -42.34 24.44
CA ALA C 580 -26.84 -42.41 25.55
C ALA C 580 -26.28 -43.83 25.68
N VAL C 581 -25.00 -43.92 26.02
CA VAL C 581 -24.35 -45.21 26.18
C VAL C 581 -24.86 -45.86 27.46
N THR C 582 -25.31 -47.12 27.35
CA THR C 582 -25.83 -47.85 28.49
C THR C 582 -24.84 -48.81 29.11
N PHE C 583 -23.94 -49.39 28.31
CA PHE C 583 -22.94 -50.33 28.82
C PHE C 583 -21.65 -50.15 28.04
N SER C 584 -20.54 -50.53 28.67
CA SER C 584 -19.23 -50.44 28.03
C SER C 584 -18.31 -51.48 28.66
N ASN C 585 -17.67 -52.28 27.83
CA ASN C 585 -16.75 -53.32 28.28
C ASN C 585 -15.37 -53.08 27.66
N TRP C 586 -14.51 -52.39 28.42
CA TRP C 586 -13.16 -52.11 27.99
C TRP C 586 -12.17 -53.02 28.72
N ASN C 587 -10.91 -52.91 28.33
CA ASN C 587 -9.84 -53.64 29.01
C ASN C 587 -9.43 -52.89 30.26
N PHE C 588 -8.28 -53.26 30.85
CA PHE C 588 -7.77 -52.55 32.00
C PHE C 588 -7.56 -51.07 31.69
N LEU C 589 -6.69 -50.78 30.71
CA LEU C 589 -6.47 -49.41 30.24
C LEU C 589 -6.44 -49.42 28.70
N GLU C 590 -7.62 -49.33 28.10
CA GLU C 590 -7.71 -49.20 26.64
C GLU C 590 -7.49 -47.75 26.19
N PRO C 591 -8.29 -46.77 26.66
CA PRO C 591 -8.25 -45.44 26.02
C PRO C 591 -6.97 -44.68 26.31
N ALA C 592 -6.17 -44.45 25.28
CA ALA C 592 -4.97 -43.63 25.37
C ALA C 592 -4.90 -42.55 24.30
N SER C 593 -5.93 -42.44 23.45
CA SER C 593 -5.97 -41.44 22.39
C SER C 593 -7.30 -40.69 22.44
N PRO C 594 -7.27 -39.36 22.35
CA PRO C 594 -8.50 -38.55 22.38
C PRO C 594 -9.26 -38.54 21.06
N GLY C 595 -9.64 -39.72 20.60
CA GLY C 595 -10.36 -39.85 19.35
C GLY C 595 -10.07 -41.19 18.71
N GLY C 596 -10.37 -41.28 17.42
CA GLY C 596 -10.15 -42.50 16.67
C GLY C 596 -11.39 -43.37 16.62
N CYS C 597 -11.21 -44.55 16.04
CA CYS C 597 -12.27 -45.54 15.90
C CYS C 597 -11.83 -46.84 16.56
N VAL C 598 -12.63 -47.31 17.51
CA VAL C 598 -12.28 -48.49 18.30
C VAL C 598 -12.43 -49.74 17.46
N ALA C 599 -11.80 -50.83 17.89
CA ALA C 599 -11.87 -52.11 17.20
C ALA C 599 -12.23 -53.23 18.17
N MET C 600 -12.18 -54.48 17.71
CA MET C 600 -12.51 -55.62 18.54
C MET C 600 -11.58 -56.77 18.17
N SER C 601 -10.77 -57.22 19.12
CA SER C 601 -9.88 -58.35 18.91
C SER C 601 -10.41 -59.58 19.65
N THR C 602 -9.92 -60.75 19.21
CA THR C 602 -10.33 -62.02 19.80
C THR C 602 -9.14 -62.90 20.15
N GLY C 603 -7.96 -62.30 20.36
CA GLY C 603 -6.78 -63.07 20.70
C GLY C 603 -6.82 -63.62 22.11
N LYS C 604 -6.71 -62.75 23.11
CA LYS C 604 -6.77 -63.14 24.51
C LYS C 604 -7.95 -62.50 25.24
N SER C 605 -8.08 -61.17 25.16
CA SER C 605 -9.21 -60.46 25.76
C SER C 605 -10.37 -60.46 24.76
N VAL C 606 -10.96 -61.64 24.61
CA VAL C 606 -11.98 -61.85 23.58
C VAL C 606 -13.25 -61.11 23.97
N GLY C 607 -13.78 -60.31 23.04
CA GLY C 607 -15.02 -59.61 23.26
C GLY C 607 -14.89 -58.21 23.85
N LYS C 608 -13.67 -57.69 23.97
CA LYS C 608 -13.45 -56.37 24.54
C LYS C 608 -13.19 -55.35 23.43
N TRP C 609 -13.35 -54.08 23.79
CA TRP C 609 -13.27 -52.97 22.83
C TRP C 609 -11.84 -52.43 22.79
N GLU C 610 -11.08 -52.89 21.80
CA GLU C 610 -9.77 -52.33 21.55
C GLU C 610 -9.90 -51.00 20.81
N VAL C 611 -9.02 -50.04 21.15
CA VAL C 611 -9.06 -48.71 20.58
C VAL C 611 -7.75 -48.45 19.85
N LYS C 612 -7.84 -47.83 18.68
CA LYS C 612 -6.69 -47.52 17.84
C LYS C 612 -7.09 -46.45 16.83
N ASP C 613 -6.09 -45.69 16.37
CA ASP C 613 -6.34 -44.68 15.36
C ASP C 613 -6.87 -45.33 14.09
N CYS C 614 -7.85 -44.67 13.46
CA CYS C 614 -8.54 -45.21 12.30
C CYS C 614 -8.28 -44.39 11.05
N ARG C 615 -7.04 -43.94 10.86
CA ARG C 615 -6.69 -43.25 9.62
C ARG C 615 -6.69 -44.22 8.45
N SER C 616 -5.88 -45.28 8.53
CA SER C 616 -5.86 -46.34 7.52
C SER C 616 -5.52 -47.63 8.26
N PHE C 617 -6.55 -48.38 8.67
CA PHE C 617 -6.38 -49.58 9.47
C PHE C 617 -7.23 -50.69 8.87
N LYS C 618 -6.56 -51.68 8.28
CA LYS C 618 -7.27 -52.82 7.68
C LYS C 618 -7.87 -53.69 8.77
N ALA C 619 -9.19 -53.78 8.80
CA ALA C 619 -9.89 -54.59 9.80
C ALA C 619 -11.27 -54.94 9.26
N LEU C 620 -11.67 -56.19 9.47
CA LEU C 620 -12.97 -56.66 8.99
C LEU C 620 -14.10 -56.11 9.86
N SER C 621 -15.33 -56.33 9.42
CA SER C 621 -16.50 -55.86 10.14
C SER C 621 -17.70 -56.70 9.75
N ILE C 622 -18.54 -57.01 10.73
CA ILE C 622 -19.77 -57.77 10.51
C ILE C 622 -20.94 -56.81 10.47
N CYS C 623 -21.87 -57.04 9.54
CA CYS C 623 -23.01 -56.16 9.33
C CYS C 623 -24.29 -56.92 9.65
N LYS C 624 -25.15 -56.29 10.46
CA LYS C 624 -26.43 -56.87 10.81
C LYS C 624 -27.36 -56.81 9.61
N LYS C 625 -27.82 -57.98 9.15
CA LYS C 625 -28.71 -58.04 7.99
C LYS C 625 -30.07 -58.60 8.36
N CYS C 643 -59.71 -16.47 1.00
CA CYS C 643 -59.92 -17.10 -0.30
C CYS C 643 -60.20 -16.08 -1.40
N PRO C 644 -59.15 -15.41 -1.88
CA PRO C 644 -59.33 -14.40 -2.94
C PRO C 644 -59.84 -15.02 -4.24
N GLU C 645 -59.15 -16.04 -4.74
CA GLU C 645 -59.53 -16.70 -5.98
C GLU C 645 -58.87 -18.06 -6.04
N GLY C 646 -59.67 -19.12 -6.14
CA GLY C 646 -59.15 -20.46 -6.23
C GLY C 646 -58.43 -20.92 -4.98
N TRP C 647 -59.11 -20.85 -3.84
CA TRP C 647 -58.53 -21.23 -2.55
C TRP C 647 -59.53 -22.06 -1.76
N GLN C 648 -59.02 -23.10 -1.11
CA GLN C 648 -59.85 -24.00 -0.31
C GLN C 648 -59.08 -24.36 0.94
N SER C 649 -59.72 -24.20 2.10
CA SER C 649 -59.06 -24.45 3.38
C SER C 649 -60.10 -24.52 4.48
N PHE C 650 -59.62 -24.87 5.68
CA PHE C 650 -60.45 -24.96 6.88
C PHE C 650 -59.66 -24.44 8.07
N PRO C 651 -60.28 -23.65 8.93
CA PRO C 651 -59.57 -23.11 10.09
C PRO C 651 -59.68 -23.99 11.33
N ALA C 652 -60.19 -25.21 11.16
CA ALA C 652 -60.36 -26.12 12.30
C ALA C 652 -59.02 -26.63 12.83
N SER C 653 -57.92 -26.40 12.12
CA SER C 653 -56.59 -26.77 12.59
C SER C 653 -55.67 -25.57 12.70
N LEU C 654 -56.22 -24.37 12.57
CA LEU C 654 -55.45 -23.11 12.68
C LEU C 654 -54.30 -23.09 11.66
N SER C 655 -54.58 -23.56 10.45
CA SER C 655 -53.57 -23.58 9.39
C SER C 655 -54.27 -23.75 8.05
N CYS C 656 -53.70 -23.16 7.01
CA CYS C 656 -54.24 -23.24 5.66
C CYS C 656 -53.50 -24.31 4.89
N TYR C 657 -54.22 -25.37 4.48
CA TYR C 657 -53.63 -26.50 3.80
C TYR C 657 -53.75 -26.33 2.28
N LYS C 658 -52.85 -27.00 1.55
CA LYS C 658 -52.87 -27.01 0.09
C LYS C 658 -52.39 -28.40 -0.33
N VAL C 659 -53.34 -29.28 -0.63
CA VAL C 659 -53.06 -30.67 -0.99
C VAL C 659 -53.65 -30.92 -2.38
N PHE C 660 -53.23 -32.00 -3.03
CA PHE C 660 -53.70 -32.34 -4.36
C PHE C 660 -54.04 -33.82 -4.41
N HIS C 661 -54.83 -34.19 -5.41
CA HIS C 661 -55.25 -35.57 -5.59
C HIS C 661 -54.12 -36.37 -6.25
N ALA C 662 -54.42 -37.59 -6.69
CA ALA C 662 -53.44 -38.45 -7.33
C ALA C 662 -53.74 -38.71 -8.80
N GLU C 663 -54.81 -38.13 -9.34
CA GLU C 663 -55.18 -38.34 -10.74
C GLU C 663 -55.18 -37.06 -11.56
N ARG C 664 -55.69 -35.96 -11.01
CA ARG C 664 -55.73 -34.70 -11.74
C ARG C 664 -54.36 -34.04 -11.85
N ILE C 665 -53.36 -34.53 -11.12
CA ILE C 665 -52.05 -33.92 -11.14
C ILE C 665 -51.24 -34.43 -12.32
N VAL C 666 -50.15 -33.72 -12.63
CA VAL C 666 -49.25 -34.16 -13.69
C VAL C 666 -48.39 -35.32 -13.20
N ARG C 667 -47.63 -35.09 -12.13
CA ARG C 667 -46.79 -36.11 -11.53
C ARG C 667 -47.11 -36.20 -10.04
N LYS C 668 -46.92 -37.39 -9.48
CA LYS C 668 -47.23 -37.63 -8.08
C LYS C 668 -46.45 -36.66 -7.19
N ARG C 669 -47.18 -35.86 -6.41
CA ARG C 669 -46.59 -34.82 -5.59
C ARG C 669 -46.78 -35.14 -4.12
N ASN C 670 -45.73 -34.90 -3.34
CA ASN C 670 -45.72 -35.19 -1.91
C ASN C 670 -45.28 -33.93 -1.17
N TRP C 671 -45.02 -34.06 0.13
CA TRP C 671 -44.58 -32.93 0.94
C TRP C 671 -43.08 -32.71 0.90
N GLU C 672 -42.32 -33.56 0.19
CA GLU C 672 -40.87 -33.52 0.25
C GLU C 672 -40.27 -32.22 -0.28
N GLU C 673 -40.43 -31.95 -1.57
CA GLU C 673 -39.81 -30.80 -2.21
C GLU C 673 -40.69 -29.55 -2.14
N ALA C 674 -41.72 -29.56 -1.30
CA ALA C 674 -42.58 -28.38 -1.16
C ALA C 674 -41.79 -27.17 -0.68
N GLU C 675 -40.69 -27.40 0.04
CA GLU C 675 -39.84 -26.29 0.48
C GLU C 675 -39.22 -25.53 -0.69
N ARG C 676 -39.28 -26.08 -1.90
CA ARG C 676 -38.80 -25.35 -3.07
C ARG C 676 -39.87 -24.43 -3.63
N PHE C 677 -41.15 -24.71 -3.35
CA PHE C 677 -42.24 -23.94 -3.92
C PHE C 677 -43.12 -23.24 -2.90
N CYS C 678 -43.28 -23.81 -1.70
CA CYS C 678 -44.15 -23.22 -0.69
C CYS C 678 -43.41 -22.35 0.32
N GLN C 679 -42.10 -22.58 0.52
CA GLN C 679 -41.32 -21.77 1.43
C GLN C 679 -41.30 -20.29 1.06
N ALA C 680 -41.61 -19.95 -0.20
CA ALA C 680 -41.70 -18.56 -0.60
C ALA C 680 -42.87 -17.82 0.06
N LEU C 681 -43.76 -18.55 0.73
CA LEU C 681 -44.87 -17.93 1.45
C LEU C 681 -44.79 -18.14 2.95
N GLY C 682 -43.67 -18.63 3.48
CA GLY C 682 -43.54 -18.89 4.89
C GLY C 682 -44.29 -20.14 5.30
N ALA C 683 -44.16 -21.20 4.51
CA ALA C 683 -44.87 -22.45 4.73
C ALA C 683 -43.94 -23.53 5.23
N HIS C 684 -44.53 -24.55 5.84
CA HIS C 684 -43.77 -25.62 6.48
C HIS C 684 -44.56 -26.92 6.35
N LEU C 685 -44.20 -27.91 7.16
CA LEU C 685 -44.88 -29.20 7.15
C LEU C 685 -46.30 -29.06 7.70
N SER C 686 -46.99 -30.20 7.78
CA SER C 686 -48.38 -30.22 8.24
C SER C 686 -48.42 -29.75 9.69
N SER C 687 -48.96 -28.56 9.91
CA SER C 687 -48.92 -27.91 11.22
C SER C 687 -50.22 -28.20 11.97
N PHE C 688 -50.20 -29.28 12.74
CA PHE C 688 -51.29 -29.63 13.64
C PHE C 688 -50.77 -29.69 15.08
N SER C 689 -51.58 -29.19 16.00
CA SER C 689 -51.16 -29.05 17.40
C SER C 689 -51.56 -30.26 18.25
N HIS C 690 -52.86 -30.53 18.33
CA HIS C 690 -53.37 -31.60 19.17
C HIS C 690 -53.73 -32.81 18.31
N VAL C 691 -54.20 -33.87 18.98
CA VAL C 691 -54.60 -35.09 18.27
C VAL C 691 -55.90 -34.89 17.51
N ASP C 692 -56.73 -33.94 17.92
CA ASP C 692 -57.96 -33.66 17.17
C ASP C 692 -57.65 -33.09 15.79
N GLU C 693 -56.60 -32.27 15.70
CA GLU C 693 -56.24 -31.69 14.42
C GLU C 693 -55.73 -32.75 13.45
N ILE C 694 -54.88 -33.67 13.93
CA ILE C 694 -54.40 -34.73 13.05
C ILE C 694 -55.52 -35.71 12.73
N LYS C 695 -56.47 -35.90 13.64
CA LYS C 695 -57.62 -36.74 13.34
C LYS C 695 -58.47 -36.13 12.23
N GLU C 696 -58.71 -34.82 12.31
CA GLU C 696 -59.44 -34.14 11.24
C GLU C 696 -58.67 -34.18 9.93
N PHE C 697 -57.34 -34.07 9.99
CA PHE C 697 -56.52 -34.15 8.79
C PHE C 697 -56.64 -35.53 8.14
N LEU C 698 -56.59 -36.59 8.96
CA LEU C 698 -56.78 -37.93 8.43
C LEU C 698 -58.19 -38.11 7.87
N HIS C 699 -59.18 -37.50 8.51
CA HIS C 699 -60.54 -37.56 7.99
C HIS C 699 -60.64 -36.93 6.61
N PHE C 700 -60.04 -35.74 6.44
CA PHE C 700 -60.10 -35.07 5.15
C PHE C 700 -59.26 -35.81 4.10
N LEU C 701 -58.18 -36.46 4.52
CA LEU C 701 -57.35 -37.21 3.58
C LEU C 701 -57.96 -38.57 3.21
N THR C 702 -58.87 -39.09 4.03
CA THR C 702 -59.52 -40.36 3.73
C THR C 702 -60.91 -40.19 3.11
N ASP C 703 -61.53 -39.01 3.23
CA ASP C 703 -62.86 -38.80 2.69
C ASP C 703 -62.82 -38.37 1.23
N GLN C 704 -62.00 -37.38 0.90
CA GLN C 704 -61.89 -36.88 -0.46
C GLN C 704 -60.95 -37.71 -1.33
N PHE C 705 -60.32 -38.74 -0.77
CA PHE C 705 -59.39 -39.58 -1.50
C PHE C 705 -59.74 -41.04 -1.28
N SER C 706 -59.59 -41.84 -2.34
CA SER C 706 -59.94 -43.26 -2.30
C SER C 706 -58.73 -44.18 -2.24
N GLY C 707 -57.68 -43.87 -3.02
CA GLY C 707 -56.52 -44.72 -3.04
C GLY C 707 -55.71 -44.63 -1.76
N GLN C 708 -54.83 -45.62 -1.58
CA GLN C 708 -53.95 -45.71 -0.42
C GLN C 708 -52.51 -45.55 -0.87
N HIS C 709 -51.86 -44.49 -0.40
CA HIS C 709 -50.47 -44.23 -0.76
C HIS C 709 -49.89 -43.25 0.26
N TRP C 710 -48.60 -43.42 0.56
CA TRP C 710 -47.91 -42.63 1.57
C TRP C 710 -47.35 -41.37 0.90
N LEU C 711 -48.17 -40.32 0.89
CA LEU C 711 -47.69 -39.03 0.37
C LEU C 711 -46.55 -38.52 1.25
N TRP C 712 -46.89 -38.13 2.48
CA TRP C 712 -45.98 -37.76 3.56
C TRP C 712 -46.84 -37.37 4.75
N ILE C 713 -46.23 -37.37 5.93
CA ILE C 713 -46.84 -36.83 7.14
C ILE C 713 -45.86 -35.87 7.79
N GLY C 714 -46.38 -34.79 8.37
CA GLY C 714 -45.54 -33.78 8.97
C GLY C 714 -44.92 -34.21 10.29
N LEU C 715 -44.22 -35.33 10.27
CA LEU C 715 -43.48 -35.83 11.42
C LEU C 715 -42.01 -35.96 11.03
N ASN C 716 -41.14 -35.25 11.74
CA ASN C 716 -39.74 -35.19 11.37
C ASN C 716 -38.86 -35.32 12.59
N LYS C 717 -37.81 -36.13 12.46
CA LYS C 717 -36.79 -36.30 13.50
C LYS C 717 -35.41 -36.29 12.87
N ARG C 718 -35.21 -35.39 11.91
CA ARG C 718 -33.99 -35.41 11.10
C ARG C 718 -32.80 -34.90 11.89
N SER C 719 -32.94 -33.73 12.52
CA SER C 719 -31.82 -33.11 13.20
C SER C 719 -31.35 -33.97 14.37
N PRO C 720 -30.04 -34.19 14.53
CA PRO C 720 -29.56 -35.00 15.66
C PRO C 720 -29.72 -34.33 17.01
N ASP C 721 -30.02 -33.04 17.04
CA ASP C 721 -30.20 -32.31 18.29
C ASP C 721 -31.56 -32.57 18.94
N LEU C 722 -32.31 -33.57 18.48
CA LEU C 722 -33.60 -33.87 19.08
C LEU C 722 -33.46 -34.41 20.49
N GLN C 723 -32.40 -35.16 20.77
CA GLN C 723 -32.14 -35.72 22.10
C GLN C 723 -33.31 -36.55 22.60
N GLY C 724 -33.87 -37.38 21.72
CA GLY C 724 -34.99 -38.22 22.06
C GLY C 724 -36.35 -37.57 21.99
N SER C 725 -36.42 -36.24 22.06
CA SER C 725 -37.68 -35.53 21.97
C SER C 725 -38.10 -35.41 20.51
N TRP C 726 -39.14 -34.62 20.24
CA TRP C 726 -39.65 -34.43 18.89
C TRP C 726 -39.62 -32.96 18.54
N GLN C 727 -39.31 -32.67 17.28
CA GLN C 727 -39.20 -31.32 16.75
C GLN C 727 -40.28 -31.09 15.70
N TRP C 728 -40.60 -29.82 15.47
CA TRP C 728 -41.66 -29.43 14.54
C TRP C 728 -41.14 -28.25 13.74
N SER C 729 -42.05 -27.52 13.07
CA SER C 729 -41.65 -26.46 12.16
C SER C 729 -42.25 -25.09 12.45
N ASP C 730 -43.51 -24.99 12.87
CA ASP C 730 -44.16 -23.68 12.98
C ASP C 730 -45.23 -23.72 14.06
N ARG C 731 -44.88 -23.21 15.24
CA ARG C 731 -45.84 -22.92 16.30
C ARG C 731 -46.72 -24.12 16.64
N THR C 732 -46.08 -25.27 16.86
CA THR C 732 -46.78 -26.50 17.20
C THR C 732 -45.99 -27.27 18.25
N PRO C 733 -46.22 -26.97 19.53
CA PRO C 733 -45.58 -27.77 20.59
C PRO C 733 -46.21 -29.14 20.69
N VAL C 734 -45.38 -30.18 20.69
CA VAL C 734 -45.87 -31.54 20.74
C VAL C 734 -46.46 -31.84 22.11
N SER C 735 -47.66 -32.42 22.13
CA SER C 735 -48.32 -32.78 23.38
C SER C 735 -48.98 -34.16 23.35
N THR C 736 -49.13 -34.79 22.19
CA THR C 736 -49.75 -36.10 22.09
C THR C 736 -48.75 -37.11 21.52
N ILE C 737 -49.04 -38.39 21.75
CA ILE C 737 -48.19 -39.47 21.28
C ILE C 737 -48.64 -39.85 19.87
N ILE C 738 -47.80 -39.58 18.88
CA ILE C 738 -48.11 -39.88 17.49
C ILE C 738 -46.94 -40.61 16.84
N MET C 739 -45.83 -40.70 17.56
CA MET C 739 -44.61 -41.31 17.02
C MET C 739 -44.18 -42.49 17.87
N PRO C 740 -44.31 -43.72 17.39
CA PRO C 740 -43.80 -44.88 18.15
C PRO C 740 -42.31 -45.10 17.91
N ASN C 741 -41.78 -46.19 18.46
CA ASN C 741 -40.37 -46.53 18.31
C ASN C 741 -40.25 -47.92 17.70
N GLU C 742 -39.29 -48.09 16.80
CA GLU C 742 -39.05 -49.37 16.14
C GLU C 742 -37.54 -49.55 15.97
N PHE C 743 -37.05 -50.74 16.30
CA PHE C 743 -35.63 -51.05 16.17
C PHE C 743 -35.30 -51.33 14.71
N GLN C 744 -34.33 -50.60 14.16
CA GLN C 744 -33.90 -50.79 12.79
C GLN C 744 -32.38 -50.68 12.73
N GLN C 745 -31.79 -51.34 11.72
CA GLN C 745 -30.34 -51.29 11.55
C GLN C 745 -29.88 -49.87 11.25
N ASP C 746 -30.63 -49.14 10.44
CA ASP C 746 -30.33 -47.76 10.09
C ASP C 746 -31.42 -46.81 10.59
N TYR C 747 -31.88 -47.02 11.83
CA TYR C 747 -32.92 -46.17 12.40
C TYR C 747 -32.44 -44.74 12.58
N ASP C 748 -31.13 -44.54 12.74
CA ASP C 748 -30.55 -43.21 12.90
C ASP C 748 -30.30 -42.51 11.57
N ILE C 749 -30.66 -43.12 10.44
CA ILE C 749 -30.49 -42.53 9.12
C ILE C 749 -31.82 -42.12 8.52
N ARG C 750 -32.74 -43.08 8.33
CA ARG C 750 -34.08 -42.78 7.89
C ARG C 750 -34.84 -42.09 9.02
N ASP C 751 -35.00 -40.78 8.92
CA ASP C 751 -35.56 -40.00 10.02
C ASP C 751 -36.74 -39.14 9.57
N CYS C 752 -37.60 -39.67 8.70
CA CYS C 752 -38.83 -39.00 8.30
C CYS C 752 -39.99 -39.97 8.49
N ALA C 753 -40.82 -39.70 9.50
CA ALA C 753 -41.90 -40.61 9.86
C ALA C 753 -43.14 -40.31 9.03
N ALA C 754 -43.95 -41.34 8.79
CA ALA C 754 -45.18 -41.20 8.03
C ALA C 754 -46.12 -42.33 8.41
N VAL C 755 -47.42 -42.07 8.25
CA VAL C 755 -48.45 -43.07 8.51
C VAL C 755 -49.12 -43.42 7.17
N LYS C 756 -49.96 -44.45 7.21
CA LYS C 756 -50.66 -44.92 6.02
C LYS C 756 -52.14 -44.57 6.11
N VAL C 757 -52.67 -44.02 5.01
CA VAL C 757 -54.10 -43.78 4.87
C VAL C 757 -54.71 -44.94 4.08
N PHE C 758 -55.92 -45.34 4.46
CA PHE C 758 -56.58 -46.48 3.86
C PHE C 758 -57.83 -46.05 3.10
N HIS C 759 -58.40 -46.99 2.36
CA HIS C 759 -59.62 -46.76 1.59
C HIS C 759 -60.89 -46.96 2.42
N ARG C 760 -60.76 -47.05 3.74
CA ARG C 760 -61.91 -47.23 4.62
C ARG C 760 -62.31 -45.91 5.25
N PRO C 761 -63.62 -45.68 5.45
CA PRO C 761 -64.08 -44.43 6.05
C PRO C 761 -63.88 -44.36 7.56
N TRP C 762 -63.37 -45.42 8.19
CA TRP C 762 -63.16 -45.46 9.64
C TRP C 762 -61.69 -45.75 9.90
N ARG C 763 -60.93 -44.71 10.24
CA ARG C 763 -59.51 -44.82 10.56
C ARG C 763 -59.28 -44.12 11.89
N ARG C 764 -59.43 -44.87 12.99
CA ARG C 764 -59.30 -44.31 14.34
C ARG C 764 -57.87 -44.50 14.84
N GLY C 765 -56.94 -43.82 14.17
CA GLY C 765 -55.54 -43.85 14.55
C GLY C 765 -54.78 -45.09 14.15
N TRP C 766 -55.47 -46.19 13.85
CA TRP C 766 -54.82 -47.45 13.48
C TRP C 766 -54.28 -47.32 12.07
N HIS C 767 -53.06 -46.77 11.96
CA HIS C 767 -52.40 -46.57 10.69
C HIS C 767 -51.04 -47.26 10.69
N PHE C 768 -50.55 -47.59 9.50
CA PHE C 768 -49.26 -48.25 9.36
C PHE C 768 -48.16 -47.20 9.42
N TYR C 769 -47.31 -47.28 10.44
CA TYR C 769 -46.21 -46.34 10.61
C TYR C 769 -44.99 -46.82 9.84
N ASP C 770 -44.23 -45.85 9.31
CA ASP C 770 -43.03 -46.14 8.54
C ASP C 770 -42.08 -44.96 8.63
N ASP C 771 -40.81 -45.23 8.31
CA ASP C 771 -39.77 -44.22 8.37
C ASP C 771 -38.95 -44.27 7.08
N ARG C 772 -38.66 -43.10 6.52
CA ARG C 772 -37.89 -42.99 5.29
C ARG C 772 -36.86 -41.88 5.37
N GLU C 773 -36.16 -41.62 4.26
CA GLU C 773 -35.09 -40.65 4.21
C GLU C 773 -35.63 -39.27 3.84
N PHE C 774 -34.73 -38.34 3.50
CA PHE C 774 -35.09 -36.96 3.21
C PHE C 774 -34.55 -36.47 1.87
N ILE C 775 -34.07 -37.37 1.02
CA ILE C 775 -33.45 -36.98 -0.24
C ILE C 775 -34.38 -37.23 -1.44
N TYR C 776 -35.69 -37.25 -1.20
CA TYR C 776 -36.65 -37.46 -2.27
C TYR C 776 -36.91 -36.16 -3.02
N LEU C 777 -37.66 -36.25 -4.12
CA LEU C 777 -38.00 -35.09 -4.94
C LEU C 777 -39.40 -35.29 -5.48
N ARG C 778 -40.39 -34.63 -4.85
CA ARG C 778 -41.78 -34.73 -5.26
C ARG C 778 -42.38 -33.32 -5.31
N PRO C 779 -43.22 -33.02 -6.30
CA PRO C 779 -43.77 -31.66 -6.44
C PRO C 779 -44.55 -31.20 -5.21
N PHE C 780 -44.89 -29.92 -5.21
CA PHE C 780 -45.31 -29.23 -4.00
C PHE C 780 -46.70 -29.66 -3.52
N ALA C 781 -46.82 -29.82 -2.20
CA ALA C 781 -48.12 -29.95 -1.54
C ALA C 781 -47.90 -29.53 -0.09
N CYS C 782 -48.30 -28.30 0.25
CA CYS C 782 -47.75 -27.62 1.42
C CYS C 782 -48.87 -26.89 2.17
N ASP C 783 -48.53 -26.36 3.34
CA ASP C 783 -49.48 -25.63 4.16
C ASP C 783 -48.78 -24.47 4.87
N THR C 784 -49.55 -23.42 5.13
CA THR C 784 -49.02 -22.19 5.71
C THR C 784 -49.91 -21.74 6.86
N LYS C 785 -49.28 -21.24 7.92
CA LYS C 785 -50.01 -20.71 9.07
C LYS C 785 -50.78 -19.46 8.67
N LEU C 786 -52.06 -19.40 9.03
CA LEU C 786 -52.92 -18.28 8.70
C LEU C 786 -52.84 -17.14 9.71
N GLU C 787 -51.96 -17.23 10.70
CA GLU C 787 -51.84 -16.20 11.71
C GLU C 787 -51.17 -14.95 11.14
N LEU C 816 -84.04 -13.12 12.29
CA LEU C 816 -82.72 -13.70 12.32
C LEU C 816 -82.75 -15.16 11.87
N ILE C 817 -81.85 -15.52 10.94
CA ILE C 817 -81.78 -16.89 10.47
C ILE C 817 -81.19 -17.78 11.57
N ILE C 818 -81.69 -19.01 11.66
CA ILE C 818 -81.23 -19.93 12.69
C ILE C 818 -79.82 -20.42 12.36
N GLU C 819 -78.99 -20.55 13.40
CA GLU C 819 -77.62 -21.05 13.29
C GLU C 819 -76.80 -20.20 12.31
N GLY C 820 -76.65 -18.94 12.66
CA GLY C 820 -75.86 -18.02 11.87
C GLY C 820 -76.36 -16.60 12.02
N SER C 821 -75.53 -15.66 11.56
CA SER C 821 -75.87 -14.24 11.59
C SER C 821 -76.73 -13.90 10.38
N GLU C 822 -77.18 -12.65 10.30
CA GLU C 822 -78.05 -12.23 9.22
C GLU C 822 -77.32 -12.24 7.89
N TYR C 823 -78.07 -12.54 6.82
CA TYR C 823 -77.54 -12.65 5.48
C TYR C 823 -78.19 -11.58 4.61
N TRP C 824 -77.36 -10.76 3.96
CA TRP C 824 -77.83 -9.68 3.09
C TRP C 824 -77.95 -10.23 1.67
N PHE C 825 -79.18 -10.38 1.19
CA PHE C 825 -79.44 -10.82 -0.17
C PHE C 825 -79.51 -9.58 -1.06
N VAL C 826 -78.78 -9.59 -2.17
CA VAL C 826 -78.82 -8.46 -3.11
C VAL C 826 -79.76 -8.83 -4.25
N ALA C 827 -80.66 -7.91 -4.59
CA ALA C 827 -81.62 -8.09 -5.67
C ALA C 827 -81.58 -6.87 -6.58
N ASP C 828 -82.05 -7.07 -7.82
CA ASP C 828 -82.07 -6.04 -8.86
C ASP C 828 -80.69 -5.45 -9.13
N LEU C 829 -79.63 -6.17 -8.76
CA LEU C 829 -78.25 -5.74 -8.98
C LEU C 829 -77.43 -6.99 -9.29
N HIS C 830 -77.24 -7.25 -10.58
CA HIS C 830 -76.55 -8.45 -11.04
C HIS C 830 -75.07 -8.13 -11.26
N LEU C 831 -74.21 -8.73 -10.45
CA LEU C 831 -72.77 -8.55 -10.56
C LEU C 831 -72.08 -9.91 -10.57
N ASN C 832 -70.84 -9.91 -11.03
CA ASN C 832 -70.05 -11.14 -11.09
C ASN C 832 -69.46 -11.45 -9.71
N TYR C 833 -68.55 -12.41 -9.65
CA TYR C 833 -67.95 -12.81 -8.37
C TYR C 833 -67.01 -11.73 -7.85
N GLU C 834 -66.15 -11.20 -8.72
CA GLU C 834 -65.18 -10.20 -8.29
C GLU C 834 -65.87 -8.92 -7.82
N GLU C 835 -66.83 -8.43 -8.61
CA GLU C 835 -67.57 -7.23 -8.22
C GLU C 835 -68.31 -7.45 -6.91
N ALA C 836 -68.88 -8.65 -6.73
CA ALA C 836 -69.59 -8.94 -5.48
C ALA C 836 -68.64 -8.90 -4.29
N VAL C 837 -67.52 -9.63 -4.39
CA VAL C 837 -66.62 -9.74 -3.25
C VAL C 837 -65.89 -8.42 -2.99
N LEU C 838 -65.84 -7.53 -3.97
CA LEU C 838 -65.23 -6.21 -3.75
C LEU C 838 -66.22 -5.14 -3.32
N TYR C 839 -67.51 -5.30 -3.60
CA TYR C 839 -68.51 -4.29 -3.23
C TYR C 839 -69.20 -4.64 -1.93
N CYS C 840 -69.72 -5.87 -1.80
CA CYS C 840 -70.51 -6.21 -0.63
C CYS C 840 -69.65 -6.36 0.62
N ALA C 841 -68.37 -6.72 0.46
CA ALA C 841 -67.49 -6.87 1.60
C ALA C 841 -67.15 -5.51 2.19
N SER C 842 -67.00 -5.47 3.51
CA SER C 842 -66.70 -4.24 4.23
C SER C 842 -65.86 -4.58 5.44
N ASN C 843 -65.75 -3.64 6.38
CA ASN C 843 -64.97 -3.87 7.59
C ASN C 843 -65.56 -4.99 8.43
N HIS C 844 -66.89 -5.14 8.42
CA HIS C 844 -67.56 -6.21 9.14
C HIS C 844 -68.26 -7.21 8.24
N SER C 845 -68.47 -6.89 6.98
CA SER C 845 -69.17 -7.77 6.05
C SER C 845 -68.18 -8.48 5.13
N PHE C 846 -68.58 -9.67 4.68
CA PHE C 846 -67.76 -10.46 3.77
C PHE C 846 -68.69 -11.44 3.06
N LEU C 847 -68.12 -12.15 2.07
CA LEU C 847 -68.90 -13.12 1.32
C LEU C 847 -69.46 -14.19 2.25
N ALA C 848 -70.78 -14.36 2.20
CA ALA C 848 -71.46 -15.27 3.12
C ALA C 848 -71.08 -16.71 2.79
N THR C 849 -70.35 -17.36 3.69
CA THR C 849 -70.00 -18.77 3.56
C THR C 849 -70.77 -19.58 4.60
N ILE C 850 -71.50 -20.58 4.12
CA ILE C 850 -72.35 -21.40 4.97
C ILE C 850 -71.54 -22.58 5.50
N THR C 851 -71.78 -22.96 6.75
CA THR C 851 -71.05 -24.03 7.40
C THR C 851 -71.93 -25.15 7.96
N SER C 852 -73.25 -24.98 7.98
CA SER C 852 -74.16 -25.94 8.57
C SER C 852 -75.21 -26.39 7.57
N PHE C 853 -75.85 -27.53 7.87
CA PHE C 853 -76.84 -28.08 6.96
C PHE C 853 -78.17 -27.34 7.08
N VAL C 854 -78.60 -27.06 8.32
CA VAL C 854 -79.84 -26.30 8.49
C VAL C 854 -79.68 -24.88 7.96
N GLY C 855 -78.47 -24.33 8.01
CA GLY C 855 -78.21 -23.06 7.36
C GLY C 855 -78.41 -23.14 5.86
N LEU C 856 -77.91 -24.20 5.24
CA LEU C 856 -78.18 -24.44 3.82
C LEU C 856 -79.67 -24.53 3.54
N LYS C 857 -80.40 -25.26 4.39
CA LYS C 857 -81.84 -25.43 4.16
C LYS C 857 -82.56 -24.08 4.23
N ALA C 858 -82.28 -23.29 5.27
CA ALA C 858 -82.91 -21.99 5.39
C ALA C 858 -82.51 -21.07 4.25
N ILE C 859 -81.26 -21.15 3.80
CA ILE C 859 -80.79 -20.30 2.71
C ILE C 859 -81.53 -20.64 1.42
N LYS C 860 -81.63 -21.93 1.08
CA LYS C 860 -82.34 -22.29 -0.14
C LYS C 860 -83.84 -22.00 -0.02
N ASN C 861 -84.39 -22.10 1.19
CA ASN C 861 -85.80 -21.74 1.37
C ASN C 861 -86.01 -20.26 1.09
N LYS C 862 -85.15 -19.39 1.64
CA LYS C 862 -85.27 -17.96 1.37
C LYS C 862 -85.02 -17.67 -0.11
N ILE C 863 -84.09 -18.40 -0.73
CA ILE C 863 -83.81 -18.18 -2.14
C ILE C 863 -85.02 -18.54 -3.00
N ALA C 864 -85.69 -19.64 -2.68
CA ALA C 864 -86.89 -20.02 -3.43
C ALA C 864 -88.05 -19.07 -3.14
N ASN C 865 -88.14 -18.54 -1.93
CA ASN C 865 -89.23 -17.63 -1.58
C ASN C 865 -88.99 -16.19 -2.02
N ILE C 866 -87.78 -15.84 -2.44
CA ILE C 866 -87.45 -14.46 -2.79
C ILE C 866 -87.44 -14.31 -4.31
N SER C 867 -86.60 -15.07 -4.99
CA SER C 867 -86.44 -14.95 -6.44
C SER C 867 -87.05 -16.13 -7.19
N GLY C 868 -86.67 -17.35 -6.84
CA GLY C 868 -87.21 -18.52 -7.51
C GLY C 868 -86.16 -19.61 -7.58
N ASP C 869 -86.48 -20.64 -8.37
CA ASP C 869 -85.59 -21.78 -8.54
C ASP C 869 -84.66 -21.65 -9.74
N GLY C 870 -84.93 -20.70 -10.65
CA GLY C 870 -84.11 -20.58 -11.84
C GLY C 870 -82.84 -19.77 -11.62
N GLN C 871 -82.89 -18.78 -10.74
CA GLN C 871 -81.73 -17.93 -10.52
C GLN C 871 -80.64 -18.67 -9.74
N LYS C 872 -79.41 -18.21 -9.91
CA LYS C 872 -78.25 -18.76 -9.23
C LYS C 872 -77.61 -17.67 -8.37
N TRP C 873 -77.06 -18.09 -7.22
CA TRP C 873 -76.49 -17.16 -6.26
C TRP C 873 -75.07 -17.59 -5.93
N TRP C 874 -74.16 -16.61 -5.83
CA TRP C 874 -72.76 -16.89 -5.53
C TRP C 874 -72.63 -17.26 -4.06
N ILE C 875 -72.54 -18.56 -3.77
CA ILE C 875 -72.46 -19.06 -2.40
C ILE C 875 -71.19 -19.88 -2.26
N ARG C 876 -70.51 -19.72 -1.12
CA ARG C 876 -69.34 -20.52 -0.78
C ARG C 876 -69.76 -21.60 0.20
N ILE C 877 -69.60 -22.87 -0.20
CA ILE C 877 -69.99 -24.01 0.61
C ILE C 877 -68.74 -24.64 1.19
N SER C 878 -68.77 -24.96 2.48
CA SER C 878 -67.66 -25.61 3.17
C SER C 878 -68.19 -26.19 4.47
N GLU C 879 -67.27 -26.75 5.27
CA GLU C 879 -67.61 -27.29 6.58
C GLU C 879 -67.23 -26.36 7.72
N TRP C 880 -66.49 -25.30 7.46
CA TRP C 880 -66.06 -24.33 8.46
C TRP C 880 -65.91 -22.98 7.78
N PRO C 881 -66.22 -21.89 8.49
CA PRO C 881 -66.10 -20.55 7.88
C PRO C 881 -64.68 -20.22 7.46
N ILE C 882 -64.47 -20.05 6.15
CA ILE C 882 -63.14 -19.80 5.62
C ILE C 882 -62.69 -18.40 6.00
N ASP C 883 -61.40 -18.24 6.26
CA ASP C 883 -60.82 -16.95 6.59
C ASP C 883 -60.31 -16.26 5.33
N ASP C 884 -60.36 -14.93 5.32
CA ASP C 884 -59.91 -14.18 4.15
C ASP C 884 -58.40 -14.25 3.98
N HIS C 885 -57.65 -14.30 5.08
CA HIS C 885 -56.20 -14.37 5.00
C HIS C 885 -55.73 -15.76 4.59
N GLU C 903 -61.99 -20.88 -7.96
CA GLU C 903 -63.07 -21.42 -7.13
C GLU C 903 -64.28 -20.51 -7.15
N CYS C 904 -64.96 -20.46 -8.29
CA CYS C 904 -66.17 -19.64 -8.46
C CYS C 904 -67.39 -20.54 -8.26
N LEU C 905 -67.70 -20.79 -6.99
CA LEU C 905 -68.81 -21.68 -6.65
C LEU C 905 -70.12 -20.92 -6.61
N TYR C 906 -71.19 -21.61 -6.99
CA TYR C 906 -72.53 -21.04 -7.02
C TYR C 906 -73.52 -22.07 -6.51
N MET C 907 -74.76 -21.63 -6.28
CA MET C 907 -75.82 -22.48 -5.77
C MET C 907 -77.13 -22.10 -6.41
N SER C 908 -77.95 -23.10 -6.71
CA SER C 908 -79.29 -22.92 -7.23
C SER C 908 -80.31 -23.43 -6.23
N ALA C 909 -81.54 -22.91 -6.33
CA ALA C 909 -82.59 -23.30 -5.39
C ALA C 909 -83.09 -24.71 -5.67
N LYS C 910 -83.05 -25.16 -6.93
CA LYS C 910 -83.49 -26.48 -7.29
C LYS C 910 -82.30 -27.39 -7.59
N THR C 911 -82.52 -28.70 -7.44
CA THR C 911 -81.51 -29.76 -7.60
C THR C 911 -80.14 -29.31 -7.08
N TRP C 912 -80.14 -28.84 -5.84
CA TRP C 912 -78.93 -28.34 -5.18
C TRP C 912 -77.93 -29.44 -4.84
N LEU C 913 -78.27 -30.71 -5.08
CA LEU C 913 -77.38 -31.79 -4.66
C LEU C 913 -76.33 -32.12 -5.72
N ILE C 914 -76.62 -31.83 -6.99
CA ILE C 914 -75.67 -32.14 -8.04
C ILE C 914 -74.64 -31.03 -8.21
N ASP C 915 -75.04 -29.78 -7.96
CA ASP C 915 -74.17 -28.63 -8.12
C ASP C 915 -73.47 -28.23 -6.83
N LEU C 916 -73.26 -29.19 -5.91
CA LEU C 916 -72.62 -28.87 -4.63
C LEU C 916 -71.17 -28.45 -4.83
N GLY C 917 -70.41 -29.21 -5.64
CA GLY C 917 -69.02 -28.89 -5.89
C GLY C 917 -68.67 -28.79 -7.35
N LYS C 918 -69.58 -28.26 -8.16
CA LYS C 918 -69.37 -28.11 -9.59
C LYS C 918 -69.33 -26.63 -9.96
N PRO C 919 -68.15 -26.04 -10.04
CA PRO C 919 -68.04 -24.62 -10.39
C PRO C 919 -67.96 -24.39 -11.89
N THR C 920 -68.40 -23.20 -12.29
CA THR C 920 -68.38 -22.75 -13.67
C THR C 920 -67.76 -21.35 -13.74
N ASP C 921 -67.68 -20.80 -14.95
CA ASP C 921 -67.11 -19.47 -15.14
C ASP C 921 -67.98 -18.45 -14.42
N CYS C 922 -67.40 -17.79 -13.41
CA CYS C 922 -68.11 -16.81 -12.59
C CYS C 922 -68.12 -15.43 -13.21
N SER C 923 -67.84 -15.31 -14.51
CA SER C 923 -67.85 -14.01 -15.19
C SER C 923 -69.23 -13.70 -15.77
N THR C 924 -70.26 -13.79 -14.91
CA THR C 924 -71.63 -13.49 -15.30
C THR C 924 -72.32 -12.74 -14.19
N LYS C 925 -73.26 -11.87 -14.58
CA LYS C 925 -73.95 -11.01 -13.63
C LYS C 925 -75.12 -11.76 -13.01
N LEU C 926 -75.06 -11.98 -11.70
CA LEU C 926 -76.08 -12.71 -10.96
C LEU C 926 -76.18 -12.15 -9.54
N PRO C 927 -77.37 -12.21 -8.94
CA PRO C 927 -77.51 -11.80 -7.53
C PRO C 927 -76.74 -12.74 -6.62
N PHE C 928 -76.58 -12.31 -5.37
CA PHE C 928 -75.76 -13.06 -4.43
C PHE C 928 -76.16 -12.72 -2.99
N ILE C 929 -75.39 -13.27 -2.05
CA ILE C 929 -75.59 -13.10 -0.62
C ILE C 929 -74.27 -12.65 -0.01
N CYS C 930 -74.36 -11.81 1.01
CA CYS C 930 -73.17 -11.29 1.67
C CYS C 930 -73.46 -11.08 3.14
N GLU C 931 -72.51 -11.47 3.99
CA GLU C 931 -72.68 -11.28 5.43
C GLU C 931 -72.08 -9.95 5.87
N PRO C 957 -37.22 -30.92 38.24
CA PRO C 957 -37.78 -29.71 37.62
C PRO C 957 -38.65 -28.91 38.58
N PHE C 958 -39.45 -27.99 38.04
CA PHE C 958 -40.32 -27.16 38.85
C PHE C 958 -41.61 -27.91 39.16
N GLN C 959 -42.34 -27.40 40.15
CA GLN C 959 -43.62 -27.98 40.53
C GLN C 959 -44.64 -27.78 39.43
N ASN C 960 -45.08 -28.88 38.80
CA ASN C 960 -46.03 -28.84 37.70
C ASN C 960 -45.52 -27.97 36.55
N LYS C 961 -44.22 -28.08 36.27
CA LYS C 961 -43.60 -27.29 35.22
C LYS C 961 -42.26 -27.93 34.87
N CYS C 962 -42.04 -28.17 33.58
CA CYS C 962 -40.77 -28.70 33.09
C CYS C 962 -40.20 -27.72 32.07
N PHE C 963 -38.89 -27.82 31.85
CA PHE C 963 -38.22 -26.91 30.93
C PHE C 963 -37.26 -27.70 30.04
N LEU C 964 -37.08 -27.19 28.83
CA LEU C 964 -36.20 -27.80 27.83
C LEU C 964 -35.35 -26.72 27.21
N LYS C 965 -34.11 -27.09 26.87
CA LYS C 965 -33.15 -26.17 26.28
C LYS C 965 -32.63 -26.73 24.97
N ILE C 966 -32.42 -25.83 24.00
CA ILE C 966 -31.94 -26.18 22.67
C ILE C 966 -30.65 -25.37 22.42
N LYS C 967 -30.10 -25.53 21.22
CA LYS C 967 -28.86 -24.85 20.87
C LYS C 967 -29.02 -23.33 20.95
N PRO C 968 -27.94 -22.61 21.25
CA PRO C 968 -28.04 -21.15 21.39
C PRO C 968 -28.01 -20.41 20.06
N VAL C 969 -28.25 -21.13 18.96
CA VAL C 969 -28.23 -20.51 17.64
C VAL C 969 -29.16 -19.32 17.60
N SER C 970 -28.64 -18.18 17.14
CA SER C 970 -29.38 -16.94 17.15
C SER C 970 -30.23 -16.80 15.89
N LEU C 971 -31.35 -16.08 16.03
CA LEU C 971 -32.28 -15.85 14.94
C LEU C 971 -33.29 -14.79 15.39
N THR C 972 -33.97 -14.20 14.42
CA THR C 972 -34.91 -13.13 14.70
C THR C 972 -36.11 -13.64 15.50
N PHE C 973 -36.75 -12.71 16.23
CA PHE C 973 -37.87 -13.10 17.09
C PHE C 973 -39.05 -13.61 16.27
N SER C 974 -39.25 -13.05 15.07
CA SER C 974 -40.29 -13.57 14.18
C SER C 974 -40.02 -15.04 13.83
N GLN C 975 -38.75 -15.45 13.85
CA GLN C 975 -38.39 -16.84 13.68
C GLN C 975 -38.04 -17.53 15.00
N ALA C 976 -37.72 -16.77 16.05
CA ALA C 976 -37.41 -17.35 17.35
C ALA C 976 -38.64 -17.83 18.09
N SER C 977 -39.83 -17.36 17.72
CA SER C 977 -41.06 -17.86 18.31
C SER C 977 -41.41 -19.27 17.85
N ASP C 978 -40.64 -19.83 16.91
CA ASP C 978 -40.87 -21.17 16.38
C ASP C 978 -39.61 -22.01 16.43
N THR C 979 -38.61 -21.60 17.21
CA THR C 979 -37.38 -22.36 17.32
C THR C 979 -37.58 -23.59 18.20
N CYS C 980 -38.04 -23.39 19.42
CA CYS C 980 -38.32 -24.50 20.32
C CYS C 980 -39.82 -24.70 20.55
N HIS C 981 -40.66 -23.82 20.00
CA HIS C 981 -42.06 -24.19 19.78
C HIS C 981 -42.15 -25.43 18.90
N SER C 982 -41.14 -25.66 18.06
CA SER C 982 -40.99 -26.94 17.39
C SER C 982 -41.00 -28.08 18.40
N TYR C 983 -40.21 -27.97 19.46
CA TYR C 983 -40.20 -28.96 20.53
C TYR C 983 -41.46 -28.78 21.38
N GLY C 984 -41.57 -29.58 22.43
CA GLY C 984 -42.72 -29.49 23.31
C GLY C 984 -42.55 -28.43 24.38
N GLY C 985 -43.20 -27.28 24.19
CA GLY C 985 -43.10 -26.20 25.15
C GLY C 985 -43.35 -24.87 24.49
N THR C 986 -43.43 -23.84 25.34
CA THR C 986 -43.67 -22.47 24.91
C THR C 986 -42.51 -21.59 25.35
N LEU C 987 -42.57 -20.32 24.97
CA LEU C 987 -41.57 -19.35 25.38
C LEU C 987 -41.65 -19.12 26.88
N PRO C 988 -40.52 -18.80 27.54
CA PRO C 988 -40.52 -18.68 29.00
C PRO C 988 -41.38 -17.52 29.50
N SER C 989 -42.46 -17.85 30.20
CA SER C 989 -43.35 -16.85 30.80
C SER C 989 -43.14 -16.88 32.31
N VAL C 990 -42.74 -15.73 32.87
CA VAL C 990 -42.48 -15.62 34.29
C VAL C 990 -43.79 -15.44 35.03
N LEU C 991 -44.10 -16.36 35.93
CA LEU C 991 -45.32 -16.30 36.73
C LEU C 991 -45.06 -16.01 38.20
N SER C 992 -43.92 -16.43 38.74
CA SER C 992 -43.56 -16.19 40.12
C SER C 992 -42.08 -15.87 40.21
N GLN C 993 -41.66 -15.33 41.36
CA GLN C 993 -40.25 -15.01 41.55
C GLN C 993 -39.40 -16.27 41.61
N ILE C 994 -39.99 -17.41 41.97
CA ILE C 994 -39.25 -18.66 41.95
C ILE C 994 -38.85 -19.02 40.53
N GLU C 995 -39.73 -18.71 39.56
CA GLU C 995 -39.38 -18.95 38.16
C GLU C 995 -38.25 -18.03 37.71
N GLN C 996 -38.27 -16.77 38.16
CA GLN C 996 -37.16 -15.88 37.87
C GLN C 996 -35.85 -16.41 38.45
N ASP C 997 -35.91 -16.91 39.69
CA ASP C 997 -34.70 -17.47 40.30
C ASP C 997 -34.22 -18.71 39.55
N PHE C 998 -35.16 -19.53 39.07
CA PHE C 998 -34.79 -20.73 38.32
C PHE C 998 -34.12 -20.36 37.00
N ILE C 999 -34.69 -19.39 36.27
CA ILE C 999 -34.09 -19.02 34.99
C ILE C 999 -32.76 -18.32 35.21
N THR C 1000 -32.60 -17.58 36.32
CA THR C 1000 -31.30 -16.97 36.58
C THR C 1000 -30.26 -18.02 37.00
N SER C 1001 -30.70 -19.08 37.67
CA SER C 1001 -29.78 -20.17 38.00
C SER C 1001 -29.41 -20.99 36.77
N LEU C 1002 -30.30 -21.03 35.78
CA LEU C 1002 -29.97 -21.70 34.51
C LEU C 1002 -29.17 -20.80 33.58
N LEU C 1003 -29.21 -19.49 33.80
CA LEU C 1003 -28.50 -18.56 32.92
C LEU C 1003 -26.98 -18.78 32.80
N PRO C 1004 -26.24 -19.24 33.85
CA PRO C 1004 -24.78 -19.41 33.72
C PRO C 1004 -24.27 -19.99 32.39
N ASP C 1005 -24.93 -21.02 31.87
CA ASP C 1005 -24.48 -21.62 30.62
C ASP C 1005 -25.05 -20.91 29.39
N MET C 1006 -25.61 -19.71 29.55
CA MET C 1006 -26.16 -18.94 28.45
C MET C 1006 -25.38 -17.64 28.30
N GLU C 1007 -25.74 -16.89 27.25
CA GLU C 1007 -25.13 -15.59 27.00
C GLU C 1007 -25.82 -14.54 27.86
N ALA C 1008 -25.52 -13.26 27.59
CA ALA C 1008 -26.13 -12.18 28.37
C ALA C 1008 -27.57 -11.93 27.94
N THR C 1009 -27.89 -12.14 26.67
CA THR C 1009 -29.22 -11.89 26.15
C THR C 1009 -30.04 -13.18 26.09
N LEU C 1010 -31.35 -13.03 26.20
CA LEU C 1010 -32.26 -14.17 26.15
C LEU C 1010 -33.61 -13.70 25.62
N TRP C 1011 -34.23 -14.54 24.79
CA TRP C 1011 -35.57 -14.26 24.26
C TRP C 1011 -36.59 -14.70 25.31
N ILE C 1012 -37.16 -13.72 26.02
CA ILE C 1012 -38.21 -14.04 26.98
C ILE C 1012 -39.48 -14.45 26.25
N GLY C 1013 -39.73 -13.91 25.06
CA GLY C 1013 -40.81 -14.38 24.22
C GLY C 1013 -42.19 -13.85 24.57
N LEU C 1014 -42.38 -12.53 24.48
CA LEU C 1014 -43.71 -11.93 24.56
C LEU C 1014 -43.77 -10.77 23.58
N ARG C 1015 -44.88 -10.67 22.86
CA ARG C 1015 -45.04 -9.69 21.80
C ARG C 1015 -46.26 -8.81 22.08
N TRP C 1016 -46.10 -7.51 21.82
CA TRP C 1016 -47.18 -6.55 22.00
C TRP C 1016 -46.83 -5.28 21.22
N THR C 1017 -47.85 -4.63 20.67
CA THR C 1017 -47.64 -3.42 19.92
C THR C 1017 -47.20 -2.28 20.83
N ALA C 1018 -46.44 -1.34 20.27
CA ALA C 1018 -45.92 -0.23 21.04
C ALA C 1018 -47.04 0.72 21.46
N TYR C 1019 -46.78 1.48 22.53
CA TYR C 1019 -47.72 2.46 23.06
C TYR C 1019 -49.04 1.81 23.45
N GLU C 1020 -48.96 0.60 24.01
CA GLU C 1020 -50.16 -0.13 24.42
C GLU C 1020 -49.78 -0.99 25.62
N LYS C 1021 -50.65 -1.94 25.96
CA LYS C 1021 -50.45 -2.82 27.11
C LYS C 1021 -50.09 -4.22 26.64
N ILE C 1022 -49.53 -5.00 27.55
CA ILE C 1022 -49.19 -6.40 27.30
C ILE C 1022 -50.35 -7.26 27.78
N ASN C 1023 -50.66 -8.32 27.03
CA ASN C 1023 -51.81 -9.15 27.29
C ASN C 1023 -51.41 -10.62 27.19
N LYS C 1024 -51.85 -11.42 28.17
CA LYS C 1024 -51.85 -12.88 28.18
C LYS C 1024 -50.48 -13.50 27.94
N TRP C 1025 -49.42 -12.70 27.92
CA TRP C 1025 -48.04 -13.18 27.75
C TRP C 1025 -47.90 -14.12 26.55
N THR C 1026 -48.76 -13.96 25.55
CA THR C 1026 -48.80 -14.79 24.34
C THR C 1026 -48.96 -16.28 24.65
N ASP C 1027 -49.36 -16.63 25.87
CA ASP C 1027 -49.60 -18.03 26.21
C ASP C 1027 -50.82 -18.21 27.11
N ASN C 1028 -51.73 -17.23 27.15
CA ASN C 1028 -52.94 -17.28 27.97
C ASN C 1028 -52.58 -17.43 29.46
N ARG C 1029 -51.87 -16.43 29.97
CA ARG C 1029 -51.45 -16.39 31.36
C ARG C 1029 -51.74 -15.02 31.93
N GLU C 1030 -52.54 -14.97 32.99
CA GLU C 1030 -52.88 -13.70 33.62
C GLU C 1030 -51.65 -13.08 34.27
N LEU C 1031 -51.67 -11.74 34.36
CA LEU C 1031 -50.55 -10.98 34.91
C LEU C 1031 -50.88 -10.59 36.35
N THR C 1032 -50.21 -11.24 37.31
CA THR C 1032 -50.35 -10.84 38.70
C THR C 1032 -49.34 -9.77 39.08
N TYR C 1033 -48.16 -9.78 38.46
CA TYR C 1033 -47.12 -8.78 38.70
C TYR C 1033 -46.08 -8.93 37.60
N SER C 1034 -45.19 -7.94 37.51
CA SER C 1034 -44.16 -7.92 36.49
C SER C 1034 -42.82 -7.61 37.13
N ASN C 1035 -41.77 -8.23 36.61
CA ASN C 1035 -40.41 -8.02 37.11
C ASN C 1035 -39.70 -6.96 36.26
N PHE C 1036 -40.22 -5.74 36.36
CA PHE C 1036 -39.66 -4.58 35.65
C PHE C 1036 -39.08 -3.63 36.69
N HIS C 1037 -37.77 -3.67 36.87
CA HIS C 1037 -37.11 -2.80 37.82
C HIS C 1037 -37.14 -1.36 37.29
N PRO C 1038 -37.68 -0.40 38.03
CA PRO C 1038 -37.86 0.95 37.49
C PRO C 1038 -36.55 1.73 37.35
N LEU C 1039 -35.65 1.27 36.49
CA LEU C 1039 -34.46 2.03 36.15
C LEU C 1039 -34.16 2.06 34.66
N LEU C 1040 -34.67 1.12 33.87
CA LEU C 1040 -34.41 1.07 32.44
C LEU C 1040 -35.66 1.26 31.59
N VAL C 1041 -36.84 1.34 32.20
CA VAL C 1041 -38.10 1.48 31.48
C VAL C 1041 -38.79 2.74 31.95
N SER C 1042 -39.29 3.54 31.01
CA SER C 1042 -39.99 4.78 31.31
C SER C 1042 -41.48 4.49 31.45
N GLY C 1043 -42.01 4.71 32.65
CA GLY C 1043 -43.42 4.48 32.90
C GLY C 1043 -44.18 5.74 33.24
N ARG C 1044 -45.08 6.15 32.35
CA ARG C 1044 -45.88 7.36 32.53
C ARG C 1044 -47.08 7.27 31.60
N LEU C 1045 -47.80 8.39 31.47
CA LEU C 1045 -48.95 8.46 30.58
C LEU C 1045 -48.47 8.39 29.14
N ARG C 1046 -48.64 7.22 28.51
CA ARG C 1046 -48.16 7.02 27.15
C ARG C 1046 -49.07 7.76 26.17
N ILE C 1047 -48.48 8.67 25.41
CA ILE C 1047 -49.24 9.44 24.43
C ILE C 1047 -48.65 9.23 23.03
N ARG C 1057 -43.53 0.07 14.04
CA ARG C 1057 -42.56 0.08 15.13
C ARG C 1057 -43.07 -0.73 16.33
N TYR C 1058 -42.73 -2.00 16.36
CA TYR C 1058 -43.15 -2.88 17.45
C TYR C 1058 -42.16 -2.80 18.62
N HIS C 1059 -42.61 -3.32 19.77
CA HIS C 1059 -41.80 -3.36 20.97
C HIS C 1059 -41.74 -4.80 21.47
N CYS C 1060 -40.53 -5.27 21.75
CA CYS C 1060 -40.32 -6.63 22.24
C CYS C 1060 -39.30 -6.61 23.36
N ALA C 1061 -39.53 -7.42 24.39
CA ALA C 1061 -38.71 -7.42 25.58
C ALA C 1061 -37.72 -8.58 25.58
N LEU C 1062 -36.78 -8.51 26.51
CA LEU C 1062 -35.72 -9.50 26.63
C LEU C 1062 -35.12 -9.42 28.03
N ILE C 1063 -34.41 -10.48 28.42
CA ILE C 1063 -33.73 -10.56 29.70
C ILE C 1063 -32.24 -10.32 29.47
N LEU C 1064 -31.66 -9.44 30.28
CA LEU C 1064 -30.28 -9.01 30.12
C LEU C 1064 -29.46 -9.41 31.33
N ASN C 1065 -28.27 -9.96 31.08
CA ASN C 1065 -27.31 -10.28 32.12
C ASN C 1065 -26.15 -9.30 32.05
N LEU C 1066 -25.59 -8.97 33.22
CA LEU C 1066 -24.56 -7.95 33.32
C LEU C 1066 -23.31 -8.50 34.00
N GLN C 1067 -22.98 -9.76 33.71
CA GLN C 1067 -21.72 -10.38 34.14
C GLN C 1067 -21.56 -10.34 35.66
N LYS C 1068 -22.45 -11.09 36.32
CA LYS C 1068 -22.45 -11.24 37.79
C LYS C 1068 -22.69 -9.89 38.46
N SER C 1069 -23.85 -9.31 38.17
CA SER C 1069 -24.27 -8.03 38.72
C SER C 1069 -25.23 -8.24 39.90
N PRO C 1070 -25.29 -7.30 40.84
CA PRO C 1070 -26.25 -7.43 41.95
C PRO C 1070 -27.70 -7.33 41.52
N PHE C 1071 -27.98 -6.97 40.26
CA PHE C 1071 -29.33 -6.90 39.73
C PHE C 1071 -29.46 -7.76 38.48
N THR C 1072 -28.89 -8.97 38.54
CA THR C 1072 -28.92 -9.87 37.39
C THR C 1072 -30.35 -10.32 37.11
N GLY C 1073 -30.74 -10.25 35.84
CA GLY C 1073 -32.07 -10.62 35.42
C GLY C 1073 -32.98 -9.45 35.06
N THR C 1074 -32.43 -8.32 34.64
CA THR C 1074 -33.24 -7.17 34.29
C THR C 1074 -33.97 -7.40 32.97
N TRP C 1075 -35.07 -6.68 32.79
CA TRP C 1075 -35.90 -6.80 31.60
C TRP C 1075 -35.77 -5.52 30.78
N ASN C 1076 -35.23 -5.65 29.58
CA ASN C 1076 -35.08 -4.53 28.65
C ASN C 1076 -36.09 -4.68 27.52
N PHE C 1077 -36.30 -3.59 26.78
CA PHE C 1077 -37.23 -3.59 25.66
C PHE C 1077 -36.61 -2.85 24.49
N THR C 1078 -36.69 -3.46 23.31
CA THR C 1078 -36.12 -2.90 22.10
C THR C 1078 -36.94 -3.45 20.92
N SER C 1079 -36.56 -3.09 19.70
CA SER C 1079 -37.17 -3.69 18.53
C SER C 1079 -36.65 -5.12 18.34
N CYS C 1080 -37.58 -6.04 18.10
CA CYS C 1080 -37.24 -7.45 18.02
C CYS C 1080 -37.14 -7.96 16.59
N SER C 1081 -36.80 -7.10 15.63
CA SER C 1081 -36.45 -7.53 14.30
C SER C 1081 -35.03 -8.09 14.21
N GLU C 1082 -34.21 -7.85 15.24
CA GLU C 1082 -32.86 -8.38 15.28
C GLU C 1082 -32.85 -9.83 15.74
N ARG C 1083 -31.66 -10.42 15.77
CA ARG C 1083 -31.48 -11.82 16.11
C ARG C 1083 -30.81 -11.93 17.49
N HIS C 1084 -31.46 -12.68 18.39
CA HIS C 1084 -30.96 -12.89 19.74
C HIS C 1084 -31.08 -14.38 20.06
N PHE C 1085 -30.86 -14.73 21.32
CA PHE C 1085 -30.83 -16.12 21.73
C PHE C 1085 -32.05 -16.48 22.58
N VAL C 1086 -32.43 -17.75 22.54
CA VAL C 1086 -33.49 -18.31 23.37
C VAL C 1086 -33.04 -19.65 23.90
N SER C 1087 -33.19 -19.88 25.19
CA SER C 1087 -32.68 -21.11 25.76
C SER C 1087 -33.72 -21.93 26.52
N LEU C 1088 -34.59 -21.29 27.29
CA LEU C 1088 -35.54 -22.00 28.14
C LEU C 1088 -36.89 -22.09 27.44
N CYS C 1089 -37.52 -23.26 27.51
CA CYS C 1089 -38.83 -23.49 26.93
C CYS C 1089 -39.67 -24.32 27.89
N GLN C 1090 -40.81 -23.76 28.31
CA GLN C 1090 -41.62 -24.31 29.38
C GLN C 1090 -42.70 -25.22 28.82
N LYS C 1091 -42.75 -26.47 29.31
CA LYS C 1091 -43.82 -27.40 29.03
C LYS C 1091 -44.49 -27.82 30.33
N TYR C 1092 -45.70 -28.35 30.20
CA TYR C 1092 -46.47 -28.82 31.36
C TYR C 1092 -45.79 -30.02 32.01
N VAL C 1108 -24.08 -31.19 47.57
CA VAL C 1108 -24.45 -30.88 46.19
C VAL C 1108 -23.48 -29.84 45.62
N LYS C 1109 -23.10 -30.02 44.35
CA LYS C 1109 -22.17 -29.12 43.68
C LYS C 1109 -22.95 -28.10 42.87
N TYR C 1110 -22.46 -26.85 42.85
CA TYR C 1110 -23.08 -25.80 42.06
C TYR C 1110 -22.08 -24.66 41.91
N LEU C 1111 -21.75 -24.31 40.67
CA LEU C 1111 -20.93 -23.15 40.33
C LEU C 1111 -19.67 -23.07 41.19
N ASN C 1112 -18.84 -24.11 41.06
CA ASN C 1112 -17.55 -24.20 41.75
C ASN C 1112 -17.69 -24.13 43.27
N ASN C 1113 -18.86 -24.46 43.80
CA ASN C 1113 -19.11 -24.44 45.24
C ASN C 1113 -19.80 -25.73 45.66
N LEU C 1114 -19.77 -26.01 46.95
CA LEU C 1114 -20.42 -27.17 47.52
C LEU C 1114 -21.37 -26.72 48.61
N TYR C 1115 -22.51 -27.39 48.72
CA TYR C 1115 -23.53 -27.04 49.70
C TYR C 1115 -24.02 -28.30 50.41
N LYS C 1116 -24.42 -28.13 51.68
CA LYS C 1116 -24.96 -29.23 52.46
C LYS C 1116 -26.14 -28.72 53.27
N ILE C 1117 -27.25 -29.46 53.19
CA ILE C 1117 -28.51 -29.08 53.84
C ILE C 1117 -28.85 -30.14 54.88
N ILE C 1118 -29.30 -29.70 56.05
CA ILE C 1118 -29.70 -30.57 57.14
C ILE C 1118 -31.14 -30.22 57.51
N PRO C 1119 -32.04 -31.19 57.63
CA PRO C 1119 -33.44 -30.87 57.95
C PRO C 1119 -33.71 -30.82 59.45
N LYS C 1120 -32.65 -30.78 60.26
CA LYS C 1120 -32.83 -30.75 61.71
C LYS C 1120 -33.30 -29.39 62.17
N THR C 1121 -34.12 -29.39 63.22
CA THR C 1121 -34.66 -28.17 63.83
C THR C 1121 -33.72 -27.74 64.95
N LEU C 1122 -32.86 -26.76 64.66
CA LEU C 1122 -31.83 -26.35 65.61
C LEU C 1122 -31.57 -24.87 65.42
N THR C 1123 -30.89 -24.27 66.40
CA THR C 1123 -30.65 -22.84 66.41
C THR C 1123 -29.49 -22.50 65.48
N TRP C 1124 -29.06 -21.24 65.49
CA TRP C 1124 -28.02 -20.80 64.57
C TRP C 1124 -26.64 -21.28 65.04
N HIS C 1125 -26.29 -20.94 66.29
CA HIS C 1125 -25.04 -21.46 66.86
C HIS C 1125 -25.02 -22.98 66.84
N SER C 1126 -26.16 -23.61 67.13
CA SER C 1126 -26.22 -25.06 67.21
C SER C 1126 -26.01 -25.69 65.84
N ALA C 1127 -26.66 -25.15 64.80
CA ALA C 1127 -26.46 -25.68 63.46
C ALA C 1127 -25.04 -25.42 62.95
N LYS C 1128 -24.47 -24.26 63.30
CA LYS C 1128 -23.09 -23.97 62.96
C LYS C 1128 -22.16 -25.01 63.57
N ARG C 1129 -22.27 -25.24 64.87
CA ARG C 1129 -21.43 -26.25 65.53
C ARG C 1129 -21.75 -27.66 65.05
N GLU C 1130 -22.95 -27.87 64.53
CA GLU C 1130 -23.34 -29.20 64.05
C GLU C 1130 -22.68 -29.52 62.72
N CYS C 1131 -22.95 -28.73 61.69
CA CYS C 1131 -22.39 -29.03 60.38
C CYS C 1131 -21.00 -28.46 60.19
N LEU C 1132 -20.42 -27.82 61.21
CA LEU C 1132 -19.04 -27.39 61.15
C LEU C 1132 -18.07 -28.52 61.46
N LYS C 1133 -18.55 -29.61 62.09
CA LYS C 1133 -17.70 -30.76 62.34
C LYS C 1133 -17.20 -31.37 61.05
N SER C 1134 -17.98 -31.28 59.97
CA SER C 1134 -17.58 -31.76 58.65
C SER C 1134 -16.80 -30.71 57.87
N ASN C 1135 -16.23 -29.71 58.55
CA ASN C 1135 -15.45 -28.65 57.92
C ASN C 1135 -16.31 -27.89 56.90
N MET C 1136 -17.40 -27.29 57.38
CA MET C 1136 -18.33 -26.56 56.54
C MET C 1136 -18.67 -25.23 57.20
N GLN C 1137 -18.94 -24.22 56.37
CA GLN C 1137 -19.28 -22.89 56.85
C GLN C 1137 -20.66 -22.50 56.36
N LEU C 1138 -21.38 -21.76 57.20
CA LEU C 1138 -22.78 -21.42 56.93
C LEU C 1138 -22.91 -20.57 55.67
N VAL C 1139 -24.14 -20.44 55.19
CA VAL C 1139 -24.42 -19.77 53.93
C VAL C 1139 -24.10 -18.28 54.05
N SER C 1140 -23.40 -17.76 53.04
CA SER C 1140 -23.10 -16.34 52.92
C SER C 1140 -23.30 -15.95 51.46
N ILE C 1141 -24.40 -15.28 51.15
CA ILE C 1141 -24.75 -14.95 49.77
C ILE C 1141 -23.88 -13.78 49.31
N THR C 1142 -23.18 -13.97 48.20
CA THR C 1142 -22.33 -12.93 47.63
C THR C 1142 -22.55 -12.80 46.12
N ASP C 1143 -23.30 -13.70 45.51
CA ASP C 1143 -23.53 -13.70 44.07
C ASP C 1143 -25.01 -13.86 43.80
N PRO C 1144 -25.51 -13.32 42.68
CA PRO C 1144 -26.94 -13.49 42.37
C PRO C 1144 -27.32 -14.92 42.05
N TYR C 1145 -26.46 -15.65 41.32
CA TYR C 1145 -26.75 -17.04 41.02
C TYR C 1145 -26.77 -17.89 42.29
N GLN C 1146 -25.86 -17.62 43.23
CA GLN C 1146 -25.88 -18.34 44.50
C GLN C 1146 -27.17 -18.07 45.27
N GLN C 1147 -27.61 -16.80 45.28
CA GLN C 1147 -28.87 -16.46 45.94
C GLN C 1147 -30.04 -17.17 45.29
N ALA C 1148 -30.09 -17.20 43.95
CA ALA C 1148 -31.18 -17.86 43.26
C ALA C 1148 -31.19 -19.35 43.53
N PHE C 1149 -30.01 -19.98 43.55
CA PHE C 1149 -29.94 -21.41 43.83
C PHE C 1149 -30.36 -21.70 45.26
N LEU C 1150 -29.91 -20.89 46.22
CA LEU C 1150 -30.32 -21.08 47.61
C LEU C 1150 -31.83 -20.93 47.76
N SER C 1151 -32.41 -19.95 47.07
CA SER C 1151 -33.86 -19.73 47.18
C SER C 1151 -34.63 -20.87 46.54
N VAL C 1152 -34.19 -21.36 45.38
CA VAL C 1152 -34.91 -22.45 44.75
C VAL C 1152 -34.77 -23.74 45.56
N GLN C 1153 -33.63 -23.93 46.23
CA GLN C 1153 -33.49 -25.09 47.10
C GLN C 1153 -34.38 -24.97 48.33
N ALA C 1154 -34.49 -23.77 48.88
CA ALA C 1154 -35.38 -23.56 50.03
C ALA C 1154 -36.84 -23.78 49.64
N LEU C 1155 -37.22 -23.35 48.43
CA LEU C 1155 -38.59 -23.59 47.97
C LEU C 1155 -38.84 -25.06 47.68
N LEU C 1156 -37.84 -25.78 47.16
CA LEU C 1156 -37.99 -27.22 46.97
C LEU C 1156 -38.09 -27.94 48.31
N HIS C 1157 -37.42 -27.43 49.35
CA HIS C 1157 -37.54 -27.99 50.69
C HIS C 1157 -38.78 -27.50 51.42
N ASN C 1158 -39.44 -26.45 50.92
CA ASN C 1158 -40.68 -25.94 51.50
C ASN C 1158 -40.48 -25.50 52.94
N SER C 1159 -39.48 -24.66 53.16
CA SER C 1159 -39.17 -24.15 54.49
C SER C 1159 -38.20 -22.98 54.35
N SER C 1160 -38.07 -22.21 55.43
CA SER C 1160 -37.12 -21.11 55.51
C SER C 1160 -35.94 -21.57 56.35
N LEU C 1161 -34.81 -21.84 55.69
CA LEU C 1161 -33.66 -22.43 56.34
C LEU C 1161 -32.67 -21.36 56.80
N TRP C 1162 -31.66 -21.79 57.53
CA TRP C 1162 -30.72 -20.87 58.16
C TRP C 1162 -29.73 -20.30 57.15
N ILE C 1163 -29.31 -19.06 57.38
CA ILE C 1163 -28.23 -18.41 56.64
C ILE C 1163 -27.28 -17.76 57.64
N GLY C 1164 -25.98 -17.85 57.37
CA GLY C 1164 -24.99 -17.48 58.37
C GLY C 1164 -24.33 -16.13 58.20
N LEU C 1165 -24.47 -15.28 59.20
CA LEU C 1165 -23.78 -14.00 59.29
C LEU C 1165 -23.93 -13.48 60.71
N PHE C 1166 -23.17 -12.44 61.03
CA PHE C 1166 -23.25 -11.80 62.34
C PHE C 1166 -22.74 -10.37 62.23
N SER C 1167 -23.27 -9.51 63.09
CA SER C 1167 -22.93 -8.09 63.10
C SER C 1167 -22.16 -7.77 64.38
N GLN C 1168 -21.82 -6.50 64.54
CA GLN C 1168 -20.98 -6.11 65.67
C GLN C 1168 -21.59 -5.04 66.56
N ASP C 1169 -22.23 -4.02 65.99
CA ASP C 1169 -22.71 -2.86 66.76
C ASP C 1169 -24.16 -2.56 66.38
N ASP C 1170 -25.09 -3.24 67.04
CA ASP C 1170 -26.52 -2.95 66.96
C ASP C 1170 -26.99 -2.95 65.50
N GLU C 1171 -26.81 -4.11 64.85
CA GLU C 1171 -27.28 -4.37 63.49
C GLU C 1171 -27.06 -3.20 62.55
N LEU C 1172 -25.91 -2.53 62.71
CA LEU C 1172 -25.55 -1.39 61.89
C LEU C 1172 -24.54 -1.74 60.80
N ASN C 1173 -23.60 -2.62 61.09
CA ASN C 1173 -22.58 -3.04 60.12
C ASN C 1173 -22.70 -4.55 59.93
N PHE C 1174 -23.46 -4.95 58.91
CA PHE C 1174 -23.62 -6.37 58.60
C PHE C 1174 -22.43 -6.87 57.81
N GLY C 1175 -22.13 -8.15 57.98
CA GLY C 1175 -20.98 -8.74 57.31
C GLY C 1175 -20.99 -10.26 57.30
N TRP C 1176 -20.56 -10.84 56.18
CA TRP C 1176 -20.48 -12.29 56.05
C TRP C 1176 -19.26 -12.83 56.78
N SER C 1177 -19.24 -14.15 56.97
CA SER C 1177 -18.16 -14.82 57.68
C SER C 1177 -17.01 -15.24 56.75
N ASP C 1178 -16.97 -14.71 55.53
CA ASP C 1178 -15.92 -15.05 54.58
C ASP C 1178 -14.81 -13.99 54.51
N GLY C 1179 -15.14 -12.72 54.71
CA GLY C 1179 -14.15 -11.67 54.65
C GLY C 1179 -14.00 -11.06 53.26
N LYS C 1180 -15.12 -10.85 52.59
CA LYS C 1180 -15.14 -10.27 51.25
C LYS C 1180 -15.96 -9.00 51.25
N ARG C 1181 -15.55 -8.03 50.43
CA ARG C 1181 -16.23 -6.75 50.38
C ARG C 1181 -17.67 -6.92 49.90
N LEU C 1182 -18.58 -6.14 50.49
CA LEU C 1182 -19.99 -6.24 50.17
C LEU C 1182 -20.24 -5.80 48.73
N HIS C 1183 -20.85 -6.68 47.93
CA HIS C 1183 -21.14 -6.39 46.54
C HIS C 1183 -22.57 -6.76 46.16
N PHE C 1184 -23.35 -7.30 47.10
CA PHE C 1184 -24.71 -7.77 46.80
C PHE C 1184 -25.63 -7.37 47.94
N SER C 1185 -26.80 -6.85 47.59
CA SER C 1185 -27.79 -6.42 48.57
C SER C 1185 -29.18 -6.74 48.04
N ARG C 1186 -29.89 -7.61 48.76
CA ARG C 1186 -31.26 -8.01 48.40
C ARG C 1186 -32.14 -7.98 49.65
N TRP C 1187 -32.08 -6.87 50.38
CA TRP C 1187 -32.89 -6.72 51.59
C TRP C 1187 -34.38 -6.64 51.23
N ALA C 1188 -35.22 -6.87 52.23
CA ALA C 1188 -36.67 -6.96 52.03
C ALA C 1188 -37.39 -5.65 52.36
N GLU C 1189 -37.26 -5.18 53.59
CA GLU C 1189 -37.96 -3.97 54.02
C GLU C 1189 -37.01 -3.14 54.88
N THR C 1190 -37.45 -1.91 55.17
CA THR C 1190 -36.68 -0.99 55.99
C THR C 1190 -37.12 -1.03 57.46
N ASN C 1191 -38.42 -1.13 57.70
CA ASN C 1191 -38.95 -1.17 59.07
C ASN C 1191 -39.12 -2.60 59.56
N GLY C 1192 -38.05 -3.39 59.44
CA GLY C 1192 -38.06 -4.76 59.91
C GLY C 1192 -36.79 -5.12 60.64
N GLN C 1193 -35.83 -4.19 60.67
CA GLN C 1193 -34.53 -4.41 61.28
C GLN C 1193 -34.64 -4.31 62.80
N LEU C 1194 -35.28 -5.32 63.38
CA LEU C 1194 -35.46 -5.34 64.83
C LEU C 1194 -34.28 -6.01 65.55
N GLU C 1195 -33.64 -6.97 64.90
CA GLU C 1195 -32.50 -7.68 65.46
C GLU C 1195 -31.36 -7.67 64.44
N ASP C 1196 -30.31 -8.43 64.72
CA ASP C 1196 -29.08 -8.42 63.94
C ASP C 1196 -28.84 -9.76 63.23
N CYS C 1197 -29.89 -10.41 62.78
CA CYS C 1197 -29.71 -11.61 61.98
C CYS C 1197 -30.67 -11.54 60.79
N VAL C 1198 -30.51 -12.47 59.85
CA VAL C 1198 -31.32 -12.45 58.63
C VAL C 1198 -31.71 -13.89 58.28
N VAL C 1199 -32.82 -14.01 57.54
CA VAL C 1199 -33.29 -15.28 57.02
C VAL C 1199 -33.74 -15.08 55.59
N LEU C 1200 -33.83 -16.19 54.85
CA LEU C 1200 -34.37 -16.17 53.50
C LEU C 1200 -35.83 -16.58 53.52
N ASP C 1201 -36.68 -15.75 52.93
CA ASP C 1201 -38.11 -15.99 52.91
C ASP C 1201 -38.51 -16.70 51.61
N THR C 1202 -39.82 -16.85 51.40
CA THR C 1202 -40.30 -17.47 50.18
C THR C 1202 -40.15 -16.53 48.99
N ASP C 1203 -40.37 -15.23 49.19
CA ASP C 1203 -40.28 -14.25 48.13
C ASP C 1203 -38.86 -14.04 47.61
N GLY C 1204 -37.86 -14.64 48.25
CA GLY C 1204 -36.50 -14.50 47.80
C GLY C 1204 -35.79 -13.26 48.28
N PHE C 1205 -36.21 -12.70 49.41
CA PHE C 1205 -35.63 -11.49 49.97
C PHE C 1205 -34.92 -11.84 51.28
N TRP C 1206 -34.39 -10.81 51.95
CA TRP C 1206 -33.63 -10.96 53.19
C TRP C 1206 -34.46 -10.39 54.33
N LYS C 1207 -35.12 -11.26 55.09
CA LYS C 1207 -35.94 -10.82 56.21
C LYS C 1207 -35.05 -10.67 57.44
N THR C 1208 -34.95 -9.44 57.96
CA THR C 1208 -34.10 -9.15 59.11
C THR C 1208 -34.83 -9.53 60.39
N VAL C 1209 -34.38 -10.61 61.03
CA VAL C 1209 -35.00 -11.12 62.25
C VAL C 1209 -33.91 -11.55 63.23
N ASP C 1210 -34.35 -12.13 64.35
CA ASP C 1210 -33.47 -12.86 65.25
C ASP C 1210 -33.47 -14.33 64.87
N CYS C 1211 -32.28 -14.92 64.75
CA CYS C 1211 -32.12 -16.32 64.43
C CYS C 1211 -31.78 -17.19 65.63
N ASN C 1212 -32.18 -16.76 66.82
CA ASN C 1212 -32.09 -17.60 68.03
C ASN C 1212 -33.39 -18.37 68.24
N ASP C 1213 -33.80 -19.07 67.18
CA ASP C 1213 -35.05 -19.82 67.17
C ASP C 1213 -34.80 -21.16 66.47
N ASN C 1214 -35.90 -21.84 66.10
CA ASN C 1214 -35.84 -23.18 65.54
C ASN C 1214 -36.50 -23.17 64.16
N GLN C 1215 -35.67 -23.18 63.08
CA GLN C 1215 -36.17 -23.34 61.73
C GLN C 1215 -36.08 -24.81 61.30
N PRO C 1216 -36.88 -25.22 60.30
CA PRO C 1216 -36.93 -26.65 59.96
C PRO C 1216 -35.67 -27.18 59.25
N GLY C 1217 -34.61 -26.39 59.17
CA GLY C 1217 -33.40 -26.86 58.54
C GLY C 1217 -32.35 -25.78 58.47
N ALA C 1218 -31.16 -26.18 58.03
CA ALA C 1218 -30.03 -25.28 57.87
C ALA C 1218 -29.24 -25.69 56.64
N ILE C 1219 -28.43 -24.76 56.14
CA ILE C 1219 -27.55 -25.00 55.00
C ILE C 1219 -26.19 -24.39 55.30
N CYS C 1220 -25.13 -25.09 54.91
CA CYS C 1220 -23.78 -24.58 55.04
C CYS C 1220 -22.95 -25.02 53.83
N TYR C 1221 -22.06 -24.14 53.40
CA TYR C 1221 -21.38 -24.28 52.11
C TYR C 1221 -19.87 -24.36 52.29
N TYR C 1222 -19.19 -24.65 51.19
CA TYR C 1222 -17.74 -24.61 51.09
C TYR C 1222 -17.34 -24.16 49.69
N SER C 1223 -16.22 -23.47 49.61
CA SER C 1223 -15.72 -22.97 48.32
C SER C 1223 -14.29 -23.45 48.07
N ILE C 1249 -15.83 13.72 49.67
CA ILE C 1249 -14.60 12.99 49.37
C ILE C 1249 -13.89 13.63 48.17
N PRO C 1250 -12.58 13.86 48.31
CA PRO C 1250 -11.82 14.49 47.22
C PRO C 1250 -11.49 13.48 46.13
N PHE C 1251 -11.82 13.84 44.89
CA PHE C 1251 -11.53 12.97 43.74
C PHE C 1251 -11.57 13.82 42.48
N GLN C 1252 -10.42 13.93 41.80
CA GLN C 1252 -10.31 14.64 40.53
C GLN C 1252 -10.77 16.10 40.67
N ASN C 1253 -10.10 16.82 41.58
CA ASN C 1253 -10.30 18.26 41.76
C ASN C 1253 -11.74 18.59 42.09
N CYS C 1254 -12.36 17.78 42.96
CA CYS C 1254 -13.72 18.04 43.41
C CYS C 1254 -13.98 17.22 44.67
N CYS C 1255 -14.85 17.75 45.52
CA CYS C 1255 -15.21 17.11 46.78
C CYS C 1255 -16.73 16.91 46.82
N TYR C 1256 -17.15 15.72 47.21
CA TYR C 1256 -18.56 15.37 47.29
C TYR C 1256 -19.00 15.29 48.75
N ASN C 1257 -20.30 15.05 48.94
CA ASN C 1257 -20.87 14.96 50.28
C ASN C 1257 -22.15 14.14 50.21
N PHE C 1258 -22.49 13.52 51.33
CA PHE C 1258 -23.70 12.71 51.45
C PHE C 1258 -24.52 13.20 52.62
N ILE C 1259 -25.80 13.44 52.40
CA ILE C 1259 -26.71 13.98 53.41
C ILE C 1259 -27.73 12.91 53.76
N ILE C 1260 -27.86 12.61 55.05
CA ILE C 1260 -28.85 11.65 55.54
C ILE C 1260 -29.73 12.42 56.52
N THR C 1261 -30.82 12.99 56.01
CA THR C 1261 -31.79 13.71 56.83
C THR C 1261 -33.18 13.34 56.33
N LYS C 1262 -34.19 14.02 56.87
CA LYS C 1262 -35.58 13.84 56.46
C LYS C 1262 -36.11 15.17 55.94
N ASN C 1263 -36.71 15.13 54.75
CA ASN C 1263 -37.24 16.33 54.11
C ASN C 1263 -38.65 16.05 53.60
N ARG C 1264 -39.40 17.13 53.41
CA ARG C 1264 -40.78 17.01 52.92
C ARG C 1264 -41.12 18.05 51.86
N HIS C 1265 -40.15 18.83 51.39
CA HIS C 1265 -40.40 19.85 50.38
C HIS C 1265 -40.67 19.18 49.04
N MET C 1266 -41.89 19.32 48.53
CA MET C 1266 -42.31 18.71 47.28
C MET C 1266 -42.85 19.75 46.31
N ALA C 1267 -42.19 20.92 46.26
CA ALA C 1267 -42.60 21.99 45.36
C ALA C 1267 -41.42 22.92 45.12
N THR C 1268 -41.37 23.47 43.91
CA THR C 1268 -40.32 24.41 43.50
C THR C 1268 -38.93 23.80 43.71
N THR C 1269 -38.69 22.70 43.00
CA THR C 1269 -37.43 21.97 43.08
C THR C 1269 -36.49 22.29 41.93
N GLN C 1270 -36.49 23.53 41.45
CA GLN C 1270 -35.63 23.93 40.34
C GLN C 1270 -34.92 25.27 40.57
N ASP C 1271 -35.17 25.93 41.70
CA ASP C 1271 -34.51 27.21 41.98
C ASP C 1271 -34.08 27.30 43.43
N GLU C 1272 -33.74 26.16 44.05
CA GLU C 1272 -33.34 26.13 45.45
C GLU C 1272 -32.05 25.35 45.72
N VAL C 1273 -31.67 24.42 44.85
CA VAL C 1273 -30.49 23.59 45.12
C VAL C 1273 -29.22 24.42 45.07
N HIS C 1274 -29.17 25.41 44.17
CA HIS C 1274 -28.01 26.28 44.07
C HIS C 1274 -27.77 27.03 45.37
N THR C 1275 -28.79 27.75 45.86
CA THR C 1275 -28.67 28.43 47.14
C THR C 1275 -28.56 27.47 48.30
N LYS C 1276 -28.97 26.21 48.11
CA LYS C 1276 -28.84 25.22 49.17
C LYS C 1276 -27.39 24.83 49.39
N CYS C 1277 -26.68 24.51 48.29
CA CYS C 1277 -25.27 24.14 48.41
C CYS C 1277 -24.36 25.36 48.54
N GLN C 1278 -24.81 26.54 48.13
CA GLN C 1278 -23.96 27.72 48.25
C GLN C 1278 -23.89 28.23 49.69
N LYS C 1279 -24.92 27.96 50.50
CA LYS C 1279 -24.88 28.38 51.89
C LYS C 1279 -23.87 27.57 52.70
N LEU C 1280 -23.57 26.35 52.27
CA LEU C 1280 -22.64 25.50 53.00
C LEU C 1280 -21.22 26.07 52.97
N ASN C 1281 -20.73 26.41 51.78
CA ASN C 1281 -19.39 26.95 51.62
C ASN C 1281 -19.30 27.64 50.28
N PRO C 1282 -18.52 28.71 50.16
CA PRO C 1282 -18.36 29.38 48.86
C PRO C 1282 -17.69 28.46 47.85
N LYS C 1283 -17.93 28.77 46.57
CA LYS C 1283 -17.43 27.98 45.44
C LYS C 1283 -17.89 26.52 45.56
N SER C 1284 -19.20 26.34 45.51
CA SER C 1284 -19.82 25.02 45.62
C SER C 1284 -20.98 24.96 44.63
N HIS C 1285 -20.81 24.22 43.56
CA HIS C 1285 -21.81 24.06 42.53
C HIS C 1285 -22.31 22.62 42.48
N ILE C 1286 -23.45 22.43 41.81
CA ILE C 1286 -24.06 21.11 41.72
C ILE C 1286 -23.17 20.19 40.88
N LEU C 1287 -23.24 18.90 41.18
CA LEU C 1287 -22.41 17.88 40.53
C LEU C 1287 -22.55 17.94 39.01
N SER C 1288 -21.45 18.24 38.33
CA SER C 1288 -21.38 18.24 36.88
C SER C 1288 -20.30 17.27 36.43
N ILE C 1289 -20.56 16.55 35.34
CA ILE C 1289 -19.66 15.55 34.82
C ILE C 1289 -18.81 16.18 33.73
N ARG C 1290 -17.53 16.41 34.04
CA ARG C 1290 -16.57 16.93 33.07
C ARG C 1290 -15.45 15.93 32.78
N ASP C 1291 -15.55 14.71 33.30
CA ASP C 1291 -14.53 13.69 33.10
C ASP C 1291 -15.19 12.36 32.75
N GLU C 1292 -14.41 11.28 32.74
CA GLU C 1292 -14.91 9.97 32.39
C GLU C 1292 -14.72 8.92 33.48
N LYS C 1293 -13.84 9.14 34.45
CA LYS C 1293 -13.61 8.18 35.52
C LYS C 1293 -14.45 8.47 36.76
N GLU C 1294 -15.09 9.64 36.83
CA GLU C 1294 -15.92 9.97 37.99
C GLU C 1294 -17.15 9.08 38.07
N ASN C 1295 -17.68 8.63 36.95
CA ASN C 1295 -18.86 7.78 36.96
C ASN C 1295 -18.56 6.45 37.66
N ASN C 1296 -17.45 5.80 37.28
CA ASN C 1296 -17.08 4.54 37.92
C ASN C 1296 -16.76 4.78 39.40
N PHE C 1297 -16.17 5.93 39.73
CA PHE C 1297 -15.85 6.22 41.12
C PHE C 1297 -17.10 6.34 41.97
N VAL C 1298 -18.09 7.11 41.52
CA VAL C 1298 -19.31 7.26 42.29
C VAL C 1298 -20.11 5.96 42.28
N LEU C 1299 -19.96 5.15 41.23
CA LEU C 1299 -20.61 3.84 41.20
C LEU C 1299 -20.04 2.92 42.28
N GLU C 1300 -18.70 2.87 42.38
CA GLU C 1300 -18.08 2.06 43.42
C GLU C 1300 -18.34 2.63 44.81
N GLN C 1301 -18.54 3.94 44.92
CA GLN C 1301 -18.84 4.55 46.20
C GLN C 1301 -20.30 4.37 46.60
N LEU C 1302 -21.17 4.08 45.64
CA LEU C 1302 -22.60 3.98 45.93
C LEU C 1302 -22.92 2.77 46.80
N LEU C 1303 -22.42 1.59 46.41
CA LEU C 1303 -22.80 0.34 47.07
C LEU C 1303 -22.07 0.16 48.40
N TYR C 1304 -22.29 1.14 49.29
CA TYR C 1304 -21.75 1.09 50.65
C TYR C 1304 -22.85 1.08 51.71
N PHE C 1305 -23.88 1.90 51.57
CA PHE C 1305 -25.02 1.95 52.48
C PHE C 1305 -26.32 1.81 51.71
N ASN C 1306 -26.36 0.83 50.81
CA ASN C 1306 -27.48 0.64 49.89
C ASN C 1306 -28.57 -0.27 50.45
N TYR C 1307 -28.74 -0.29 51.78
CA TYR C 1307 -29.79 -1.10 52.39
C TYR C 1307 -31.16 -0.71 51.85
N MET C 1308 -31.41 0.59 51.71
CA MET C 1308 -32.67 1.10 51.18
C MET C 1308 -32.47 1.95 49.93
N ALA C 1309 -31.22 2.20 49.54
CA ALA C 1309 -30.90 3.05 48.40
C ALA C 1309 -30.72 2.18 47.16
N SER C 1310 -31.53 2.42 46.13
CA SER C 1310 -31.46 1.70 44.89
C SER C 1310 -31.43 2.58 43.64
N TRP C 1311 -31.89 3.82 43.72
CA TRP C 1311 -31.89 4.74 42.60
C TRP C 1311 -30.83 5.82 42.79
N VAL C 1312 -30.40 6.40 41.68
CA VAL C 1312 -29.39 7.45 41.66
C VAL C 1312 -29.99 8.68 40.99
N MET C 1313 -29.80 9.84 41.60
CA MET C 1313 -30.34 11.09 41.08
C MET C 1313 -29.26 11.86 40.32
N LEU C 1314 -29.71 12.76 39.45
CA LEU C 1314 -28.82 13.59 38.64
C LEU C 1314 -29.30 15.03 38.70
N GLY C 1315 -28.47 15.94 38.19
CA GLY C 1315 -28.77 17.35 38.22
C GLY C 1315 -29.30 17.90 36.91
N ILE C 1316 -29.96 17.05 36.12
CA ILE C 1316 -30.55 17.46 34.85
C ILE C 1316 -32.01 17.79 35.08
N THR C 1317 -32.39 19.03 34.81
CA THR C 1317 -33.76 19.50 35.02
C THR C 1317 -34.18 20.38 33.85
N TYR C 1318 -35.37 20.96 33.97
CA TYR C 1318 -35.89 21.88 32.97
C TYR C 1318 -35.17 23.21 33.10
N ARG C 1319 -34.28 23.51 32.15
CA ARG C 1319 -33.47 24.72 32.18
C ARG C 1319 -33.49 25.36 30.80
N ASN C 1320 -34.09 26.55 30.71
CA ASN C 1320 -34.12 27.34 29.48
C ASN C 1320 -34.75 26.55 28.32
N LYS C 1321 -35.92 25.97 28.59
CA LYS C 1321 -36.68 25.23 27.59
C LYS C 1321 -35.86 24.07 27.00
N SER C 1322 -35.02 23.46 27.83
CA SER C 1322 -34.17 22.36 27.38
C SER C 1322 -33.78 21.52 28.58
N LEU C 1323 -33.10 20.41 28.31
CA LEU C 1323 -32.65 19.47 29.34
C LEU C 1323 -31.19 19.77 29.64
N MET C 1324 -30.96 20.70 30.55
CA MET C 1324 -29.60 21.10 30.91
C MET C 1324 -29.40 21.10 32.42
N TRP C 1325 -28.26 21.59 32.87
CA TRP C 1325 -27.94 21.64 34.30
C TRP C 1325 -28.61 22.87 34.92
N PHE C 1326 -28.30 23.14 36.18
CA PHE C 1326 -28.85 24.29 36.87
C PHE C 1326 -28.05 25.57 36.61
N ASP C 1327 -26.73 25.45 36.51
CA ASP C 1327 -25.87 26.60 36.29
C ASP C 1327 -25.97 27.06 34.83
N LYS C 1328 -25.40 28.23 34.56
CA LYS C 1328 -25.41 28.82 33.22
C LYS C 1328 -24.19 28.30 32.46
N THR C 1329 -24.31 27.06 31.99
CA THR C 1329 -23.24 26.42 31.25
C THR C 1329 -23.84 25.37 30.31
N PRO C 1330 -23.35 25.27 29.08
CA PRO C 1330 -23.90 24.28 28.14
C PRO C 1330 -23.48 22.86 28.52
N LEU C 1331 -24.11 21.90 27.86
CA LEU C 1331 -23.86 20.49 28.08
C LEU C 1331 -22.96 19.93 26.99
N SER C 1332 -22.00 19.09 27.38
CA SER C 1332 -21.09 18.45 26.44
C SER C 1332 -21.24 16.94 26.43
N TYR C 1333 -21.34 16.32 27.60
CA TYR C 1333 -21.51 14.86 27.70
C TYR C 1333 -23.01 14.55 27.71
N THR C 1334 -23.52 14.07 26.59
CA THR C 1334 -24.94 13.76 26.47
C THR C 1334 -25.29 12.58 27.37
N HIS C 1335 -26.43 12.70 28.06
CA HIS C 1335 -26.90 11.68 28.99
C HIS C 1335 -28.30 11.21 28.60
N TRP C 1336 -28.53 11.00 27.31
CA TRP C 1336 -29.83 10.59 26.80
C TRP C 1336 -29.82 9.09 26.48
N ARG C 1337 -31.00 8.48 26.54
CA ARG C 1337 -31.12 7.04 26.33
C ARG C 1337 -31.11 6.70 24.83
N ALA C 1338 -32.11 7.20 24.10
CA ALA C 1338 -32.22 6.91 22.68
C ALA C 1338 -33.18 7.90 22.04
N GLY C 1339 -33.02 8.12 20.75
CA GLY C 1339 -33.90 9.04 20.04
C GLY C 1339 -33.58 10.48 20.42
N ARG C 1340 -34.62 11.25 20.73
CA ARG C 1340 -34.47 12.65 21.12
C ARG C 1340 -35.59 12.98 22.09
N PRO C 1341 -35.28 13.09 23.38
CA PRO C 1341 -36.33 13.45 24.35
C PRO C 1341 -36.84 14.87 24.13
N THR C 1342 -38.13 15.03 24.38
CA THR C 1342 -38.82 16.32 24.22
C THR C 1342 -39.66 16.61 25.45
N ILE C 1343 -39.08 16.41 26.63
CA ILE C 1343 -39.78 16.67 27.88
C ILE C 1343 -39.90 18.17 28.09
N LYS C 1344 -41.13 18.66 28.15
CA LYS C 1344 -41.40 20.08 28.36
C LYS C 1344 -41.87 20.38 29.78
N ASN C 1345 -41.95 19.38 30.64
CA ASN C 1345 -42.38 19.59 32.01
C ASN C 1345 -41.30 20.35 32.80
N GLU C 1346 -41.70 20.86 33.96
CA GLU C 1346 -40.78 21.60 34.82
C GLU C 1346 -39.75 20.72 35.49
N LYS C 1347 -39.91 19.41 35.44
CA LYS C 1347 -38.96 18.49 36.08
C LYS C 1347 -39.15 17.10 35.49
N PHE C 1348 -38.17 16.24 35.75
CA PHE C 1348 -38.21 14.85 35.34
C PHE C 1348 -37.21 14.08 36.20
N LEU C 1349 -37.03 12.79 35.90
CA LEU C 1349 -36.16 11.92 36.68
C LEU C 1349 -35.01 11.44 35.80
N ALA C 1350 -33.85 12.08 35.94
CA ALA C 1350 -32.63 11.63 35.28
C ALA C 1350 -31.92 10.64 36.19
N GLY C 1351 -31.91 9.37 35.79
CA GLY C 1351 -31.39 8.32 36.65
C GLY C 1351 -30.15 7.68 36.08
N LEU C 1352 -29.32 7.16 36.98
CA LEU C 1352 -28.10 6.47 36.64
C LEU C 1352 -28.29 4.98 36.90
N SER C 1353 -27.96 4.16 35.90
CA SER C 1353 -28.26 2.74 35.93
C SER C 1353 -27.23 1.99 36.78
N THR C 1354 -27.25 0.66 36.70
CA THR C 1354 -26.30 -0.15 37.47
C THR C 1354 -24.94 -0.21 36.80
N ASP C 1355 -24.90 -0.16 35.46
CA ASP C 1355 -23.65 -0.22 34.72
C ASP C 1355 -23.31 1.08 34.02
N GLY C 1356 -24.24 2.03 33.94
CA GLY C 1356 -23.94 3.31 33.32
C GLY C 1356 -24.83 3.63 32.13
N PHE C 1357 -26.02 3.05 32.10
CA PHE C 1357 -26.98 3.33 31.03
C PHE C 1357 -27.70 4.63 31.32
N TRP C 1358 -27.59 5.59 30.40
CA TRP C 1358 -28.26 6.87 30.56
C TRP C 1358 -29.77 6.68 30.46
N ASP C 1359 -30.50 7.13 31.49
CA ASP C 1359 -31.93 6.88 31.59
C ASP C 1359 -32.67 8.14 32.01
N ILE C 1360 -33.78 8.42 31.33
CA ILE C 1360 -34.66 9.52 31.65
C ILE C 1360 -36.08 8.97 31.82
N GLN C 1361 -36.74 9.38 32.90
CA GLN C 1361 -38.08 8.92 33.23
C GLN C 1361 -38.96 10.13 33.48
N THR C 1362 -39.96 10.31 32.64
CA THR C 1362 -40.95 11.37 32.85
C THR C 1362 -41.95 10.92 33.91
N PHE C 1363 -42.19 11.78 34.89
CA PHE C 1363 -43.05 11.44 36.02
C PHE C 1363 -44.38 12.19 35.93
N LYS C 1364 -45.44 11.50 36.32
CA LYS C 1364 -46.77 12.09 36.45
C LYS C 1364 -47.21 12.25 37.90
N VAL C 1365 -46.65 11.47 38.81
CA VAL C 1365 -46.91 11.59 40.24
C VAL C 1365 -45.59 11.91 40.93
N ILE C 1366 -45.68 12.66 42.02
CA ILE C 1366 -44.50 13.13 42.73
C ILE C 1366 -44.13 12.12 43.82
N GLU C 1367 -44.79 10.97 43.83
CA GLU C 1367 -44.53 9.95 44.84
C GLU C 1367 -43.32 9.11 44.46
N GLU C 1368 -42.21 9.77 44.13
CA GLU C 1368 -40.92 9.11 43.87
C GLU C 1368 -39.80 9.94 44.47
N ALA C 1369 -40.01 10.46 45.68
CA ALA C 1369 -39.10 11.41 46.28
C ALA C 1369 -38.54 10.90 47.60
N VAL C 1370 -38.08 9.66 47.63
CA VAL C 1370 -37.75 8.98 48.87
C VAL C 1370 -36.24 8.93 49.16
N TYR C 1371 -35.37 8.54 48.20
CA TYR C 1371 -35.38 8.39 46.72
C TYR C 1371 -35.36 9.73 45.97
N PHE C 1372 -35.44 10.85 46.69
CA PHE C 1372 -34.98 12.08 46.07
C PHE C 1372 -34.06 12.90 46.98
N HIS C 1373 -34.37 12.98 48.27
CA HIS C 1373 -33.61 13.85 49.17
C HIS C 1373 -33.30 13.24 50.54
N GLN C 1374 -33.95 12.16 50.93
CA GLN C 1374 -33.76 11.61 52.28
C GLN C 1374 -32.59 10.63 52.35
N HIS C 1375 -32.59 9.63 51.48
CA HIS C 1375 -31.53 8.62 51.44
C HIS C 1375 -30.98 8.47 50.03
N SER C 1376 -30.71 9.61 49.38
CA SER C 1376 -30.16 9.60 48.03
C SER C 1376 -28.85 10.36 47.98
N ILE C 1377 -28.29 10.51 46.78
CA ILE C 1377 -27.04 11.22 46.59
C ILE C 1377 -27.35 12.69 46.31
N LEU C 1378 -27.03 13.55 47.27
CA LEU C 1378 -27.16 14.99 47.14
C LEU C 1378 -25.80 15.64 47.06
N ALA C 1379 -24.86 15.01 46.35
CA ALA C 1379 -23.49 15.47 46.28
C ALA C 1379 -23.37 16.64 45.32
N CYS C 1380 -22.74 17.73 45.78
CA CYS C 1380 -22.47 18.88 44.94
C CYS C 1380 -21.00 19.26 45.08
N LYS C 1381 -20.34 19.47 43.94
CA LYS C 1381 -18.88 19.61 43.91
C LYS C 1381 -18.45 20.97 44.44
N ILE C 1382 -17.16 21.07 44.76
CA ILE C 1382 -16.54 22.28 45.29
C ILE C 1382 -15.47 22.82 44.35
N GLU C 1383 -14.59 21.95 43.86
CA GLU C 1383 -13.49 22.31 42.97
C GLU C 1383 -12.61 23.40 43.60
N ARG D 30 14.68 -52.67 50.56
CA ARG D 30 13.36 -53.24 50.34
C ARG D 30 12.62 -52.49 49.25
N ALA D 31 11.49 -53.04 48.81
CA ALA D 31 10.68 -52.42 47.75
C ALA D 31 9.22 -52.75 48.03
N ALA D 32 8.51 -51.81 48.66
CA ALA D 32 7.11 -51.99 48.98
C ALA D 32 6.39 -50.66 48.81
N ASN D 33 5.07 -50.75 48.67
CA ASN D 33 4.24 -49.55 48.50
C ASN D 33 4.06 -48.85 49.83
N ASP D 34 4.20 -47.52 49.82
CA ASP D 34 4.06 -46.71 51.02
C ASP D 34 3.06 -45.59 50.77
N PRO D 35 2.25 -45.24 51.78
CA PRO D 35 1.31 -44.13 51.61
C PRO D 35 2.04 -42.81 51.37
N PHE D 36 1.45 -41.97 50.54
CA PHE D 36 2.05 -40.71 50.15
C PHE D 36 0.95 -39.70 49.84
N THR D 37 1.37 -38.49 49.47
CA THR D 37 0.46 -37.41 49.12
C THR D 37 0.88 -36.79 47.79
N ILE D 38 -0.11 -36.45 46.97
CA ILE D 38 0.13 -35.83 45.67
C ILE D 38 -0.07 -34.33 45.80
N VAL D 39 0.95 -33.56 45.41
CA VAL D 39 0.95 -32.11 45.54
C VAL D 39 1.18 -31.51 44.17
N HIS D 40 0.69 -30.29 43.98
CA HIS D 40 0.92 -29.54 42.75
C HIS D 40 2.26 -28.82 42.81
N GLY D 41 2.89 -28.67 41.65
CA GLY D 41 4.20 -28.06 41.58
C GLY D 41 4.17 -26.54 41.58
N ASN D 42 3.33 -25.96 40.72
CA ASN D 42 3.24 -24.51 40.64
C ASN D 42 2.65 -23.93 41.93
N THR D 43 1.44 -24.36 42.28
CA THR D 43 0.76 -23.91 43.49
C THR D 43 0.91 -24.95 44.60
N GLY D 44 1.17 -24.46 45.80
CA GLY D 44 1.36 -25.34 46.95
C GLY D 44 0.07 -25.97 47.46
N LYS D 45 -0.60 -26.72 46.59
CA LYS D 45 -1.86 -27.37 46.93
C LYS D 45 -1.73 -28.88 46.75
N CYS D 46 -2.25 -29.63 47.73
CA CYS D 46 -2.28 -31.08 47.65
C CYS D 46 -3.73 -31.54 47.70
N ILE D 47 -3.97 -32.79 47.28
CA ILE D 47 -5.33 -33.28 47.10
C ILE D 47 -5.98 -33.54 48.44
N LYS D 48 -7.20 -33.02 48.61
CA LYS D 48 -7.98 -33.25 49.81
C LYS D 48 -9.39 -33.70 49.42
N PRO D 49 -9.84 -34.86 49.88
CA PRO D 49 -11.17 -35.36 49.50
C PRO D 49 -12.27 -34.92 50.45
N VAL D 50 -13.44 -34.67 49.87
CA VAL D 50 -14.66 -34.35 50.62
C VAL D 50 -15.74 -35.31 50.14
N TYR D 51 -16.89 -35.27 50.84
CA TYR D 51 -17.94 -36.29 50.77
C TYR D 51 -18.15 -36.87 49.37
N GLY D 52 -18.06 -36.03 48.35
CA GLY D 52 -18.15 -36.53 46.99
C GLY D 52 -17.26 -35.82 45.99
N TRP D 53 -16.33 -34.99 46.45
CA TRP D 53 -15.58 -34.16 45.53
C TRP D 53 -14.19 -33.90 46.10
N ILE D 54 -13.49 -32.90 45.55
CA ILE D 54 -12.17 -32.50 45.99
C ILE D 54 -12.24 -31.05 46.44
N VAL D 55 -11.53 -30.73 47.53
CA VAL D 55 -11.56 -29.39 48.10
C VAL D 55 -10.15 -28.81 48.12
N ALA D 56 -10.02 -27.61 48.70
CA ALA D 56 -8.74 -26.90 48.73
C ALA D 56 -7.68 -27.66 49.51
N ASP D 57 -6.46 -27.13 49.54
CA ASP D 57 -5.32 -27.85 50.08
C ASP D 57 -5.49 -28.19 51.56
N ASP D 58 -5.52 -27.18 52.43
CA ASP D 58 -5.45 -27.38 53.88
C ASP D 58 -4.38 -28.41 54.23
N CYS D 59 -3.23 -28.28 53.58
CA CYS D 59 -2.26 -29.36 53.46
C CYS D 59 -1.27 -29.31 54.63
N ASP D 60 -0.17 -30.05 54.49
CA ASP D 60 0.90 -30.16 55.49
C ASP D 60 0.42 -30.84 56.77
N GLU D 61 -0.62 -31.66 56.69
CA GLU D 61 -1.11 -32.42 57.83
C GLU D 61 -1.55 -33.79 57.32
N THR D 62 -0.78 -34.83 57.67
CA THR D 62 -1.01 -36.17 57.15
C THR D 62 -1.88 -37.00 58.10
N GLU D 63 -2.79 -36.33 58.81
CA GLU D 63 -3.73 -37.05 59.68
C GLU D 63 -4.95 -37.55 58.95
N ASP D 64 -5.31 -36.93 57.83
CA ASP D 64 -6.48 -37.33 57.05
C ASP D 64 -6.16 -37.55 55.58
N LYS D 65 -5.24 -36.76 55.01
CA LYS D 65 -4.92 -36.85 53.58
C LYS D 65 -3.87 -37.94 53.38
N LEU D 66 -4.30 -39.10 52.91
CA LEU D 66 -3.41 -40.21 52.59
C LEU D 66 -3.89 -40.89 51.31
N TRP D 67 -2.96 -41.17 50.40
CA TRP D 67 -3.27 -41.81 49.13
C TRP D 67 -2.30 -42.95 48.88
N LYS D 68 -2.74 -43.94 48.12
CA LYS D 68 -1.91 -45.09 47.80
C LYS D 68 -2.31 -45.66 46.44
N TRP D 69 -1.43 -46.51 45.90
CA TRP D 69 -1.64 -47.15 44.62
C TRP D 69 -2.15 -48.57 44.82
N VAL D 70 -3.22 -48.93 44.11
CA VAL D 70 -3.81 -50.27 44.17
C VAL D 70 -3.98 -50.79 42.76
N SER D 71 -4.34 -52.07 42.67
CA SER D 71 -4.33 -52.82 41.42
C SER D 71 -5.24 -52.17 40.38
N GLN D 72 -5.09 -52.63 39.13
CA GLN D 72 -5.76 -52.04 37.97
C GLN D 72 -5.41 -50.57 37.81
N HIS D 73 -4.23 -50.19 38.30
CA HIS D 73 -3.72 -48.81 38.21
C HIS D 73 -4.71 -47.82 38.81
N ARG D 74 -5.09 -48.05 40.05
CA ARG D 74 -6.09 -47.23 40.72
C ARG D 74 -5.49 -46.49 41.91
N LEU D 75 -6.10 -45.37 42.25
CA LEU D 75 -5.71 -44.56 43.40
C LEU D 75 -6.73 -44.76 44.51
N PHE D 76 -6.25 -44.96 45.73
CA PHE D 76 -7.13 -45.29 46.86
C PHE D 76 -6.79 -44.38 48.04
N HIS D 77 -7.83 -43.84 48.68
CA HIS D 77 -7.66 -43.06 49.89
C HIS D 77 -7.84 -43.95 51.10
N LEU D 78 -6.89 -43.86 52.03
CA LEU D 78 -6.86 -44.79 53.17
C LEU D 78 -7.94 -44.45 54.19
N HIS D 79 -8.02 -43.18 54.62
CA HIS D 79 -8.96 -42.82 55.67
C HIS D 79 -10.39 -42.83 55.16
N SER D 80 -10.67 -42.02 54.13
CA SER D 80 -12.04 -41.91 53.63
C SER D 80 -12.54 -43.20 52.97
N GLN D 81 -11.63 -44.10 52.58
CA GLN D 81 -11.98 -45.36 51.94
C GLN D 81 -12.81 -45.15 50.68
N LYS D 82 -12.54 -44.06 49.97
CA LYS D 82 -13.26 -43.72 48.74
C LYS D 82 -12.26 -43.43 47.64
N CYS D 83 -12.42 -44.09 46.51
CA CYS D 83 -11.54 -43.92 45.36
C CYS D 83 -12.19 -43.02 44.31
N LEU D 84 -11.34 -42.45 43.46
CA LEU D 84 -11.78 -41.53 42.41
C LEU D 84 -11.84 -42.23 41.07
N GLY D 85 -12.74 -41.75 40.22
CA GLY D 85 -12.92 -42.34 38.90
C GLY D 85 -13.52 -41.33 37.93
N LEU D 86 -13.67 -41.78 36.69
CA LEU D 86 -14.21 -40.95 35.62
C LEU D 86 -15.49 -41.59 35.09
N ASP D 87 -16.61 -40.87 35.20
CA ASP D 87 -17.91 -41.33 34.72
C ASP D 87 -18.27 -40.48 33.51
N ILE D 88 -17.96 -40.99 32.32
CA ILE D 88 -18.22 -40.27 31.07
C ILE D 88 -19.66 -40.63 30.67
N THR D 89 -20.59 -39.79 31.10
CA THR D 89 -22.01 -39.99 30.78
C THR D 89 -22.70 -38.76 30.20
N LYS D 90 -22.27 -37.56 30.55
CA LYS D 90 -22.88 -36.32 30.05
C LYS D 90 -21.84 -35.52 29.27
N SER D 91 -22.21 -34.30 28.89
CA SER D 91 -21.30 -33.44 28.15
C SER D 91 -20.08 -33.06 28.99
N VAL D 92 -20.29 -32.72 30.26
CA VAL D 92 -19.23 -32.36 31.17
C VAL D 92 -19.08 -33.49 32.17
N ASN D 93 -18.01 -34.27 32.04
CA ASN D 93 -17.77 -35.40 32.94
C ASN D 93 -17.35 -34.90 34.30
N GLU D 94 -18.17 -35.14 35.32
CA GLU D 94 -17.87 -34.71 36.67
C GLU D 94 -16.88 -35.65 37.34
N LEU D 95 -15.90 -35.07 38.03
CA LEU D 95 -14.87 -35.84 38.72
C LEU D 95 -15.26 -35.96 40.19
N ARG D 96 -16.13 -36.92 40.48
CA ARG D 96 -16.63 -37.17 41.82
C ARG D 96 -16.04 -38.46 42.37
N MET D 97 -16.50 -38.83 43.56
CA MET D 97 -16.04 -40.06 44.20
C MET D 97 -16.95 -41.22 43.82
N PHE D 98 -16.34 -42.40 43.70
CA PHE D 98 -17.06 -43.61 43.32
C PHE D 98 -16.57 -44.77 44.17
N SER D 99 -17.38 -45.83 44.19
CA SER D 99 -17.00 -47.04 44.90
C SER D 99 -16.02 -47.85 44.08
N CYS D 100 -15.00 -48.41 44.75
CA CYS D 100 -13.98 -49.17 44.05
C CYS D 100 -14.47 -50.51 43.53
N ASP D 101 -15.69 -50.92 43.87
CA ASP D 101 -16.30 -52.13 43.35
C ASP D 101 -17.55 -51.71 42.57
N SER D 102 -17.34 -51.37 41.30
CA SER D 102 -18.42 -50.91 40.42
C SER D 102 -17.86 -50.79 39.01
N SER D 103 -18.75 -50.52 38.07
CA SER D 103 -18.36 -50.34 36.67
C SER D 103 -18.17 -48.84 36.38
N ALA D 104 -17.08 -48.30 36.93
CA ALA D 104 -16.75 -46.89 36.78
C ALA D 104 -15.58 -46.64 35.84
N MET D 105 -14.86 -47.69 35.45
CA MET D 105 -13.70 -47.58 34.56
C MET D 105 -12.69 -46.57 35.10
N LEU D 106 -12.21 -46.85 36.31
CA LEU D 106 -11.29 -45.97 37.02
C LEU D 106 -9.87 -46.49 36.90
N TRP D 107 -8.96 -45.65 36.40
CA TRP D 107 -7.54 -45.95 36.31
C TRP D 107 -6.81 -44.68 35.86
N TRP D 108 -5.58 -44.53 36.31
CA TRP D 108 -4.78 -43.34 36.02
C TRP D 108 -3.34 -43.75 35.76
N LYS D 109 -2.70 -43.03 34.84
CA LYS D 109 -1.31 -43.27 34.47
C LYS D 109 -0.55 -41.96 34.45
N CYS D 110 0.77 -42.08 34.36
CA CYS D 110 1.68 -40.94 34.45
C CYS D 110 2.28 -40.64 33.09
N GLU D 111 2.11 -39.41 32.62
CA GLU D 111 2.84 -38.87 31.48
C GLU D 111 4.09 -38.16 32.00
N HIS D 112 4.98 -37.81 31.06
CA HIS D 112 6.33 -37.37 31.37
C HIS D 112 6.42 -36.47 32.61
N HIS D 113 5.48 -35.53 32.73
CA HIS D 113 5.43 -34.67 33.91
C HIS D 113 4.01 -34.41 34.37
N SER D 114 3.08 -35.35 34.13
CA SER D 114 1.68 -35.09 34.45
C SER D 114 0.95 -36.42 34.69
N LEU D 115 -0.36 -36.31 34.88
CA LEU D 115 -1.25 -37.45 35.10
C LEU D 115 -2.34 -37.44 34.04
N TYR D 116 -2.56 -38.58 33.39
CA TYR D 116 -3.66 -38.72 32.45
C TYR D 116 -4.52 -39.91 32.86
N GLY D 117 -5.84 -39.75 32.76
CA GLY D 117 -6.76 -40.73 33.28
C GLY D 117 -7.46 -41.58 32.24
N ALA D 118 -8.76 -41.32 32.04
CA ALA D 118 -9.59 -42.16 31.18
C ALA D 118 -9.10 -42.17 29.75
N ALA D 119 -9.17 -41.02 29.06
CA ALA D 119 -8.74 -40.90 27.67
C ALA D 119 -8.02 -39.56 27.51
N ARG D 120 -6.71 -39.56 27.75
CA ARG D 120 -5.89 -38.35 27.65
C ARG D 120 -6.45 -37.22 28.50
N TYR D 121 -7.19 -37.56 29.55
CA TYR D 121 -7.82 -36.58 30.43
C TYR D 121 -6.91 -36.31 31.63
N ARG D 122 -6.37 -35.10 31.70
CA ARG D 122 -5.48 -34.73 32.78
C ARG D 122 -6.27 -34.16 33.95
N LEU D 123 -5.76 -34.37 35.15
CA LEU D 123 -6.37 -33.86 36.38
C LEU D 123 -6.08 -32.36 36.46
N ALA D 124 -6.83 -31.59 35.67
CA ALA D 124 -6.63 -30.15 35.64
C ALA D 124 -7.16 -29.49 36.90
N LEU D 125 -6.44 -28.49 37.36
CA LEU D 125 -6.79 -27.76 38.58
C LEU D 125 -7.31 -26.38 38.22
N LYS D 126 -8.40 -25.98 38.86
CA LYS D 126 -9.03 -24.68 38.65
C LYS D 126 -9.18 -23.95 39.98
N ASP D 127 -8.09 -23.94 40.75
CA ASP D 127 -8.01 -23.24 42.04
C ASP D 127 -9.06 -23.76 43.02
N GLY D 128 -8.93 -25.04 43.37
CA GLY D 128 -9.76 -25.63 44.39
C GLY D 128 -10.40 -26.96 44.03
N HIS D 129 -10.78 -27.13 42.77
CA HIS D 129 -11.45 -28.33 42.31
C HIS D 129 -10.70 -28.93 41.11
N GLY D 130 -10.67 -30.25 41.05
CA GLY D 130 -10.02 -30.96 39.97
C GLY D 130 -11.01 -31.48 38.96
N THR D 131 -10.82 -31.10 37.70
CA THR D 131 -11.67 -31.52 36.60
C THR D 131 -10.82 -32.16 35.51
N ALA D 132 -11.47 -32.48 34.39
CA ALA D 132 -10.81 -33.10 33.24
C ALA D 132 -11.08 -32.23 32.01
N ILE D 133 -10.13 -31.37 31.66
CA ILE D 133 -10.23 -30.52 30.48
C ILE D 133 -9.20 -30.89 29.43
N SER D 134 -8.35 -31.88 29.70
CA SER D 134 -7.29 -32.32 28.78
C SER D 134 -6.39 -31.16 28.40
N ASN D 135 -5.76 -30.55 29.42
CA ASN D 135 -4.82 -29.45 29.23
C ASN D 135 -3.40 -29.97 29.42
N ALA D 136 -2.47 -29.44 28.62
CA ALA D 136 -1.09 -29.89 28.63
C ALA D 136 -0.20 -29.08 29.54
N SER D 137 -0.77 -28.27 30.42
CA SER D 137 0.00 -27.44 31.36
C SER D 137 -0.46 -27.77 32.77
N ASP D 138 0.12 -28.80 33.37
CA ASP D 138 -0.17 -29.20 34.74
C ASP D 138 0.89 -30.21 35.18
N VAL D 139 1.37 -30.05 36.40
CA VAL D 139 2.39 -30.93 36.97
C VAL D 139 1.91 -31.43 38.32
N TRP D 140 2.39 -32.63 38.69
CA TRP D 140 2.03 -33.25 39.96
C TRP D 140 3.22 -34.04 40.47
N LYS D 141 3.62 -33.75 41.71
CA LYS D 141 4.75 -34.42 42.34
C LYS D 141 4.29 -34.99 43.68
N LYS D 142 5.22 -35.58 44.42
CA LYS D 142 4.91 -36.06 45.76
C LYS D 142 5.40 -35.07 46.81
N GLY D 143 5.19 -35.43 48.08
CA GLY D 143 5.45 -34.51 49.17
C GLY D 143 6.90 -34.13 49.38
N GLY D 144 7.24 -32.88 49.04
CA GLY D 144 8.54 -32.33 49.35
C GLY D 144 9.72 -33.05 48.73
N SER D 145 9.59 -33.48 47.49
CA SER D 145 10.67 -34.18 46.81
C SER D 145 10.38 -34.24 45.31
N GLU D 146 11.44 -34.25 44.52
CA GLU D 146 11.33 -34.31 43.06
C GLU D 146 11.10 -35.76 42.64
N GLU D 147 9.88 -36.07 42.19
CA GLU D 147 9.55 -37.40 41.71
C GLU D 147 8.26 -37.33 40.92
N SER D 148 8.15 -38.19 39.90
CA SER D 148 6.97 -38.26 39.05
C SER D 148 5.88 -39.16 39.64
N LEU D 149 6.00 -39.54 40.92
CA LEU D 149 5.01 -40.33 41.65
C LEU D 149 4.60 -41.61 40.91
N CYS D 150 5.40 -42.06 39.95
CA CYS D 150 5.12 -43.31 39.24
C CYS D 150 6.36 -44.14 38.98
N ASP D 151 7.51 -43.78 39.56
CA ASP D 151 8.72 -44.56 39.33
C ASP D 151 8.67 -45.89 40.08
N GLN D 152 7.95 -45.96 41.19
CA GLN D 152 7.80 -47.20 41.93
C GLN D 152 6.59 -47.96 41.39
N PRO D 153 6.78 -49.14 40.79
CA PRO D 153 5.64 -49.89 40.25
C PRO D 153 4.72 -50.43 41.35
N TYR D 154 3.65 -51.11 40.94
CA TYR D 154 2.72 -51.68 41.91
C TYR D 154 3.39 -52.83 42.67
N HIS D 155 3.23 -52.84 43.99
CA HIS D 155 3.83 -53.84 44.85
C HIS D 155 2.73 -54.50 45.69
N GLU D 156 2.88 -55.80 45.91
CA GLU D 156 1.92 -56.55 46.71
C GLU D 156 2.63 -57.53 47.64
N SER D 164 -4.40 -69.11 50.75
CA SER D 164 -4.80 -69.91 49.60
C SER D 164 -3.64 -70.09 48.62
N TYR D 165 -2.81 -71.10 48.88
CA TYR D 165 -1.66 -71.45 48.06
C TYR D 165 -0.66 -70.29 47.94
N GLY D 166 -0.63 -69.40 48.92
CA GLY D 166 0.31 -68.29 48.91
C GLY D 166 0.13 -67.33 47.76
N ARG D 167 -1.11 -67.14 47.30
CA ARG D 167 -1.36 -66.24 46.19
C ARG D 167 -1.23 -64.79 46.63
N PRO D 168 -0.87 -63.89 45.72
CA PRO D 168 -0.74 -62.47 46.09
C PRO D 168 -2.08 -61.88 46.51
N CYS D 169 -2.00 -60.90 47.41
CA CYS D 169 -3.20 -60.28 47.96
C CYS D 169 -3.85 -59.37 46.92
N GLU D 170 -5.11 -59.03 47.19
CA GLU D 170 -5.89 -58.13 46.34
C GLU D 170 -6.24 -56.89 47.14
N PHE D 171 -5.69 -55.75 46.73
CA PHE D 171 -5.90 -54.49 47.42
C PHE D 171 -6.63 -53.51 46.50
N PRO D 172 -7.69 -52.85 46.99
CA PRO D 172 -8.25 -53.04 48.32
C PRO D 172 -9.27 -54.19 48.37
N PHE D 173 -9.95 -54.34 49.49
CA PHE D 173 -10.98 -55.36 49.62
C PHE D 173 -12.03 -54.88 50.62
N LEU D 174 -13.29 -55.24 50.35
CA LEU D 174 -14.42 -54.85 51.18
C LEU D 174 -14.75 -55.98 52.14
N ILE D 175 -14.48 -55.75 53.43
CA ILE D 175 -14.81 -56.72 54.47
C ILE D 175 -15.48 -55.97 55.62
N ASP D 176 -16.46 -56.64 56.25
CA ASP D 176 -17.24 -56.07 57.35
C ASP D 176 -17.90 -54.75 56.93
N GLY D 177 -18.24 -54.63 55.65
CA GLY D 177 -18.85 -53.41 55.15
C GLY D 177 -17.93 -52.23 55.02
N THR D 178 -16.62 -52.42 55.15
CA THR D 178 -15.66 -51.34 55.05
C THR D 178 -14.50 -51.75 54.15
N TRP D 179 -13.87 -50.76 53.52
CA TRP D 179 -12.75 -51.01 52.65
C TRP D 179 -11.45 -51.08 53.45
N HIS D 180 -10.56 -51.97 53.01
CA HIS D 180 -9.27 -52.16 53.67
C HIS D 180 -8.20 -52.35 52.61
N HIS D 181 -7.00 -51.80 52.87
CA HIS D 181 -5.91 -51.80 51.92
C HIS D 181 -4.72 -52.64 52.33
N ASP D 182 -4.57 -52.93 53.62
CA ASP D 182 -3.41 -53.66 54.12
C ASP D 182 -3.86 -54.84 54.97
N CYS D 183 -2.96 -55.81 55.13
CA CYS D 183 -3.21 -56.98 55.94
C CYS D 183 -3.12 -56.59 57.42
N ILE D 184 -4.28 -56.28 58.01
CA ILE D 184 -4.35 -55.81 59.39
C ILE D 184 -4.35 -57.01 60.33
N LEU D 185 -4.05 -56.77 61.60
CA LEU D 185 -4.00 -57.82 62.60
C LEU D 185 -5.26 -57.81 63.47
N ASP D 186 -5.81 -59.00 63.69
CA ASP D 186 -7.01 -59.17 64.48
C ASP D 186 -6.77 -60.31 65.47
N GLU D 187 -7.84 -60.74 66.13
CA GLU D 187 -7.77 -61.82 67.12
C GLU D 187 -8.16 -63.17 66.54
N ASP D 188 -8.48 -63.24 65.24
CA ASP D 188 -8.87 -64.51 64.63
C ASP D 188 -7.64 -65.33 64.24
N HIS D 189 -6.79 -64.77 63.40
CA HIS D 189 -5.60 -65.47 62.93
C HIS D 189 -4.39 -65.14 63.80
N SER D 190 -3.27 -65.77 63.48
CA SER D 190 -2.04 -65.55 64.24
C SER D 190 -1.48 -64.16 63.98
N GLY D 191 -1.20 -63.85 62.72
CA GLY D 191 -0.67 -62.56 62.35
C GLY D 191 -1.50 -61.88 61.28
N PRO D 192 -0.83 -61.25 60.32
CA PRO D 192 -1.57 -60.55 59.25
C PRO D 192 -2.16 -61.53 58.25
N TRP D 193 -3.36 -61.22 57.78
CA TRP D 193 -4.08 -62.07 56.84
C TRP D 193 -4.77 -61.20 55.81
N CYS D 194 -4.71 -61.62 54.55
CA CYS D 194 -5.29 -60.87 53.43
C CYS D 194 -6.23 -61.77 52.64
N ALA D 195 -6.83 -61.20 51.60
CA ALA D 195 -7.73 -61.92 50.71
C ALA D 195 -7.01 -62.30 49.42
N THR D 196 -7.38 -63.46 48.87
CA THR D 196 -6.81 -63.97 47.63
C THR D 196 -7.81 -63.94 46.47
N THR D 197 -8.88 -63.16 46.60
CA THR D 197 -9.89 -63.07 45.56
C THR D 197 -10.44 -61.65 45.54
N LEU D 198 -10.92 -61.23 44.36
CA LEU D 198 -11.44 -59.88 44.21
C LEU D 198 -12.70 -59.67 45.06
N ASN D 199 -13.47 -60.72 45.29
CA ASN D 199 -14.68 -60.66 46.11
C ASN D 199 -14.60 -61.76 47.16
N TYR D 200 -14.14 -61.40 48.36
CA TYR D 200 -14.01 -62.38 49.44
C TYR D 200 -15.35 -62.80 50.00
N GLU D 201 -16.39 -61.97 49.84
CA GLU D 201 -17.71 -62.31 50.36
C GLU D 201 -18.35 -63.46 49.61
N TYR D 202 -17.96 -63.68 48.36
CA TYR D 202 -18.53 -64.76 47.55
C TYR D 202 -17.63 -65.97 47.42
N ASP D 203 -16.33 -65.80 47.61
CA ASP D 203 -15.37 -66.89 47.49
C ASP D 203 -14.93 -67.43 48.85
N ARG D 204 -14.66 -66.55 49.82
CA ARG D 204 -14.24 -66.93 51.16
C ARG D 204 -12.95 -67.74 51.14
N LYS D 205 -11.95 -67.20 50.43
CA LYS D 205 -10.64 -67.81 50.32
C LYS D 205 -9.60 -66.76 50.73
N TRP D 206 -9.08 -66.90 51.95
CA TRP D 206 -8.10 -65.97 52.50
C TRP D 206 -6.69 -66.53 52.33
N GLY D 207 -5.71 -65.75 52.79
CA GLY D 207 -4.33 -66.16 52.72
C GLY D 207 -3.50 -65.40 53.73
N ILE D 208 -2.28 -65.88 53.94
CA ILE D 208 -1.35 -65.31 54.90
C ILE D 208 -0.58 -64.18 54.23
N CYS D 209 -0.50 -63.04 54.92
CA CYS D 209 0.21 -61.88 54.41
C CYS D 209 1.71 -62.12 54.47
N LEU D 210 2.27 -62.65 53.38
CA LEU D 210 3.68 -63.03 53.34
C LEU D 210 4.56 -61.78 53.28
N LYS D 211 5.30 -61.53 54.35
CA LYS D 211 6.19 -60.38 54.40
C LYS D 211 7.64 -60.79 54.17
N GLN D 231 12.95 -70.25 54.66
CA GLN D 231 11.49 -70.17 54.62
C GLN D 231 10.93 -71.09 53.54
N PHE D 232 10.53 -72.29 53.95
CA PHE D 232 9.98 -73.29 53.02
C PHE D 232 8.47 -73.21 53.09
N ASN D 233 7.89 -72.42 52.18
CA ASN D 233 6.43 -72.26 52.10
C ASN D 233 5.86 -73.45 51.33
N THR D 234 5.60 -74.52 52.07
CA THR D 234 5.09 -75.75 51.47
C THR D 234 3.64 -75.55 51.02
N GLN D 235 3.26 -76.26 49.95
CA GLN D 235 1.92 -76.22 49.39
C GLN D 235 1.57 -74.83 48.86
N THR D 236 2.57 -74.06 48.46
CA THR D 236 2.39 -72.74 47.86
C THR D 236 2.99 -72.79 46.45
N ALA D 237 2.18 -73.18 45.49
CA ALA D 237 2.63 -73.34 44.10
C ALA D 237 2.52 -72.00 43.39
N LEU D 238 3.66 -71.38 43.13
CA LEU D 238 3.72 -70.13 42.38
C LEU D 238 4.74 -70.25 41.26
N SER D 239 4.68 -69.30 40.33
CA SER D 239 5.66 -69.24 39.26
C SER D 239 6.99 -68.75 39.79
N TRP D 240 8.08 -69.20 39.15
CA TRP D 240 9.41 -68.80 39.61
C TRP D 240 9.63 -67.30 39.43
N LYS D 241 9.08 -66.72 38.36
CA LYS D 241 9.14 -65.27 38.21
C LYS D 241 8.28 -64.58 39.27
N GLU D 242 7.11 -65.15 39.58
CA GLU D 242 6.28 -64.60 40.64
C GLU D 242 6.96 -64.76 41.99
N ALA D 243 7.60 -65.91 42.22
CA ALA D 243 8.34 -66.11 43.47
C ALA D 243 9.48 -65.11 43.58
N TYR D 244 10.20 -64.86 42.48
CA TYR D 244 11.32 -63.93 42.52
C TYR D 244 10.84 -62.51 42.78
N VAL D 245 9.77 -62.08 42.11
CA VAL D 245 9.29 -60.71 42.31
C VAL D 245 8.69 -60.55 43.71
N SER D 246 8.10 -61.62 44.26
CA SER D 246 7.54 -61.52 45.61
C SER D 246 8.65 -61.49 46.66
N CYS D 247 9.70 -62.28 46.47
CA CYS D 247 10.82 -62.29 47.39
C CYS D 247 11.69 -61.03 47.27
N GLN D 248 11.67 -60.38 46.10
CA GLN D 248 12.30 -59.07 45.96
C GLN D 248 11.44 -57.99 46.60
N ASN D 249 10.11 -58.16 46.55
CA ASN D 249 9.22 -57.28 47.30
C ASN D 249 9.53 -57.34 48.79
N GLN D 250 9.93 -58.52 49.29
CA GLN D 250 10.32 -58.67 50.68
C GLN D 250 11.77 -58.27 50.94
N GLY D 251 12.53 -57.97 49.89
CA GLY D 251 13.91 -57.53 50.03
C GLY D 251 14.94 -58.63 50.10
N ALA D 252 14.52 -59.89 50.10
CA ALA D 252 15.46 -61.01 50.14
C ALA D 252 15.77 -61.46 48.73
N ASP D 253 16.56 -62.54 48.61
CA ASP D 253 16.94 -63.08 47.31
C ASP D 253 16.76 -64.59 47.34
N LEU D 254 16.83 -65.21 46.16
CA LEU D 254 16.63 -66.64 46.03
C LEU D 254 17.76 -67.41 46.71
N LEU D 255 17.54 -68.71 46.88
CA LEU D 255 18.51 -69.55 47.58
C LEU D 255 19.81 -69.63 46.80
N SER D 256 20.92 -69.36 47.49
CA SER D 256 22.25 -69.41 46.91
C SER D 256 23.05 -70.48 47.64
N ILE D 257 23.27 -71.61 46.98
CA ILE D 257 24.00 -72.73 47.57
C ILE D 257 25.49 -72.50 47.31
N ASN D 258 26.26 -72.35 48.39
CA ASN D 258 27.69 -72.10 48.30
C ASN D 258 28.53 -73.32 48.67
N SER D 259 28.12 -74.08 49.69
CA SER D 259 28.86 -75.24 50.14
C SER D 259 27.93 -76.45 50.18
N ALA D 260 28.53 -77.63 50.37
CA ALA D 260 27.75 -78.86 50.43
C ALA D 260 27.07 -79.04 51.78
N ALA D 261 27.50 -78.31 52.81
CA ALA D 261 26.90 -78.46 54.13
C ALA D 261 25.45 -78.02 54.13
N GLU D 262 25.15 -76.86 53.54
CA GLU D 262 23.77 -76.37 53.48
C GLU D 262 22.90 -77.32 52.65
N LEU D 263 23.44 -77.84 51.56
CA LEU D 263 22.66 -78.75 50.72
C LEU D 263 22.36 -80.05 51.46
N THR D 264 23.36 -80.61 52.15
CA THR D 264 23.13 -81.83 52.92
C THR D 264 22.16 -81.57 54.08
N TYR D 265 22.18 -80.37 54.64
CA TYR D 265 21.20 -80.02 55.66
C TYR D 265 19.80 -79.95 55.08
N LEU D 266 19.68 -79.46 53.84
CA LEU D 266 18.39 -79.38 53.18
C LEU D 266 17.89 -80.75 52.70
N LYS D 267 18.78 -81.72 52.52
CA LYS D 267 18.35 -83.05 52.11
C LYS D 267 17.46 -83.69 53.17
N GLU D 268 17.91 -83.69 54.43
CA GLU D 268 17.22 -84.36 55.52
C GLU D 268 16.02 -83.58 56.03
N LYS D 269 15.77 -82.39 55.49
CA LYS D 269 14.66 -81.55 55.95
C LYS D 269 13.34 -82.24 55.68
N GLU D 270 12.49 -82.33 56.71
CA GLU D 270 11.20 -82.97 56.58
C GLU D 270 10.15 -82.00 56.03
N GLY D 271 10.03 -80.84 56.66
CA GLY D 271 9.06 -79.85 56.22
C GLY D 271 9.48 -79.10 54.97
N ILE D 272 9.58 -79.81 53.85
CA ILE D 272 9.97 -79.20 52.58
C ILE D 272 9.42 -80.07 51.46
N ALA D 273 9.09 -79.43 50.34
CA ALA D 273 8.56 -80.16 49.19
C ALA D 273 9.68 -80.93 48.49
N LYS D 274 9.30 -82.04 47.86
CA LYS D 274 10.28 -82.85 47.13
C LYS D 274 10.74 -82.14 45.86
N ILE D 275 9.94 -81.21 45.34
CA ILE D 275 10.23 -80.50 44.10
C ILE D 275 10.02 -79.01 44.33
N PHE D 276 11.03 -78.22 43.98
CA PHE D 276 10.97 -76.78 44.15
C PHE D 276 12.06 -76.14 43.31
N TRP D 277 12.09 -74.80 43.32
CA TRP D 277 13.09 -74.03 42.60
C TRP D 277 14.20 -73.59 43.55
N ILE D 278 15.34 -73.21 42.97
CA ILE D 278 16.48 -72.73 43.74
C ILE D 278 16.82 -71.31 43.34
N GLY D 279 16.48 -70.94 42.10
CA GLY D 279 16.81 -69.64 41.57
C GLY D 279 17.88 -69.64 40.50
N LEU D 280 18.44 -70.80 40.17
CA LEU D 280 19.48 -70.90 39.15
C LEU D 280 18.86 -70.62 37.79
N ASN D 281 19.09 -69.43 37.26
CA ASN D 281 18.53 -69.03 35.97
C ASN D 281 19.45 -68.01 35.33
N GLN D 282 19.31 -67.84 34.02
CA GLN D 282 20.15 -66.93 33.23
C GLN D 282 19.32 -65.70 32.86
N LEU D 283 19.31 -64.72 33.77
CA LEU D 283 18.67 -63.45 33.45
C LEU D 283 19.48 -62.66 32.42
N TYR D 284 20.79 -62.89 32.38
CA TYR D 284 21.66 -62.30 31.37
C TYR D 284 21.85 -63.29 30.23
N SER D 285 21.42 -62.91 29.03
CA SER D 285 21.39 -63.83 27.90
C SER D 285 22.77 -64.12 27.32
N ALA D 286 23.82 -63.44 27.78
CA ALA D 286 25.16 -63.64 27.26
C ALA D 286 26.05 -64.43 28.21
N ARG D 287 25.49 -64.96 29.29
CA ARG D 287 26.25 -65.79 30.22
C ARG D 287 25.41 -67.01 30.58
N GLY D 288 26.09 -68.06 31.02
CA GLY D 288 25.46 -69.37 31.18
C GLY D 288 24.42 -69.49 32.28
N TRP D 289 24.87 -69.45 33.53
CA TRP D 289 23.98 -69.68 34.67
C TRP D 289 24.46 -68.86 35.85
N GLU D 290 23.53 -68.19 36.53
CA GLU D 290 23.84 -67.38 37.70
C GLU D 290 22.77 -67.62 38.76
N TRP D 291 22.97 -67.01 39.92
CA TRP D 291 22.01 -67.04 41.01
C TRP D 291 21.23 -65.72 41.05
N SER D 292 20.41 -65.57 42.08
CA SER D 292 19.69 -64.31 42.26
C SER D 292 20.66 -63.17 42.55
N ASP D 293 21.49 -63.33 43.57
CA ASP D 293 22.55 -62.37 43.86
C ASP D 293 23.80 -62.75 43.06
N HIS D 294 24.92 -62.09 43.37
CA HIS D 294 26.18 -62.37 42.69
C HIS D 294 27.03 -63.29 43.56
N LYS D 295 26.71 -64.58 43.47
CA LYS D 295 27.43 -65.63 44.19
C LYS D 295 28.26 -66.46 43.22
N PRO D 296 29.41 -66.97 43.66
CA PRO D 296 30.25 -67.75 42.75
C PRO D 296 29.60 -69.07 42.37
N LEU D 297 29.89 -69.52 41.15
CA LEU D 297 29.37 -70.78 40.63
C LEU D 297 30.51 -71.81 40.72
N ASN D 298 30.52 -72.56 41.82
CA ASN D 298 31.54 -73.57 42.05
C ASN D 298 30.90 -74.90 42.41
N PHE D 299 29.67 -74.88 42.88
CA PHE D 299 28.95 -76.07 43.30
C PHE D 299 27.73 -76.25 42.40
N LEU D 300 27.73 -77.36 41.65
CA LEU D 300 26.59 -77.73 40.81
C LEU D 300 26.20 -79.18 41.08
N ASN D 301 24.93 -79.49 40.83
CA ASN D 301 24.35 -80.80 41.06
C ASN D 301 23.52 -81.22 39.86
N TRP D 302 24.10 -81.10 38.67
CA TRP D 302 23.39 -81.37 37.43
C TRP D 302 22.96 -82.84 37.35
N ASP D 303 22.10 -83.14 36.37
CA ASP D 303 21.47 -84.44 36.23
C ASP D 303 22.06 -85.23 35.07
N PRO D 304 22.25 -86.54 35.23
CA PRO D 304 22.82 -87.34 34.14
C PRO D 304 21.80 -87.86 33.16
N ASP D 305 20.53 -87.92 33.57
CA ASP D 305 19.50 -88.55 32.75
C ASP D 305 19.21 -87.74 31.50
N ARG D 306 18.94 -86.45 31.65
CA ARG D 306 18.59 -85.62 30.50
C ARG D 306 19.86 -85.16 29.78
N PRO D 307 19.79 -84.98 28.46
CA PRO D 307 20.98 -84.50 27.72
C PRO D 307 21.29 -83.03 27.97
N SER D 308 20.40 -82.29 28.63
CA SER D 308 20.62 -80.89 28.98
C SER D 308 20.91 -80.04 27.74
N ALA D 309 19.90 -79.94 26.89
CA ALA D 309 20.00 -79.09 25.70
C ALA D 309 20.23 -77.64 26.13
N PRO D 310 21.14 -76.91 25.47
CA PRO D 310 21.51 -75.57 25.95
C PRO D 310 20.37 -74.57 25.93
N THR D 311 19.78 -74.32 24.77
CA THR D 311 18.75 -73.30 24.63
C THR D 311 17.49 -73.79 23.94
N ILE D 312 17.63 -74.67 22.94
CA ILE D 312 16.49 -75.20 22.20
C ILE D 312 16.46 -76.71 22.38
N GLY D 313 15.26 -77.25 22.55
CA GLY D 313 15.09 -78.65 22.90
C GLY D 313 14.84 -78.80 24.39
N GLY D 314 15.58 -78.05 25.20
CA GLY D 314 15.37 -78.03 26.62
C GLY D 314 14.66 -76.77 27.06
N SER D 315 15.26 -76.03 27.99
CA SER D 315 14.69 -74.77 28.46
C SER D 315 15.82 -73.95 29.07
N SER D 316 15.45 -72.90 29.79
CA SER D 316 16.43 -71.99 30.40
C SER D 316 16.22 -71.86 31.92
N CYS D 317 15.63 -72.86 32.56
CA CYS D 317 15.42 -72.83 33.99
C CYS D 317 15.89 -74.15 34.61
N ALA D 318 16.10 -74.13 35.92
CA ALA D 318 16.54 -75.30 36.66
C ALA D 318 15.50 -75.67 37.71
N ARG D 319 15.33 -76.97 37.93
CA ARG D 319 14.44 -77.48 38.98
C ARG D 319 15.22 -78.50 39.80
N MET D 320 15.12 -78.40 41.13
CA MET D 320 15.88 -79.22 42.04
C MET D 320 15.03 -80.37 42.57
N ASP D 321 15.58 -81.58 42.50
CA ASP D 321 14.97 -82.77 43.07
C ASP D 321 15.77 -83.16 44.30
N ALA D 322 15.10 -83.18 45.46
CA ALA D 322 15.75 -83.43 46.73
C ALA D 322 15.69 -84.89 47.17
N GLU D 323 14.84 -85.71 46.54
CA GLU D 323 14.82 -87.13 46.87
C GLU D 323 16.13 -87.81 46.46
N SER D 324 16.80 -87.29 45.43
CA SER D 324 18.10 -87.78 45.02
C SER D 324 19.11 -86.67 44.77
N GLY D 325 18.69 -85.41 44.79
CA GLY D 325 19.61 -84.30 44.61
C GLY D 325 20.09 -84.12 43.18
N LEU D 326 19.18 -83.75 42.28
CA LEU D 326 19.55 -83.49 40.89
C LEU D 326 19.00 -82.14 40.46
N TRP D 327 19.59 -81.58 39.42
CA TRP D 327 19.18 -80.29 38.85
C TRP D 327 18.78 -80.52 37.39
N GLN D 328 17.48 -80.54 37.13
CA GLN D 328 16.96 -80.81 35.80
C GLN D 328 16.66 -79.51 35.05
N SER D 329 16.93 -79.52 33.75
CA SER D 329 16.61 -78.38 32.90
C SER D 329 15.12 -78.40 32.57
N PHE D 330 14.46 -77.26 32.77
CA PHE D 330 13.01 -77.18 32.62
C PHE D 330 12.61 -75.71 32.57
N SER D 331 11.34 -75.49 32.24
CA SER D 331 10.74 -74.16 32.24
C SER D 331 9.95 -73.98 33.53
N CYS D 332 10.24 -72.90 34.25
CA CYS D 332 9.63 -72.62 35.55
C CYS D 332 8.55 -71.56 35.46
N GLU D 333 7.79 -71.57 34.37
CA GLU D 333 6.65 -70.66 34.21
C GLU D 333 5.40 -71.18 34.91
N ALA D 334 5.35 -72.47 35.23
CA ALA D 334 4.20 -73.03 35.94
C ALA D 334 4.34 -72.78 37.43
N GLN D 335 3.32 -73.19 38.18
CA GLN D 335 3.27 -72.97 39.63
C GLN D 335 3.96 -74.12 40.36
N LEU D 336 4.78 -73.78 41.35
CA LEU D 336 5.50 -74.77 42.14
C LEU D 336 6.08 -74.10 43.39
N PRO D 337 6.15 -74.82 44.51
CA PRO D 337 6.77 -74.26 45.71
C PRO D 337 8.24 -73.90 45.47
N TYR D 338 8.78 -73.11 46.39
CA TYR D 338 10.15 -72.62 46.26
C TYR D 338 10.66 -72.27 47.66
N VAL D 339 11.82 -71.63 47.71
CA VAL D 339 12.41 -71.15 48.96
C VAL D 339 13.43 -70.08 48.62
N CYS D 340 13.40 -68.97 49.34
CA CYS D 340 14.37 -67.90 49.16
C CYS D 340 14.80 -67.38 50.53
N ARG D 341 16.09 -67.12 50.68
CA ARG D 341 16.63 -66.65 51.95
C ARG D 341 16.64 -65.12 52.01
N ASP D 358 54.47 -51.16 40.07
CA ASP D 358 55.22 -51.12 38.82
C ASP D 358 56.20 -52.28 38.73
N THR D 359 55.68 -53.50 38.86
CA THR D 359 56.52 -54.68 38.79
C THR D 359 57.00 -54.90 37.37
N ARG D 360 58.32 -54.98 37.19
CA ARG D 360 58.94 -55.25 35.90
C ARG D 360 59.14 -56.76 35.76
N CYS D 361 58.58 -57.34 34.72
CA CYS D 361 58.58 -58.79 34.55
C CYS D 361 59.51 -59.17 33.40
N ASP D 362 59.75 -60.47 33.27
CA ASP D 362 60.86 -60.99 32.46
C ASP D 362 60.36 -61.47 31.09
N ALA D 363 60.60 -60.65 30.07
CA ALA D 363 60.61 -61.09 28.67
C ALA D 363 59.28 -61.73 28.24
N GLY D 364 58.24 -60.90 28.22
CA GLY D 364 56.99 -61.32 27.64
C GLY D 364 55.84 -61.44 28.63
N TRP D 365 56.14 -61.90 29.84
CA TRP D 365 55.11 -62.03 30.87
C TRP D 365 54.51 -60.65 31.16
N LEU D 366 53.24 -60.48 30.80
CA LEU D 366 52.58 -59.20 31.00
C LEU D 366 52.15 -59.06 32.45
N PRO D 367 52.51 -57.98 33.15
CA PRO D 367 52.14 -57.84 34.56
C PRO D 367 50.79 -57.18 34.75
N ASN D 368 50.10 -57.61 35.81
CA ASN D 368 48.80 -57.04 36.18
C ASN D 368 48.65 -57.18 37.68
N ASN D 369 48.88 -56.08 38.40
CA ASN D 369 48.77 -56.01 39.86
C ASN D 369 49.66 -57.05 40.53
N GLY D 370 50.96 -56.89 40.31
CA GLY D 370 51.96 -57.73 40.95
C GLY D 370 52.40 -58.98 40.22
N PHE D 371 51.44 -59.80 39.78
CA PHE D 371 51.74 -61.04 39.11
C PHE D 371 51.87 -60.82 37.60
N CYS D 372 52.34 -61.86 36.91
CA CYS D 372 52.50 -61.81 35.46
C CYS D 372 51.79 -62.99 34.82
N TYR D 373 51.27 -62.79 33.61
CA TYR D 373 50.62 -63.82 32.83
C TYR D 373 51.38 -64.02 31.52
N LEU D 374 51.37 -65.27 31.02
CA LEU D 374 51.93 -65.53 29.70
C LEU D 374 51.37 -66.84 29.15
N LEU D 375 51.07 -66.83 27.85
CA LEU D 375 50.55 -67.99 27.16
C LEU D 375 51.72 -68.81 26.60
N VAL D 376 51.67 -70.12 26.79
CA VAL D 376 52.67 -71.03 26.26
C VAL D 376 52.25 -71.49 24.87
N ASN D 377 53.18 -71.45 23.92
CA ASN D 377 52.91 -71.75 22.53
C ASN D 377 52.98 -73.24 22.21
N GLU D 378 52.85 -74.11 23.21
CA GLU D 378 52.86 -75.54 23.00
C GLU D 378 51.44 -76.10 23.01
N SER D 379 51.19 -77.07 22.14
CA SER D 379 49.88 -77.72 22.03
C SER D 379 50.02 -79.13 22.59
N ASN D 380 49.58 -79.31 23.84
CA ASN D 380 49.67 -80.59 24.54
C ASN D 380 48.39 -80.82 25.33
N SER D 381 48.29 -82.02 25.90
CA SER D 381 47.08 -82.46 26.59
C SER D 381 46.93 -81.73 27.92
N TRP D 382 45.89 -82.12 28.67
CA TRP D 382 45.60 -81.47 29.94
C TRP D 382 46.62 -81.85 31.01
N ASP D 383 47.01 -83.13 31.06
CA ASP D 383 47.94 -83.57 32.08
C ASP D 383 49.34 -83.02 31.84
N LYS D 384 49.76 -82.94 30.57
CA LYS D 384 51.07 -82.38 30.27
C LYS D 384 51.11 -80.90 30.59
N ALA D 385 50.01 -80.19 30.36
CA ALA D 385 49.95 -78.77 30.73
C ALA D 385 49.93 -78.61 32.24
N HIS D 386 49.26 -79.53 32.95
CA HIS D 386 49.25 -79.49 34.41
C HIS D 386 50.62 -79.83 34.98
N ALA D 387 51.45 -80.56 34.24
CA ALA D 387 52.77 -80.93 34.71
C ALA D 387 53.88 -79.98 34.24
N LYS D 388 53.62 -79.16 33.22
CA LYS D 388 54.71 -78.37 32.65
C LYS D 388 55.01 -77.11 33.46
N CYS D 389 54.04 -76.21 33.57
CA CYS D 389 54.31 -74.94 34.24
C CYS D 389 53.51 -74.83 35.53
N LYS D 390 53.45 -75.91 36.29
CA LYS D 390 52.93 -75.89 37.65
C LYS D 390 53.93 -76.50 38.62
N PHE D 392 57.85 -75.47 33.57
CA PHE D 392 58.41 -74.24 34.13
C PHE D 392 57.99 -74.08 35.59
N SER D 393 58.69 -73.21 36.31
CA SER D 393 58.36 -72.90 37.70
C SER D 393 57.33 -71.77 37.73
N SER D 394 56.07 -72.16 37.55
CA SER D 394 54.98 -71.20 37.42
C SER D 394 53.71 -71.82 37.96
N ASP D 395 52.60 -71.08 37.85
CA ASP D 395 51.27 -71.55 38.20
C ASP D 395 50.30 -71.14 37.11
N LEU D 396 49.18 -71.87 37.01
CA LEU D 396 48.22 -71.61 35.95
C LEU D 396 47.51 -70.28 36.18
N ILE D 397 46.73 -69.89 35.16
CA ILE D 397 46.03 -68.61 35.19
C ILE D 397 44.89 -68.66 36.19
N SER D 398 44.72 -67.57 36.95
CA SER D 398 43.68 -67.46 37.96
C SER D 398 42.95 -66.15 37.77
N ILE D 399 41.65 -66.22 37.46
CA ILE D 399 40.82 -65.03 37.30
C ILE D 399 40.19 -64.69 38.64
N HIS D 400 40.45 -63.48 39.13
CA HIS D 400 39.88 -63.01 40.37
C HIS D 400 39.28 -61.61 40.28
N SER D 401 39.35 -60.97 39.11
CA SER D 401 38.82 -59.62 38.93
C SER D 401 38.33 -59.48 37.50
N LEU D 402 38.10 -58.23 37.08
CA LEU D 402 37.59 -57.96 35.74
C LEU D 402 38.68 -57.58 34.76
N ALA D 403 39.80 -57.03 35.24
CA ALA D 403 40.85 -56.57 34.33
C ALA D 403 41.60 -57.73 33.70
N ASP D 404 41.68 -58.86 34.40
CA ASP D 404 42.42 -60.00 33.87
C ASP D 404 41.76 -60.56 32.61
N VAL D 405 40.43 -60.52 32.53
CA VAL D 405 39.75 -60.97 31.33
C VAL D 405 40.09 -60.04 30.16
N GLU D 406 40.20 -58.74 30.43
CA GLU D 406 40.64 -57.81 29.40
C GLU D 406 42.07 -58.11 28.96
N VAL D 407 42.94 -58.45 29.91
CA VAL D 407 44.31 -58.78 29.56
C VAL D 407 44.34 -60.03 28.67
N VAL D 408 43.49 -61.00 28.96
CA VAL D 408 43.45 -62.21 28.15
C VAL D 408 42.88 -61.94 26.75
N VAL D 409 41.83 -61.12 26.65
CA VAL D 409 41.21 -60.88 25.35
C VAL D 409 42.08 -59.98 24.48
N THR D 410 42.76 -58.98 25.05
CA THR D 410 43.59 -58.09 24.25
C THR D 410 44.83 -58.79 23.72
N LYS D 411 45.39 -59.71 24.49
CA LYS D 411 46.57 -60.48 24.08
C LYS D 411 46.10 -61.70 23.29
N LEU D 412 46.99 -62.67 23.08
CA LEU D 412 46.70 -63.97 22.49
C LEU D 412 46.55 -63.88 20.97
N HIS D 413 47.10 -62.84 20.35
CA HIS D 413 47.22 -62.72 18.89
C HIS D 413 45.86 -62.80 18.21
N ASN D 414 45.05 -61.78 18.46
CA ASN D 414 43.68 -61.67 17.93
C ASN D 414 42.81 -62.81 18.44
N GLU D 415 43.19 -63.37 19.60
CA GLU D 415 42.42 -64.37 20.33
C GLU D 415 42.38 -65.72 19.62
N ASP D 416 42.90 -65.79 18.39
CA ASP D 416 42.86 -67.01 17.59
C ASP D 416 41.43 -67.57 17.52
N ILE D 417 40.58 -66.79 16.84
CA ILE D 417 39.13 -66.88 16.90
C ILE D 417 38.64 -68.33 16.91
N LYS D 418 39.19 -69.18 16.05
CA LYS D 418 38.84 -70.59 16.02
C LYS D 418 39.95 -71.38 16.68
N GLU D 419 39.91 -71.42 18.02
CA GLU D 419 40.86 -72.16 18.85
C GLU D 419 40.33 -72.14 20.28
N GLU D 420 41.09 -72.76 21.18
CA GLU D 420 40.70 -72.87 22.59
C GLU D 420 41.91 -72.58 23.48
N VAL D 421 41.64 -72.21 24.73
CA VAL D 421 42.68 -71.99 25.71
C VAL D 421 42.36 -72.83 26.95
N TRP D 422 43.40 -73.25 27.68
CA TRP D 422 43.16 -74.04 28.89
C TRP D 422 43.13 -73.14 30.12
N ILE D 423 42.49 -73.66 31.18
CA ILE D 423 42.57 -73.05 32.50
C ILE D 423 42.28 -74.15 33.53
N GLY D 424 43.04 -74.15 34.61
CA GLY D 424 43.01 -75.24 35.57
C GLY D 424 41.95 -75.14 36.65
N LEU D 425 40.96 -76.02 36.59
CA LEU D 425 39.95 -76.15 37.63
C LEU D 425 39.76 -77.63 37.94
N LYS D 426 39.80 -77.98 39.22
CA LYS D 426 39.84 -79.38 39.63
C LYS D 426 38.61 -79.72 40.47
N ASN D 427 38.23 -81.00 40.43
CA ASN D 427 37.11 -81.52 41.20
C ASN D 427 37.24 -83.03 41.28
N ILE D 428 37.34 -83.55 42.51
CA ILE D 428 37.52 -84.98 42.74
C ILE D 428 36.32 -85.59 43.46
N ASN D 429 35.74 -84.86 44.40
CA ASN D 429 34.61 -85.36 45.18
C ASN D 429 33.33 -85.24 44.37
N ILE D 430 32.35 -86.10 44.69
CA ILE D 430 31.08 -86.14 43.98
C ILE D 430 29.97 -85.68 44.93
N PRO D 431 29.02 -84.82 44.49
CA PRO D 431 28.86 -84.25 43.15
C PRO D 431 29.89 -83.18 42.80
N THR D 432 29.72 -82.55 41.64
CA THR D 432 30.71 -81.61 41.13
C THR D 432 30.83 -80.41 42.06
N LEU D 433 32.06 -80.09 42.45
CA LEU D 433 32.34 -78.93 43.29
C LEU D 433 33.72 -78.40 42.91
N PHE D 434 33.74 -77.35 42.10
CA PHE D 434 34.99 -76.83 41.55
C PHE D 434 35.75 -76.05 42.60
N GLN D 435 37.07 -76.29 42.64
CA GLN D 435 37.98 -75.53 43.49
C GLN D 435 39.20 -75.15 42.66
N TRP D 436 39.82 -74.04 43.06
CA TRP D 436 41.02 -73.57 42.36
C TRP D 436 42.20 -74.47 42.66
N SER D 437 43.06 -74.67 41.65
CA SER D 437 44.22 -75.54 41.81
C SER D 437 45.22 -74.95 42.79
N ASP D 438 45.33 -73.62 42.85
CA ASP D 438 46.23 -72.95 43.79
C ASP D 438 45.46 -71.78 44.39
N GLY D 439 44.79 -72.02 45.51
CA GLY D 439 43.99 -71.02 46.18
C GLY D 439 42.53 -71.43 46.27
N THR D 440 41.74 -70.52 46.84
CA THR D 440 40.30 -70.73 46.98
C THR D 440 39.52 -69.45 46.69
N GLU D 441 40.04 -68.59 45.80
CA GLU D 441 39.43 -67.31 45.51
C GLU D 441 38.54 -67.45 44.26
N VAL D 442 37.42 -68.15 44.44
CA VAL D 442 36.43 -68.32 43.39
C VAL D 442 35.44 -67.17 43.53
N THR D 443 35.58 -66.14 42.68
CA THR D 443 34.73 -64.95 42.76
C THR D 443 33.97 -64.69 41.46
N LEU D 444 34.63 -64.84 40.31
CA LEU D 444 34.04 -64.51 39.02
C LEU D 444 33.91 -65.78 38.19
N THR D 445 32.70 -66.03 37.70
CA THR D 445 32.43 -67.15 36.80
C THR D 445 31.88 -66.59 35.49
N TYR D 446 32.61 -66.81 34.40
CA TYR D 446 32.27 -66.27 33.09
C TYR D 446 32.09 -67.44 32.13
N TRP D 447 30.88 -67.99 32.09
CA TRP D 447 30.58 -69.17 31.29
C TRP D 447 29.80 -68.78 30.03
N ASP D 448 29.98 -69.58 28.97
CA ASP D 448 29.26 -69.37 27.73
C ASP D 448 27.76 -69.58 27.93
N GLU D 449 26.97 -68.87 27.14
CA GLU D 449 25.51 -68.91 27.22
C GLU D 449 24.98 -69.73 26.05
N ASN D 450 24.54 -70.96 26.32
CA ASN D 450 24.64 -71.55 27.65
C ASN D 450 25.07 -73.01 27.58
N GLU D 451 26.38 -73.23 27.62
CA GLU D 451 26.96 -74.57 27.50
C GLU D 451 27.75 -74.89 28.77
N PRO D 452 27.09 -75.34 29.84
CA PRO D 452 27.85 -75.74 31.03
C PRO D 452 28.70 -76.97 30.80
N ASN D 453 28.22 -77.92 30.00
CA ASN D 453 28.98 -79.12 29.62
C ASN D 453 29.45 -79.90 30.85
N VAL D 454 28.59 -80.02 31.85
CA VAL D 454 28.88 -80.77 33.06
C VAL D 454 28.53 -82.23 32.79
N PRO D 455 29.51 -83.14 32.75
CA PRO D 455 29.19 -84.54 32.45
C PRO D 455 28.49 -85.25 33.61
N TYR D 456 28.18 -86.53 33.42
CA TYR D 456 27.50 -87.28 34.46
C TYR D 456 28.41 -87.54 35.65
N ASN D 457 29.53 -88.22 35.41
CA ASN D 457 30.49 -88.52 36.46
C ASN D 457 31.86 -88.72 35.85
N LYS D 458 32.84 -87.94 36.30
CA LYS D 458 34.19 -88.03 35.79
C LYS D 458 35.14 -87.40 36.80
N THR D 459 36.21 -88.12 37.15
CA THR D 459 37.19 -87.56 38.08
C THR D 459 38.00 -86.43 37.47
N PRO D 460 38.57 -86.56 36.26
CA PRO D 460 39.29 -85.42 35.69
C PRO D 460 38.33 -84.44 35.02
N ASN D 461 38.32 -83.21 35.51
CA ASN D 461 37.56 -82.13 34.90
C ASN D 461 38.51 -81.06 34.40
N CYS D 462 38.03 -80.27 33.45
CA CYS D 462 38.87 -79.28 32.79
C CYS D 462 38.00 -78.14 32.28
N VAL D 463 38.61 -76.95 32.22
CA VAL D 463 37.90 -75.74 31.81
C VAL D 463 38.72 -75.06 30.72
N SER D 464 38.02 -74.47 29.75
CA SER D 464 38.66 -73.92 28.57
C SER D 464 38.02 -72.60 28.16
N TYR D 465 38.88 -71.65 27.81
CA TYR D 465 38.45 -70.40 27.20
C TYR D 465 38.05 -70.65 25.75
N LEU D 466 36.82 -70.26 25.42
CA LEU D 466 36.30 -70.24 24.06
C LEU D 466 35.81 -68.84 23.70
N GLY D 467 35.77 -68.57 22.39
CA GLY D 467 35.19 -67.33 21.90
C GLY D 467 36.01 -66.10 22.16
N GLU D 468 35.76 -65.04 21.39
CA GLU D 468 36.49 -63.79 21.55
C GLU D 468 36.18 -63.13 22.89
N LEU D 469 34.99 -63.37 23.44
CA LEU D 469 34.65 -62.81 24.75
C LEU D 469 35.40 -63.51 25.88
N GLY D 470 35.93 -64.70 25.65
CA GLY D 470 36.65 -65.41 26.69
C GLY D 470 35.77 -66.19 27.64
N GLN D 471 34.75 -66.87 27.13
CA GLN D 471 33.83 -67.60 27.98
C GLN D 471 34.45 -68.94 28.41
N TRP D 472 33.89 -69.51 29.47
CA TRP D 472 34.36 -70.76 30.04
C TRP D 472 33.47 -71.90 29.58
N LYS D 473 34.08 -72.97 29.07
CA LYS D 473 33.37 -74.18 28.71
C LYS D 473 34.13 -75.39 29.25
N VAL D 474 33.50 -76.55 29.15
CA VAL D 474 34.09 -77.81 29.61
C VAL D 474 34.23 -78.72 28.39
N GLN D 475 35.45 -78.83 27.88
CA GLN D 475 35.76 -79.74 26.78
C GLN D 475 36.08 -81.12 27.35
N SER D 476 36.37 -82.06 26.45
CA SER D 476 36.81 -83.39 26.87
C SER D 476 38.28 -83.43 27.25
N CYS D 477 39.05 -82.41 26.86
CA CYS D 477 40.49 -82.30 27.13
C CYS D 477 41.20 -83.65 26.99
N GLU D 478 40.99 -84.26 25.83
CA GLU D 478 41.74 -85.45 25.43
C GLU D 478 42.66 -85.17 24.26
N GLU D 479 42.64 -83.96 23.72
CA GLU D 479 43.48 -83.54 22.60
C GLU D 479 44.57 -82.60 23.10
N LYS D 480 45.33 -82.05 22.15
CA LYS D 480 46.44 -81.17 22.45
C LYS D 480 46.08 -79.73 22.10
N LEU D 481 46.22 -78.84 23.09
CA LEU D 481 45.86 -77.44 22.90
C LEU D 481 46.78 -76.59 23.76
N LYS D 482 46.75 -75.27 23.51
CA LYS D 482 47.60 -74.32 24.21
C LYS D 482 46.98 -73.92 25.54
N TYR D 483 47.77 -73.17 26.33
CA TYR D 483 47.35 -72.76 27.66
C TYR D 483 48.07 -71.48 28.04
N VAL D 484 47.67 -70.93 29.19
CA VAL D 484 48.27 -69.71 29.76
C VAL D 484 48.54 -69.98 31.23
N CYS D 485 49.70 -69.53 31.71
CA CYS D 485 50.00 -69.65 33.13
C CYS D 485 50.76 -68.42 33.62
N LYS D 486 50.89 -68.33 34.95
CA LYS D 486 51.28 -67.11 35.63
C LYS D 486 52.56 -67.30 36.43
N ARG D 487 53.19 -66.17 36.75
CA ARG D 487 54.40 -66.13 37.57
C ARG D 487 54.28 -65.00 38.57
N LYS D 488 55.09 -65.06 39.62
CA LYS D 488 55.12 -64.04 40.65
C LYS D 488 55.71 -62.74 40.12
N LYS D 508 32.63 -46.85 42.00
CA LYS D 508 33.48 -48.03 41.85
C LYS D 508 34.69 -47.73 41.00
N ARG D 509 35.58 -48.72 40.86
CA ARG D 509 36.79 -48.57 40.07
C ARG D 509 37.02 -49.84 39.26
N HIS D 510 37.75 -49.69 38.16
CA HIS D 510 38.05 -50.80 37.26
C HIS D 510 39.53 -51.08 37.08
N GLY D 511 40.40 -50.10 37.35
CA GLY D 511 41.83 -50.31 37.19
C GLY D 511 42.53 -49.13 36.52
N GLU D 512 41.82 -48.45 35.62
CA GLU D 512 42.37 -47.29 34.95
C GLU D 512 41.44 -46.08 35.08
N THR D 513 40.14 -46.34 35.14
CA THR D 513 39.15 -45.28 35.29
C THR D 513 38.07 -45.74 36.27
N CYS D 514 37.45 -44.76 36.93
CA CYS D 514 36.36 -45.04 37.85
C CYS D 514 35.02 -44.89 37.15
N TYR D 515 33.96 -45.34 37.83
CA TYR D 515 32.60 -45.26 37.31
C TYR D 515 31.67 -44.92 38.46
N LYS D 516 31.03 -43.75 38.38
CA LYS D 516 30.16 -43.27 39.44
C LYS D 516 28.74 -43.09 38.92
N ILE D 517 27.77 -43.45 39.77
CA ILE D 517 26.36 -43.31 39.45
C ILE D 517 25.71 -42.47 40.55
N TYR D 518 24.70 -41.69 40.16
CA TYR D 518 24.01 -40.79 41.06
C TYR D 518 22.74 -41.45 41.60
N GLU D 519 21.97 -40.68 42.39
CA GLU D 519 20.75 -41.21 43.00
C GLU D 519 19.54 -41.03 42.08
N ASP D 520 19.33 -39.80 41.59
CA ASP D 520 18.20 -39.52 40.71
C ASP D 520 18.65 -38.58 39.61
N GLU D 521 18.16 -38.81 38.39
CA GLU D 521 18.50 -37.99 37.23
C GLU D 521 17.24 -37.88 36.37
N VAL D 522 16.48 -36.81 36.59
CA VAL D 522 15.25 -36.56 35.83
C VAL D 522 15.59 -35.99 34.44
N PRO D 523 16.45 -34.96 34.32
CA PRO D 523 16.78 -34.46 32.98
C PRO D 523 17.70 -35.40 32.21
N PHE D 524 18.10 -34.99 31.00
CA PHE D 524 18.92 -35.81 30.12
C PHE D 524 20.34 -35.25 30.10
N GLY D 525 21.23 -35.91 30.84
CA GLY D 525 22.65 -35.61 30.82
C GLY D 525 23.02 -34.15 31.01
N THR D 526 22.78 -33.61 32.20
CA THR D 526 23.13 -32.23 32.52
C THR D 526 24.48 -32.11 33.22
N ASN D 527 25.12 -33.22 33.57
CA ASN D 527 26.41 -33.20 34.25
C ASN D 527 27.51 -33.95 33.49
N CYS D 528 27.18 -35.07 32.87
CA CYS D 528 28.18 -35.87 32.18
C CYS D 528 27.50 -36.69 31.09
N ASN D 529 28.29 -37.12 30.11
CA ASN D 529 27.80 -37.92 28.98
C ASN D 529 28.69 -39.13 28.82
N LEU D 530 28.15 -40.31 29.07
CA LEU D 530 28.92 -41.54 28.96
C LEU D 530 29.07 -41.93 27.49
N THR D 531 30.30 -42.25 27.09
CA THR D 531 30.61 -42.66 25.72
C THR D 531 31.29 -44.02 25.75
N ILE D 532 30.86 -44.91 24.86
CA ILE D 532 31.41 -46.26 24.76
C ILE D 532 32.10 -46.41 23.43
N THR D 533 33.15 -47.23 23.40
CA THR D 533 33.93 -47.42 22.18
C THR D 533 34.12 -48.90 21.85
N SER D 534 34.16 -49.76 22.87
CA SER D 534 34.42 -51.18 22.69
C SER D 534 33.34 -52.00 23.37
N ARG D 535 33.33 -53.30 23.05
CA ARG D 535 32.35 -54.24 23.57
C ARG D 535 32.64 -54.68 24.99
N PHE D 536 33.91 -54.91 25.32
CA PHE D 536 34.24 -55.36 26.68
C PHE D 536 33.88 -54.29 27.71
N GLU D 537 33.94 -53.02 27.32
CA GLU D 537 33.49 -51.96 28.23
C GLU D 537 31.99 -52.05 28.45
N GLN D 538 31.23 -52.41 27.40
CA GLN D 538 29.80 -52.64 27.58
C GLN D 538 29.55 -53.79 28.54
N GLU D 539 30.30 -54.88 28.39
CA GLU D 539 30.14 -56.02 29.29
C GLU D 539 30.49 -55.64 30.72
N TYR D 540 31.54 -54.84 30.91
CA TYR D 540 31.95 -54.43 32.24
C TYR D 540 30.90 -53.54 32.90
N LEU D 541 30.38 -52.56 32.16
CA LEU D 541 29.35 -51.70 32.72
C LEU D 541 28.07 -52.48 32.99
N ASN D 542 27.78 -53.50 32.17
CA ASN D 542 26.61 -54.33 32.42
C ASN D 542 26.79 -55.16 33.69
N ASP D 543 27.99 -55.68 33.90
CA ASP D 543 28.26 -56.42 35.14
C ASP D 543 28.14 -55.50 36.36
N LEU D 544 28.66 -54.28 36.25
CA LEU D 544 28.56 -53.32 37.35
C LEU D 544 27.10 -52.95 37.63
N MET D 545 26.31 -52.77 36.57
CA MET D 545 24.89 -52.46 36.76
C MET D 545 24.12 -53.64 37.32
N LYS D 546 24.50 -54.87 36.98
CA LYS D 546 23.87 -56.04 37.59
C LYS D 546 24.25 -56.14 39.06
N LYS D 547 25.48 -55.75 39.40
CA LYS D 547 25.89 -55.74 40.81
C LYS D 547 25.19 -54.63 41.58
N TYR D 548 24.83 -53.54 40.91
CA TYR D 548 24.14 -52.44 41.57
C TYR D 548 22.62 -52.60 41.49
N ASP D 549 22.09 -52.70 40.27
CA ASP D 549 20.66 -52.82 40.06
C ASP D 549 20.21 -54.26 40.31
N LYS D 550 19.04 -54.41 40.94
CA LYS D 550 18.53 -55.72 41.32
C LYS D 550 17.10 -55.99 40.89
N SER D 551 16.40 -55.01 40.31
CA SER D 551 15.01 -55.17 39.90
C SER D 551 14.84 -54.63 38.49
N LEU D 552 13.62 -54.76 37.98
CA LEU D 552 13.30 -54.30 36.63
C LEU D 552 12.79 -52.86 36.70
N ARG D 553 12.22 -52.38 35.59
CA ARG D 553 11.68 -51.01 35.49
C ARG D 553 12.77 -49.97 35.77
N LYS D 554 13.93 -50.15 35.14
CA LYS D 554 15.05 -49.24 35.30
C LYS D 554 15.65 -48.94 33.93
N TYR D 555 16.22 -47.75 33.79
CA TYR D 555 16.78 -47.30 32.53
C TYR D 555 18.09 -46.56 32.79
N PHE D 556 18.92 -46.49 31.74
CA PHE D 556 20.19 -45.80 31.79
C PHE D 556 20.37 -44.98 30.51
N TRP D 557 21.47 -44.24 30.43
CA TRP D 557 21.74 -43.36 29.30
C TRP D 557 23.07 -43.74 28.64
N THR D 558 23.07 -43.71 27.31
CA THR D 558 24.27 -43.95 26.51
C THR D 558 24.43 -42.82 25.51
N GLY D 559 25.67 -42.47 25.22
CA GLY D 559 25.95 -41.35 24.34
C GLY D 559 25.65 -41.61 22.88
N LEU D 560 24.36 -41.76 22.57
CA LEU D 560 23.93 -41.99 21.18
C LEU D 560 22.64 -41.20 20.96
N ARG D 561 22.73 -40.12 20.20
CA ARG D 561 21.57 -39.30 19.88
C ARG D 561 21.90 -38.47 18.64
N ASP D 562 20.91 -37.68 18.20
CA ASP D 562 21.09 -36.81 17.05
C ASP D 562 20.13 -35.64 17.18
N VAL D 563 20.63 -34.43 16.92
CA VAL D 563 19.80 -33.23 17.01
C VAL D 563 19.34 -32.72 15.66
N ASP D 564 19.90 -33.22 14.57
CA ASP D 564 19.51 -32.76 13.24
C ASP D 564 18.19 -33.37 12.77
N SER D 565 17.72 -34.43 13.43
CA SER D 565 16.46 -35.10 13.07
C SER D 565 16.46 -35.53 11.61
N CYS D 566 17.59 -36.04 11.15
CA CYS D 566 17.74 -36.49 9.77
C CYS D 566 17.73 -37.99 9.62
N GLY D 567 18.23 -38.74 10.59
CA GLY D 567 18.23 -40.19 10.56
C GLY D 567 19.58 -40.82 10.84
N GLU D 568 20.66 -40.04 10.85
CA GLU D 568 21.98 -40.60 11.14
C GLU D 568 22.20 -40.72 12.64
N TYR D 569 22.67 -41.87 13.08
CA TYR D 569 23.00 -42.11 14.48
C TYR D 569 24.50 -42.33 14.62
N ASN D 570 25.11 -41.64 15.58
CA ASN D 570 26.53 -41.77 15.87
C ASN D 570 26.74 -41.64 17.37
N TRP D 571 28.00 -41.74 17.78
CA TRP D 571 28.35 -41.59 19.19
C TRP D 571 28.21 -40.13 19.60
N ALA D 572 27.22 -39.85 20.44
CA ALA D 572 26.94 -38.48 20.82
C ALA D 572 27.96 -37.97 21.83
N THR D 573 28.01 -36.65 21.98
CA THR D 573 28.92 -35.99 22.89
C THR D 573 28.34 -34.61 23.21
N VAL D 574 29.17 -33.74 23.80
CA VAL D 574 28.75 -32.40 24.16
C VAL D 574 29.11 -31.44 23.03
N GLY D 575 29.45 -31.99 21.87
CA GLY D 575 29.81 -31.18 20.72
C GLY D 575 31.22 -31.44 20.22
N GLY D 576 31.33 -31.89 18.98
CA GLY D 576 32.63 -32.17 18.39
C GLY D 576 32.94 -33.65 18.29
N ARG D 577 31.93 -34.45 17.99
CA ARG D 577 32.06 -35.89 17.87
C ARG D 577 31.81 -36.31 16.42
N ARG D 578 32.79 -36.97 15.82
CA ARG D 578 32.66 -37.42 14.43
C ARG D 578 33.19 -38.84 14.25
N ARG D 579 33.33 -39.61 15.32
CA ARG D 579 33.84 -40.96 15.22
C ARG D 579 32.79 -41.90 14.63
N ALA D 580 33.26 -42.99 14.03
CA ALA D 580 32.39 -43.98 13.43
C ALA D 580 32.00 -45.05 14.43
N VAL D 581 30.74 -45.46 14.40
CA VAL D 581 30.25 -46.49 15.31
C VAL D 581 30.83 -47.84 14.88
N THR D 582 31.62 -48.46 15.76
CA THR D 582 32.26 -49.73 15.46
C THR D 582 31.46 -50.93 15.94
N PHE D 583 30.60 -50.77 16.95
CA PHE D 583 29.80 -51.86 17.46
C PHE D 583 28.39 -51.36 17.74
N SER D 584 27.41 -52.23 17.49
CA SER D 584 26.01 -51.89 17.70
C SER D 584 25.26 -53.14 18.13
N ASN D 585 24.63 -53.09 19.30
CA ASN D 585 23.88 -54.21 19.85
C ASN D 585 22.44 -53.75 20.07
N TRP D 586 21.62 -53.90 19.03
CA TRP D 586 20.21 -53.51 19.10
C TRP D 586 19.36 -54.73 19.45
N ASN D 587 18.08 -54.48 19.75
CA ASN D 587 17.14 -55.55 20.03
C ASN D 587 16.65 -56.15 18.72
N PHE D 588 15.59 -56.96 18.77
CA PHE D 588 15.01 -57.52 17.56
C PHE D 588 14.56 -56.41 16.63
N LEU D 589 13.60 -55.59 17.07
CA LEU D 589 13.22 -54.36 16.38
C LEU D 589 13.22 -53.24 17.42
N GLU D 590 14.40 -52.71 17.71
CA GLU D 590 14.56 -51.62 18.67
C GLU D 590 14.26 -50.25 18.07
N PRO D 591 14.92 -49.85 16.95
CA PRO D 591 14.71 -48.48 16.44
C PRO D 591 13.34 -48.29 15.83
N ALA D 592 12.51 -47.46 16.47
CA ALA D 592 11.18 -47.14 15.96
C ALA D 592 10.95 -45.64 15.81
N SER D 593 11.94 -44.81 16.11
CA SER D 593 11.82 -43.36 16.01
C SER D 593 13.00 -42.78 15.25
N PRO D 594 12.76 -41.87 14.31
CA PRO D 594 13.85 -41.25 13.53
C PRO D 594 14.55 -40.12 14.28
N GLY D 595 14.99 -40.40 15.49
CA GLY D 595 15.67 -39.42 16.30
C GLY D 595 15.51 -39.76 17.78
N GLY D 596 15.79 -38.77 18.62
CA GLY D 596 15.68 -38.95 20.05
C GLY D 596 16.95 -39.49 20.66
N CYS D 597 16.84 -39.81 21.95
CA CYS D 597 17.95 -40.36 22.72
C CYS D 597 17.62 -41.77 23.17
N VAL D 598 18.60 -42.66 23.07
CA VAL D 598 18.41 -44.06 23.38
C VAL D 598 18.54 -44.27 24.89
N ALA D 599 18.05 -45.42 25.36
CA ALA D 599 18.16 -45.78 26.77
C ALA D 599 18.82 -47.14 26.92
N MET D 600 18.84 -47.68 28.13
CA MET D 600 19.46 -48.98 28.38
C MET D 600 18.75 -49.63 29.56
N SER D 601 18.06 -50.74 29.29
CA SER D 601 17.35 -51.48 30.32
C SER D 601 18.10 -52.76 30.69
N THR D 602 17.84 -53.24 31.91
CA THR D 602 18.43 -54.47 32.40
C THR D 602 17.39 -55.43 32.94
N GLY D 603 16.12 -55.23 32.59
CA GLY D 603 15.06 -56.11 33.04
C GLY D 603 15.08 -57.48 32.39
N LYS D 604 14.79 -57.53 31.09
CA LYS D 604 14.76 -58.79 30.35
C LYS D 604 15.84 -58.86 29.28
N SER D 605 15.89 -57.90 28.36
CA SER D 605 16.90 -57.87 27.31
C SER D 605 18.09 -57.05 27.79
N VAL D 606 18.86 -57.67 28.69
CA VAL D 606 19.93 -56.97 29.38
C VAL D 606 21.07 -56.68 28.43
N GLY D 607 21.57 -55.45 28.45
CA GLY D 607 22.73 -55.06 27.67
C GLY D 607 22.43 -54.46 26.32
N LYS D 608 21.19 -54.07 26.05
CA LYS D 608 20.80 -53.53 24.76
C LYS D 608 20.47 -52.04 24.86
N TRP D 609 20.51 -51.38 23.70
CA TRP D 609 20.30 -49.93 23.61
C TRP D 609 18.84 -49.67 23.26
N GLU D 610 17.99 -49.63 24.28
CA GLU D 610 16.58 -49.36 24.06
C GLU D 610 16.38 -47.91 23.59
N VAL D 611 15.35 -47.70 22.78
CA VAL D 611 15.11 -46.41 22.15
C VAL D 611 13.80 -45.84 22.67
N LYS D 612 13.85 -44.58 23.09
CA LYS D 612 12.68 -43.84 23.54
C LYS D 612 12.82 -42.39 23.11
N ASP D 613 11.76 -41.62 23.35
CA ASP D 613 11.80 -40.19 23.06
C ASP D 613 12.73 -39.47 24.04
N CYS D 614 13.22 -38.31 23.60
CA CYS D 614 14.18 -37.53 24.36
C CYS D 614 13.60 -36.20 24.83
N ARG D 615 12.27 -36.10 24.90
CA ARG D 615 11.65 -34.86 25.37
C ARG D 615 11.83 -34.71 26.89
N SER D 616 11.31 -35.66 27.66
CA SER D 616 11.46 -35.65 29.11
C SER D 616 11.30 -37.09 29.59
N PHE D 617 12.43 -37.75 29.87
CA PHE D 617 12.46 -39.15 30.27
C PHE D 617 13.39 -39.29 31.47
N LYS D 618 12.81 -39.56 32.63
CA LYS D 618 13.60 -39.74 33.85
C LYS D 618 14.35 -41.06 33.79
N ALA D 619 15.68 -41.00 33.80
CA ALA D 619 16.50 -42.20 33.76
C ALA D 619 17.89 -41.86 34.29
N LEU D 620 18.45 -42.76 35.08
CA LEU D 620 19.77 -42.55 35.65
C LEU D 620 20.85 -42.72 34.59
N SER D 621 22.09 -42.44 34.97
CA SER D 621 23.23 -42.57 34.06
C SER D 621 24.49 -42.68 34.88
N ILE D 622 25.42 -43.52 34.42
CA ILE D 622 26.72 -43.70 35.05
C ILE D 622 27.77 -42.95 34.23
N CYS D 623 28.73 -42.34 34.91
CA CYS D 623 29.76 -41.54 34.28
C CYS D 623 31.14 -42.10 34.64
N LYS D 624 32.00 -42.19 33.64
CA LYS D 624 33.37 -42.65 33.85
C LYS D 624 34.16 -41.58 34.58
N LYS D 625 34.74 -41.94 35.72
CA LYS D 625 35.52 -41.00 36.51
C LYS D 625 36.96 -41.47 36.68
N CYS D 643 62.51 -4.71 8.54
CA CYS D 643 61.84 -4.21 9.74
C CYS D 643 61.75 -2.68 9.72
N PRO D 644 60.52 -2.16 9.72
CA PRO D 644 60.34 -0.70 9.72
C PRO D 644 60.84 -0.04 10.99
N GLU D 645 60.34 -0.51 12.14
CA GLU D 645 60.77 0.02 13.43
C GLU D 645 60.34 -0.95 14.52
N GLY D 646 61.29 -1.46 15.30
CA GLY D 646 60.99 -2.36 16.39
C GLY D 646 60.29 -3.63 15.96
N TRP D 647 60.98 -4.45 15.17
CA TRP D 647 60.41 -5.69 14.67
C TRP D 647 61.46 -6.79 14.72
N GLN D 648 61.04 -7.97 15.15
CA GLN D 648 61.91 -9.14 15.19
C GLN D 648 61.17 -10.33 14.61
N SER D 649 61.73 -10.94 13.57
CA SER D 649 61.11 -12.07 12.90
C SER D 649 62.19 -12.82 12.13
N PHE D 650 61.86 -14.05 11.74
CA PHE D 650 62.77 -14.91 11.01
C PHE D 650 62.02 -15.64 9.92
N PRO D 651 62.57 -15.70 8.70
CA PRO D 651 61.88 -16.39 7.61
C PRO D 651 62.20 -17.87 7.55
N ALA D 652 62.77 -18.41 8.64
CA ALA D 652 63.13 -19.83 8.69
C ALA D 652 61.93 -20.75 8.58
N SER D 653 60.71 -20.24 8.80
CA SER D 653 59.49 -21.02 8.64
C SER D 653 58.52 -20.33 7.69
N LEU D 654 58.99 -19.37 6.90
CA LEU D 654 58.16 -18.63 5.95
C LEU D 654 57.00 -17.94 6.67
N SER D 655 57.28 -17.35 7.83
CA SER D 655 56.26 -16.67 8.61
C SER D 655 56.94 -15.73 9.59
N CYS D 656 56.35 -14.55 9.77
CA CYS D 656 56.86 -13.55 10.69
C CYS D 656 56.16 -13.71 12.04
N TYR D 657 56.94 -14.01 13.08
CA TYR D 657 56.42 -14.28 14.41
C TYR D 657 56.41 -13.02 15.25
N LYS D 658 55.68 -13.09 16.38
CA LYS D 658 55.73 -12.02 17.38
C LYS D 658 55.33 -12.66 18.71
N VAL D 659 56.33 -12.93 19.54
CA VAL D 659 56.15 -13.59 20.83
C VAL D 659 56.73 -12.67 21.91
N PHE D 660 56.36 -12.95 23.15
CA PHE D 660 56.81 -12.16 24.29
C PHE D 660 57.32 -13.10 25.38
N HIS D 661 58.08 -12.52 26.31
CA HIS D 661 58.66 -13.28 27.40
C HIS D 661 57.61 -13.50 28.49
N ALA D 662 58.05 -13.97 29.65
CA ALA D 662 57.16 -14.21 30.78
C ALA D 662 57.42 -13.27 31.95
N GLU D 663 58.38 -12.36 31.83
CA GLU D 663 58.72 -11.43 32.90
C GLU D 663 58.54 -9.97 32.51
N ARG D 664 58.94 -9.59 31.29
CA ARG D 664 58.82 -8.21 30.84
C ARG D 664 57.39 -7.82 30.53
N ILE D 665 56.46 -8.77 30.48
CA ILE D 665 55.07 -8.47 30.14
C ILE D 665 54.32 -7.99 31.38
N VAL D 666 53.16 -7.39 31.15
CA VAL D 666 52.30 -6.97 32.26
C VAL D 666 51.59 -8.19 32.84
N ARG D 667 50.85 -8.92 32.01
CA ARG D 667 50.17 -10.13 32.42
C ARG D 667 50.54 -11.26 31.46
N LYS D 668 50.39 -12.49 31.94
CA LYS D 668 50.74 -13.67 31.14
C LYS D 668 49.88 -13.73 29.88
N ARG D 669 50.53 -13.79 28.73
CA ARG D 669 49.85 -13.76 27.45
C ARG D 669 50.16 -15.03 26.65
N ASN D 670 49.14 -15.53 25.96
CA ASN D 670 49.24 -16.75 25.17
C ASN D 670 48.55 -16.53 23.83
N TRP D 671 48.47 -17.59 23.03
CA TRP D 671 47.92 -17.50 21.69
C TRP D 671 46.39 -17.50 21.65
N GLU D 672 45.73 -17.62 22.80
CA GLU D 672 44.28 -17.80 22.83
C GLU D 672 43.52 -16.61 22.25
N GLU D 673 43.63 -15.45 22.90
CA GLU D 673 42.88 -14.26 22.48
C GLU D 673 43.64 -13.44 21.44
N ALA D 674 44.69 -13.99 20.83
CA ALA D 674 45.44 -13.26 19.82
C ALA D 674 44.54 -12.86 18.65
N GLU D 675 43.51 -13.66 18.37
CA GLU D 675 42.58 -13.34 17.29
C GLU D 675 41.86 -12.02 17.53
N ARG D 676 41.90 -11.48 18.76
CA ARG D 676 41.32 -10.18 19.03
C ARG D 676 42.24 -9.03 18.65
N PHE D 677 43.56 -9.27 18.56
CA PHE D 677 44.51 -8.21 18.32
C PHE D 677 45.30 -8.34 17.02
N CYS D 678 45.63 -9.56 16.59
CA CYS D 678 46.44 -9.74 15.39
C CYS D 678 45.60 -10.01 14.14
N GLN D 679 44.37 -10.50 14.29
CA GLN D 679 43.51 -10.76 13.14
C GLN D 679 43.24 -9.52 12.30
N ALA D 680 43.48 -8.32 12.84
CA ALA D 680 43.32 -7.11 12.05
C ALA D 680 44.35 -7.01 10.93
N LEU D 681 45.37 -7.85 10.95
CA LEU D 681 46.38 -7.85 9.89
C LEU D 681 46.41 -9.15 9.09
N GLY D 682 45.43 -10.04 9.28
CA GLY D 682 45.41 -11.29 8.55
C GLY D 682 46.36 -12.30 9.14
N ALA D 683 46.31 -12.47 10.46
CA ALA D 683 47.21 -13.34 11.18
C ALA D 683 46.48 -14.58 11.70
N HIS D 684 47.25 -15.61 11.99
CA HIS D 684 46.68 -16.91 12.38
C HIS D 684 47.65 -17.59 13.35
N LEU D 685 47.47 -18.90 13.54
CA LEU D 685 48.30 -19.68 14.45
C LEU D 685 49.73 -19.77 13.95
N SER D 686 50.61 -20.41 14.71
CA SER D 686 52.00 -20.57 14.34
C SER D 686 52.09 -21.54 13.16
N SER D 687 52.21 -21.00 11.95
CA SER D 687 52.13 -21.79 10.73
C SER D 687 53.52 -22.33 10.39
N PHE D 688 53.77 -23.57 10.80
CA PHE D 688 54.97 -24.30 10.43
C PHE D 688 54.59 -25.45 9.49
N SER D 689 55.31 -25.57 8.38
CA SER D 689 54.97 -26.52 7.34
C SER D 689 55.59 -27.89 7.59
N HIS D 690 56.91 -27.95 7.69
CA HIS D 690 57.62 -29.21 7.88
C HIS D 690 58.09 -29.33 9.33
N VAL D 691 58.70 -30.48 9.65
CA VAL D 691 59.24 -30.68 10.99
C VAL D 691 60.43 -29.77 11.27
N ASP D 692 61.17 -29.36 10.24
CA ASP D 692 62.28 -28.44 10.45
C ASP D 692 61.79 -27.12 11.00
N GLU D 693 60.64 -26.65 10.53
CA GLU D 693 60.10 -25.38 11.02
C GLU D 693 59.69 -25.46 12.49
N ILE D 694 59.06 -26.57 12.89
CA ILE D 694 58.67 -26.69 14.29
C ILE D 694 59.88 -26.91 15.18
N LYS D 695 60.93 -27.57 14.66
CA LYS D 695 62.15 -27.69 15.45
C LYS D 695 62.83 -26.34 15.62
N GLU D 696 62.83 -25.51 14.58
CA GLU D 696 63.36 -24.16 14.70
C GLU D 696 62.55 -23.33 15.69
N PHE D 697 61.22 -23.48 15.65
CA PHE D 697 60.38 -22.76 16.60
C PHE D 697 60.63 -23.20 18.03
N LEU D 698 60.80 -24.52 18.24
CA LEU D 698 61.09 -25.03 19.57
C LEU D 698 62.46 -24.55 20.06
N HIS D 699 63.45 -24.49 19.16
CA HIS D 699 64.76 -23.97 19.55
C HIS D 699 64.67 -22.49 19.90
N PHE D 700 63.89 -21.71 19.14
CA PHE D 700 63.75 -20.29 19.43
C PHE D 700 63.01 -20.07 20.75
N LEU D 701 62.06 -20.96 21.07
CA LEU D 701 61.33 -20.84 22.33
C LEU D 701 62.10 -21.41 23.51
N THR D 702 63.14 -22.20 23.26
CA THR D 702 63.93 -22.80 24.33
C THR D 702 65.22 -22.05 24.64
N ASP D 703 65.84 -21.39 23.65
CA ASP D 703 67.10 -20.72 23.89
C ASP D 703 66.91 -19.33 24.49
N GLN D 704 65.87 -18.61 24.05
CA GLN D 704 65.59 -17.27 24.56
C GLN D 704 64.73 -17.28 25.80
N PHE D 705 64.20 -18.43 26.21
CA PHE D 705 63.34 -18.54 27.37
C PHE D 705 63.88 -19.61 28.31
N SER D 706 63.74 -19.36 29.61
CA SER D 706 64.24 -20.28 30.64
C SER D 706 63.15 -21.08 31.31
N GLY D 707 62.03 -20.44 31.66
CA GLY D 707 60.96 -21.13 32.35
C GLY D 707 60.23 -22.11 31.45
N GLN D 708 59.47 -22.99 32.10
CA GLN D 708 58.68 -24.02 31.44
C GLN D 708 57.21 -23.76 31.72
N HIS D 709 56.43 -23.53 30.66
CA HIS D 709 55.02 -23.22 30.81
C HIS D 709 54.32 -23.39 29.47
N TRP D 710 53.04 -23.78 29.53
CA TRP D 710 52.23 -24.04 28.34
C TRP D 710 51.65 -22.73 27.83
N LEU D 711 52.41 -22.03 27.00
CA LEU D 711 51.88 -20.83 26.36
C LEU D 711 50.70 -21.21 25.46
N TRP D 712 51.02 -21.87 24.35
CA TRP D 712 50.09 -22.51 23.42
C TRP D 712 50.91 -23.11 22.29
N ILE D 713 50.33 -24.08 21.59
CA ILE D 713 50.89 -24.64 20.37
C ILE D 713 49.80 -24.62 19.30
N GLY D 714 50.18 -24.25 18.08
CA GLY D 714 49.22 -24.08 17.01
C GLY D 714 48.69 -25.38 16.43
N LEU D 715 48.12 -26.23 17.28
CA LEU D 715 47.45 -27.45 16.86
C LEU D 715 46.01 -27.40 17.36
N ASN D 716 45.07 -27.71 16.47
CA ASN D 716 43.66 -27.54 16.79
C ASN D 716 42.83 -28.67 16.21
N LYS D 717 41.86 -29.13 16.98
CA LYS D 717 40.85 -30.10 16.55
C LYS D 717 39.46 -29.60 16.94
N ARG D 718 39.19 -28.33 16.65
CA ARG D 718 37.99 -27.69 17.18
C ARG D 718 36.74 -28.11 16.40
N SER D 719 36.73 -27.87 15.10
CA SER D 719 35.53 -28.12 14.31
C SER D 719 35.23 -29.62 14.26
N PRO D 720 33.95 -30.00 14.29
CA PRO D 720 33.61 -31.43 14.16
C PRO D 720 33.82 -31.97 12.75
N ASP D 721 34.02 -31.10 11.76
CA ASP D 721 34.20 -31.52 10.37
C ASP D 721 35.62 -31.98 10.06
N LEU D 722 36.45 -32.19 11.07
CA LEU D 722 37.80 -32.68 10.83
C LEU D 722 37.80 -34.11 10.31
N GLN D 723 36.87 -34.94 10.80
CA GLN D 723 36.74 -36.33 10.38
C GLN D 723 38.04 -37.11 10.63
N GLY D 724 38.69 -36.83 11.76
CA GLY D 724 39.91 -37.51 12.13
C GLY D 724 41.18 -36.88 11.60
N SER D 725 41.10 -36.08 10.54
CA SER D 725 42.28 -35.46 9.95
C SER D 725 42.72 -34.27 10.79
N TRP D 726 43.70 -33.51 10.30
CA TRP D 726 44.23 -32.35 11.00
C TRP D 726 44.16 -31.14 10.09
N GLN D 727 43.76 -30.01 10.66
CA GLN D 727 43.57 -28.78 9.91
C GLN D 727 44.55 -27.72 10.37
N TRP D 728 44.52 -26.58 9.69
CA TRP D 728 45.42 -25.46 9.95
C TRP D 728 44.63 -24.18 9.75
N SER D 729 45.32 -23.05 9.63
CA SER D 729 44.66 -21.77 9.49
C SER D 729 45.07 -20.94 8.29
N ASP D 730 46.31 -21.04 7.81
CA ASP D 730 46.75 -20.20 6.69
C ASP D 730 47.90 -20.88 5.96
N ARG D 731 47.60 -21.48 4.81
CA ARG D 731 48.60 -21.98 3.87
C ARG D 731 49.61 -22.89 4.56
N THR D 732 49.11 -23.97 5.16
CA THR D 732 49.96 -24.92 5.90
C THR D 732 49.40 -26.32 5.74
N PRO D 733 49.80 -27.04 4.68
CA PRO D 733 49.35 -28.42 4.53
C PRO D 733 50.09 -29.35 5.48
N VAL D 734 49.32 -30.08 6.30
CA VAL D 734 49.92 -31.00 7.26
C VAL D 734 50.41 -32.25 6.54
N SER D 735 51.66 -32.62 6.78
CA SER D 735 52.25 -33.79 6.13
C SER D 735 53.03 -34.70 7.06
N THR D 736 53.31 -34.30 8.30
CA THR D 736 54.10 -35.10 9.22
C THR D 736 53.31 -35.40 10.48
N ILE D 737 53.86 -36.31 11.28
CA ILE D 737 53.23 -36.72 12.54
C ILE D 737 53.81 -35.86 13.66
N ILE D 738 52.97 -35.01 14.25
CA ILE D 738 53.40 -34.11 15.31
C ILE D 738 52.43 -34.21 16.49
N MET D 739 51.29 -34.85 16.27
CA MET D 739 50.27 -34.97 17.31
C MET D 739 50.01 -36.44 17.63
N PRO D 740 50.05 -36.84 18.90
CA PRO D 740 49.66 -38.21 19.25
C PRO D 740 48.17 -38.33 19.53
N ASN D 741 47.72 -39.53 19.90
CA ASN D 741 46.32 -39.78 20.24
C ASN D 741 46.25 -40.37 21.64
N GLU D 742 45.39 -39.81 22.48
CA GLU D 742 45.21 -40.27 23.85
C GLU D 742 43.72 -40.38 24.14
N PHE D 743 43.34 -41.44 24.86
CA PHE D 743 41.94 -41.67 25.20
C PHE D 743 41.55 -40.83 26.41
N GLN D 744 40.41 -40.15 26.31
CA GLN D 744 39.91 -39.30 27.38
C GLN D 744 38.39 -39.39 27.42
N GLN D 745 37.83 -39.28 28.62
CA GLN D 745 36.38 -39.30 28.78
C GLN D 745 35.72 -38.19 27.98
N ASP D 746 36.33 -37.01 27.97
CA ASP D 746 35.85 -35.85 27.22
C ASP D 746 36.84 -35.45 26.14
N TYR D 747 37.38 -36.43 25.42
CA TYR D 747 38.35 -36.15 24.38
C TYR D 747 37.76 -35.33 23.25
N ASP D 748 36.45 -35.46 23.01
CA ASP D 748 35.78 -34.71 21.95
C ASP D 748 35.36 -33.32 22.36
N ILE D 749 35.77 -32.85 23.54
CA ILE D 749 35.45 -31.51 24.02
C ILE D 749 36.69 -30.63 24.08
N ARG D 750 37.70 -31.05 24.85
CA ARG D 750 38.98 -30.33 24.88
C ARG D 750 39.64 -30.48 23.52
N ASP D 751 39.79 -29.36 22.80
CA ASP D 751 40.16 -29.41 21.39
C ASP D 751 41.28 -28.43 21.05
N CYS D 752 42.26 -28.28 21.92
CA CYS D 752 43.44 -27.46 21.64
C CYS D 752 44.67 -28.20 22.16
N ALA D 753 45.53 -28.63 21.25
CA ALA D 753 46.71 -29.41 21.62
C ALA D 753 47.87 -28.49 21.96
N ALA D 754 48.72 -28.95 22.87
CA ALA D 754 49.88 -28.18 23.28
C ALA D 754 50.95 -29.10 23.81
N VAL D 755 52.20 -28.73 23.57
CA VAL D 755 53.36 -29.47 24.06
C VAL D 755 54.10 -28.60 25.07
N LYS D 756 55.01 -29.22 25.81
CA LYS D 756 55.77 -28.56 26.86
C LYS D 756 57.18 -28.21 26.38
N VAL D 757 57.60 -26.99 26.65
CA VAL D 757 58.98 -26.55 26.46
C VAL D 757 59.71 -26.66 27.79
N PHE D 758 60.93 -27.18 27.76
CA PHE D 758 61.70 -27.43 28.97
C PHE D 758 62.85 -26.45 29.08
N HIS D 759 63.48 -26.43 30.26
CA HIS D 759 64.63 -25.59 30.53
C HIS D 759 65.94 -26.21 30.09
N ARG D 760 65.89 -27.31 29.34
CA ARG D 760 67.07 -27.99 28.82
C ARG D 760 67.33 -27.57 27.37
N PRO D 761 68.59 -27.38 26.99
CA PRO D 761 68.90 -26.94 25.63
C PRO D 761 68.74 -28.03 24.57
N TRP D 762 68.40 -29.25 24.95
CA TRP D 762 68.24 -30.36 24.02
C TRP D 762 66.82 -30.90 24.13
N ARG D 763 65.95 -30.50 23.20
CA ARG D 763 64.56 -30.95 23.14
C ARG D 763 64.28 -31.42 21.72
N ARG D 764 64.58 -32.67 21.44
CA ARG D 764 64.40 -33.24 20.10
C ARG D 764 63.10 -34.03 20.05
N GLY D 765 61.99 -33.29 20.06
CA GLY D 765 60.67 -33.88 19.94
C GLY D 765 60.07 -34.44 21.20
N TRP D 766 60.88 -34.74 22.21
CA TRP D 766 60.38 -35.31 23.47
C TRP D 766 59.77 -34.19 24.29
N HIS D 767 58.47 -33.97 24.07
CA HIS D 767 57.72 -32.93 24.78
C HIS D 767 56.44 -33.52 25.34
N PHE D 768 55.99 -32.94 26.47
CA PHE D 768 54.79 -33.42 27.14
C PHE D 768 53.55 -32.93 26.40
N TYR D 769 52.77 -33.86 25.87
CA TYR D 769 51.58 -33.53 25.11
C TYR D 769 50.37 -33.40 26.04
N ASP D 770 49.48 -32.47 25.69
CA ASP D 770 48.29 -32.22 26.50
C ASP D 770 47.23 -31.57 25.62
N ASP D 771 45.98 -31.65 26.07
CA ASP D 771 44.84 -31.07 25.36
C ASP D 771 44.02 -30.24 26.33
N ARG D 772 43.61 -29.05 25.90
CA ARG D 772 42.82 -28.14 26.71
C ARG D 772 41.68 -27.57 25.87
N GLU D 773 40.93 -26.64 26.46
CA GLU D 773 39.76 -26.06 25.82
C GLU D 773 40.14 -24.80 25.06
N PHE D 774 39.13 -24.04 24.63
CA PHE D 774 39.33 -22.82 23.85
C PHE D 774 38.60 -21.62 24.44
N ILE D 775 38.25 -21.65 25.72
CA ILE D 775 37.47 -20.59 26.35
C ILE D 775 38.37 -19.67 27.18
N TYR D 776 39.68 -19.79 27.02
CA TYR D 776 40.63 -19.00 27.81
C TYR D 776 40.64 -17.55 27.32
N LEU D 777 41.45 -16.71 27.95
CA LEU D 777 41.52 -15.29 27.61
C LEU D 777 42.92 -14.80 27.98
N ARG D 778 43.81 -14.74 26.98
CA ARG D 778 45.21 -14.38 27.21
C ARG D 778 45.65 -13.36 26.16
N PRO D 779 46.36 -12.30 26.57
CA PRO D 779 46.73 -11.24 25.62
C PRO D 779 47.56 -11.76 24.44
N PHE D 780 47.76 -10.87 23.47
CA PHE D 780 48.21 -11.27 22.13
C PHE D 780 49.65 -11.76 22.12
N ALA D 781 49.87 -12.84 21.37
CA ALA D 781 51.22 -13.27 20.99
C ALA D 781 51.03 -14.11 19.72
N CYS D 782 51.29 -13.49 18.56
CA CYS D 782 50.70 -13.96 17.31
C CYS D 782 51.73 -13.89 16.19
N ASP D 783 51.38 -14.46 15.04
CA ASP D 783 52.27 -14.49 13.89
C ASP D 783 51.46 -14.33 12.61
N THR D 784 52.11 -13.81 11.58
CA THR D 784 51.47 -13.51 10.30
C THR D 784 52.34 -13.99 9.15
N LYS D 785 51.71 -14.48 8.10
CA LYS D 785 52.43 -14.89 6.91
C LYS D 785 53.03 -13.68 6.21
N LEU D 786 54.31 -13.79 5.84
CA LEU D 786 55.03 -12.71 5.18
C LEU D 786 54.85 -12.68 3.67
N GLU D 787 54.00 -13.54 3.13
CA GLU D 787 53.76 -13.58 1.68
C GLU D 787 52.92 -12.40 1.22
N LEU D 816 85.04 -8.12 -2.66
CA LEU D 816 83.90 -8.92 -2.24
C LEU D 816 84.20 -9.66 -0.94
N ILE D 817 83.40 -9.39 0.08
CA ILE D 817 83.58 -10.04 1.37
C ILE D 817 83.16 -11.50 1.28
N ILE D 818 83.96 -12.38 1.90
CA ILE D 818 83.68 -13.81 1.87
C ILE D 818 82.34 -14.09 2.55
N GLU D 819 81.55 -14.98 1.96
CA GLU D 819 80.24 -15.37 2.48
C GLU D 819 79.31 -14.16 2.61
N GLY D 820 79.02 -13.56 1.47
CA GLY D 820 78.12 -12.42 1.43
C GLY D 820 78.42 -11.55 0.22
N SER D 821 77.51 -10.61 -0.01
CA SER D 821 77.63 -9.67 -1.12
C SER D 821 78.51 -8.50 -0.69
N GLU D 822 78.58 -7.46 -1.52
CA GLU D 822 79.37 -6.29 -1.19
C GLU D 822 78.59 -5.38 -0.23
N TYR D 823 79.32 -4.78 0.71
CA TYR D 823 78.74 -3.93 1.74
C TYR D 823 79.16 -2.49 1.48
N TRP D 824 78.18 -1.60 1.39
CA TRP D 824 78.41 -0.18 1.13
C TRP D 824 78.54 0.54 2.47
N PHE D 825 79.76 0.97 2.79
CA PHE D 825 80.04 1.71 4.03
C PHE D 825 79.95 3.19 3.73
N VAL D 826 79.14 3.92 4.50
CA VAL D 826 79.00 5.36 4.31
C VAL D 826 79.91 6.06 5.31
N ALA D 827 80.72 7.00 4.81
CA ALA D 827 81.64 7.77 5.63
C ALA D 827 81.46 9.25 5.36
N ASP D 828 81.90 10.07 6.32
CA ASP D 828 81.78 11.52 6.27
C ASP D 828 80.33 11.99 6.11
N LEU D 829 79.38 11.13 6.47
CA LEU D 829 77.96 11.45 6.37
C LEU D 829 77.27 10.77 7.55
N HIS D 830 77.04 11.52 8.63
CA HIS D 830 76.48 10.98 9.85
C HIS D 830 74.97 11.19 9.84
N LEU D 831 74.21 10.10 9.73
CA LEU D 831 72.76 10.13 9.69
C LEU D 831 72.20 9.16 10.73
N ASN D 832 70.92 9.34 11.03
CA ASN D 832 70.24 8.52 12.02
C ASN D 832 69.75 7.22 11.37
N TYR D 833 68.94 6.46 12.10
CA TYR D 833 68.42 5.20 11.58
C TYR D 833 67.37 5.45 10.50
N GLU D 834 66.49 6.42 10.73
CA GLU D 834 65.44 6.72 9.75
C GLU D 834 66.01 7.32 8.48
N GLU D 835 66.95 8.27 8.64
CA GLU D 835 67.61 8.83 7.47
C GLU D 835 68.36 7.75 6.70
N ALA D 836 68.95 6.79 7.40
CA ALA D 836 69.63 5.68 6.73
C ALA D 836 68.65 4.82 5.95
N VAL D 837 67.54 4.43 6.59
CA VAL D 837 66.57 3.55 5.93
C VAL D 837 65.89 4.27 4.77
N LEU D 838 65.88 5.60 4.78
CA LEU D 838 65.29 6.35 3.67
C LEU D 838 66.29 6.65 2.55
N TYR D 839 67.58 6.78 2.88
CA TYR D 839 68.57 7.18 1.88
C TYR D 839 69.28 5.97 1.26
N CYS D 840 69.85 5.10 2.10
CA CYS D 840 70.68 4.02 1.56
C CYS D 840 69.85 2.95 0.86
N ALA D 841 68.61 2.74 1.31
CA ALA D 841 67.77 1.73 0.70
C ALA D 841 67.25 2.21 -0.66
N SER D 842 67.19 1.28 -1.61
CA SER D 842 66.70 1.56 -2.96
C SER D 842 66.05 0.30 -3.50
N ASN D 843 65.86 0.24 -4.82
CA ASN D 843 65.20 -0.91 -5.43
C ASN D 843 65.97 -2.20 -5.19
N HIS D 844 67.31 -2.13 -5.15
CA HIS D 844 68.13 -3.31 -4.91
C HIS D 844 68.91 -3.24 -3.60
N SER D 845 68.99 -2.08 -2.96
CA SER D 845 69.72 -1.94 -1.71
C SER D 845 68.77 -1.99 -0.52
N PHE D 846 69.28 -2.49 0.60
CA PHE D 846 68.54 -2.49 1.87
C PHE D 846 69.56 -2.55 3.00
N LEU D 847 69.06 -2.43 4.22
CA LEU D 847 69.94 -2.46 5.39
C LEU D 847 70.65 -3.79 5.48
N ALA D 848 71.98 -3.75 5.37
CA ALA D 848 72.79 -4.96 5.37
C ALA D 848 72.75 -5.62 6.74
N THR D 849 72.07 -6.75 6.84
CA THR D 849 72.01 -7.54 8.07
C THR D 849 72.95 -8.74 7.94
N ILE D 850 73.77 -8.96 8.95
CA ILE D 850 74.72 -10.07 8.93
C ILE D 850 74.04 -11.30 9.53
N THR D 851 74.25 -12.46 8.90
CA THR D 851 73.61 -13.70 9.32
C THR D 851 74.58 -14.75 9.84
N SER D 852 75.88 -14.58 9.63
CA SER D 852 76.87 -15.54 10.07
C SER D 852 77.92 -14.85 10.93
N PHE D 853 78.59 -15.64 11.77
CA PHE D 853 79.62 -15.09 12.65
C PHE D 853 80.85 -14.66 11.85
N VAL D 854 81.14 -15.35 10.75
CA VAL D 854 82.23 -14.93 9.88
C VAL D 854 81.93 -13.56 9.29
N GLY D 855 80.66 -13.29 8.94
CA GLY D 855 80.30 -11.97 8.47
C GLY D 855 80.48 -10.90 9.54
N LEU D 856 80.13 -11.22 10.79
CA LEU D 856 80.36 -10.28 11.88
C LEU D 856 81.83 -9.99 12.06
N LYS D 857 82.68 -11.03 11.99
CA LYS D 857 84.12 -10.81 12.13
C LYS D 857 84.67 -9.97 10.98
N ALA D 858 84.21 -10.23 9.75
CA ALA D 858 84.67 -9.45 8.61
C ALA D 858 84.23 -8.00 8.73
N ILE D 859 82.99 -7.78 9.18
CA ILE D 859 82.50 -6.42 9.39
C ILE D 859 83.33 -5.71 10.45
N LYS D 860 83.66 -6.42 11.53
CA LYS D 860 84.48 -5.82 12.58
C LYS D 860 85.86 -5.43 12.04
N ASN D 861 86.49 -6.33 11.28
CA ASN D 861 87.81 -6.02 10.73
C ASN D 861 87.74 -4.82 9.78
N LYS D 862 86.74 -4.79 8.91
CA LYS D 862 86.64 -3.70 7.95
C LYS D 862 86.32 -2.37 8.65
N ILE D 863 85.52 -2.41 9.72
CA ILE D 863 85.22 -1.20 10.48
C ILE D 863 86.48 -0.70 11.19
N ALA D 864 87.24 -1.61 11.80
CA ALA D 864 88.46 -1.21 12.48
C ALA D 864 89.50 -0.69 11.51
N ASN D 865 89.52 -1.20 10.27
CA ASN D 865 90.48 -0.73 9.28
C ASN D 865 89.98 0.47 8.49
N ILE D 866 88.71 0.83 8.61
CA ILE D 866 88.15 1.94 7.84
C ILE D 866 88.13 3.21 8.68
N SER D 867 87.42 3.17 9.81
CA SER D 867 87.24 4.34 10.66
C SER D 867 87.99 4.23 11.98
N GLY D 868 87.76 3.18 12.75
CA GLY D 868 88.41 3.01 14.03
C GLY D 868 87.54 2.20 14.96
N ASP D 869 87.96 2.17 16.22
CA ASP D 869 87.26 1.42 17.25
C ASP D 869 86.28 2.26 18.06
N GLY D 870 86.38 3.59 17.98
CA GLY D 870 85.50 4.44 18.75
C GLY D 870 84.15 4.69 18.10
N GLN D 871 84.10 4.64 16.78
CA GLN D 871 82.85 4.94 16.07
C GLN D 871 81.88 3.76 16.18
N LYS D 872 80.59 4.07 16.10
CA LYS D 872 79.52 3.08 16.13
C LYS D 872 78.80 3.08 14.79
N TRP D 873 78.35 1.89 14.39
CA TRP D 873 77.70 1.71 13.10
C TRP D 873 76.35 1.03 13.30
N TRP D 874 75.34 1.53 12.58
CA TRP D 874 73.99 0.99 12.66
C TRP D 874 73.95 -0.38 11.99
N ILE D 875 73.98 -1.44 12.79
CA ILE D 875 74.02 -2.81 12.29
C ILE D 875 72.76 -3.52 12.75
N ARG D 876 72.16 -4.31 11.86
CA ARG D 876 71.06 -5.19 12.20
C ARG D 876 71.60 -6.60 12.42
N ILE D 877 71.44 -7.12 13.63
CA ILE D 877 71.98 -8.41 14.02
C ILE D 877 70.86 -9.44 14.01
N SER D 878 71.10 -10.56 13.33
CA SER D 878 70.14 -11.65 13.27
C SER D 878 70.88 -12.91 12.84
N GLU D 879 70.15 -14.02 12.77
CA GLU D 879 70.69 -15.29 12.32
C GLU D 879 70.16 -15.73 10.97
N TRP D 880 69.13 -15.07 10.46
CA TRP D 880 68.55 -15.36 9.15
C TRP D 880 68.19 -14.03 8.48
N PRO D 881 68.29 -13.96 7.15
CA PRO D 881 68.04 -12.69 6.45
C PRO D 881 66.60 -12.21 6.62
N ILE D 882 66.43 -11.11 7.34
CA ILE D 882 65.09 -10.60 7.61
C ILE D 882 64.53 -9.93 6.36
N ASP D 883 63.21 -9.97 6.23
CA ASP D 883 62.52 -9.34 5.10
C ASP D 883 61.95 -8.00 5.52
N ASP D 884 61.91 -7.06 4.55
CA ASP D 884 61.37 -5.74 4.84
C ASP D 884 59.86 -5.77 5.02
N HIS D 885 59.18 -6.71 4.37
CA HIS D 885 57.72 -6.81 4.48
C HIS D 885 57.32 -7.52 5.77
N GLU D 903 63.82 -1.36 17.87
CA GLU D 903 64.94 -2.25 17.56
C GLU D 903 66.03 -1.51 16.81
N CYS D 904 66.57 -0.46 17.42
CA CYS D 904 67.64 0.33 16.83
C CYS D 904 68.97 -0.25 17.29
N LEU D 905 69.37 -1.32 16.62
CA LEU D 905 70.61 -2.03 16.97
C LEU D 905 71.82 -1.36 16.34
N TYR D 906 72.94 -1.43 17.05
CA TYR D 906 74.19 -0.84 16.60
C TYR D 906 75.34 -1.73 17.06
N MET D 907 76.53 -1.48 16.50
CA MET D 907 77.72 -2.21 16.90
C MET D 907 78.93 -1.29 16.91
N SER D 908 79.83 -1.55 17.84
CA SER D 908 81.14 -0.90 17.89
C SER D 908 82.22 -1.91 17.52
N ALA D 909 83.39 -1.39 17.13
CA ALA D 909 84.48 -2.27 16.74
C ALA D 909 85.10 -2.96 17.95
N LYS D 910 85.03 -2.34 19.12
CA LYS D 910 85.63 -2.89 20.33
C LYS D 910 84.54 -3.43 21.26
N THR D 911 84.87 -4.55 21.92
CA THR D 911 83.96 -5.27 22.81
C THR D 911 82.58 -5.45 22.17
N TRP D 912 82.59 -6.08 20.98
CA TRP D 912 81.36 -6.35 20.26
C TRP D 912 80.57 -7.52 20.84
N LEU D 913 81.03 -8.12 21.93
CA LEU D 913 80.34 -9.27 22.50
C LEU D 913 79.29 -8.85 23.52
N ILE D 914 79.48 -7.69 24.16
CA ILE D 914 78.53 -7.25 25.17
C ILE D 914 77.36 -6.49 24.54
N ASP D 915 77.62 -5.78 23.44
CA ASP D 915 76.61 -4.95 22.79
C ASP D 915 75.95 -5.64 21.60
N LEU D 916 75.81 -6.96 21.63
CA LEU D 916 75.19 -7.67 20.52
C LEU D 916 73.68 -7.38 20.47
N GLY D 917 73.04 -7.32 21.63
CA GLY D 917 71.60 -7.11 21.68
C GLY D 917 71.18 -6.03 22.67
N LYS D 918 71.98 -4.97 22.78
CA LYS D 918 71.69 -3.86 23.69
C LYS D 918 71.46 -2.60 22.87
N PRO D 919 70.22 -2.29 22.49
CA PRO D 919 69.95 -1.09 21.71
C PRO D 919 69.76 0.14 22.58
N THR D 920 70.02 1.29 21.96
CA THR D 920 69.90 2.59 22.60
C THR D 920 69.08 3.49 21.67
N ASP D 921 68.88 4.75 22.08
CA ASP D 921 68.15 5.71 21.27
C ASP D 921 68.91 5.95 19.97
N CYS D 922 68.32 5.53 18.85
CA CYS D 922 68.96 5.61 17.54
C CYS D 922 68.79 6.97 16.88
N SER D 923 68.45 8.02 17.64
CA SER D 923 68.37 9.37 17.09
C SER D 923 69.69 10.10 17.21
N THR D 924 70.76 9.47 16.74
CA THR D 924 72.10 10.05 16.74
C THR D 924 72.70 9.92 15.36
N LYS D 925 73.49 10.92 14.97
CA LYS D 925 74.11 10.94 13.64
C LYS D 925 75.38 10.11 13.69
N LEU D 926 75.39 8.98 12.99
CA LEU D 926 76.53 8.06 12.96
C LEU D 926 76.61 7.41 11.59
N PRO D 927 77.82 7.06 11.14
CA PRO D 927 77.96 6.33 9.89
C PRO D 927 77.36 4.93 10.01
N PHE D 928 77.18 4.28 8.86
CA PHE D 928 76.53 2.97 8.84
C PHE D 928 76.94 2.21 7.59
N ILE D 929 76.29 1.07 7.39
CA ILE D 929 76.51 0.21 6.24
C ILE D 929 75.14 -0.09 5.61
N CYS D 930 75.16 -0.40 4.33
CA CYS D 930 73.94 -0.71 3.60
C CYS D 930 74.28 -1.56 2.39
N GLU D 931 73.43 -2.53 2.09
CA GLU D 931 73.64 -3.42 0.97
C GLU D 931 73.09 -2.79 -0.31
N PRO D 957 42.02 -44.31 -4.45
CA PRO D 957 42.52 -43.01 -4.91
C PRO D 957 43.32 -43.12 -6.21
N PHE D 958 44.02 -42.03 -6.57
CA PHE D 958 44.81 -42.02 -7.78
C PHE D 958 46.15 -42.71 -7.57
N GLN D 959 46.84 -42.99 -8.67
CA GLN D 959 48.16 -43.59 -8.61
C GLN D 959 49.15 -42.60 -7.99
N ASN D 960 49.62 -42.89 -6.78
CA ASN D 960 50.54 -42.03 -6.05
C ASN D 960 49.96 -40.63 -5.85
N LYS D 961 48.66 -40.58 -5.56
CA LYS D 961 47.96 -39.31 -5.36
C LYS D 961 46.64 -39.58 -4.66
N CYS D 962 46.37 -38.82 -3.59
CA CYS D 962 45.13 -38.96 -2.84
C CYS D 962 44.39 -37.64 -2.85
N PHE D 963 43.09 -37.70 -2.59
CA PHE D 963 42.24 -36.52 -2.63
C PHE D 963 41.34 -36.49 -1.40
N LEU D 964 41.02 -35.27 -0.96
CA LEU D 964 40.19 -35.06 0.22
C LEU D 964 39.26 -33.88 -0.03
N LYS D 965 38.11 -33.89 0.64
CA LYS D 965 37.06 -32.90 0.40
C LYS D 965 36.57 -32.31 1.73
N ILE D 966 36.13 -31.06 1.65
CA ILE D 966 35.60 -30.32 2.79
C ILE D 966 34.19 -29.84 2.43
N LYS D 967 33.54 -29.17 3.39
CA LYS D 967 32.20 -28.65 3.17
C LYS D 967 32.19 -27.66 2.00
N PRO D 968 31.04 -27.51 1.32
CA PRO D 968 30.99 -26.62 0.16
C PRO D 968 30.83 -25.16 0.52
N VAL D 969 31.16 -24.78 1.76
CA VAL D 969 31.02 -23.40 2.20
C VAL D 969 31.78 -22.48 1.26
N SER D 970 31.18 -21.32 0.98
CA SER D 970 31.74 -20.38 0.01
C SER D 970 32.57 -19.30 0.70
N LEU D 971 33.58 -18.82 -0.02
CA LEU D 971 34.47 -17.77 0.47
C LEU D 971 35.33 -17.32 -0.70
N THR D 972 35.96 -16.15 -0.53
CA THR D 972 36.75 -15.57 -1.59
C THR D 972 38.02 -16.40 -1.85
N PHE D 973 38.54 -16.26 -3.07
CA PHE D 973 39.72 -17.03 -3.46
C PHE D 973 40.94 -16.62 -2.66
N SER D 974 41.03 -15.35 -2.27
CA SER D 974 42.12 -14.92 -1.39
C SER D 974 42.06 -15.64 -0.05
N GLN D 975 40.87 -16.05 0.37
CA GLN D 975 40.71 -16.86 1.58
C GLN D 975 40.47 -18.33 1.27
N ALA D 976 40.06 -18.67 0.04
CA ALA D 976 39.86 -20.07 -0.32
C ALA D 976 41.18 -20.82 -0.47
N SER D 977 42.29 -20.11 -0.67
CA SER D 977 43.59 -20.75 -0.73
C SER D 977 44.03 -21.31 0.61
N ASP D 978 43.29 -21.02 1.68
CA ASP D 978 43.59 -21.54 3.01
C ASP D 978 42.41 -22.33 3.57
N THR D 979 41.55 -22.84 2.69
CA THR D 979 40.38 -23.62 3.11
C THR D 979 40.74 -25.10 3.28
N CYS D 980 41.22 -25.74 2.22
CA CYS D 980 41.70 -27.11 2.30
C CYS D 980 43.20 -27.19 2.53
N HIS D 981 43.93 -26.11 2.23
CA HIS D 981 45.33 -26.03 2.64
C HIS D 981 45.48 -26.18 4.15
N SER D 982 44.45 -25.83 4.91
CA SER D 982 44.42 -26.14 6.34
C SER D 982 44.65 -27.63 6.57
N TYR D 983 43.93 -28.47 5.82
CA TYR D 983 44.12 -29.90 5.86
C TYR D 983 45.38 -30.29 5.09
N GLY D 984 45.61 -31.60 4.95
CA GLY D 984 46.75 -32.08 4.20
C GLY D 984 46.50 -32.16 2.71
N GLY D 985 47.01 -31.20 1.96
CA GLY D 985 46.83 -31.21 0.52
C GLY D 985 46.91 -29.81 -0.04
N THR D 986 46.90 -29.76 -1.37
CA THR D 986 46.96 -28.51 -2.12
C THR D 986 45.76 -28.40 -3.04
N LEU D 987 45.64 -27.23 -3.68
CA LEU D 987 44.55 -27.00 -4.62
C LEU D 987 44.70 -27.94 -5.82
N PRO D 988 43.59 -28.32 -6.46
CA PRO D 988 43.66 -29.28 -7.56
C PRO D 988 44.43 -28.76 -8.77
N SER D 989 45.52 -29.44 -9.12
CA SER D 989 46.30 -29.13 -10.31
C SER D 989 46.17 -30.28 -11.30
N VAL D 990 45.63 -29.99 -12.48
CA VAL D 990 45.40 -31.01 -13.50
C VAL D 990 46.70 -31.28 -14.23
N LEU D 991 47.18 -32.52 -14.15
CA LEU D 991 48.41 -32.93 -14.83
C LEU D 991 48.15 -33.86 -16.01
N SER D 992 47.16 -34.75 -15.92
CA SER D 992 46.80 -35.66 -16.99
C SER D 992 45.29 -35.67 -17.14
N GLN D 993 44.82 -36.19 -18.27
CA GLN D 993 43.37 -36.20 -18.50
C GLN D 993 42.66 -37.18 -17.58
N ILE D 994 43.38 -38.14 -17.01
CA ILE D 994 42.77 -39.04 -16.03
C ILE D 994 42.34 -38.27 -14.79
N GLU D 995 43.13 -37.27 -14.40
CA GLU D 995 42.75 -36.42 -13.27
C GLU D 995 41.51 -35.60 -13.61
N GLN D 996 41.39 -35.14 -14.86
CA GLN D 996 40.18 -34.44 -15.26
C GLN D 996 38.97 -35.36 -15.22
N ASP D 997 39.15 -36.61 -15.65
CA ASP D 997 38.07 -37.59 -15.52
C ASP D 997 37.68 -37.80 -14.07
N PHE D 998 38.67 -37.87 -13.18
CA PHE D 998 38.38 -38.09 -11.76
C PHE D 998 37.63 -36.91 -11.15
N ILE D 999 38.05 -35.69 -11.47
CA ILE D 999 37.37 -34.53 -10.91
C ILE D 999 35.97 -34.39 -11.50
N THR D 1000 35.78 -34.76 -12.77
CA THR D 1000 34.43 -34.72 -13.34
C THR D 1000 33.55 -35.81 -12.74
N SER D 1001 34.14 -36.93 -12.34
CA SER D 1001 33.36 -37.97 -11.66
C SER D 1001 33.05 -37.60 -10.22
N LEU D 1002 33.87 -36.74 -9.61
CA LEU D 1002 33.55 -36.22 -8.28
C LEU D 1002 32.60 -35.02 -8.33
N LEU D 1003 32.48 -34.37 -9.49
CA LEU D 1003 31.57 -33.23 -9.60
C LEU D 1003 30.10 -33.52 -9.31
N PRO D 1004 29.51 -34.70 -9.66
CA PRO D 1004 28.07 -34.91 -9.44
C PRO D 1004 27.46 -34.37 -8.16
N ASP D 1005 28.06 -34.66 -7.01
CA ASP D 1005 27.52 -34.18 -5.74
C ASP D 1005 27.97 -32.77 -5.38
N MET D 1006 28.68 -32.10 -6.28
CA MET D 1006 29.14 -30.74 -6.08
C MET D 1006 28.32 -29.79 -6.94
N GLU D 1007 28.54 -28.49 -6.73
CA GLU D 1007 27.81 -27.46 -7.47
C GLU D 1007 28.45 -27.26 -8.85
N ALA D 1008 28.03 -26.20 -9.54
CA ALA D 1008 28.54 -25.94 -10.88
C ALA D 1008 29.90 -25.26 -10.85
N THR D 1009 30.17 -24.47 -9.82
CA THR D 1009 31.44 -23.75 -9.71
C THR D 1009 32.42 -24.55 -8.87
N LEU D 1010 33.70 -24.22 -9.04
CA LEU D 1010 34.78 -24.94 -8.36
C LEU D 1010 36.04 -24.08 -8.39
N TRP D 1011 36.75 -24.05 -7.27
CA TRP D 1011 38.02 -23.33 -7.18
C TRP D 1011 39.15 -24.28 -7.54
N ILE D 1012 39.62 -24.20 -8.78
CA ILE D 1012 40.75 -25.03 -9.19
C ILE D 1012 42.04 -24.55 -8.53
N GLY D 1013 42.12 -23.27 -8.20
CA GLY D 1013 43.21 -22.76 -7.38
C GLY D 1013 44.53 -22.52 -8.08
N LEU D 1014 44.56 -21.59 -9.02
CA LEU D 1014 45.81 -21.10 -9.58
C LEU D 1014 45.69 -19.59 -9.75
N ARG D 1015 46.77 -18.88 -9.41
CA ARG D 1015 46.78 -17.42 -9.46
C ARG D 1015 47.88 -16.93 -10.39
N TRP D 1016 47.55 -15.91 -11.18
CA TRP D 1016 48.50 -15.30 -12.10
C TRP D 1016 47.97 -13.94 -12.50
N THR D 1017 48.87 -12.98 -12.69
CA THR D 1017 48.47 -11.64 -13.07
C THR D 1017 47.95 -11.63 -14.50
N ALA D 1018 47.07 -10.68 -14.78
CA ALA D 1018 46.45 -10.59 -16.09
C ALA D 1018 47.47 -10.15 -17.14
N TYR D 1019 47.16 -10.47 -18.39
CA TYR D 1019 48.02 -10.15 -19.54
C TYR D 1019 49.43 -10.72 -19.37
N GLU D 1020 49.49 -11.94 -18.85
CA GLU D 1020 50.77 -12.61 -18.61
C GLU D 1020 50.56 -14.12 -18.77
N LYS D 1021 51.53 -14.90 -18.30
CA LYS D 1021 51.51 -16.34 -18.42
C LYS D 1021 51.28 -16.99 -17.06
N ILE D 1022 50.86 -18.26 -17.10
CA ILE D 1022 50.69 -19.08 -15.91
C ILE D 1022 51.99 -19.83 -15.65
N ASN D 1023 52.39 -19.91 -14.38
CA ASN D 1023 53.68 -20.49 -14.02
C ASN D 1023 53.51 -21.45 -12.85
N LYS D 1024 53.85 -22.71 -13.08
CA LYS D 1024 54.02 -23.74 -12.05
C LYS D 1024 52.72 -24.08 -11.32
N TRP D 1025 51.59 -23.52 -11.73
CA TRP D 1025 50.29 -23.80 -11.11
C TRP D 1025 50.30 -23.52 -9.61
N THR D 1026 51.17 -22.61 -9.17
CA THR D 1026 51.35 -22.24 -7.76
C THR D 1026 51.62 -23.44 -6.86
N ASP D 1027 52.02 -24.58 -7.43
CA ASP D 1027 52.33 -25.75 -6.62
C ASP D 1027 53.57 -26.50 -7.12
N ASN D 1028 54.43 -25.84 -7.89
CA ASN D 1028 55.65 -26.43 -8.42
C ASN D 1028 55.34 -27.66 -9.30
N ARG D 1029 54.58 -27.40 -10.36
CA ARG D 1029 54.20 -28.43 -11.32
C ARG D 1029 54.44 -27.91 -12.72
N GLU D 1030 55.23 -28.65 -13.50
CA GLU D 1030 55.54 -28.22 -14.87
C GLU D 1030 54.29 -28.27 -15.74
N LEU D 1031 54.31 -27.49 -16.81
CA LEU D 1031 53.18 -27.38 -17.74
C LEU D 1031 53.46 -28.23 -18.97
N THR D 1032 52.74 -29.35 -19.09
CA THR D 1032 52.81 -30.16 -20.30
C THR D 1032 51.70 -29.81 -21.27
N TYR D 1033 50.48 -29.59 -20.77
CA TYR D 1033 49.34 -29.21 -21.59
C TYR D 1033 48.29 -28.62 -20.67
N SER D 1034 47.29 -27.98 -21.26
CA SER D 1034 46.22 -27.35 -20.51
C SER D 1034 44.88 -27.69 -21.14
N ASN D 1035 43.87 -27.88 -20.29
CA ASN D 1035 42.53 -28.25 -20.73
C ASN D 1035 41.67 -27.00 -20.92
N PHE D 1036 42.07 -26.18 -21.90
CA PHE D 1036 41.35 -24.97 -22.26
C PHE D 1036 40.73 -25.17 -23.64
N HIS D 1037 39.45 -25.47 -23.66
CA HIS D 1037 38.75 -25.64 -24.93
C HIS D 1037 38.58 -24.28 -25.60
N PRO D 1038 39.06 -24.10 -26.84
CA PRO D 1038 39.04 -22.77 -27.45
C PRO D 1038 37.66 -22.29 -27.87
N LEU D 1039 36.77 -22.08 -26.89
CA LEU D 1039 35.48 -21.46 -27.17
C LEU D 1039 35.11 -20.37 -26.19
N LEU D 1040 35.67 -20.34 -24.98
CA LEU D 1040 35.35 -19.34 -23.98
C LEU D 1040 36.54 -18.47 -23.61
N VAL D 1041 37.72 -18.73 -24.15
CA VAL D 1041 38.92 -17.97 -23.85
C VAL D 1041 39.47 -17.38 -25.15
N SER D 1042 39.91 -16.12 -25.08
CA SER D 1042 40.46 -15.42 -26.23
C SER D 1042 41.98 -15.56 -26.22
N GLY D 1043 42.52 -16.25 -27.22
CA GLY D 1043 43.96 -16.44 -27.32
C GLY D 1043 44.56 -15.77 -28.53
N ARG D 1044 45.36 -14.73 -28.31
CA ARG D 1044 45.99 -13.98 -29.39
C ARG D 1044 47.19 -13.23 -28.80
N LEU D 1045 47.75 -12.31 -29.59
CA LEU D 1045 48.88 -11.50 -29.16
C LEU D 1045 48.40 -10.51 -28.11
N ARG D 1046 48.72 -10.78 -26.85
CA ARG D 1046 48.30 -9.92 -25.75
C ARG D 1046 49.18 -8.68 -25.66
N ARG D 1057 43.81 -5.46 -11.52
CA ARG D 1057 42.90 -6.37 -12.19
C ARG D 1057 43.56 -7.73 -12.43
N TYR D 1058 43.34 -8.66 -11.50
CA TYR D 1058 43.90 -10.00 -11.62
C TYR D 1058 42.95 -10.93 -12.36
N HIS D 1059 43.49 -12.04 -12.84
CA HIS D 1059 42.73 -13.04 -13.57
C HIS D 1059 42.87 -14.38 -12.86
N CYS D 1060 41.74 -15.02 -12.58
CA CYS D 1060 41.72 -16.30 -11.87
C CYS D 1060 40.75 -17.24 -12.58
N ALA D 1061 41.13 -18.51 -12.68
CA ALA D 1061 40.38 -19.49 -13.44
C ALA D 1061 39.55 -20.40 -12.53
N LEU D 1062 38.51 -20.97 -13.12
CA LEU D 1062 37.60 -21.88 -12.42
C LEU D 1062 37.07 -22.91 -13.40
N ILE D 1063 36.46 -23.96 -12.86
CA ILE D 1063 35.82 -25.01 -13.65
C ILE D 1063 34.32 -24.78 -13.61
N LEU D 1064 33.67 -24.86 -14.76
CA LEU D 1064 32.23 -24.61 -14.89
C LEU D 1064 31.52 -25.89 -15.31
N ASN D 1065 30.48 -26.25 -14.56
CA ASN D 1065 29.60 -27.36 -14.92
C ASN D 1065 28.32 -26.80 -15.52
N LEU D 1066 27.77 -27.52 -16.50
CA LEU D 1066 26.65 -27.02 -17.28
C LEU D 1066 25.48 -27.99 -17.25
N GLN D 1067 25.25 -28.63 -16.10
CA GLN D 1067 24.07 -29.47 -15.85
C GLN D 1067 23.96 -30.59 -16.88
N LYS D 1068 24.94 -31.50 -16.82
CA LYS D 1068 25.00 -32.67 -17.68
C LYS D 1068 25.10 -32.27 -19.16
N SER D 1069 26.17 -31.56 -19.48
CA SER D 1069 26.44 -31.10 -20.83
C SER D 1069 27.48 -31.97 -21.50
N PRO D 1070 27.47 -32.07 -22.84
CA PRO D 1070 28.48 -32.88 -23.53
C PRO D 1070 29.89 -32.32 -23.43
N PHE D 1071 30.07 -31.12 -22.88
CA PHE D 1071 31.38 -30.51 -22.68
C PHE D 1071 31.59 -30.16 -21.22
N THR D 1072 31.25 -31.09 -20.33
CA THR D 1072 31.39 -30.86 -18.90
C THR D 1072 32.86 -30.82 -18.51
N GLY D 1073 33.23 -29.80 -17.74
CA GLY D 1073 34.60 -29.61 -17.32
C GLY D 1073 35.34 -28.49 -18.02
N THR D 1074 34.63 -27.44 -18.45
CA THR D 1074 35.26 -26.33 -19.15
C THR D 1074 35.93 -25.39 -18.14
N TRP D 1075 37.01 -24.76 -18.58
CA TRP D 1075 37.78 -23.83 -17.76
C TRP D 1075 37.47 -22.41 -18.18
N ASN D 1076 36.89 -21.63 -17.28
CA ASN D 1076 36.60 -20.22 -17.51
C ASN D 1076 37.55 -19.38 -16.65
N PHE D 1077 37.58 -18.08 -16.94
CA PHE D 1077 38.44 -17.16 -16.21
C PHE D 1077 37.68 -15.87 -15.93
N THR D 1078 37.74 -15.41 -14.68
CA THR D 1078 37.09 -14.18 -14.25
C THR D 1078 37.91 -13.60 -13.10
N SER D 1079 37.40 -12.54 -12.48
CA SER D 1079 38.03 -12.00 -11.30
C SER D 1079 37.71 -12.87 -10.09
N CYS D 1080 38.76 -13.22 -9.35
CA CYS D 1080 38.63 -14.12 -8.21
C CYS D 1080 38.46 -13.38 -6.88
N SER D 1081 37.96 -12.15 -6.91
CA SER D 1081 37.59 -11.45 -5.68
C SER D 1081 36.25 -11.90 -5.14
N GLU D 1082 35.47 -12.65 -5.93
CA GLU D 1082 34.19 -13.17 -5.48
C GLU D 1082 34.37 -14.49 -4.74
N ARG D 1083 33.25 -15.07 -4.31
CA ARG D 1083 33.24 -16.30 -3.54
C ARG D 1083 32.68 -17.44 -4.39
N HIS D 1084 33.34 -18.59 -4.34
CA HIS D 1084 32.89 -19.78 -5.04
C HIS D 1084 33.18 -20.99 -4.14
N PHE D 1085 33.06 -22.18 -4.70
CA PHE D 1085 33.17 -23.41 -3.94
C PHE D 1085 34.53 -24.08 -4.19
N VAL D 1086 34.96 -24.87 -3.21
CA VAL D 1086 36.16 -25.71 -3.32
C VAL D 1086 35.76 -27.14 -3.03
N SER D 1087 36.17 -28.05 -3.90
CA SER D 1087 35.73 -29.44 -3.77
C SER D 1087 36.85 -30.42 -3.52
N LEU D 1088 37.94 -30.35 -4.27
CA LEU D 1088 39.01 -31.33 -4.21
C LEU D 1088 40.27 -30.71 -3.64
N CYS D 1089 41.01 -31.50 -2.87
CA CYS D 1089 42.31 -31.10 -2.35
C CYS D 1089 43.25 -32.29 -2.46
N GLN D 1090 44.35 -32.10 -3.19
CA GLN D 1090 45.23 -33.20 -3.58
C GLN D 1090 46.43 -33.28 -2.65
N LYS D 1091 46.63 -34.45 -2.05
CA LYS D 1091 47.80 -34.74 -1.25
C LYS D 1091 48.59 -35.89 -1.87
N TYR D 1092 49.83 -36.05 -1.43
CA TYR D 1092 50.69 -37.11 -1.94
C TYR D 1092 50.21 -38.48 -1.48
N VAL D 1108 29.58 -53.00 -9.61
CA VAL D 1108 29.75 -51.74 -8.90
C VAL D 1108 28.61 -50.79 -9.23
N LYS D 1109 28.23 -49.96 -8.26
CA LYS D 1109 27.16 -48.99 -8.43
C LYS D 1109 27.75 -47.58 -8.57
N TYR D 1110 27.20 -46.81 -9.50
CA TYR D 1110 27.68 -45.46 -9.75
C TYR D 1110 26.60 -44.67 -10.47
N LEU D 1111 26.14 -43.57 -9.84
CA LEU D 1111 25.17 -42.66 -10.41
C LEU D 1111 23.97 -43.39 -11.00
N ASN D 1112 23.30 -44.16 -10.14
CA ASN D 1112 22.08 -44.90 -10.49
C ASN D 1112 22.32 -45.89 -11.64
N ASN D 1113 23.56 -46.30 -11.87
CA ASN D 1113 23.88 -47.28 -12.90
C ASN D 1113 24.73 -48.39 -12.27
N LEU D 1114 24.74 -49.54 -12.93
CA LEU D 1114 25.51 -50.70 -12.46
C LEU D 1114 26.49 -51.12 -13.55
N TYR D 1115 27.70 -51.47 -13.16
CA TYR D 1115 28.75 -51.86 -14.10
C TYR D 1115 29.40 -53.15 -13.66
N LYS D 1116 29.82 -53.95 -14.65
CA LYS D 1116 30.50 -55.21 -14.39
C LYS D 1116 31.62 -55.38 -15.40
N ILE D 1117 32.83 -55.64 -14.90
CA ILE D 1117 34.02 -55.79 -15.72
C ILE D 1117 34.50 -57.23 -15.65
N ILE D 1118 34.86 -57.77 -16.81
CA ILE D 1118 35.36 -59.13 -16.93
C ILE D 1118 36.76 -59.05 -17.52
N PRO D 1119 37.77 -59.68 -16.92
CA PRO D 1119 39.14 -59.58 -17.45
C PRO D 1119 39.46 -60.64 -18.50
N LYS D 1120 38.43 -61.32 -19.01
CA LYS D 1120 38.64 -62.35 -20.01
C LYS D 1120 39.00 -61.75 -21.36
N THR D 1121 39.83 -62.45 -22.11
CA THR D 1121 40.25 -62.03 -23.45
C THR D 1121 39.34 -62.72 -24.47
N LEU D 1122 38.46 -61.94 -25.09
CA LEU D 1122 37.49 -62.49 -26.02
C LEU D 1122 36.98 -61.37 -26.93
N THR D 1123 36.28 -61.76 -27.98
CA THR D 1123 35.86 -60.85 -29.03
C THR D 1123 34.65 -60.03 -28.58
N TRP D 1124 34.07 -59.28 -29.52
CA TRP D 1124 32.94 -58.39 -29.19
C TRP D 1124 31.67 -59.20 -28.97
N HIS D 1125 31.27 -60.01 -29.95
CA HIS D 1125 30.06 -60.81 -29.81
C HIS D 1125 30.24 -61.87 -28.72
N SER D 1126 31.46 -62.35 -28.52
CA SER D 1126 31.72 -63.28 -27.43
C SER D 1126 31.50 -62.61 -26.08
N ALA D 1127 31.97 -61.37 -25.93
CA ALA D 1127 31.72 -60.63 -24.69
C ALA D 1127 30.24 -60.33 -24.51
N LYS D 1128 29.54 -60.06 -25.62
CA LYS D 1128 28.10 -59.81 -25.54
C LYS D 1128 27.36 -61.06 -25.06
N ARG D 1129 27.75 -62.23 -25.56
CA ARG D 1129 27.15 -63.47 -25.11
C ARG D 1129 27.53 -63.80 -23.67
N GLU D 1130 28.74 -63.40 -23.25
CA GLU D 1130 29.17 -63.63 -21.88
C GLU D 1130 28.39 -62.77 -20.90
N CYS D 1131 28.12 -61.52 -21.27
CA CYS D 1131 27.35 -60.61 -20.45
C CYS D 1131 25.85 -60.84 -20.53
N LEU D 1132 25.36 -61.47 -21.60
CA LEU D 1132 23.92 -61.65 -21.78
C LEU D 1132 23.33 -62.71 -20.84
N LYS D 1133 24.15 -63.64 -20.34
CA LYS D 1133 23.61 -64.68 -19.47
C LYS D 1133 23.17 -64.12 -18.12
N SER D 1134 23.82 -63.06 -17.66
CA SER D 1134 23.48 -62.41 -16.41
C SER D 1134 22.56 -61.21 -16.59
N ASN D 1135 21.87 -61.12 -17.73
CA ASN D 1135 20.98 -60.00 -18.05
C ASN D 1135 21.72 -58.67 -17.97
N MET D 1136 22.79 -58.59 -18.78
CA MET D 1136 23.65 -57.42 -18.79
C MET D 1136 23.90 -57.04 -20.24
N GLN D 1137 23.99 -55.73 -20.49
CA GLN D 1137 24.23 -55.20 -21.82
C GLN D 1137 25.55 -54.43 -21.83
N LEU D 1138 26.21 -54.46 -22.99
CA LEU D 1138 27.52 -53.85 -23.13
C LEU D 1138 27.45 -52.34 -22.89
N VAL D 1139 28.61 -51.76 -22.62
CA VAL D 1139 28.67 -50.36 -22.19
C VAL D 1139 28.21 -49.43 -23.29
N SER D 1140 27.63 -48.30 -22.89
CA SER D 1140 27.16 -47.27 -23.83
C SER D 1140 27.42 -45.92 -23.20
N ILE D 1141 28.21 -45.08 -23.88
CA ILE D 1141 28.56 -43.76 -23.37
C ILE D 1141 27.56 -42.74 -23.90
N THR D 1142 26.78 -42.15 -23.00
CA THR D 1142 25.88 -41.07 -23.36
C THR D 1142 25.93 -39.90 -22.40
N ASP D 1143 26.75 -39.95 -21.35
CA ASP D 1143 26.90 -38.88 -20.39
C ASP D 1143 28.38 -38.65 -20.11
N PRO D 1144 28.77 -37.42 -19.77
CA PRO D 1144 30.19 -37.18 -19.48
C PRO D 1144 30.66 -37.81 -18.18
N TYR D 1145 29.79 -37.89 -17.17
CA TYR D 1145 30.19 -38.46 -15.89
C TYR D 1145 30.45 -39.96 -16.01
N GLN D 1146 29.55 -40.69 -16.65
CA GLN D 1146 29.78 -42.12 -16.85
C GLN D 1146 30.95 -42.35 -17.80
N GLN D 1147 31.19 -41.44 -18.76
CA GLN D 1147 32.36 -41.56 -19.61
C GLN D 1147 33.64 -41.44 -18.81
N ALA D 1148 33.69 -40.46 -17.90
CA ALA D 1148 34.86 -40.30 -17.04
C ALA D 1148 35.04 -41.49 -16.12
N PHE D 1149 33.93 -42.03 -15.60
CA PHE D 1149 34.03 -43.21 -14.74
C PHE D 1149 34.55 -44.42 -15.51
N LEU D 1150 34.06 -44.62 -16.74
CA LEU D 1150 34.56 -45.71 -17.57
C LEU D 1150 36.04 -45.53 -17.89
N SER D 1151 36.46 -44.30 -18.17
CA SER D 1151 37.86 -44.04 -18.47
C SER D 1151 38.74 -44.32 -17.25
N VAL D 1152 38.32 -43.87 -16.07
CA VAL D 1152 39.15 -44.09 -14.89
C VAL D 1152 39.17 -45.57 -14.51
N GLN D 1153 38.08 -46.29 -14.77
CA GLN D 1153 38.08 -47.74 -14.51
C GLN D 1153 39.00 -48.47 -15.49
N ALA D 1154 39.01 -48.04 -16.76
CA ALA D 1154 39.90 -48.65 -17.72
C ALA D 1154 41.36 -48.37 -17.38
N LEU D 1155 41.64 -47.16 -16.90
CA LEU D 1155 43.01 -46.83 -16.48
C LEU D 1155 43.42 -47.59 -15.23
N LEU D 1156 42.49 -47.81 -14.30
CA LEU D 1156 42.78 -48.64 -13.13
C LEU D 1156 43.04 -50.09 -13.53
N HIS D 1157 42.30 -50.58 -14.54
CA HIS D 1157 42.56 -51.91 -15.07
C HIS D 1157 43.80 -51.95 -15.95
N ASN D 1158 44.29 -50.79 -16.40
CA ASN D 1158 45.50 -50.69 -17.22
C ASN D 1158 45.36 -51.49 -18.51
N SER D 1159 44.27 -51.23 -19.23
CA SER D 1159 44.00 -51.89 -20.50
C SER D 1159 42.87 -51.14 -21.20
N SER D 1160 42.73 -51.40 -22.50
CA SER D 1160 41.66 -50.84 -23.30
C SER D 1160 40.59 -51.91 -23.47
N LEU D 1161 39.42 -51.69 -22.87
CA LEU D 1161 38.36 -52.69 -22.82
C LEU D 1161 37.30 -52.40 -23.88
N TRP D 1162 36.38 -53.34 -24.04
CA TRP D 1162 35.42 -53.30 -25.14
C TRP D 1162 34.38 -52.21 -24.92
N ILE D 1163 33.90 -51.64 -26.02
CA ILE D 1163 32.80 -50.68 -26.04
C ILE D 1163 31.67 -51.27 -26.88
N GLY D 1164 30.44 -51.16 -26.38
CA GLY D 1164 29.32 -51.81 -27.02
C GLY D 1164 28.44 -50.91 -27.87
N LEU D 1165 28.50 -51.11 -29.19
CA LEU D 1165 27.69 -50.39 -30.17
C LEU D 1165 27.94 -51.01 -31.53
N PHE D 1166 27.14 -50.61 -32.51
CA PHE D 1166 27.25 -51.15 -33.86
C PHE D 1166 26.52 -50.21 -34.82
N SER D 1167 26.97 -50.24 -36.08
CA SER D 1167 26.43 -49.38 -37.13
C SER D 1167 25.62 -50.22 -38.11
N GLN D 1168 25.11 -49.56 -39.14
CA GLN D 1168 24.25 -50.28 -40.08
C GLN D 1168 24.73 -50.22 -41.52
N ASP D 1169 25.23 -49.08 -41.98
CA ASP D 1169 25.62 -48.89 -43.38
C ASP D 1169 27.01 -48.27 -43.46
N ASP D 1170 28.03 -49.13 -43.41
CA ASP D 1170 29.42 -48.75 -43.66
C ASP D 1170 29.85 -47.56 -42.82
N GLU D 1171 29.72 -47.71 -41.50
CA GLU D 1171 30.17 -46.75 -40.49
C GLU D 1171 29.85 -45.30 -40.87
N LEU D 1172 28.62 -45.08 -41.33
CA LEU D 1172 28.10 -43.74 -41.53
C LEU D 1172 27.08 -43.33 -40.48
N ASN D 1173 26.27 -44.27 -40.00
CA ASN D 1173 25.24 -43.99 -38.99
C ASN D 1173 25.49 -44.86 -37.76
N PHE D 1174 26.32 -44.37 -36.84
CA PHE D 1174 26.58 -45.07 -35.60
C PHE D 1174 25.41 -44.88 -34.64
N GLY D 1175 25.18 -45.90 -33.81
CA GLY D 1175 24.06 -45.87 -32.89
C GLY D 1175 24.22 -46.83 -31.72
N TRP D 1176 23.82 -46.38 -30.53
CA TRP D 1176 23.90 -47.22 -29.35
C TRP D 1176 22.77 -48.24 -29.34
N SER D 1177 22.91 -49.24 -28.47
CA SER D 1177 21.95 -50.34 -28.38
C SER D 1177 20.81 -50.03 -27.42
N ASP D 1178 20.59 -48.78 -27.05
CA ASP D 1178 19.52 -48.40 -26.14
C ASP D 1178 18.33 -47.76 -26.85
N GLY D 1179 18.56 -47.01 -27.92
CA GLY D 1179 17.48 -46.34 -28.61
C GLY D 1179 17.24 -44.94 -28.07
N LYS D 1180 18.32 -44.24 -27.74
CA LYS D 1180 18.26 -42.91 -27.16
C LYS D 1180 18.99 -41.95 -28.08
N ARG D 1181 18.39 -40.77 -28.30
CA ARG D 1181 18.92 -39.83 -29.27
C ARG D 1181 20.32 -39.37 -28.91
N LEU D 1182 21.17 -39.22 -29.92
CA LEU D 1182 22.56 -38.88 -29.70
C LEU D 1182 22.68 -37.49 -29.08
N HIS D 1183 23.43 -37.40 -27.97
CA HIS D 1183 23.65 -36.13 -27.30
C HIS D 1183 25.07 -35.98 -26.80
N PHE D 1184 25.98 -36.89 -27.16
CA PHE D 1184 27.35 -36.85 -26.67
C PHE D 1184 28.29 -37.36 -27.75
N SER D 1185 29.39 -36.63 -27.95
CA SER D 1185 30.38 -37.00 -28.96
C SER D 1185 31.77 -36.68 -28.44
N ARG D 1186 32.60 -37.71 -28.31
CA ARG D 1186 33.99 -37.58 -27.84
C ARG D 1186 34.91 -38.38 -28.76
N TRP D 1187 34.76 -38.20 -30.06
CA TRP D 1187 35.58 -38.92 -31.03
C TRP D 1187 37.04 -38.46 -30.94
N ALA D 1188 37.92 -39.26 -31.53
CA ALA D 1188 39.36 -39.06 -31.42
C ALA D 1188 39.94 -38.30 -32.62
N GLU D 1189 39.74 -38.83 -33.83
CA GLU D 1189 40.37 -38.25 -35.00
C GLU D 1189 39.44 -38.42 -36.20
N THR D 1190 39.75 -37.70 -37.28
CA THR D 1190 38.95 -37.73 -38.50
C THR D 1190 39.46 -38.75 -39.50
N ASN D 1191 40.78 -38.85 -39.67
CA ASN D 1191 41.36 -39.82 -40.61
C ASN D 1191 41.67 -41.14 -39.91
N GLY D 1192 40.67 -41.69 -39.23
CA GLY D 1192 40.82 -42.95 -38.54
C GLY D 1192 39.62 -43.86 -38.69
N GLN D 1193 38.58 -43.36 -39.36
CA GLN D 1193 37.35 -44.12 -39.54
C GLN D 1193 37.52 -45.23 -40.58
N LEU D 1194 38.31 -46.25 -40.23
CA LEU D 1194 38.52 -47.36 -41.15
C LEU D 1194 37.45 -48.43 -40.99
N GLU D 1195 36.96 -48.64 -39.78
CA GLU D 1195 35.97 -49.67 -39.52
C GLU D 1195 34.77 -49.08 -38.78
N ASP D 1196 33.88 -49.95 -38.31
CA ASP D 1196 32.59 -49.55 -37.75
C ASP D 1196 32.45 -49.91 -36.27
N CYS D 1197 33.51 -49.69 -35.49
CA CYS D 1197 33.42 -49.89 -34.05
C CYS D 1197 34.35 -48.88 -33.39
N VAL D 1198 34.15 -48.65 -32.08
CA VAL D 1198 34.99 -47.72 -31.36
C VAL D 1198 35.46 -48.38 -30.06
N VAL D 1199 36.60 -47.91 -29.58
CA VAL D 1199 37.23 -48.43 -28.37
C VAL D 1199 37.68 -47.24 -27.51
N LEU D 1200 37.43 -47.34 -26.20
CA LEU D 1200 37.86 -46.32 -25.27
C LEU D 1200 39.36 -46.47 -25.01
N ASP D 1201 40.13 -45.45 -25.38
CA ASP D 1201 41.58 -45.50 -25.26
C ASP D 1201 42.02 -44.94 -23.91
N THR D 1202 43.33 -44.72 -23.76
CA THR D 1202 43.86 -44.19 -22.51
C THR D 1202 43.57 -42.70 -22.38
N ASP D 1203 43.69 -41.96 -23.47
CA ASP D 1203 43.49 -40.51 -23.44
C ASP D 1203 42.04 -40.11 -23.20
N GLY D 1204 41.11 -41.07 -23.21
CA GLY D 1204 39.71 -40.77 -22.98
C GLY D 1204 38.91 -40.43 -24.21
N PHE D 1205 39.30 -40.93 -25.38
CA PHE D 1205 38.60 -40.70 -26.63
C PHE D 1205 38.06 -42.02 -27.16
N TRP D 1206 37.48 -41.97 -28.36
CA TRP D 1206 36.89 -43.13 -29.01
C TRP D 1206 37.68 -43.43 -30.28
N LYS D 1207 38.64 -44.34 -30.17
CA LYS D 1207 39.43 -44.75 -31.33
C LYS D 1207 38.56 -45.63 -32.22
N THR D 1208 38.42 -45.24 -33.49
CA THR D 1208 37.53 -45.91 -34.43
C THR D 1208 38.29 -47.05 -35.11
N VAL D 1209 38.02 -48.28 -34.68
CA VAL D 1209 38.65 -49.47 -35.24
C VAL D 1209 37.60 -50.56 -35.42
N ASP D 1210 38.04 -51.76 -35.79
CA ASP D 1210 37.20 -52.95 -35.74
C ASP D 1210 37.41 -53.65 -34.41
N CYS D 1211 36.33 -53.89 -33.67
CA CYS D 1211 36.39 -54.58 -32.41
C CYS D 1211 36.20 -56.09 -32.54
N ASN D 1212 36.56 -56.66 -33.68
CA ASN D 1212 36.66 -58.10 -33.85
C ASN D 1212 38.08 -58.56 -33.54
N ASP D 1213 38.49 -58.31 -32.29
CA ASP D 1213 39.85 -58.59 -31.85
C ASP D 1213 39.78 -59.18 -30.45
N ASN D 1214 40.92 -59.20 -29.76
CA ASN D 1214 41.04 -59.79 -28.42
C ASN D 1214 41.60 -58.76 -27.44
N GLN D 1215 40.69 -58.02 -26.76
CA GLN D 1215 41.11 -57.09 -25.73
C GLN D 1215 41.17 -57.79 -24.37
N PRO D 1216 41.98 -57.28 -23.43
CA PRO D 1216 42.18 -58.00 -22.16
C PRO D 1216 40.99 -57.94 -21.22
N GLY D 1217 39.86 -57.41 -21.67
CA GLY D 1217 38.68 -57.38 -20.82
C GLY D 1217 37.53 -56.66 -21.50
N ALA D 1218 36.38 -56.70 -20.83
CA ALA D 1218 35.17 -56.05 -21.31
C ALA D 1218 34.40 -55.50 -20.12
N ILE D 1219 33.51 -54.56 -20.40
CA ILE D 1219 32.64 -53.97 -19.39
C ILE D 1219 31.22 -53.95 -19.93
N CYS D 1220 30.25 -54.23 -19.06
CA CYS D 1220 28.84 -54.22 -19.42
C CYS D 1220 28.04 -53.57 -18.30
N TYR D 1221 27.06 -52.76 -18.66
CA TYR D 1221 26.35 -51.95 -17.68
C TYR D 1221 24.86 -52.30 -17.69
N TYR D 1222 24.15 -51.71 -16.72
CA TYR D 1222 22.70 -51.82 -16.61
C TYR D 1222 22.17 -50.57 -15.94
N SER D 1223 20.96 -50.19 -16.32
CA SER D 1223 20.32 -48.98 -15.80
C SER D 1223 18.98 -49.31 -15.14
N ILE D 1249 16.37 -25.62 -43.59
CA ILE D 1249 15.17 -26.05 -42.91
C ILE D 1249 14.29 -24.84 -42.58
N PRO D 1250 12.98 -24.95 -42.87
CA PRO D 1250 12.07 -23.84 -42.59
C PRO D 1250 11.75 -23.75 -41.10
N PHE D 1251 11.98 -22.57 -40.52
CA PHE D 1251 11.71 -22.35 -39.11
C PHE D 1251 11.58 -20.86 -38.87
N GLN D 1252 10.38 -20.42 -38.46
CA GLN D 1252 10.11 -19.02 -38.14
C GLN D 1252 10.39 -18.11 -39.34
N ASN D 1253 9.73 -18.42 -40.46
CA ASN D 1253 9.78 -17.61 -41.67
C ASN D 1253 11.22 -17.44 -42.18
N CYS D 1254 11.97 -18.53 -42.21
CA CYS D 1254 13.32 -18.51 -42.75
C CYS D 1254 13.76 -19.95 -43.01
N CYS D 1255 14.59 -20.12 -44.03
CA CYS D 1255 15.11 -21.42 -44.42
C CYS D 1255 16.63 -21.39 -44.36
N TYR D 1256 17.22 -22.44 -43.79
CA TYR D 1256 18.66 -22.57 -43.66
C TYR D 1256 19.17 -23.67 -44.59
N ASN D 1257 20.49 -23.84 -44.60
CA ASN D 1257 21.13 -24.83 -45.46
C ASN D 1257 22.48 -25.20 -44.86
N PHE D 1258 22.96 -26.38 -45.24
CA PHE D 1258 24.25 -26.87 -44.78
C PHE D 1258 25.06 -27.33 -45.99
N ILE D 1259 26.28 -26.83 -46.10
CA ILE D 1259 27.16 -27.15 -47.23
C ILE D 1259 28.31 -28.00 -46.72
N ILE D 1260 28.52 -29.15 -47.37
CA ILE D 1260 29.61 -30.05 -47.03
C ILE D 1260 30.46 -30.19 -48.28
N THR D 1261 31.46 -29.31 -48.41
CA THR D 1261 32.38 -29.32 -49.55
C THR D 1261 33.78 -29.04 -49.04
N LYS D 1262 34.72 -28.85 -49.97
CA LYS D 1262 36.09 -28.51 -49.65
C LYS D 1262 36.44 -27.19 -50.33
N ASN D 1263 37.00 -26.26 -49.55
CA ASN D 1263 37.38 -24.95 -50.05
C ASN D 1263 38.79 -24.61 -49.59
N ARG D 1264 39.42 -23.68 -50.31
CA ARG D 1264 40.77 -23.26 -49.97
C ARG D 1264 40.97 -21.75 -50.06
N HIS D 1265 39.91 -20.98 -50.29
CA HIS D 1265 40.01 -19.54 -50.38
C HIS D 1265 40.26 -18.96 -49.00
N MET D 1266 41.43 -18.37 -48.79
CA MET D 1266 41.83 -17.79 -47.51
C MET D 1266 42.17 -16.31 -47.66
N ALA D 1267 41.38 -15.59 -48.46
CA ALA D 1267 41.61 -14.17 -48.67
C ALA D 1267 40.31 -13.52 -49.10
N THR D 1268 40.11 -12.27 -48.68
CA THR D 1268 38.93 -11.48 -49.02
C THR D 1268 37.65 -12.21 -48.61
N THR D 1269 37.52 -12.44 -47.31
CA THR D 1269 36.38 -13.16 -46.73
C THR D 1269 35.38 -12.22 -46.07
N GLN D 1270 35.18 -11.02 -46.63
CA GLN D 1270 34.24 -10.06 -46.09
C GLN D 1270 33.35 -9.42 -47.13
N ASP D 1271 33.55 -9.71 -48.43
CA ASP D 1271 32.73 -9.11 -49.48
C ASP D 1271 32.37 -10.13 -50.55
N GLU D 1272 32.23 -11.40 -50.17
CA GLU D 1272 31.94 -12.45 -51.14
C GLU D 1272 30.75 -13.30 -50.71
N VAL D 1273 30.50 -13.39 -49.40
CA VAL D 1273 29.48 -14.30 -48.89
C VAL D 1273 28.11 -13.90 -49.41
N HIS D 1274 27.81 -12.60 -49.47
CA HIS D 1274 26.51 -12.16 -49.96
C HIS D 1274 26.33 -12.56 -51.42
N THR D 1275 27.32 -12.28 -52.26
CA THR D 1275 27.27 -12.72 -53.65
C THR D 1275 27.43 -14.23 -53.78
N LYS D 1276 27.97 -14.89 -52.76
CA LYS D 1276 28.10 -16.34 -52.79
C LYS D 1276 26.75 -17.01 -52.63
N CYS D 1277 26.03 -16.70 -51.57
CA CYS D 1277 24.74 -17.32 -51.33
C CYS D 1277 23.57 -16.57 -51.94
N GLN D 1278 23.83 -15.46 -52.65
CA GLN D 1278 22.77 -14.79 -53.42
C GLN D 1278 22.52 -15.47 -54.77
N LYS D 1279 23.56 -16.05 -55.37
CA LYS D 1279 23.42 -16.70 -56.66
C LYS D 1279 22.54 -17.95 -56.57
N LEU D 1280 22.46 -18.57 -55.40
CA LEU D 1280 21.64 -19.77 -55.26
C LEU D 1280 20.17 -19.48 -55.53
N ASN D 1281 19.64 -18.42 -54.94
CA ASN D 1281 18.25 -18.03 -55.12
C ASN D 1281 18.09 -16.58 -54.71
N PRO D 1282 17.21 -15.83 -55.37
CA PRO D 1282 16.98 -14.44 -54.97
C PRO D 1282 16.38 -14.35 -53.57
N LYS D 1283 16.54 -13.18 -52.96
CA LYS D 1283 16.08 -12.91 -51.60
C LYS D 1283 16.69 -13.92 -50.62
N SER D 1284 18.02 -13.88 -50.52
CA SER D 1284 18.77 -14.77 -49.65
C SER D 1284 19.89 -13.96 -49.00
N HIS D 1285 19.65 -13.52 -47.77
CA HIS D 1285 20.61 -12.74 -47.00
C HIS D 1285 21.28 -13.62 -45.96
N ILE D 1286 22.42 -13.13 -45.45
CA ILE D 1286 23.17 -13.88 -44.46
C ILE D 1286 22.38 -13.95 -43.16
N LEU D 1287 22.59 -15.04 -42.41
CA LEU D 1287 21.84 -15.32 -41.20
C LEU D 1287 21.91 -14.15 -40.22
N SER D 1288 20.77 -13.55 -39.93
CA SER D 1288 20.64 -12.49 -38.96
C SER D 1288 19.68 -12.92 -37.86
N ILE D 1289 19.99 -12.54 -36.62
CA ILE D 1289 19.20 -12.93 -35.46
C ILE D 1289 18.25 -11.79 -35.14
N ARG D 1290 16.95 -12.00 -35.38
CA ARG D 1290 15.92 -11.04 -35.04
C ARG D 1290 14.91 -11.61 -34.05
N ASP D 1291 15.06 -12.88 -33.66
CA ASP D 1291 14.18 -13.50 -32.69
C ASP D 1291 14.98 -14.07 -31.52
N GLU D 1292 14.33 -14.83 -30.65
CA GLU D 1292 14.98 -15.41 -29.48
C GLU D 1292 14.97 -16.93 -29.44
N LYS D 1293 14.10 -17.58 -30.20
CA LYS D 1293 14.00 -19.03 -30.19
C LYS D 1293 14.77 -19.70 -31.31
N GLU D 1294 15.42 -18.92 -32.19
CA GLU D 1294 16.21 -19.51 -33.26
C GLU D 1294 17.54 -20.07 -32.74
N ASN D 1295 18.09 -19.47 -31.69
CA ASN D 1295 19.35 -19.94 -31.14
C ASN D 1295 19.22 -21.37 -30.60
N ASN D 1296 18.17 -21.62 -29.82
CA ASN D 1296 17.95 -22.97 -29.30
C ASN D 1296 17.66 -23.95 -30.43
N PHE D 1297 16.97 -23.50 -31.48
CA PHE D 1297 16.67 -24.37 -32.61
C PHE D 1297 17.95 -24.80 -33.33
N VAL D 1298 18.82 -23.84 -33.65
CA VAL D 1298 20.06 -24.19 -34.34
C VAL D 1298 20.98 -24.96 -33.40
N LEU D 1299 20.87 -24.75 -32.09
CA LEU D 1299 21.66 -25.53 -31.14
C LEU D 1299 21.22 -26.99 -31.15
N GLU D 1300 19.91 -27.23 -31.10
CA GLU D 1300 19.42 -28.60 -31.16
C GLU D 1300 19.67 -29.24 -32.52
N GLN D 1301 19.74 -28.43 -33.58
CA GLN D 1301 20.04 -28.96 -34.91
C GLN D 1301 21.53 -29.22 -35.11
N LEU D 1302 22.39 -28.58 -34.30
CA LEU D 1302 23.83 -28.72 -34.50
C LEU D 1302 24.31 -30.14 -34.21
N LEU D 1303 23.89 -30.71 -33.07
CA LEU D 1303 24.41 -32.00 -32.63
C LEU D 1303 23.76 -33.16 -33.38
N TYR D 1304 23.93 -33.13 -34.70
CA TYR D 1304 23.47 -34.21 -35.56
C TYR D 1304 24.59 -34.87 -36.35
N PHE D 1305 25.54 -34.09 -36.85
CA PHE D 1305 26.71 -34.59 -37.57
C PHE D 1305 27.98 -33.93 -37.05
N ASN D 1306 28.12 -33.92 -35.72
CA ASN D 1306 29.23 -33.25 -35.06
C ASN D 1306 30.42 -34.18 -34.81
N TYR D 1307 30.63 -35.16 -35.68
CA TYR D 1307 31.77 -36.06 -35.54
C TYR D 1307 33.08 -35.28 -35.47
N MET D 1308 33.30 -34.38 -36.43
CA MET D 1308 34.51 -33.57 -36.47
C MET D 1308 34.21 -32.07 -36.40
N ALA D 1309 32.97 -31.69 -36.12
CA ALA D 1309 32.58 -30.29 -36.02
C ALA D 1309 32.34 -29.94 -34.56
N SER D 1310 33.03 -28.90 -34.09
CA SER D 1310 32.92 -28.48 -32.70
C SER D 1310 32.70 -26.97 -32.52
N TRP D 1311 33.05 -26.15 -33.50
CA TRP D 1311 32.90 -24.70 -33.42
C TRP D 1311 31.76 -24.22 -34.28
N VAL D 1312 31.20 -23.07 -33.92
CA VAL D 1312 30.10 -22.45 -34.63
C VAL D 1312 30.53 -21.06 -35.07
N MET D 1313 30.25 -20.72 -36.32
CA MET D 1313 30.61 -19.44 -36.89
C MET D 1313 29.43 -18.47 -36.84
N LEU D 1314 29.73 -17.19 -37.05
CA LEU D 1314 28.72 -16.14 -37.07
C LEU D 1314 29.00 -15.20 -38.22
N GLY D 1315 28.03 -14.34 -38.51
CA GLY D 1315 28.16 -13.39 -39.60
C GLY D 1315 28.52 -11.99 -39.17
N ILE D 1316 29.24 -11.87 -38.05
CA ILE D 1316 29.68 -10.59 -37.53
C ILE D 1316 31.12 -10.37 -37.96
N THR D 1317 31.37 -9.33 -38.73
CA THR D 1317 32.70 -9.06 -39.30
C THR D 1317 32.97 -7.56 -39.22
N TYR D 1318 34.12 -7.18 -39.79
CA TYR D 1318 34.50 -5.77 -39.87
C TYR D 1318 33.66 -5.08 -40.93
N ARG D 1319 32.73 -4.23 -40.50
CA ARG D 1319 31.81 -3.54 -41.39
C ARG D 1319 31.68 -2.10 -40.94
N ASN D 1320 32.09 -1.16 -41.80
CA ASN D 1320 31.94 0.27 -41.56
C ASN D 1320 32.68 0.70 -40.29
N LYS D 1321 33.91 0.23 -40.15
CA LYS D 1321 34.76 0.54 -39.01
C LYS D 1321 34.08 0.18 -37.69
N SER D 1322 33.32 -0.91 -37.71
CA SER D 1322 32.57 -1.34 -36.54
C SER D 1322 32.37 -2.86 -36.61
N LEU D 1323 31.76 -3.39 -35.56
CA LEU D 1323 31.47 -4.82 -35.47
C LEU D 1323 29.98 -5.02 -35.76
N MET D 1324 29.65 -5.15 -37.04
CA MET D 1324 28.26 -5.31 -37.47
C MET D 1324 28.13 -6.45 -38.46
N TRP D 1325 26.93 -6.60 -39.04
CA TRP D 1325 26.67 -7.66 -40.00
C TRP D 1325 27.19 -7.25 -41.38
N PHE D 1326 26.88 -8.06 -42.39
CA PHE D 1326 27.34 -7.76 -43.74
C PHE D 1326 26.40 -6.79 -44.45
N ASP D 1327 25.09 -6.95 -44.26
CA ASP D 1327 24.12 -6.10 -44.94
C ASP D 1327 24.09 -4.71 -44.32
N LYS D 1328 23.44 -3.78 -45.03
CA LYS D 1328 23.31 -2.40 -44.57
C LYS D 1328 22.11 -2.30 -43.63
N THR D 1329 22.32 -2.77 -42.40
CA THR D 1329 21.29 -2.76 -41.37
C THR D 1329 21.95 -2.70 -40.01
N PRO D 1330 21.43 -1.90 -39.08
CA PRO D 1330 22.03 -1.83 -37.75
C PRO D 1330 21.79 -3.11 -36.96
N LEU D 1331 22.56 -3.26 -35.89
CA LEU D 1331 22.47 -4.42 -35.02
C LEU D 1331 21.63 -4.09 -33.79
N SER D 1332 20.86 -5.07 -33.33
CA SER D 1332 20.01 -4.92 -32.16
C SER D 1332 20.37 -5.89 -31.05
N TYR D 1333 20.57 -7.17 -31.37
CA TYR D 1333 20.91 -8.19 -30.38
C TYR D 1333 22.42 -8.21 -30.21
N THR D 1334 22.90 -7.68 -29.10
CA THR D 1334 24.33 -7.63 -28.83
C THR D 1334 24.87 -9.03 -28.59
N HIS D 1335 26.00 -9.35 -29.22
CA HIS D 1335 26.65 -10.65 -29.11
C HIS D 1335 28.07 -10.49 -28.56
N TRP D 1336 28.23 -9.65 -27.56
CA TRP D 1336 29.53 -9.38 -26.96
C TRP D 1336 29.68 -10.15 -25.65
N ARG D 1337 30.93 -10.47 -25.31
CA ARG D 1337 31.20 -11.24 -24.10
C ARG D 1337 31.19 -10.35 -22.86
N ALA D 1338 32.09 -9.38 -22.80
CA ALA D 1338 32.17 -8.49 -21.64
C ALA D 1338 32.98 -7.26 -22.04
N GLY D 1339 32.72 -6.16 -21.34
CA GLY D 1339 33.45 -4.93 -21.61
C GLY D 1339 32.98 -4.30 -22.90
N ARG D 1340 33.94 -3.90 -23.74
CA ARG D 1340 33.63 -3.28 -25.03
C ARG D 1340 34.74 -3.65 -26.00
N PRO D 1341 34.48 -4.57 -26.94
CA PRO D 1341 35.51 -4.95 -27.90
C PRO D 1341 35.87 -3.79 -28.83
N THR D 1342 37.15 -3.72 -29.18
CA THR D 1342 37.68 -2.67 -30.05
C THR D 1342 38.54 -3.29 -31.15
N ILE D 1343 38.03 -4.35 -31.76
CA ILE D 1343 38.76 -5.02 -32.83
C ILE D 1343 38.75 -4.14 -34.08
N LYS D 1344 39.93 -3.74 -34.53
CA LYS D 1344 40.07 -2.90 -35.71
C LYS D 1344 40.55 -3.67 -36.93
N ASN D 1345 40.80 -4.97 -36.80
CA ASN D 1345 41.26 -5.78 -37.92
C ASN D 1345 40.13 -5.99 -38.93
N GLU D 1346 40.49 -6.48 -40.11
CA GLU D 1346 39.53 -6.71 -41.17
C GLU D 1346 38.64 -7.92 -40.91
N LYS D 1347 38.97 -8.75 -39.93
CA LYS D 1347 38.17 -9.93 -39.62
C LYS D 1347 38.50 -10.41 -38.21
N PHE D 1348 37.61 -11.24 -37.68
CA PHE D 1348 37.79 -11.86 -36.37
C PHE D 1348 36.91 -13.10 -36.31
N LEU D 1349 36.85 -13.74 -35.15
CA LEU D 1349 36.13 -15.00 -34.98
C LEU D 1349 35.01 -14.79 -33.96
N ALA D 1350 33.79 -14.60 -34.45
CA ALA D 1350 32.61 -14.55 -33.58
C ALA D 1350 32.03 -15.94 -33.45
N GLY D 1351 32.12 -16.53 -32.27
CA GLY D 1351 31.75 -17.91 -32.07
C GLY D 1351 30.56 -18.06 -31.13
N LEU D 1352 29.84 -19.15 -31.31
CA LEU D 1352 28.71 -19.51 -30.47
C LEU D 1352 29.11 -20.65 -29.55
N SER D 1353 28.78 -20.52 -28.27
CA SER D 1353 29.19 -21.49 -27.26
C SER D 1353 28.24 -22.68 -27.25
N THR D 1354 28.40 -23.56 -26.26
CA THR D 1354 27.53 -24.73 -26.15
C THR D 1354 26.18 -24.38 -25.54
N ASP D 1355 26.14 -23.35 -24.71
CA ASP D 1355 24.89 -22.91 -24.08
C ASP D 1355 24.38 -21.58 -24.63
N GLY D 1356 25.21 -20.81 -25.30
CA GLY D 1356 24.79 -19.53 -25.84
C GLY D 1356 25.58 -18.37 -25.29
N PHE D 1357 26.79 -18.64 -24.81
CA PHE D 1357 27.68 -17.58 -24.32
C PHE D 1357 28.29 -16.85 -25.51
N TRP D 1358 28.03 -15.55 -25.60
CA TRP D 1358 28.58 -14.74 -26.69
C TRP D 1358 30.09 -14.65 -26.56
N ASP D 1359 30.80 -15.02 -27.62
CA ASP D 1359 32.25 -15.14 -27.57
C ASP D 1359 32.88 -14.52 -28.81
N ILE D 1360 33.90 -13.71 -28.60
CA ILE D 1360 34.68 -13.10 -29.66
C ILE D 1360 36.15 -13.49 -29.46
N GLN D 1361 36.83 -13.81 -30.57
CA GLN D 1361 38.21 -14.26 -30.53
C GLN D 1361 38.96 -13.58 -31.67
N THR D 1362 39.95 -12.76 -31.32
CA THR D 1362 40.80 -12.14 -32.32
C THR D 1362 41.86 -13.12 -32.78
N PHE D 1363 42.08 -13.17 -34.10
CA PHE D 1363 43.01 -14.13 -34.69
C PHE D 1363 44.19 -13.39 -35.32
N LYS D 1364 45.37 -14.01 -35.19
CA LYS D 1364 46.57 -13.54 -35.86
C LYS D 1364 47.04 -14.46 -36.97
N VAL D 1365 46.68 -15.75 -36.91
CA VAL D 1365 46.96 -16.70 -37.97
C VAL D 1365 45.63 -17.19 -38.53
N ILE D 1366 45.63 -17.51 -39.82
CA ILE D 1366 44.41 -17.89 -40.52
C ILE D 1366 44.21 -19.40 -40.44
N GLU D 1367 45.03 -20.07 -39.62
CA GLU D 1367 44.92 -21.51 -39.48
C GLU D 1367 43.81 -21.89 -38.50
N GLU D 1368 42.62 -21.32 -38.70
CA GLU D 1368 41.43 -21.69 -37.96
C GLU D 1368 40.23 -21.71 -38.89
N ALA D 1369 40.43 -22.23 -40.10
CA ALA D 1369 39.42 -22.16 -41.15
C ALA D 1369 39.01 -23.53 -41.64
N VAL D 1370 38.70 -24.44 -40.73
CA VAL D 1370 38.55 -25.86 -41.02
C VAL D 1370 37.08 -26.29 -41.14
N TYR D 1371 36.20 -25.96 -40.17
CA TYR D 1371 36.12 -24.96 -39.05
C TYR D 1371 35.89 -23.53 -39.54
N PHE D 1372 35.88 -23.31 -40.85
CA PHE D 1372 35.23 -22.09 -41.32
C PHE D 1372 34.26 -22.32 -42.48
N HIS D 1373 34.61 -23.20 -43.42
CA HIS D 1373 33.79 -23.37 -44.63
C HIS D 1373 33.60 -24.81 -45.07
N GLN D 1374 34.37 -25.77 -44.57
CA GLN D 1374 34.30 -27.14 -45.08
C GLN D 1374 33.19 -27.94 -44.40
N HIS D 1375 33.21 -28.02 -43.08
CA HIS D 1375 32.22 -28.77 -42.31
C HIS D 1375 31.62 -27.92 -41.20
N SER D 1376 31.22 -26.69 -41.56
CA SER D 1376 30.63 -25.78 -40.59
C SER D 1376 29.28 -25.27 -41.08
N ILE D 1377 28.71 -24.31 -40.37
CA ILE D 1377 27.39 -23.76 -40.70
C ILE D 1377 27.60 -22.55 -41.61
N LEU D 1378 27.18 -22.68 -42.86
CA LEU D 1378 27.28 -21.60 -43.84
C LEU D 1378 25.91 -21.23 -44.38
N ALA D 1379 24.95 -21.08 -43.48
CA ALA D 1379 23.56 -20.87 -43.88
C ALA D 1379 23.27 -19.39 -44.13
N CYS D 1380 22.52 -19.12 -45.20
CA CYS D 1380 21.96 -17.81 -45.48
C CYS D 1380 20.45 -17.93 -45.45
N LYS D 1381 19.80 -17.09 -44.65
CA LYS D 1381 18.35 -17.12 -44.54
C LYS D 1381 17.71 -16.60 -45.82
N ILE D 1382 16.47 -17.03 -46.05
CA ILE D 1382 15.74 -16.69 -47.26
C ILE D 1382 14.54 -15.79 -46.96
N GLU D 1383 13.78 -16.11 -45.92
CA GLU D 1383 12.62 -15.33 -45.50
C GLU D 1383 11.61 -15.18 -46.64
#